data_8TKC
#
_entry.id   8TKC
#
_cell.length_a   1.00
_cell.length_b   1.00
_cell.length_c   1.00
_cell.angle_alpha   90.00
_cell.angle_beta   90.00
_cell.angle_gamma   90.00
#
_symmetry.space_group_name_H-M   'P 1'
#
loop_
_entity.id
_entity.type
_entity.pdbx_description
1 polymer 'BG505 DS-SOSIP Surface protein gp120'
2 polymer 'BG505 DS-SOSIP Transmembrane protein gp41'
3 polymer 'DJ85-b.01 FAB HEAVY CHAIN'
4 polymer 'DJ85-b.01 FAB LIGHT CHAIN'
5 branched 2-acetamido-2-deoxy-beta-D-glucopyranose-(1-4)-2-acetamido-2-deoxy-beta-D-glucopyranose
6 branched beta-D-mannopyranose-(1-4)-2-acetamido-2-deoxy-beta-D-glucopyranose-(1-4)-2-acetamido-2-deoxy-beta-D-glucopyranose
7 branched alpha-D-mannopyranose-(1-2)-alpha-D-mannopyranose-(1-3)-beta-D-mannopyranose-(1-4)-2-acetamido-2-deoxy-beta-D-glucopyranose-(1-4)-2-acetamido-2-deoxy-beta-D-glucopyranose
8 non-polymer 2-acetamido-2-deoxy-beta-D-glucopyranose
#
loop_
_entity_poly.entity_id
_entity_poly.type
_entity_poly.pdbx_seq_one_letter_code
_entity_poly.pdbx_strand_id
1 'polypeptide(L)'
;AENLWVTVYYGVPVWKDAETTLFCASDAKAYETEKHNVWATHACVPTDPNPQEIHLENVTEEFNMWKNNMVEQMHTDIIS
LWDQSLKPCVKLTPLCVTLQCTNVTNNITDDMRGELKNCSFNMTTELRDKKQKVYSLFYRLDVVQINENQGNRSNNSNKE
YRLINCNTSACTQACPKVSFEPIPIHYCAPAGFAILKCKDKKFNGTGPCPSVSTVQCTHGIKPVVSTQLLLNGSLAEEEV
MIRSENITNNAKNILVQFNTPVQINCTRPNNNTRKSIRIGPGQAFYATGDIIGDIRQAHCNVSKATWNETLGKVVKQLRK
HFGNNTIIRFANSSGGDLEVTTHSFNCGGEFFYCNTSGLFNSTWISNTSVQGSNSTGSNDSITLPCRIKQIINMWQRIGQ
CMYAPPIQGVIRCVSNITGLILTRDGGSTNSTTETFRPGGGDMRDNWRSELYKYKVVKIEPLGVAPTRCKRRVVGRRRRR
R
;
A,C,E
2 'polypeptide(L)'
;AVGIGAVFLGFLGAAGSTMGAASMTLTVQARNLLSGIVQQQSNLLRAPEAQQHLLKLTVWGIKQLQARVLAVERYLRDQQ
LLGIWGCSGKLICCTNVPWNSSWSNRNLSEIWDNMTWLQWDKEISNYTQIIYGLLEESQNQQEKNEQDLLALD
;
B,D,F
3 'polypeptide(L)'
;QVQLQESGPGLVKASETLSLTCAVSGASVSGNYYWNWIRQSPGKELEWIGNIHGNSGTTTYNPSLESRVTISTDTSKNQF
SLKLTSVTGADTATYFCATQFKKYWGLSVSSPFSFSDSWGQGVLVSVSSASTKGPSVFPLAPSSRSTSESTAALGCLVKD
YFPEPVTVSWNSGSLTSGVHTFPAVLQSSGLYSLSSVVTVPSSSLGTQTYVCNVNHKPSNTKVDKRVEIKTCGGLEVLFQ
;
G,I,K
4 'polypeptide(L)'
;DIQMTQSPRSLSASVGDRVTITCRASQDISPDLNWYQQKPGGPLKLLIYDASNLQGGVPSRFSGSGSGTEFTLTISSLQP
EDFATYYCLQYNGYPWTFGQGTKVDHKRTVAAPSVFIFPPSEDQVKSGTVSVVCLLNNFYPREASVKWKVDGALKTGNSQ
ESVTEQDSKDNTYSLSSTLTLSSTEYQSHKVYACEVTHQGLSSPVTKSFNRGEC
;
H,J,L
#
loop_
_chem_comp.id
_chem_comp.type
_chem_comp.name
_chem_comp.formula
BMA D-saccharide, beta linking beta-D-mannopyranose 'C6 H12 O6'
MAN D-saccharide, alpha linking alpha-D-mannopyranose 'C6 H12 O6'
NAG D-saccharide, beta linking 2-acetamido-2-deoxy-beta-D-glucopyranose 'C8 H15 N O6'
#
# COMPACT_ATOMS: atom_id res chain seq x y z
N ALA A 1 -19.44 -20.15 -43.79
CA ALA A 1 -19.13 -19.19 -44.83
C ALA A 1 -18.41 -17.98 -44.26
N GLU A 2 -18.86 -17.52 -43.10
CA GLU A 2 -18.27 -16.35 -42.46
C GLU A 2 -16.81 -16.61 -42.09
N ASN A 3 -16.53 -17.78 -41.51
CA ASN A 3 -15.20 -18.21 -41.07
C ASN A 3 -14.42 -17.13 -40.32
N LEU A 4 -15.11 -16.32 -39.51
CA LEU A 4 -14.46 -15.34 -38.66
C LEU A 4 -14.10 -15.95 -37.31
N TRP A 5 -13.10 -15.37 -36.65
CA TRP A 5 -12.57 -15.89 -35.41
C TRP A 5 -12.40 -14.75 -34.41
N VAL A 6 -12.52 -15.10 -33.12
CA VAL A 6 -12.34 -14.11 -32.07
C VAL A 6 -10.90 -13.62 -32.07
N THR A 7 -10.73 -12.30 -32.00
CA THR A 7 -9.41 -11.69 -31.88
C THR A 7 -9.45 -10.62 -30.80
N VAL A 8 -8.39 -10.59 -29.99
CA VAL A 8 -8.31 -9.77 -28.79
C VAL A 8 -7.46 -8.54 -29.10
N TYR A 9 -7.88 -7.40 -28.54
CA TYR A 9 -7.14 -6.14 -28.64
C TYR A 9 -7.00 -5.56 -27.25
N TYR A 10 -5.80 -5.08 -26.94
CA TYR A 10 -5.50 -4.42 -25.67
C TYR A 10 -5.13 -2.98 -25.95
N GLY A 11 -5.77 -2.06 -25.23
CA GLY A 11 -5.63 -0.64 -25.46
C GLY A 11 -6.79 0.00 -26.18
N VAL A 12 -7.97 -0.62 -26.18
CA VAL A 12 -9.11 -0.09 -26.93
C VAL A 12 -9.63 1.17 -26.24
N PRO A 13 -10.04 2.22 -26.98
CA PRO A 13 -10.58 3.42 -26.32
C PRO A 13 -12.06 3.29 -25.94
N VAL A 14 -12.31 2.68 -24.78
CA VAL A 14 -13.65 2.50 -24.24
C VAL A 14 -13.61 2.88 -22.76
N TRP A 15 -14.71 3.45 -22.29
CA TRP A 15 -14.81 3.89 -20.90
C TRP A 15 -16.19 3.59 -20.34
N LYS A 16 -16.28 3.61 -19.02
CA LYS A 16 -17.54 3.41 -18.30
C LYS A 16 -17.60 4.39 -17.13
N ASP A 17 -18.82 4.74 -16.74
CA ASP A 17 -19.00 5.61 -15.58
C ASP A 17 -18.51 4.90 -14.32
N ALA A 18 -17.80 5.65 -13.47
CA ALA A 18 -17.21 5.07 -12.28
C ALA A 18 -16.97 6.16 -11.24
N GLU A 19 -16.73 5.72 -10.01
CA GLU A 19 -16.43 6.60 -8.88
C GLU A 19 -15.05 6.24 -8.33
N THR A 20 -14.26 7.26 -7.99
CA THR A 20 -12.92 7.05 -7.47
C THR A 20 -12.59 8.21 -6.52
N THR A 21 -11.32 8.32 -6.16
CA THR A 21 -10.83 9.35 -5.25
C THR A 21 -9.79 10.19 -5.97
N LEU A 22 -10.17 11.41 -6.34
CA LEU A 22 -9.26 12.34 -6.97
C LEU A 22 -8.33 12.96 -5.92
N PHE A 23 -7.16 13.39 -6.37
CA PHE A 23 -6.14 13.98 -5.50
C PHE A 23 -5.93 15.45 -5.86
N CYS A 24 -5.19 16.14 -5.00
CA CYS A 24 -5.04 17.59 -5.06
C CYS A 24 -3.92 18.01 -5.99
N ALA A 25 -4.03 19.24 -6.49
CA ALA A 25 -2.97 19.87 -7.25
C ALA A 25 -3.16 21.38 -7.17
N SER A 26 -2.10 22.09 -6.76
CA SER A 26 -2.16 23.53 -6.58
C SER A 26 -0.83 24.15 -6.98
N ASP A 27 -0.87 25.42 -7.35
CA ASP A 27 0.33 26.15 -7.77
C ASP A 27 1.26 26.35 -6.57
N HIS A 36 0.52 30.66 5.85
CA HIS A 36 -0.45 29.84 6.57
C HIS A 36 -1.87 30.17 6.13
N ASN A 37 -2.64 29.13 5.80
CA ASN A 37 -4.03 29.28 5.42
C ASN A 37 -4.79 28.02 5.79
N VAL A 38 -6.11 28.16 5.89
CA VAL A 38 -6.93 27.02 6.31
C VAL A 38 -6.90 25.93 5.26
N TRP A 39 -6.83 26.30 3.99
CA TRP A 39 -6.83 25.34 2.88
C TRP A 39 -5.38 24.96 2.61
N ALA A 40 -4.94 23.88 3.26
CA ALA A 40 -3.53 23.51 3.27
C ALA A 40 -3.09 23.07 1.88
N THR A 41 -2.23 23.87 1.24
CA THR A 41 -1.59 23.48 0.00
C THR A 41 -0.29 22.70 0.24
N HIS A 42 0.09 22.48 1.50
CA HIS A 42 1.30 21.72 1.80
C HIS A 42 1.18 20.29 1.28
N ALA A 43 0.01 19.68 1.44
CA ALA A 43 -0.23 18.30 1.02
C ALA A 43 -0.81 18.20 -0.38
N CYS A 44 -0.63 19.25 -1.21
CA CYS A 44 -1.14 19.27 -2.57
C CYS A 44 0.04 19.26 -3.54
N VAL A 45 -0.06 18.44 -4.58
CA VAL A 45 1.04 18.30 -5.54
C VAL A 45 1.19 19.60 -6.31
N PRO A 46 2.38 20.01 -6.75
CA PRO A 46 2.47 21.14 -7.67
C PRO A 46 1.72 20.87 -8.96
N THR A 47 1.09 21.91 -9.49
CA THR A 47 0.32 21.82 -10.73
C THR A 47 1.23 21.96 -11.94
N ASP A 48 0.88 21.27 -13.01
CA ASP A 48 1.65 21.35 -14.24
C ASP A 48 1.54 22.75 -14.84
N PRO A 49 2.64 23.40 -15.22
CA PRO A 49 2.53 24.75 -15.79
C PRO A 49 1.76 24.80 -17.10
N ASN A 50 1.71 23.70 -17.86
CA ASN A 50 1.08 23.64 -19.18
C ASN A 50 0.10 22.47 -19.21
N PRO A 51 -1.12 22.65 -18.69
CA PRO A 51 -2.09 21.56 -18.73
C PRO A 51 -2.46 21.19 -20.16
N GLN A 52 -2.77 19.91 -20.35
CA GLN A 52 -3.07 19.35 -21.67
C GLN A 52 -4.54 18.99 -21.77
N GLU A 53 -5.15 19.36 -22.89
CA GLU A 53 -6.55 19.07 -23.18
C GLU A 53 -6.64 18.41 -24.55
N ILE A 54 -7.41 17.32 -24.64
CA ILE A 54 -7.57 16.57 -25.88
C ILE A 54 -9.04 16.59 -26.27
N HIS A 55 -9.34 17.27 -27.38
CA HIS A 55 -10.72 17.39 -27.85
C HIS A 55 -11.12 16.12 -28.59
N LEU A 56 -12.16 15.45 -28.12
CA LEU A 56 -12.61 14.19 -28.72
C LEU A 56 -13.69 14.50 -29.76
N GLU A 57 -13.41 14.20 -31.02
CA GLU A 57 -14.34 14.44 -32.11
C GLU A 57 -15.35 13.30 -32.20
N ASN A 58 -16.58 13.64 -32.53
CA ASN A 58 -17.72 12.73 -32.71
C ASN A 58 -18.19 12.09 -31.40
N VAL A 59 -17.61 12.45 -30.26
CA VAL A 59 -18.01 11.87 -28.98
C VAL A 59 -19.09 12.74 -28.36
N THR A 60 -20.26 12.17 -28.16
CA THR A 60 -21.39 12.84 -27.50
C THR A 60 -21.68 12.09 -26.21
N GLU A 61 -21.40 12.73 -25.08
CA GLU A 61 -21.50 12.09 -23.77
C GLU A 61 -22.81 12.46 -23.09
N GLU A 62 -23.10 11.77 -21.98
CA GLU A 62 -24.25 12.04 -21.15
C GLU A 62 -23.77 12.63 -19.82
N PHE A 63 -24.37 13.75 -19.42
CA PHE A 63 -23.97 14.47 -18.23
C PHE A 63 -25.18 14.72 -17.33
N ASN A 64 -24.92 14.78 -16.02
CA ASN A 64 -25.98 15.04 -15.05
C ASN A 64 -25.32 15.67 -13.82
N MET A 65 -25.50 16.98 -13.65
CA MET A 65 -24.86 17.71 -12.56
C MET A 65 -25.39 17.30 -11.19
N TRP A 66 -26.62 16.83 -11.11
CA TRP A 66 -27.28 16.61 -9.82
C TRP A 66 -26.93 15.26 -9.19
N LYS A 67 -26.12 14.43 -9.85
CA LYS A 67 -25.70 13.14 -9.31
C LYS A 67 -24.19 12.97 -9.52
N ASN A 68 -23.43 14.00 -9.18
CA ASN A 68 -21.98 14.01 -9.34
C ASN A 68 -21.33 13.74 -7.98
N ASN A 69 -20.47 12.72 -7.93
CA ASN A 69 -19.77 12.38 -6.70
C ASN A 69 -18.63 13.34 -6.40
N MET A 70 -18.17 14.10 -7.40
CA MET A 70 -17.13 15.09 -7.17
C MET A 70 -17.57 16.11 -6.14
N VAL A 71 -18.85 16.49 -6.15
CA VAL A 71 -19.36 17.45 -5.18
C VAL A 71 -19.24 16.89 -3.77
N GLU A 72 -19.64 15.62 -3.59
CA GLU A 72 -19.54 15.01 -2.27
C GLU A 72 -18.10 14.91 -1.80
N GLN A 73 -17.19 14.50 -2.70
CA GLN A 73 -15.78 14.41 -2.33
C GLN A 73 -15.23 15.79 -1.94
N MET A 74 -15.59 16.82 -2.71
CA MET A 74 -15.12 18.16 -2.39
C MET A 74 -15.64 18.63 -1.04
N HIS A 75 -16.92 18.38 -0.76
CA HIS A 75 -17.49 18.76 0.53
C HIS A 75 -16.77 18.06 1.67
N THR A 76 -16.54 16.75 1.53
CA THR A 76 -15.85 16.01 2.59
C THR A 76 -14.43 16.53 2.77
N ASP A 77 -13.72 16.79 1.68
CA ASP A 77 -12.35 17.28 1.78
C ASP A 77 -12.30 18.65 2.44
N ILE A 78 -13.22 19.54 2.08
CA ILE A 78 -13.24 20.87 2.66
C ILE A 78 -13.51 20.79 4.17
N ILE A 79 -14.48 19.96 4.55
CA ILE A 79 -14.78 19.81 5.98
C ILE A 79 -13.58 19.23 6.72
N SER A 80 -12.92 18.23 6.13
CA SER A 80 -11.76 17.63 6.77
C SER A 80 -10.64 18.64 6.94
N LEU A 81 -10.38 19.45 5.91
CA LEU A 81 -9.32 20.46 6.02
C LEU A 81 -9.66 21.49 7.09
N TRP A 82 -10.93 21.94 7.14
CA TRP A 82 -11.34 22.89 8.15
C TRP A 82 -11.13 22.31 9.56
N ASP A 83 -11.52 21.05 9.75
CA ASP A 83 -11.33 20.42 11.05
C ASP A 83 -9.85 20.28 11.40
N GLN A 84 -9.03 19.93 10.41
CA GLN A 84 -7.60 19.74 10.65
C GLN A 84 -6.94 21.06 11.04
N SER A 85 -7.36 22.17 10.43
CA SER A 85 -6.70 23.45 10.70
C SER A 85 -6.85 23.89 12.15
N LEU A 86 -7.96 23.52 12.79
CA LEU A 86 -8.26 24.02 14.14
C LEU A 86 -7.68 23.16 15.25
N LYS A 87 -7.07 22.02 14.93
CA LYS A 87 -6.59 21.12 15.99
C LYS A 87 -5.52 21.76 16.87
N PRO A 88 -4.42 22.32 16.33
CA PRO A 88 -3.36 22.89 17.16
C PRO A 88 -3.62 24.35 17.54
N CYS A 89 -4.73 24.60 18.23
CA CYS A 89 -5.10 25.94 18.66
C CYS A 89 -5.70 25.89 20.05
N VAL A 90 -5.71 27.04 20.71
CA VAL A 90 -6.15 27.11 22.10
C VAL A 90 -7.62 26.77 22.22
N LYS A 91 -7.97 26.04 23.27
CA LYS A 91 -9.35 25.72 23.60
C LYS A 91 -9.82 26.62 24.75
N LEU A 92 -10.93 27.32 24.53
CA LEU A 92 -11.40 28.34 25.48
C LEU A 92 -12.39 27.74 26.48
N THR A 93 -11.93 26.70 27.18
CA THR A 93 -12.70 26.13 28.28
C THR A 93 -12.92 27.13 29.43
N PRO A 94 -11.89 27.86 29.89
CA PRO A 94 -12.08 28.72 31.07
C PRO A 94 -13.00 29.91 30.83
N LEU A 95 -13.44 30.18 29.61
CA LEU A 95 -14.25 31.34 29.33
C LEU A 95 -15.70 31.19 29.78
N CYS A 96 -16.13 30.00 30.21
CA CYS A 96 -17.48 29.82 30.76
C CYS A 96 -17.46 30.28 32.21
N VAL A 97 -17.76 31.57 32.40
CA VAL A 97 -17.84 32.20 33.71
C VAL A 97 -19.02 33.17 33.69
N THR A 98 -19.35 33.69 34.88
CA THR A 98 -20.43 34.66 35.01
C THR A 98 -19.90 36.05 34.68
N LEU A 99 -20.31 36.59 33.54
CA LEU A 99 -19.93 37.93 33.13
C LEU A 99 -20.90 38.95 33.72
N GLN A 100 -20.37 40.15 33.99
CA GLN A 100 -21.17 41.28 34.45
C GLN A 100 -21.04 42.38 33.39
N CYS A 101 -22.15 42.70 32.73
CA CYS A 101 -22.12 43.50 31.51
C CYS A 101 -22.96 44.77 31.66
N THR A 102 -22.51 45.82 30.96
CA THR A 102 -23.22 47.09 30.86
C THR A 102 -23.31 47.47 29.38
N ASN A 103 -24.08 48.52 29.11
CA ASN A 103 -24.27 49.01 27.75
C ASN A 103 -23.15 49.95 27.36
N VAL A 104 -22.75 49.88 26.09
CA VAL A 104 -21.79 50.80 25.51
C VAL A 104 -22.57 51.95 24.87
N THR A 105 -22.30 53.18 25.32
CA THR A 105 -23.02 54.35 24.85
C THR A 105 -22.11 55.54 24.62
N ASN A 106 -20.86 55.30 24.22
CA ASN A 106 -19.90 56.36 23.92
C ASN A 106 -19.81 56.53 22.41
N ASN A 107 -20.36 57.64 21.91
CA ASN A 107 -20.30 58.00 20.49
C ASN A 107 -20.86 56.87 19.62
N ILE A 108 -22.13 56.56 19.84
CA ILE A 108 -22.85 55.55 19.09
C ILE A 108 -24.00 56.23 18.35
N THR A 109 -24.42 55.60 17.25
CA THR A 109 -25.54 56.12 16.47
C THR A 109 -26.84 55.53 17.00
N ASP A 110 -27.94 55.76 16.28
CA ASP A 110 -29.25 55.27 16.69
C ASP A 110 -29.50 53.82 16.30
N ASP A 111 -28.66 53.24 15.44
CA ASP A 111 -28.83 51.86 14.98
C ASP A 111 -27.84 50.89 15.61
N MET A 112 -26.85 51.39 16.35
CA MET A 112 -25.88 50.55 17.07
C MET A 112 -26.09 50.66 18.58
N ARG A 113 -27.34 50.90 19.00
CA ARG A 113 -27.69 51.04 20.40
C ARG A 113 -28.07 49.66 20.94
N GLY A 114 -27.24 49.12 21.82
CA GLY A 114 -27.45 47.82 22.40
C GLY A 114 -26.75 46.66 21.70
N GLU A 115 -26.07 46.92 20.58
CA GLU A 115 -25.37 45.86 19.87
C GLU A 115 -24.06 45.45 20.54
N LEU A 116 -23.50 46.30 21.39
CA LEU A 116 -22.22 46.05 22.06
C LEU A 116 -22.42 46.06 23.57
N LYS A 117 -21.78 45.10 24.24
CA LYS A 117 -21.85 44.96 25.68
C LYS A 117 -20.44 45.02 26.26
N ASN A 118 -20.26 45.84 27.29
CA ASN A 118 -18.99 45.97 28.01
C ASN A 118 -19.07 45.05 29.21
N CYS A 119 -18.37 43.92 29.15
CA CYS A 119 -18.47 42.87 30.17
C CYS A 119 -17.17 42.76 30.95
N SER A 120 -17.29 42.39 32.21
CA SER A 120 -16.15 42.16 33.10
C SER A 120 -16.32 40.81 33.78
N PHE A 121 -15.18 40.18 34.06
CA PHE A 121 -15.19 38.83 34.62
C PHE A 121 -13.85 38.54 35.27
N ASN A 122 -13.79 37.39 35.95
CA ASN A 122 -12.56 36.86 36.52
C ASN A 122 -12.01 35.78 35.60
N MET A 123 -10.68 35.70 35.53
CA MET A 123 -10.00 34.76 34.66
C MET A 123 -8.80 34.17 35.38
N THR A 124 -8.40 32.98 34.93
CA THR A 124 -7.23 32.30 35.48
C THR A 124 -5.96 32.97 34.96
N THR A 125 -4.84 32.58 35.57
CA THR A 125 -3.52 33.09 35.17
C THR A 125 -2.55 31.94 34.96
N GLU A 126 -1.28 32.26 34.72
CA GLU A 126 -0.28 31.22 34.49
C GLU A 126 -0.01 30.38 35.73
N LEU A 127 -0.24 30.93 36.92
CA LEU A 127 -0.14 30.18 38.17
C LEU A 127 -1.53 29.71 38.57
N ARG A 128 -1.65 28.44 38.94
CA ARG A 128 -2.96 27.86 39.20
C ARG A 128 -3.54 28.25 40.56
N ASP A 129 -2.89 29.15 41.32
CA ASP A 129 -3.42 29.65 42.59
C ASP A 129 -3.64 31.14 42.56
N LYS A 130 -3.81 31.73 41.38
CA LYS A 130 -4.02 33.16 41.22
C LYS A 130 -5.15 33.41 40.23
N LYS A 131 -5.81 34.56 40.40
CA LYS A 131 -6.87 34.99 39.52
C LYS A 131 -6.68 36.47 39.18
N GLN A 132 -7.22 36.86 38.03
CA GLN A 132 -7.17 38.24 37.57
C GLN A 132 -8.57 38.70 37.20
N LYS A 133 -8.78 40.01 37.20
CA LYS A 133 -10.03 40.61 36.77
C LYS A 133 -9.80 41.34 35.46
N VAL A 134 -10.60 41.00 34.45
CA VAL A 134 -10.43 41.54 33.10
C VAL A 134 -11.79 41.93 32.54
N TYR A 135 -11.77 42.61 31.41
CA TYR A 135 -12.99 43.06 30.74
C TYR A 135 -12.81 42.95 29.24
N SER A 136 -13.93 42.98 28.53
CA SER A 136 -13.96 42.81 27.09
C SER A 136 -15.21 43.47 26.54
N LEU A 137 -15.23 43.62 25.21
CA LEU A 137 -16.41 44.06 24.48
C LEU A 137 -16.95 42.89 23.67
N PHE A 138 -18.21 42.53 23.92
CA PHE A 138 -18.88 41.44 23.24
C PHE A 138 -20.04 41.97 22.42
N TYR A 139 -20.50 41.14 21.48
CA TYR A 139 -21.66 41.47 20.67
C TYR A 139 -22.92 40.91 21.30
N ARG A 140 -24.04 41.61 21.08
CA ARG A 140 -25.30 41.19 21.66
C ARG A 140 -25.71 39.80 21.18
N LEU A 141 -25.29 39.42 19.97
CA LEU A 141 -25.60 38.10 19.43
C LEU A 141 -24.80 36.98 20.11
N ASP A 142 -23.79 37.32 20.90
CA ASP A 142 -22.90 36.32 21.49
C ASP A 142 -23.16 36.04 22.97
N VAL A 143 -23.82 36.97 23.68
CA VAL A 143 -24.05 36.84 25.11
C VAL A 143 -25.55 36.72 25.36
N VAL A 144 -25.93 35.82 26.26
CA VAL A 144 -27.31 35.59 26.64
C VAL A 144 -27.44 35.82 28.13
N GLN A 145 -28.51 36.51 28.53
CA GLN A 145 -28.74 36.80 29.94
C GLN A 145 -28.98 35.51 30.72
N ILE A 146 -28.52 35.51 31.97
CA ILE A 146 -28.60 34.35 32.84
C ILE A 146 -29.76 34.49 33.81
N LYS A 159 -28.18 41.75 35.10
CA LYS A 159 -26.85 42.27 34.82
C LYS A 159 -25.80 41.16 34.81
N GLU A 160 -26.24 39.92 34.60
CA GLU A 160 -25.37 38.77 34.53
C GLU A 160 -25.63 38.02 33.23
N TYR A 161 -24.56 37.70 32.50
CA TYR A 161 -24.66 37.10 31.17
C TYR A 161 -23.72 35.90 31.08
N ARG A 162 -23.89 35.12 30.01
CA ARG A 162 -22.98 34.03 29.71
C ARG A 162 -22.90 33.87 28.20
N LEU A 163 -21.79 33.30 27.74
CA LEU A 163 -21.62 33.08 26.31
C LEU A 163 -22.68 32.10 25.80
N ILE A 164 -23.08 32.30 24.54
CA ILE A 164 -24.21 31.57 23.99
C ILE A 164 -23.94 30.07 23.94
N ASN A 165 -22.70 29.68 23.69
CA ASN A 165 -22.34 28.28 23.49
C ASN A 165 -22.08 27.53 24.80
N CYS A 166 -22.16 28.20 25.95
CA CYS A 166 -21.70 27.61 27.20
C CYS A 166 -22.50 26.37 27.60
N ASN A 167 -23.78 26.28 27.23
CA ASN A 167 -24.61 25.14 27.58
C ASN A 167 -24.64 24.06 26.50
N THR A 168 -23.91 24.24 25.41
CA THR A 168 -23.81 23.26 24.34
C THR A 168 -22.43 22.61 24.27
N SER A 169 -21.37 23.39 24.22
CA SER A 169 -20.00 22.87 24.15
C SER A 169 -19.04 24.04 24.34
N ALA A 170 -17.76 23.70 24.51
CA ALA A 170 -16.67 24.66 24.52
C ALA A 170 -15.80 24.43 23.30
N CYS A 171 -15.55 25.49 22.54
CA CYS A 171 -14.88 25.39 21.25
C CYS A 171 -13.61 26.23 21.25
N THR A 172 -12.79 25.99 20.23
CA THR A 172 -11.43 26.51 20.18
C THR A 172 -11.39 27.89 19.54
N GLN A 173 -10.35 28.64 19.88
CA GLN A 173 -10.09 29.94 19.29
C GLN A 173 -9.24 29.75 18.04
N ALA A 174 -9.68 30.32 16.92
CA ALA A 174 -8.90 30.23 15.70
C ALA A 174 -7.53 30.87 15.89
N CYS A 175 -6.50 30.16 15.46
CA CYS A 175 -5.15 30.68 15.62
C CYS A 175 -4.99 31.94 14.77
N PRO A 176 -4.38 33.00 15.30
CA PRO A 176 -4.39 34.29 14.59
C PRO A 176 -3.45 34.36 13.40
N LYS A 177 -2.66 33.31 13.13
CA LYS A 177 -1.73 33.32 12.01
C LYS A 177 -2.32 32.76 10.73
N VAL A 178 -3.28 31.83 10.82
CA VAL A 178 -3.85 31.23 9.63
C VAL A 178 -4.81 32.22 8.97
N SER A 179 -4.80 32.25 7.65
CA SER A 179 -5.64 33.14 6.85
C SER A 179 -6.82 32.37 6.27
N PHE A 180 -7.96 33.05 6.18
CA PHE A 180 -9.19 32.47 5.66
C PHE A 180 -9.37 32.70 4.16
N GLU A 181 -8.39 33.30 3.49
CA GLU A 181 -8.55 33.62 2.07
C GLU A 181 -8.62 32.33 1.25
N PRO A 182 -9.63 32.16 0.39
CA PRO A 182 -9.65 30.97 -0.48
C PRO A 182 -8.46 30.95 -1.43
N ILE A 183 -8.03 29.74 -1.76
CA ILE A 183 -6.94 29.50 -2.71
C ILE A 183 -7.47 28.54 -3.77
N PRO A 184 -7.13 28.71 -5.06
CA PRO A 184 -7.61 27.74 -6.05
C PRO A 184 -7.07 26.34 -5.80
N ILE A 185 -7.90 25.35 -6.12
CA ILE A 185 -7.55 23.94 -5.96
C ILE A 185 -7.96 23.21 -7.24
N HIS A 186 -7.10 22.30 -7.69
CA HIS A 186 -7.36 21.48 -8.87
C HIS A 186 -7.46 20.01 -8.42
N TYR A 187 -8.40 19.28 -9.01
CA TYR A 187 -8.67 17.89 -8.66
C TYR A 187 -8.28 16.98 -9.81
N CYS A 188 -7.22 16.20 -9.63
CA CYS A 188 -6.69 15.35 -10.70
C CYS A 188 -6.87 13.88 -10.34
N ALA A 189 -7.32 13.11 -11.35
CA ALA A 189 -7.76 11.73 -11.23
C ALA A 189 -6.58 10.78 -11.20
N PRO A 190 -6.78 9.54 -10.72
CA PRO A 190 -5.66 8.58 -10.68
C PRO A 190 -5.38 7.97 -12.04
N ALA A 191 -4.42 7.05 -12.09
CA ALA A 191 -4.12 6.32 -13.33
C ALA A 191 -5.23 5.32 -13.62
N GLY A 192 -5.52 5.14 -14.90
CA GLY A 192 -6.59 4.26 -15.33
C GLY A 192 -7.95 4.94 -15.42
N PHE A 193 -8.08 6.18 -14.99
CA PHE A 193 -9.30 6.95 -15.07
C PHE A 193 -9.07 8.19 -15.94
N ALA A 194 -10.16 8.89 -16.24
CA ALA A 194 -10.09 10.09 -17.06
C ALA A 194 -11.20 11.04 -16.65
N ILE A 195 -10.97 12.33 -16.89
CA ILE A 195 -11.94 13.38 -16.61
C ILE A 195 -12.39 13.96 -17.95
N LEU A 196 -13.68 13.87 -18.21
CA LEU A 196 -14.30 14.41 -19.41
C LEU A 196 -14.97 15.73 -19.10
N LYS A 197 -14.77 16.70 -19.99
CA LYS A 197 -15.26 18.06 -19.86
C LYS A 197 -16.17 18.39 -21.03
N CYS A 198 -17.31 19.00 -20.73
CA CYS A 198 -18.30 19.40 -21.74
C CYS A 198 -18.05 20.86 -22.11
N LYS A 199 -17.66 21.09 -23.36
CA LYS A 199 -17.34 22.42 -23.86
C LYS A 199 -18.53 23.09 -24.55
N ASP A 200 -19.72 22.49 -24.47
CA ASP A 200 -20.89 23.03 -25.17
C ASP A 200 -21.49 24.17 -24.36
N LYS A 201 -21.46 25.37 -24.92
CA LYS A 201 -22.14 26.50 -24.31
C LYS A 201 -23.64 26.30 -24.39
N LYS A 202 -24.37 26.99 -23.49
CA LYS A 202 -25.80 26.81 -23.29
C LYS A 202 -26.15 25.42 -22.77
N PHE A 203 -25.19 24.71 -22.20
CA PHE A 203 -25.45 23.41 -21.59
C PHE A 203 -25.97 23.60 -20.18
N ASN A 204 -27.16 23.08 -19.90
CA ASN A 204 -27.86 23.33 -18.65
C ASN A 204 -27.65 22.25 -17.61
N GLY A 205 -26.54 21.53 -17.68
CA GLY A 205 -26.12 20.62 -16.63
C GLY A 205 -26.64 19.21 -16.73
N THR A 206 -27.66 18.96 -17.56
CA THR A 206 -28.27 17.64 -17.69
C THR A 206 -28.54 17.36 -19.16
N GLY A 207 -28.22 16.14 -19.59
CA GLY A 207 -28.55 15.69 -20.92
C GLY A 207 -27.34 15.32 -21.75
N PRO A 208 -27.51 15.25 -23.09
CA PRO A 208 -26.37 14.93 -23.96
C PRO A 208 -25.53 16.15 -24.31
N CYS A 209 -24.22 16.05 -24.09
CA CYS A 209 -23.27 17.06 -24.52
C CYS A 209 -22.60 16.60 -25.81
N PRO A 210 -22.75 17.31 -26.96
CA PRO A 210 -22.09 16.85 -28.18
C PRO A 210 -20.59 17.10 -28.21
N SER A 211 -20.13 18.23 -27.68
CA SER A 211 -18.72 18.62 -27.73
C SER A 211 -18.05 18.21 -26.42
N VAL A 212 -17.03 17.35 -26.52
CA VAL A 212 -16.41 16.73 -25.35
C VAL A 212 -14.89 16.81 -25.50
N SER A 213 -14.21 17.00 -24.37
CA SER A 213 -12.77 16.95 -24.31
C SER A 213 -12.36 16.15 -23.09
N THR A 214 -11.08 15.77 -23.04
CA THR A 214 -10.49 15.07 -21.92
C THR A 214 -9.42 15.98 -21.32
N VAL A 215 -9.47 16.14 -20.00
CA VAL A 215 -8.55 17.01 -19.29
C VAL A 215 -7.74 16.16 -18.31
N GLN A 216 -6.50 16.58 -18.08
CA GLN A 216 -5.75 15.96 -16.99
C GLN A 216 -6.38 16.31 -15.65
N CYS A 217 -6.79 17.56 -15.45
CA CYS A 217 -7.60 17.90 -14.29
C CYS A 217 -8.18 19.31 -14.38
N THR A 218 -9.02 19.62 -13.39
CA THR A 218 -9.96 20.73 -13.47
C THR A 218 -9.26 22.07 -13.28
N HIS A 219 -9.95 23.12 -13.69
CA HIS A 219 -9.48 24.49 -13.48
C HIS A 219 -9.52 24.83 -12.00
N GLY A 220 -8.77 25.87 -11.64
CA GLY A 220 -8.72 26.33 -10.27
C GLY A 220 -10.07 26.75 -9.74
N ILE A 221 -10.50 26.14 -8.63
CA ILE A 221 -11.79 26.41 -8.02
C ILE A 221 -11.55 26.97 -6.63
N LYS A 222 -12.03 28.19 -6.39
CA LYS A 222 -11.88 28.80 -5.07
C LYS A 222 -12.97 28.29 -4.14
N PRO A 223 -12.63 27.69 -2.97
CA PRO A 223 -13.72 27.27 -2.07
C PRO A 223 -14.30 28.43 -1.28
N VAL A 224 -15.05 29.27 -1.98
CA VAL A 224 -15.69 30.43 -1.36
C VAL A 224 -16.94 29.97 -0.63
N VAL A 225 -17.02 30.29 0.66
CA VAL A 225 -18.15 29.93 1.51
C VAL A 225 -19.05 31.15 1.65
N SER A 226 -20.29 31.01 1.19
CA SER A 226 -21.26 32.10 1.30
C SER A 226 -22.65 31.51 1.11
N THR A 227 -23.66 32.30 1.49
CA THR A 227 -25.05 31.92 1.33
C THR A 227 -25.81 33.07 0.70
N GLN A 228 -26.83 32.72 -0.09
CA GLN A 228 -27.78 33.60 -0.77
C GLN A 228 -27.17 34.32 -1.97
N LEU A 229 -25.86 34.24 -2.19
CA LEU A 229 -25.20 34.89 -3.31
C LEU A 229 -23.88 34.19 -3.56
N LEU A 230 -23.57 33.95 -4.83
CA LEU A 230 -22.32 33.31 -5.23
C LEU A 230 -21.30 34.38 -5.56
N LEU A 231 -20.17 34.38 -4.84
CA LEU A 231 -19.16 35.42 -4.95
C LEU A 231 -17.86 34.86 -5.50
N ASN A 232 -17.18 35.69 -6.30
CA ASN A 232 -15.86 35.35 -6.83
C ASN A 232 -15.89 34.04 -7.60
N GLY A 233 -16.96 33.84 -8.38
CA GLY A 233 -17.17 32.62 -9.14
C GLY A 233 -16.85 32.80 -10.61
N SER A 234 -17.40 31.89 -11.42
CA SER A 234 -17.24 31.90 -12.87
C SER A 234 -18.51 32.42 -13.52
N LEU A 235 -18.34 33.04 -14.69
CA LEU A 235 -19.43 33.69 -15.42
C LEU A 235 -19.76 32.92 -16.69
N ALA A 236 -21.04 32.90 -17.04
CA ALA A 236 -21.46 32.27 -18.28
C ALA A 236 -20.90 33.02 -19.48
N GLU A 237 -20.49 32.27 -20.50
CA GLU A 237 -19.87 32.86 -21.68
C GLU A 237 -20.86 33.44 -22.66
N GLU A 238 -22.14 33.09 -22.56
CA GLU A 238 -23.16 33.51 -23.54
C GLU A 238 -24.23 34.39 -22.93
N GLU A 239 -24.87 33.97 -21.86
CA GLU A 239 -25.98 34.71 -21.27
C GLU A 239 -26.29 34.09 -19.91
N VAL A 240 -27.30 34.65 -19.23
CA VAL A 240 -27.70 34.15 -17.92
C VAL A 240 -28.25 32.74 -18.07
N MET A 241 -27.78 31.83 -17.21
CA MET A 241 -28.14 30.42 -17.27
C MET A 241 -28.92 30.04 -16.01
N ILE A 242 -30.06 29.38 -16.20
CA ILE A 242 -30.91 28.92 -15.10
C ILE A 242 -30.89 27.40 -15.10
N ARG A 243 -30.62 26.82 -13.94
CA ARG A 243 -30.52 25.37 -13.80
C ARG A 243 -31.33 24.90 -12.60
N SER A 244 -31.96 23.74 -12.73
CA SER A 244 -32.73 23.14 -11.66
C SER A 244 -32.95 21.67 -11.98
N GLU A 245 -32.94 20.84 -10.94
CA GLU A 245 -33.12 19.40 -11.13
C GLU A 245 -34.49 19.09 -11.72
N ASN A 246 -35.54 19.74 -11.20
CA ASN A 246 -36.90 19.54 -11.69
C ASN A 246 -37.62 20.88 -11.48
N ILE A 247 -37.64 21.70 -12.54
CA ILE A 247 -38.13 23.07 -12.44
C ILE A 247 -39.62 23.12 -12.12
N THR A 248 -40.38 22.07 -12.40
CA THR A 248 -41.78 22.04 -12.04
C THR A 248 -41.98 21.88 -10.53
N ASN A 249 -41.03 21.26 -9.84
CA ASN A 249 -41.13 21.04 -8.40
C ASN A 249 -40.61 22.27 -7.66
N ASN A 250 -41.41 22.78 -6.72
CA ASN A 250 -41.06 23.97 -5.97
C ASN A 250 -40.11 23.68 -4.80
N ALA A 251 -39.86 22.41 -4.49
CA ALA A 251 -38.96 22.04 -3.41
C ALA A 251 -37.50 21.96 -3.86
N LYS A 252 -37.21 22.24 -5.11
CA LYS A 252 -35.86 22.17 -5.66
C LYS A 252 -35.33 23.57 -5.88
N ASN A 253 -34.10 23.81 -5.43
CA ASN A 253 -33.49 25.12 -5.58
C ASN A 253 -33.15 25.39 -7.05
N ILE A 254 -33.10 26.68 -7.39
CA ILE A 254 -32.78 27.14 -8.73
C ILE A 254 -31.45 27.86 -8.68
N LEU A 255 -30.50 27.42 -9.50
CA LEU A 255 -29.18 28.05 -9.59
C LEU A 255 -29.16 28.97 -10.80
N VAL A 256 -28.91 30.25 -10.55
CA VAL A 256 -28.83 31.27 -11.60
C VAL A 256 -27.38 31.69 -11.73
N GLN A 257 -26.85 31.64 -12.94
CA GLN A 257 -25.49 32.05 -13.25
C GLN A 257 -25.55 33.29 -14.14
N PHE A 258 -24.91 34.36 -13.69
CA PHE A 258 -24.95 35.63 -14.41
C PHE A 258 -24.00 35.59 -15.61
N ASN A 259 -24.25 36.51 -16.54
CA ASN A 259 -23.38 36.70 -17.69
C ASN A 259 -22.26 37.68 -17.38
N THR A 260 -22.54 38.71 -16.60
CA THR A 260 -21.57 39.69 -16.15
C THR A 260 -21.63 39.83 -14.64
N PRO A 261 -20.53 40.21 -13.99
CA PRO A 261 -20.53 40.32 -12.53
C PRO A 261 -21.14 41.63 -12.05
N VAL A 262 -21.54 41.64 -10.78
CA VAL A 262 -22.07 42.83 -10.12
C VAL A 262 -21.18 43.13 -8.92
N GLN A 263 -20.55 44.30 -8.92
CA GLN A 263 -19.61 44.64 -7.86
C GLN A 263 -20.33 45.01 -6.58
N ILE A 264 -19.83 44.51 -5.45
CA ILE A 264 -20.37 44.78 -4.13
C ILE A 264 -19.22 45.17 -3.21
N ASN A 265 -19.39 46.26 -2.46
CA ASN A 265 -18.36 46.79 -1.57
C ASN A 265 -18.85 46.72 -0.13
N CYS A 266 -18.19 45.91 0.70
CA CYS A 266 -18.56 45.74 2.10
C CYS A 266 -17.48 46.32 3.00
N THR A 267 -17.90 46.78 4.18
CA THR A 267 -16.97 47.42 5.10
C THR A 267 -17.47 47.35 6.53
N ARG A 268 -16.53 47.14 7.46
CA ARG A 268 -16.73 47.41 8.88
C ARG A 268 -15.87 48.63 9.24
N PRO A 269 -16.48 49.76 9.64
CA PRO A 269 -15.71 51.00 9.81
C PRO A 269 -15.09 51.20 11.18
N ASN A 270 -15.45 50.41 12.19
CA ASN A 270 -14.96 50.64 13.54
C ASN A 270 -13.47 50.37 13.63
N ASN A 271 -12.75 51.26 14.34
CA ASN A 271 -11.31 51.11 14.57
C ASN A 271 -11.12 50.28 15.83
N ASN A 272 -11.18 48.96 15.65
CA ASN A 272 -11.10 48.04 16.77
C ASN A 272 -9.67 47.96 17.31
N THR A 273 -9.57 47.49 18.55
CA THR A 273 -8.29 47.26 19.23
C THR A 273 -8.27 45.85 19.80
N ARG A 274 -7.10 45.22 19.76
CA ARG A 274 -6.92 43.85 20.23
C ARG A 274 -5.93 43.85 21.39
N LYS A 275 -6.22 43.05 22.41
CA LYS A 275 -5.33 42.87 23.55
C LYS A 275 -5.26 41.39 23.89
N SER A 276 -4.12 40.98 24.44
CA SER A 276 -3.86 39.58 24.78
C SER A 276 -3.91 39.41 26.30
N ILE A 277 -4.60 38.35 26.74
CA ILE A 277 -4.72 38.01 28.15
C ILE A 277 -4.19 36.60 28.32
N ARG A 278 -3.22 36.43 29.21
CA ARG A 278 -2.60 35.13 29.44
C ARG A 278 -3.49 34.32 30.38
N ILE A 279 -4.08 33.24 29.87
CA ILE A 279 -5.00 32.42 30.65
C ILE A 279 -4.35 31.15 31.17
N GLY A 280 -3.07 30.94 30.90
CA GLY A 280 -2.38 29.75 31.34
C GLY A 280 -0.97 29.70 30.79
N PRO A 281 -0.25 28.59 31.04
CA PRO A 281 1.10 28.46 30.49
C PRO A 281 1.09 28.35 28.98
N GLY A 282 1.55 29.39 28.30
CA GLY A 282 1.54 29.41 26.85
C GLY A 282 0.16 29.37 26.24
N GLN A 283 -0.79 30.11 26.81
CA GLN A 283 -2.15 30.18 26.30
C GLN A 283 -2.67 31.59 26.44
N ALA A 284 -3.09 32.18 25.31
CA ALA A 284 -3.51 33.57 25.26
C ALA A 284 -4.92 33.66 24.67
N PHE A 285 -5.69 34.61 25.19
CA PHE A 285 -7.03 34.92 24.72
C PHE A 285 -7.02 36.35 24.20
N TYR A 286 -7.52 36.55 22.98
CA TYR A 286 -7.50 37.84 22.32
C TYR A 286 -8.87 38.50 22.48
N ALA A 287 -8.88 39.69 23.07
CA ALA A 287 -10.10 40.40 23.42
C ALA A 287 -10.11 41.78 22.77
N THR A 288 -11.32 42.30 22.59
CA THR A 288 -11.51 43.65 22.04
C THR A 288 -11.36 44.66 23.17
N GLY A 289 -10.29 45.43 23.13
CA GLY A 289 -10.02 46.41 24.18
C GLY A 289 -11.00 47.58 24.16
N ASP A 290 -10.92 48.40 23.11
CA ASP A 290 -11.77 49.57 23.00
C ASP A 290 -11.87 49.96 21.54
N ILE A 291 -12.85 50.81 21.23
CA ILE A 291 -13.07 51.33 19.89
C ILE A 291 -12.64 52.80 19.89
N ILE A 292 -11.80 53.17 18.93
CA ILE A 292 -11.25 54.52 18.84
C ILE A 292 -12.16 55.34 17.92
N GLY A 293 -12.67 56.45 18.45
CA GLY A 293 -13.52 57.33 17.66
C GLY A 293 -14.99 57.00 17.78
N ASP A 294 -15.70 57.06 16.65
CA ASP A 294 -17.13 56.80 16.62
C ASP A 294 -17.40 55.30 16.42
N ILE A 295 -18.65 54.92 16.66
CA ILE A 295 -19.11 53.55 16.50
C ILE A 295 -20.28 53.57 15.53
N ARG A 296 -20.14 52.88 14.39
CA ARG A 296 -21.16 52.86 13.36
C ARG A 296 -21.36 51.43 12.86
N GLN A 297 -22.42 51.24 12.09
CA GLN A 297 -22.75 49.93 11.55
C GLN A 297 -21.89 49.58 10.34
N ALA A 298 -21.51 48.31 10.25
CA ALA A 298 -20.94 47.78 9.03
C ALA A 298 -22.03 47.63 7.97
N HIS A 299 -21.63 47.69 6.71
CA HIS A 299 -22.64 47.69 5.64
C HIS A 299 -22.00 47.33 4.31
N CYS A 300 -22.85 47.00 3.35
CA CYS A 300 -22.44 46.71 1.98
C CYS A 300 -23.19 47.61 1.02
N ASN A 301 -22.56 47.89 -0.12
CA ASN A 301 -23.12 48.72 -1.17
C ASN A 301 -23.14 47.95 -2.47
N VAL A 302 -24.26 48.06 -3.20
CA VAL A 302 -24.42 47.47 -4.51
C VAL A 302 -25.01 48.50 -5.45
N SER A 303 -24.49 48.58 -6.66
CA SER A 303 -25.00 49.55 -7.63
C SER A 303 -26.46 49.24 -7.98
N LYS A 304 -27.24 50.29 -8.17
CA LYS A 304 -28.67 50.16 -8.42
C LYS A 304 -28.99 49.85 -9.87
N ALA A 305 -28.43 50.62 -10.80
CA ALA A 305 -28.71 50.39 -12.22
C ALA A 305 -28.22 49.02 -12.66
N THR A 306 -27.02 48.62 -12.23
CA THR A 306 -26.51 47.30 -12.59
C THR A 306 -27.39 46.19 -12.05
N TRP A 307 -27.85 46.33 -10.80
CA TRP A 307 -28.74 45.32 -10.23
C TRP A 307 -30.05 45.25 -10.98
N ASN A 308 -30.60 46.41 -11.35
CA ASN A 308 -31.85 46.42 -12.11
C ASN A 308 -31.68 45.74 -13.47
N GLU A 309 -30.57 46.03 -14.15
CA GLU A 309 -30.31 45.39 -15.44
C GLU A 309 -30.15 43.88 -15.29
N THR A 310 -29.42 43.44 -14.26
CA THR A 310 -29.22 42.02 -14.04
C THR A 310 -30.55 41.33 -13.74
N LEU A 311 -31.40 41.97 -12.93
CA LEU A 311 -32.71 41.39 -12.65
C LEU A 311 -33.59 41.37 -13.89
N GLY A 312 -33.45 42.37 -14.77
CA GLY A 312 -34.16 42.32 -16.04
C GLY A 312 -33.75 41.13 -16.87
N LYS A 313 -32.44 40.89 -16.96
CA LYS A 313 -31.96 39.70 -17.68
C LYS A 313 -32.49 38.43 -17.04
N VAL A 314 -32.47 38.36 -15.70
CA VAL A 314 -32.88 37.15 -15.00
C VAL A 314 -34.36 36.88 -15.24
N VAL A 315 -35.20 37.91 -15.17
CA VAL A 315 -36.63 37.70 -15.40
C VAL A 315 -36.91 37.35 -16.86
N LYS A 316 -36.15 37.95 -17.78
CA LYS A 316 -36.30 37.59 -19.19
C LYS A 316 -36.01 36.11 -19.40
N GLN A 317 -34.95 35.61 -18.77
CA GLN A 317 -34.63 34.18 -18.92
C GLN A 317 -35.62 33.31 -18.17
N LEU A 318 -36.15 33.79 -17.04
CA LEU A 318 -37.12 33.00 -16.28
C LEU A 318 -38.44 32.87 -17.03
N ARG A 319 -38.81 33.87 -17.82
CA ARG A 319 -40.06 33.80 -18.56
C ARG A 319 -40.07 32.64 -19.55
N LYS A 320 -38.89 32.15 -19.95
CA LYS A 320 -38.84 31.06 -20.92
C LYS A 320 -39.48 29.78 -20.37
N HIS A 321 -39.33 29.52 -19.07
CA HIS A 321 -39.84 28.30 -18.45
C HIS A 321 -41.20 28.47 -17.81
N PHE A 322 -41.61 29.71 -17.48
CA PHE A 322 -42.82 29.96 -16.70
C PHE A 322 -43.81 30.84 -17.47
N GLY A 323 -43.83 30.71 -18.79
CA GLY A 323 -44.79 31.44 -19.60
C GLY A 323 -44.32 32.85 -19.95
N ASN A 324 -44.97 33.41 -20.98
CA ASN A 324 -44.62 34.71 -21.52
C ASN A 324 -45.50 35.84 -21.00
N ASN A 325 -46.56 35.52 -20.25
CA ASN A 325 -47.48 36.52 -19.71
C ASN A 325 -47.57 36.45 -18.19
N THR A 326 -46.59 35.83 -17.54
CA THR A 326 -46.60 35.67 -16.09
C THR A 326 -45.97 36.88 -15.41
N ILE A 327 -46.44 37.16 -14.20
CA ILE A 327 -45.92 38.23 -13.36
C ILE A 327 -44.88 37.61 -12.43
N ILE A 328 -43.67 38.15 -12.45
CA ILE A 328 -42.53 37.59 -11.73
C ILE A 328 -42.20 38.50 -10.56
N ARG A 329 -42.30 37.97 -9.34
CA ARG A 329 -42.12 38.73 -8.12
C ARG A 329 -40.85 38.29 -7.40
N PHE A 330 -40.12 39.26 -6.85
CA PHE A 330 -38.98 39.01 -5.99
C PHE A 330 -39.30 39.57 -4.61
N ALA A 331 -39.21 38.73 -3.58
CA ALA A 331 -39.64 39.06 -2.23
C ALA A 331 -38.55 38.66 -1.24
N ASN A 332 -38.86 38.86 0.05
CA ASN A 332 -37.90 38.59 1.11
C ASN A 332 -37.84 37.10 1.42
N SER A 333 -36.82 36.72 2.19
CA SER A 333 -36.67 35.34 2.62
C SER A 333 -37.77 34.97 3.60
N SER A 334 -38.04 33.67 3.69
CA SER A 334 -39.14 33.17 4.52
C SER A 334 -38.79 33.29 6.01
N GLY A 335 -37.74 32.61 6.44
CA GLY A 335 -37.33 32.65 7.83
C GLY A 335 -36.50 31.45 8.18
N GLY A 336 -36.02 31.46 9.42
CA GLY A 336 -35.19 30.39 9.94
C GLY A 336 -33.97 30.89 10.69
N ASP A 337 -32.86 30.17 10.58
CA ASP A 337 -31.63 30.57 11.24
C ASP A 337 -31.06 31.82 10.57
N LEU A 338 -30.21 32.53 11.32
CA LEU A 338 -29.57 33.72 10.78
C LEU A 338 -28.66 33.37 9.62
N GLU A 339 -28.08 32.16 9.61
CA GLU A 339 -27.21 31.75 8.51
C GLU A 339 -27.98 31.68 7.20
N VAL A 340 -29.19 31.11 7.23
CA VAL A 340 -29.98 30.92 6.00
C VAL A 340 -30.85 32.13 5.68
N THR A 341 -31.25 32.91 6.68
CA THR A 341 -32.12 34.07 6.47
C THR A 341 -31.38 35.27 5.91
N THR A 342 -30.06 35.39 6.15
CA THR A 342 -29.27 36.53 5.74
C THR A 342 -28.15 36.08 4.83
N HIS A 343 -27.57 37.03 4.11
CA HIS A 343 -26.39 36.78 3.28
C HIS A 343 -25.18 36.74 4.20
N SER A 344 -24.71 35.54 4.52
CA SER A 344 -23.60 35.35 5.44
C SER A 344 -22.31 35.08 4.68
N PHE A 345 -21.24 35.75 5.08
CA PHE A 345 -19.95 35.57 4.42
C PHE A 345 -18.84 35.99 5.37
N ASN A 346 -17.61 35.96 4.86
CA ASN A 346 -16.42 36.30 5.63
C ASN A 346 -15.59 37.30 4.84
N CYS A 347 -15.18 38.38 5.51
CA CYS A 347 -14.37 39.43 4.89
C CYS A 347 -13.23 39.77 5.84
N GLY A 348 -12.00 39.50 5.40
CA GLY A 348 -10.83 39.84 6.20
C GLY A 348 -10.81 39.16 7.56
N GLY A 349 -11.37 37.96 7.65
CA GLY A 349 -11.45 37.25 8.92
C GLY A 349 -12.61 37.67 9.80
N GLU A 350 -13.47 38.58 9.35
CA GLU A 350 -14.62 39.05 10.11
C GLU A 350 -15.88 38.47 9.49
N PHE A 351 -16.77 37.91 10.31
CA PHE A 351 -17.91 37.15 9.82
C PHE A 351 -19.14 38.05 9.77
N PHE A 352 -19.55 38.38 8.55
CA PHE A 352 -20.65 39.27 8.25
C PHE A 352 -21.94 38.50 7.99
N TYR A 353 -23.06 39.09 8.40
CA TYR A 353 -24.40 38.63 8.04
C TYR A 353 -25.18 39.86 7.61
N CYS A 354 -25.47 39.97 6.33
CA CYS A 354 -26.10 41.16 5.75
C CYS A 354 -27.56 40.89 5.41
N ASN A 355 -28.36 41.94 5.49
CA ASN A 355 -29.81 41.89 5.31
C ASN A 355 -30.11 42.25 3.85
N THR A 356 -30.23 41.22 3.00
CA THR A 356 -30.51 41.41 1.59
C THR A 356 -32.03 41.51 1.37
N SER A 357 -32.59 42.61 1.87
CA SER A 357 -34.01 42.90 1.73
C SER A 357 -34.31 43.94 0.66
N GLY A 358 -33.39 44.85 0.38
CA GLY A 358 -33.56 45.83 -0.67
C GLY A 358 -33.28 45.32 -2.06
N LEU A 359 -32.62 44.16 -2.19
CA LEU A 359 -32.33 43.60 -3.49
C LEU A 359 -33.53 42.84 -4.06
N PHE A 360 -34.05 41.87 -3.29
CA PHE A 360 -35.13 41.01 -3.74
C PHE A 360 -36.46 41.56 -3.25
N ASN A 361 -36.84 42.71 -3.81
CA ASN A 361 -38.11 43.35 -3.46
C ASN A 361 -38.58 44.13 -4.69
N SER A 362 -39.41 43.49 -5.51
CA SER A 362 -39.91 44.12 -6.73
C SER A 362 -40.89 43.18 -7.42
N THR A 363 -41.57 43.71 -8.43
CA THR A 363 -42.48 42.93 -9.27
C THR A 363 -42.26 43.34 -10.72
N TRP A 364 -42.30 42.36 -11.62
CA TRP A 364 -42.09 42.57 -13.05
C TRP A 364 -43.30 42.02 -13.79
N ILE A 365 -43.81 42.81 -14.73
CA ILE A 365 -45.00 42.48 -15.51
C ILE A 365 -44.63 42.37 -16.97
N SER A 366 -45.21 41.40 -17.67
CA SER A 366 -44.93 41.22 -19.09
C SER A 366 -45.36 42.46 -19.88
N ASN A 367 -44.51 42.90 -20.78
CA ASN A 367 -44.79 44.07 -21.61
C ASN A 367 -43.91 44.10 -22.85
N SER A 378 -28.66 56.57 -11.57
CA SER A 378 -27.58 57.48 -11.89
C SER A 378 -26.28 57.03 -11.22
N ASN A 379 -26.14 57.36 -9.92
CA ASN A 379 -24.97 56.94 -9.14
C ASN A 379 -25.33 56.42 -7.75
N ASP A 380 -26.56 56.62 -7.28
CA ASP A 380 -26.95 56.11 -5.97
C ASP A 380 -26.89 54.59 -5.96
N SER A 381 -26.72 54.04 -4.76
CA SER A 381 -26.53 52.60 -4.57
C SER A 381 -27.41 52.11 -3.43
N ILE A 382 -27.72 50.82 -3.48
CA ILE A 382 -28.48 50.15 -2.42
C ILE A 382 -27.52 49.78 -1.30
N THR A 383 -27.88 50.15 -0.07
CA THR A 383 -27.07 49.90 1.11
C THR A 383 -27.74 48.82 1.95
N LEU A 384 -27.00 47.75 2.22
CA LEU A 384 -27.47 46.63 3.02
C LEU A 384 -26.78 46.67 4.38
N PRO A 385 -27.49 46.86 5.50
CA PRO A 385 -26.82 46.80 6.80
C PRO A 385 -26.45 45.37 7.16
N CYS A 386 -25.37 45.24 7.93
CA CYS A 386 -24.82 43.93 8.29
C CYS A 386 -24.47 43.89 9.77
N ARG A 387 -24.44 42.67 10.30
CA ARG A 387 -24.07 42.39 11.68
C ARG A 387 -22.88 41.43 11.70
N ILE A 388 -21.94 41.70 12.61
CA ILE A 388 -20.73 40.90 12.75
C ILE A 388 -20.92 39.91 13.88
N LYS A 389 -20.34 38.72 13.71
CA LYS A 389 -20.39 37.69 14.74
C LYS A 389 -19.00 37.12 14.99
N GLN A 390 -18.87 36.47 16.15
CA GLN A 390 -17.59 35.90 16.60
C GLN A 390 -17.64 34.42 16.95
N ILE A 391 -18.78 33.90 17.38
CA ILE A 391 -18.95 32.47 17.63
C ILE A 391 -19.65 31.88 16.41
N ILE A 392 -18.96 30.95 15.74
CA ILE A 392 -19.34 30.50 14.41
C ILE A 392 -19.55 29.00 14.42
N ASN A 393 -20.67 28.55 13.85
CA ASN A 393 -20.91 27.16 13.49
C ASN A 393 -20.94 27.13 11.97
N MET A 394 -19.77 26.93 11.36
CA MET A 394 -19.63 27.09 9.91
C MET A 394 -20.54 26.12 9.15
N TRP A 395 -20.29 24.83 9.32
CA TRP A 395 -21.10 23.81 8.65
C TRP A 395 -22.34 23.49 9.49
N GLN A 396 -23.30 22.83 8.86
CA GLN A 396 -24.56 22.53 9.53
C GLN A 396 -24.35 21.43 10.57
N ARG A 397 -23.67 21.78 11.65
CA ARG A 397 -23.35 20.84 12.73
C ARG A 397 -23.66 21.52 14.06
N ILE A 398 -23.92 20.68 15.07
CA ILE A 398 -24.23 21.14 16.42
C ILE A 398 -23.24 20.49 17.37
N GLY A 399 -22.68 21.29 18.27
CA GLY A 399 -21.69 20.82 19.22
C GLY A 399 -20.25 21.17 18.89
N GLN A 400 -20.01 21.93 17.83
CA GLN A 400 -18.66 22.34 17.46
C GLN A 400 -18.73 23.76 16.92
N CYS A 401 -18.45 24.75 17.77
CA CYS A 401 -18.41 26.14 17.38
C CYS A 401 -16.97 26.55 17.11
N MET A 402 -16.74 27.84 16.89
CA MET A 402 -15.40 28.37 16.73
C MET A 402 -15.41 29.85 17.06
N TYR A 403 -14.36 30.32 17.72
CA TYR A 403 -14.23 31.71 18.13
C TYR A 403 -13.26 32.42 17.19
N ALA A 404 -13.71 33.51 16.59
CA ALA A 404 -12.88 34.29 15.68
C ALA A 404 -12.23 35.44 16.44
N PRO A 405 -10.90 35.53 16.54
CA PRO A 405 -10.30 36.65 17.26
C PRO A 405 -10.58 37.95 16.53
N PRO A 406 -10.65 39.06 17.25
CA PRO A 406 -10.94 40.35 16.59
C PRO A 406 -9.82 40.76 15.65
N ILE A 407 -10.19 41.51 14.62
CA ILE A 407 -9.25 42.08 13.66
C ILE A 407 -9.01 43.53 14.04
N GLN A 408 -7.75 43.96 13.97
CA GLN A 408 -7.36 45.30 14.39
C GLN A 408 -7.61 46.28 13.26
N GLY A 409 -8.26 47.39 13.57
CA GLY A 409 -8.47 48.46 12.61
C GLY A 409 -9.69 48.27 11.73
N VAL A 410 -9.81 49.19 10.79
CA VAL A 410 -10.92 49.22 9.85
C VAL A 410 -10.73 48.11 8.82
N ILE A 411 -11.83 47.55 8.32
CA ILE A 411 -11.74 46.51 7.29
C ILE A 411 -12.71 46.81 6.16
N ARG A 412 -12.28 46.57 4.94
CA ARG A 412 -13.08 46.79 3.74
C ARG A 412 -12.72 45.74 2.71
N CYS A 413 -13.69 45.39 1.86
CA CYS A 413 -13.47 44.42 0.81
C CYS A 413 -14.44 44.68 -0.34
N VAL A 414 -14.08 44.17 -1.51
CA VAL A 414 -14.91 44.28 -2.71
C VAL A 414 -14.95 42.93 -3.39
N SER A 415 -16.12 42.58 -3.95
CA SER A 415 -16.32 41.26 -4.52
C SER A 415 -17.26 41.36 -5.73
N ASN A 416 -17.25 40.29 -6.52
CA ASN A 416 -18.13 40.13 -7.67
C ASN A 416 -19.26 39.17 -7.32
N ILE A 417 -20.49 39.57 -7.61
CA ILE A 417 -21.64 38.66 -7.57
C ILE A 417 -21.80 38.07 -8.96
N THR A 418 -21.83 36.74 -9.04
CA THR A 418 -21.88 36.01 -10.30
C THR A 418 -22.94 34.92 -10.29
N GLY A 419 -23.94 35.04 -9.43
CA GLY A 419 -25.00 34.06 -9.42
C GLY A 419 -25.87 34.18 -8.18
N LEU A 420 -26.95 33.41 -8.20
CA LEU A 420 -27.95 33.41 -7.13
C LEU A 420 -28.46 32.00 -6.92
N ILE A 421 -28.97 31.76 -5.70
CA ILE A 421 -29.68 30.54 -5.35
C ILE A 421 -31.09 30.96 -4.94
N LEU A 422 -32.08 30.60 -5.75
CA LEU A 422 -33.46 31.01 -5.54
C LEU A 422 -34.34 29.81 -5.21
N THR A 423 -35.49 30.10 -4.60
CA THR A 423 -36.50 29.10 -4.31
C THR A 423 -37.87 29.67 -4.65
N ARG A 424 -38.69 28.86 -5.30
CA ARG A 424 -40.04 29.26 -5.70
C ARG A 424 -41.02 28.82 -4.62
N ASP A 425 -41.76 29.78 -4.07
CA ASP A 425 -42.75 29.50 -3.03
C ASP A 425 -44.11 29.20 -3.65
N GLY A 426 -44.87 28.35 -2.97
CA GLY A 426 -46.20 28.00 -3.43
C GLY A 426 -46.20 27.37 -4.80
N GLY A 427 -46.66 28.10 -5.81
CA GLY A 427 -46.68 27.64 -7.17
C GLY A 427 -47.96 26.96 -7.62
N SER A 428 -49.04 27.08 -6.85
CA SER A 428 -50.29 26.45 -7.24
C SER A 428 -50.88 27.13 -8.47
N THR A 429 -51.80 26.41 -9.13
CA THR A 429 -52.42 26.93 -10.35
C THR A 429 -53.46 28.00 -10.08
N ASN A 430 -53.77 28.28 -8.81
CA ASN A 430 -54.80 29.27 -8.50
C ASN A 430 -54.43 30.65 -9.02
N SER A 431 -53.18 31.05 -8.87
CA SER A 431 -52.70 32.37 -9.25
C SER A 431 -51.71 32.28 -10.40
N THR A 432 -51.62 33.37 -11.16
CA THR A 432 -50.71 33.48 -12.29
C THR A 432 -49.50 34.35 -11.97
N THR A 433 -49.15 34.46 -10.69
CA THR A 433 -47.99 35.22 -10.24
C THR A 433 -47.00 34.25 -9.60
N GLU A 434 -45.76 34.29 -10.07
CA GLU A 434 -44.68 33.48 -9.54
C GLU A 434 -43.76 34.34 -8.70
N THR A 435 -43.57 33.96 -7.44
CA THR A 435 -42.73 34.68 -6.49
C THR A 435 -41.51 33.84 -6.16
N PHE A 436 -40.33 34.43 -6.31
CA PHE A 436 -39.06 33.78 -6.01
C PHE A 436 -38.42 34.47 -4.82
N ARG A 437 -37.86 33.67 -3.91
CA ARG A 437 -37.25 34.17 -2.69
C ARG A 437 -35.81 33.67 -2.60
N PRO A 438 -34.96 34.37 -1.84
CA PRO A 438 -33.59 33.88 -1.66
C PRO A 438 -33.56 32.57 -0.90
N GLY A 439 -32.51 31.79 -1.17
CA GLY A 439 -32.30 30.52 -0.48
C GLY A 439 -30.83 30.26 -0.23
N GLY A 440 -30.50 29.08 0.27
CA GLY A 440 -29.12 28.72 0.54
C GLY A 440 -29.05 27.72 1.67
N GLY A 441 -28.00 27.87 2.48
CA GLY A 441 -27.77 26.98 3.62
C GLY A 441 -26.85 25.82 3.30
N ASP A 442 -27.28 24.94 2.39
CA ASP A 442 -26.47 23.79 2.01
C ASP A 442 -25.33 24.26 1.10
N MET A 443 -24.09 23.96 1.50
CA MET A 443 -22.93 24.44 0.78
C MET A 443 -22.59 23.60 -0.44
N ARG A 444 -23.16 22.39 -0.56
CA ARG A 444 -22.89 21.57 -1.74
C ARG A 444 -23.30 22.30 -3.02
N ASP A 445 -24.39 23.07 -2.96
CA ASP A 445 -24.81 23.88 -4.10
C ASP A 445 -23.69 24.81 -4.54
N ASN A 446 -22.98 25.42 -3.59
CA ASN A 446 -21.88 26.30 -3.95
C ASN A 446 -20.80 25.55 -4.71
N TRP A 447 -20.58 24.27 -4.36
CA TRP A 447 -19.65 23.45 -5.13
C TRP A 447 -20.26 22.97 -6.43
N ARG A 448 -21.60 22.86 -6.49
CA ARG A 448 -22.24 22.32 -7.68
C ARG A 448 -22.17 23.30 -8.85
N SER A 449 -22.14 24.60 -8.57
CA SER A 449 -22.13 25.60 -9.63
C SER A 449 -20.80 25.65 -10.38
N GLU A 450 -19.75 25.01 -9.87
CA GLU A 450 -18.43 25.04 -10.49
C GLU A 450 -18.07 23.74 -11.21
N LEU A 451 -18.50 22.58 -10.67
CA LEU A 451 -18.17 21.28 -11.24
C LEU A 451 -19.30 20.73 -12.10
N TYR A 452 -20.07 21.60 -12.74
CA TYR A 452 -21.23 21.16 -13.51
C TYR A 452 -20.84 20.56 -14.86
N LYS A 453 -19.67 20.89 -15.40
CA LYS A 453 -19.26 20.47 -16.72
C LYS A 453 -18.14 19.43 -16.69
N TYR A 454 -18.02 18.67 -15.60
CA TYR A 454 -16.99 17.66 -15.44
C TYR A 454 -17.60 16.32 -15.05
N LYS A 455 -16.98 15.24 -15.51
CA LYS A 455 -17.35 13.91 -15.06
C LYS A 455 -16.13 13.01 -15.11
N VAL A 456 -16.21 11.90 -14.39
CA VAL A 456 -15.10 10.95 -14.24
C VAL A 456 -15.53 9.61 -14.83
N VAL A 457 -14.63 9.01 -15.62
CA VAL A 457 -14.87 7.70 -16.22
C VAL A 457 -13.62 6.84 -16.02
N LYS A 458 -13.79 5.53 -16.19
CA LYS A 458 -12.71 4.57 -16.06
C LYS A 458 -12.59 3.78 -17.36
N ILE A 459 -11.35 3.54 -17.78
CA ILE A 459 -11.05 2.99 -19.10
C ILE A 459 -11.20 1.47 -19.06
N GLU A 460 -11.62 0.90 -20.19
CA GLU A 460 -11.80 -0.55 -20.37
C GLU A 460 -10.97 -0.98 -21.57
N PRO A 461 -9.71 -1.38 -21.38
CA PRO A 461 -8.83 -1.59 -22.54
C PRO A 461 -9.10 -2.88 -23.32
N LEU A 462 -9.59 -3.94 -22.69
CA LEU A 462 -9.77 -5.20 -23.38
C LEU A 462 -10.92 -5.10 -24.38
N GLY A 463 -10.71 -5.71 -25.54
CA GLY A 463 -11.73 -5.73 -26.59
C GLY A 463 -11.63 -6.98 -27.42
N VAL A 464 -12.76 -7.36 -28.01
CA VAL A 464 -12.87 -8.58 -28.81
C VAL A 464 -13.58 -8.22 -30.12
N ALA A 465 -13.10 -8.79 -31.23
CA ALA A 465 -13.68 -8.52 -32.54
C ALA A 465 -13.68 -9.81 -33.35
N PRO A 466 -14.50 -9.90 -34.51
CA PRO A 466 -14.13 -10.89 -35.45
C PRO A 466 -13.01 -10.54 -36.42
N THR A 467 -12.25 -11.54 -36.85
CA THR A 467 -11.09 -11.29 -37.70
C THR A 467 -10.76 -12.58 -38.45
N ARG A 468 -10.04 -12.42 -39.57
CA ARG A 468 -9.79 -13.50 -40.52
C ARG A 468 -8.47 -14.24 -40.31
N CYS A 469 -7.85 -14.16 -39.13
CA CYS A 469 -6.65 -14.95 -38.86
C CYS A 469 -7.01 -16.42 -38.69
N LYS A 470 -6.00 -17.20 -38.28
CA LYS A 470 -6.19 -18.44 -37.54
C LYS A 470 -4.88 -18.76 -36.83
N ARG A 471 -4.94 -18.86 -35.50
CA ARG A 471 -3.75 -19.18 -34.71
C ARG A 471 -3.23 -20.55 -35.11
N ALA B 1 7.64 23.72 -47.65
CA ALA B 1 7.70 22.89 -46.45
C ALA B 1 7.86 23.75 -45.19
N VAL B 2 7.34 24.96 -45.25
CA VAL B 2 7.35 25.89 -44.12
C VAL B 2 5.94 26.43 -43.93
N GLY B 3 5.53 26.54 -42.67
CA GLY B 3 4.17 26.95 -42.35
C GLY B 3 3.20 25.82 -42.19
N ILE B 4 3.67 24.61 -41.86
CA ILE B 4 2.83 23.43 -41.74
C ILE B 4 2.89 22.94 -40.29
N GLY B 5 1.74 22.61 -39.73
CA GLY B 5 1.65 22.09 -38.38
C GLY B 5 1.52 20.58 -38.38
N ALA B 6 2.13 19.94 -37.37
CA ALA B 6 2.09 18.49 -37.20
C ALA B 6 1.46 18.19 -35.85
N VAL B 7 0.36 17.44 -35.87
CA VAL B 7 -0.40 17.09 -34.67
C VAL B 7 -0.68 15.60 -34.70
N PHE B 8 -0.47 14.94 -33.56
CA PHE B 8 -0.72 13.52 -33.40
C PHE B 8 -1.98 13.31 -32.57
N LEU B 9 -2.72 12.25 -32.86
CA LEU B 9 -3.86 11.88 -32.02
C LEU B 9 -3.35 11.48 -30.63
N GLY B 10 -3.89 12.12 -29.61
CA GLY B 10 -3.42 11.96 -28.24
C GLY B 10 -4.40 11.17 -27.39
N PHE B 11 -3.86 10.22 -26.62
CA PHE B 11 -4.60 9.40 -25.68
C PHE B 11 -5.91 8.88 -26.27
N LEU B 12 -7.06 9.46 -25.89
CA LEU B 12 -8.36 9.02 -26.36
C LEU B 12 -8.81 9.74 -27.64
N GLY B 13 -7.85 10.23 -28.44
CA GLY B 13 -8.23 10.96 -29.64
C GLY B 13 -9.00 10.11 -30.63
N ALA B 14 -8.68 8.82 -30.70
CA ALA B 14 -9.35 7.90 -31.61
C ALA B 14 -10.63 7.32 -31.05
N ALA B 15 -11.21 7.93 -30.01
CA ALA B 15 -12.44 7.42 -29.43
C ALA B 15 -13.61 7.51 -30.40
N GLY B 16 -13.59 8.51 -31.30
CA GLY B 16 -14.63 8.71 -32.27
C GLY B 16 -14.34 8.16 -33.65
N SER B 17 -13.13 7.68 -33.90
CA SER B 17 -12.78 7.13 -35.20
C SER B 17 -13.31 5.71 -35.34
N THR B 18 -13.21 5.17 -36.55
CA THR B 18 -13.67 3.81 -36.80
C THR B 18 -12.75 2.81 -36.11
N MET B 19 -13.19 1.55 -36.07
CA MET B 19 -12.43 0.51 -35.39
C MET B 19 -11.07 0.30 -36.05
N GLY B 20 -11.05 0.23 -37.38
CA GLY B 20 -9.79 0.02 -38.09
C GLY B 20 -8.80 1.15 -37.85
N ALA B 21 -9.28 2.40 -37.91
CA ALA B 21 -8.41 3.53 -37.64
C ALA B 21 -8.00 3.59 -36.17
N ALA B 22 -8.91 3.26 -35.25
CA ALA B 22 -8.58 3.28 -33.83
C ALA B 22 -7.63 2.17 -33.42
N SER B 23 -7.52 1.10 -34.22
CA SER B 23 -6.66 -0.03 -33.90
C SER B 23 -5.18 0.23 -34.22
N MET B 24 -4.83 1.44 -34.68
CA MET B 24 -3.45 1.78 -35.02
C MET B 24 -2.77 2.59 -33.92
N THR B 25 -3.42 2.80 -32.77
CA THR B 25 -2.87 3.59 -31.69
C THR B 25 -3.09 2.92 -30.33
N LEU B 26 -3.01 1.59 -30.29
CA LEU B 26 -3.27 0.88 -29.04
C LEU B 26 -2.19 1.17 -27.99
N THR B 27 -0.95 1.40 -28.42
CA THR B 27 0.12 1.65 -27.46
C THR B 27 -0.12 2.91 -26.65
N VAL B 28 -0.74 3.93 -27.25
CA VAL B 28 -0.94 5.20 -26.55
C VAL B 28 -1.84 4.98 -25.34
N GLN B 29 -2.95 4.25 -25.53
CA GLN B 29 -3.81 3.93 -24.41
C GLN B 29 -3.17 2.94 -23.46
N ALA B 30 -2.44 1.96 -23.99
CA ALA B 30 -1.85 0.92 -23.15
C ALA B 30 -0.84 1.50 -22.16
N ARG B 31 -0.03 2.46 -22.62
CA ARG B 31 0.99 3.04 -21.75
C ARG B 31 0.39 3.81 -20.57
N ASN B 32 -0.86 4.28 -20.69
CA ASN B 32 -1.47 5.13 -19.69
C ASN B 32 -2.21 4.36 -18.59
N LEU B 33 -2.37 3.04 -18.74
CA LEU B 33 -3.06 2.27 -17.71
C LEU B 33 -2.25 2.15 -16.43
N LEU B 34 -0.92 2.23 -16.52
CA LEU B 34 -0.05 2.10 -15.35
C LEU B 34 0.29 3.43 -14.71
N SER B 35 0.51 4.48 -15.50
CA SER B 35 0.81 5.80 -14.97
C SER B 35 0.91 6.82 -16.10
N THR B 58 -2.43 12.11 7.17
CA THR B 58 -2.14 10.68 7.25
C THR B 58 -3.29 9.87 6.66
N VAL B 59 -4.52 10.31 6.92
CA VAL B 59 -5.68 9.57 6.45
C VAL B 59 -5.78 9.59 4.93
N TRP B 60 -5.42 10.71 4.31
CA TRP B 60 -5.49 10.81 2.86
C TRP B 60 -4.45 9.93 2.18
N GLY B 61 -3.29 9.75 2.82
CA GLY B 61 -2.30 8.84 2.28
C GLY B 61 -2.84 7.42 2.15
N ILE B 62 -3.68 7.01 3.10
CA ILE B 62 -4.27 5.67 3.03
C ILE B 62 -5.13 5.55 1.79
N LYS B 63 -5.97 6.56 1.52
CA LYS B 63 -6.83 6.50 0.34
C LYS B 63 -6.01 6.52 -0.95
N GLN B 64 -4.98 7.37 -1.01
CA GLN B 64 -4.14 7.42 -2.20
C GLN B 64 -3.46 6.08 -2.45
N LEU B 65 -2.91 5.48 -1.40
CA LEU B 65 -2.24 4.19 -1.54
C LEU B 65 -3.23 3.10 -1.92
N GLN B 66 -4.45 3.15 -1.37
CA GLN B 66 -5.48 2.20 -1.76
C GLN B 66 -5.80 2.32 -3.25
N ALA B 67 -5.91 3.55 -3.75
CA ALA B 67 -6.17 3.74 -5.17
C ALA B 67 -5.02 3.19 -6.02
N ARG B 68 -3.78 3.44 -5.60
CA ARG B 68 -2.64 2.93 -6.35
C ARG B 68 -2.63 1.40 -6.36
N VAL B 69 -2.91 0.79 -5.21
CA VAL B 69 -2.94 -0.67 -5.13
C VAL B 69 -4.05 -1.23 -6.00
N LEU B 70 -5.21 -0.57 -6.02
CA LEU B 70 -6.31 -1.02 -6.86
C LEU B 70 -5.94 -0.94 -8.34
N ALA B 71 -5.26 0.14 -8.74
CA ALA B 71 -4.83 0.25 -10.13
C ALA B 71 -3.85 -0.87 -10.49
N VAL B 72 -2.89 -1.14 -9.60
CA VAL B 72 -1.92 -2.20 -9.86
C VAL B 72 -2.64 -3.55 -9.96
N GLU B 73 -3.60 -3.79 -9.08
CA GLU B 73 -4.33 -5.05 -9.10
C GLU B 73 -5.13 -5.21 -10.38
N ARG B 74 -5.76 -4.14 -10.85
CA ARG B 74 -6.50 -4.20 -12.11
C ARG B 74 -5.57 -4.50 -13.27
N TYR B 75 -4.41 -3.85 -13.30
CA TYR B 75 -3.45 -4.11 -14.37
C TYR B 75 -2.98 -5.56 -14.36
N LEU B 76 -2.67 -6.08 -13.16
CA LEU B 76 -2.22 -7.46 -13.07
C LEU B 76 -3.32 -8.44 -13.45
N ARG B 77 -4.57 -8.14 -13.08
CA ARG B 77 -5.69 -8.99 -13.48
C ARG B 77 -5.82 -9.04 -14.98
N ASP B 78 -5.74 -7.88 -15.64
CA ASP B 78 -5.85 -7.85 -17.10
C ASP B 78 -4.70 -8.62 -17.74
N GLN B 79 -3.47 -8.46 -17.21
CA GLN B 79 -2.34 -9.16 -17.78
C GLN B 79 -2.47 -10.67 -17.59
N GLN B 80 -2.95 -11.11 -16.43
CA GLN B 80 -3.18 -12.54 -16.21
C GLN B 80 -4.23 -13.08 -17.16
N LEU B 81 -5.31 -12.33 -17.38
CA LEU B 81 -6.35 -12.76 -18.31
C LEU B 81 -5.79 -12.91 -19.71
N LEU B 82 -4.95 -11.95 -20.14
CA LEU B 82 -4.32 -12.05 -21.44
C LEU B 82 -3.40 -13.27 -21.51
N GLY B 83 -2.62 -13.50 -20.46
CA GLY B 83 -1.66 -14.59 -20.49
C GLY B 83 -2.32 -15.96 -20.52
N ILE B 84 -3.44 -16.11 -19.80
CA ILE B 84 -4.11 -17.41 -19.75
C ILE B 84 -4.63 -17.82 -21.13
N TRP B 85 -4.91 -16.86 -22.01
CA TRP B 85 -5.40 -17.16 -23.36
C TRP B 85 -4.28 -17.41 -24.35
N GLY B 86 -3.02 -17.31 -23.94
CA GLY B 86 -1.91 -17.46 -24.86
C GLY B 86 -1.52 -16.20 -25.61
N CYS B 87 -2.13 -15.05 -25.28
CA CYS B 87 -1.83 -13.78 -25.93
C CYS B 87 -0.89 -12.93 -25.10
N SER B 88 0.02 -13.55 -24.36
CA SER B 88 0.94 -12.81 -23.51
C SER B 88 1.91 -11.98 -24.35
N GLY B 89 2.11 -10.73 -23.96
CA GLY B 89 3.07 -9.88 -24.63
C GLY B 89 2.67 -9.41 -26.02
N LYS B 90 1.38 -9.38 -26.33
CA LYS B 90 0.89 -8.96 -27.64
C LYS B 90 -0.29 -8.00 -27.47
N LEU B 91 -0.34 -7.00 -28.34
CA LEU B 91 -1.46 -6.07 -28.40
C LEU B 91 -2.56 -6.54 -29.35
N ILE B 92 -2.19 -7.10 -30.49
CA ILE B 92 -3.13 -7.73 -31.42
C ILE B 92 -2.77 -9.20 -31.49
N CYS B 93 -3.59 -10.05 -30.87
CA CYS B 93 -3.37 -11.49 -30.81
C CYS B 93 -4.65 -12.18 -31.24
N CYS B 94 -4.63 -12.77 -32.43
CA CYS B 94 -5.77 -13.51 -32.94
C CYS B 94 -5.64 -14.99 -32.65
N THR B 95 -6.79 -15.63 -32.40
CA THR B 95 -6.92 -16.90 -31.69
C THR B 95 -7.54 -17.95 -32.62
N ASN B 96 -7.92 -19.09 -32.03
CA ASN B 96 -8.47 -20.22 -32.78
C ASN B 96 -9.97 -20.41 -32.59
N VAL B 97 -10.60 -19.68 -31.68
CA VAL B 97 -12.03 -19.88 -31.41
C VAL B 97 -12.85 -19.34 -32.58
N PRO B 98 -13.73 -20.13 -33.19
CA PRO B 98 -14.56 -19.59 -34.27
C PRO B 98 -15.61 -18.62 -33.74
N TRP B 99 -16.04 -17.73 -34.63
CA TRP B 99 -17.01 -16.69 -34.28
C TRP B 99 -18.42 -17.24 -34.50
N ASN B 100 -19.12 -17.51 -33.40
CA ASN B 100 -20.51 -17.93 -33.49
C ASN B 100 -21.35 -16.81 -34.07
N SER B 101 -22.21 -17.16 -35.03
CA SER B 101 -23.03 -16.14 -35.69
C SER B 101 -24.09 -15.57 -34.76
N SER B 102 -24.45 -16.28 -33.69
CA SER B 102 -25.44 -15.78 -32.75
C SER B 102 -24.96 -14.52 -32.02
N TRP B 103 -23.65 -14.38 -31.83
CA TRP B 103 -23.13 -13.20 -31.13
C TRP B 103 -23.36 -11.94 -31.97
N SER B 104 -23.10 -12.00 -33.27
CA SER B 104 -23.30 -10.85 -34.14
C SER B 104 -23.35 -11.29 -35.61
N ASN B 105 -24.38 -10.88 -36.33
CA ASN B 105 -24.58 -11.27 -37.72
C ASN B 105 -23.94 -10.30 -38.71
N ARG B 106 -23.43 -9.17 -38.25
CA ARG B 106 -22.88 -8.17 -39.16
C ARG B 106 -21.57 -8.66 -39.78
N ASN B 107 -21.35 -8.24 -41.03
CA ASN B 107 -20.14 -8.62 -41.75
C ASN B 107 -19.01 -7.63 -41.45
N LEU B 108 -17.81 -7.98 -41.91
CA LEU B 108 -16.63 -7.17 -41.63
C LEU B 108 -16.73 -5.78 -42.25
N SER B 109 -17.46 -5.65 -43.36
CA SER B 109 -17.58 -4.35 -44.03
C SER B 109 -18.28 -3.34 -43.13
N GLU B 110 -19.31 -3.79 -42.40
CA GLU B 110 -20.12 -2.92 -41.56
C GLU B 110 -19.63 -2.85 -40.12
N ILE B 111 -18.48 -3.45 -39.81
CA ILE B 111 -17.91 -3.46 -38.47
C ILE B 111 -16.64 -2.61 -38.40
N TRP B 112 -15.66 -2.92 -39.26
CA TRP B 112 -14.36 -2.29 -39.19
C TRP B 112 -14.27 -0.95 -39.93
N ASP B 113 -15.32 -0.57 -40.68
CA ASP B 113 -15.31 0.67 -41.44
C ASP B 113 -16.54 1.53 -41.21
N ASN B 114 -17.54 1.08 -40.43
CA ASN B 114 -18.76 1.83 -40.21
C ASN B 114 -19.23 1.75 -38.76
N MET B 115 -18.30 1.62 -37.82
CA MET B 115 -18.66 1.54 -36.41
C MET B 115 -17.44 1.90 -35.57
N THR B 116 -17.69 2.08 -34.27
CA THR B 116 -16.68 2.48 -33.31
C THR B 116 -16.62 1.48 -32.16
N TRP B 117 -15.51 1.50 -31.43
CA TRP B 117 -15.31 0.53 -30.36
C TRP B 117 -16.36 0.66 -29.27
N LEU B 118 -16.78 1.88 -28.94
CA LEU B 118 -17.82 2.06 -27.93
C LEU B 118 -19.13 1.42 -28.36
N GLN B 119 -19.52 1.62 -29.62
CA GLN B 119 -20.76 1.02 -30.11
C GLN B 119 -20.66 -0.50 -30.10
N TRP B 120 -19.51 -1.04 -30.50
CA TRP B 120 -19.33 -2.49 -30.49
C TRP B 120 -19.41 -3.05 -29.07
N ASP B 121 -18.77 -2.36 -28.12
CA ASP B 121 -18.84 -2.80 -26.72
C ASP B 121 -20.27 -2.78 -26.22
N LYS B 122 -21.02 -1.73 -26.55
CA LYS B 122 -22.44 -1.70 -26.17
C LYS B 122 -23.20 -2.85 -26.81
N GLU B 123 -22.85 -3.20 -28.05
CA GLU B 123 -23.58 -4.25 -28.75
C GLU B 123 -23.33 -5.63 -28.12
N ILE B 124 -22.07 -5.96 -27.88
CA ILE B 124 -21.69 -7.32 -27.45
C ILE B 124 -21.42 -7.38 -25.95
N SER B 125 -22.02 -6.49 -25.16
CA SER B 125 -21.76 -6.46 -23.72
C SER B 125 -22.32 -7.67 -22.99
N ASN B 126 -23.16 -8.50 -23.64
CA ASN B 126 -23.83 -9.61 -22.98
C ASN B 126 -23.32 -10.99 -23.43
N TYR B 127 -22.34 -11.04 -24.34
CA TYR B 127 -21.77 -12.29 -24.81
C TYR B 127 -20.26 -12.36 -24.53
N THR B 128 -19.83 -11.77 -23.42
CA THR B 128 -18.40 -11.61 -23.16
C THR B 128 -17.79 -12.76 -22.37
N GLN B 129 -18.46 -13.22 -21.31
CA GLN B 129 -17.86 -14.22 -20.42
C GLN B 129 -17.72 -15.57 -21.12
N ILE B 130 -18.71 -15.95 -21.92
CA ILE B 130 -18.65 -17.24 -22.61
C ILE B 130 -17.46 -17.28 -23.56
N ILE B 131 -17.18 -16.16 -24.23
CA ILE B 131 -16.01 -16.10 -25.10
C ILE B 131 -14.73 -16.28 -24.29
N TYR B 132 -14.68 -15.71 -23.10
CA TYR B 132 -13.50 -15.86 -22.24
C TYR B 132 -13.31 -17.32 -21.86
N GLY B 133 -14.39 -18.00 -21.48
CA GLY B 133 -14.28 -19.41 -21.14
C GLY B 133 -13.85 -20.27 -22.32
N LEU B 134 -14.40 -19.98 -23.50
CA LEU B 134 -13.98 -20.70 -24.69
C LEU B 134 -12.50 -20.49 -24.99
N LEU B 135 -12.02 -19.25 -24.84
CA LEU B 135 -10.60 -18.99 -25.04
C LEU B 135 -9.74 -19.76 -24.05
N GLU B 136 -10.17 -19.78 -22.78
CA GLU B 136 -9.42 -20.51 -21.75
C GLU B 136 -9.31 -21.99 -22.11
N GLU B 137 -10.45 -22.62 -22.42
CA GLU B 137 -10.42 -24.05 -22.71
C GLU B 137 -9.63 -24.35 -23.98
N SER B 138 -9.75 -23.48 -25.00
CA SER B 138 -8.99 -23.68 -26.22
C SER B 138 -7.49 -23.60 -25.96
N GLN B 139 -7.06 -22.62 -25.17
CA GLN B 139 -5.63 -22.51 -24.86
C GLN B 139 -5.14 -23.71 -24.06
N ASN B 140 -5.96 -24.20 -23.12
CA ASN B 140 -5.58 -25.39 -22.37
C ASN B 140 -5.40 -26.59 -23.30
N GLN B 141 -6.33 -26.78 -24.23
CA GLN B 141 -6.21 -27.88 -25.19
C GLN B 141 -4.98 -27.71 -26.06
N GLN B 142 -4.69 -26.48 -26.49
CA GLN B 142 -3.50 -26.25 -27.30
C GLN B 142 -2.23 -26.57 -26.53
N GLU B 143 -2.15 -26.18 -25.25
CA GLU B 143 -0.98 -26.50 -24.46
C GLU B 143 -0.82 -28.01 -24.29
N LYS B 144 -1.93 -28.72 -24.04
CA LYS B 144 -1.86 -30.17 -23.92
C LYS B 144 -1.35 -30.80 -25.21
N ASN B 145 -1.88 -30.36 -26.35
CA ASN B 145 -1.47 -30.91 -27.64
C ASN B 145 0.00 -30.61 -27.93
N GLU B 146 0.46 -29.41 -27.57
CA GLU B 146 1.87 -29.07 -27.76
C GLU B 146 2.76 -29.97 -26.92
N GLN B 147 2.37 -30.21 -25.67
CA GLN B 147 3.15 -31.11 -24.82
C GLN B 147 3.20 -32.52 -25.42
N ASP B 148 2.05 -33.00 -25.89
CA ASP B 148 2.01 -34.34 -26.49
C ASP B 148 2.90 -34.41 -27.73
N LEU B 149 2.87 -33.37 -28.56
CA LEU B 149 3.72 -33.34 -29.75
C LEU B 149 5.20 -33.35 -29.36
N LEU B 150 5.58 -32.54 -28.36
CA LEU B 150 6.97 -32.51 -27.94
C LEU B 150 7.39 -33.80 -27.24
N ALA B 151 6.45 -34.59 -26.76
CA ALA B 151 6.79 -35.86 -26.12
C ALA B 151 7.48 -36.81 -27.10
N LEU B 152 7.00 -36.86 -28.34
CA LEU B 152 7.58 -37.73 -29.35
C LEU B 152 9.03 -37.34 -29.62
N ALA C 1 18.58 -44.35 -19.37
CA ALA C 1 17.43 -45.15 -19.78
C ALA C 1 16.13 -44.42 -19.43
N GLU C 2 16.12 -43.76 -18.28
CA GLU C 2 14.92 -43.03 -17.87
C GLU C 2 14.61 -41.89 -18.84
N ASN C 3 15.64 -41.18 -19.28
CA ASN C 3 15.54 -40.01 -20.18
C ASN C 3 14.41 -39.08 -19.79
N LEU C 4 14.19 -38.90 -18.48
CA LEU C 4 13.18 -37.99 -17.97
C LEU C 4 13.79 -36.61 -17.75
N TRP C 5 12.93 -35.59 -17.81
CA TRP C 5 13.36 -34.20 -17.72
C TRP C 5 12.44 -33.43 -16.78
N VAL C 6 13.01 -32.40 -16.15
CA VAL C 6 12.23 -31.56 -15.24
C VAL C 6 11.20 -30.78 -16.04
N THR C 7 9.95 -30.78 -15.56
CA THR C 7 8.89 -30.00 -16.15
C THR C 7 8.13 -29.27 -15.06
N VAL C 8 7.76 -28.03 -15.35
CA VAL C 8 7.22 -27.10 -14.37
C VAL C 8 5.71 -26.98 -14.58
N TYR C 9 4.98 -26.96 -13.48
CA TYR C 9 3.54 -26.76 -13.47
C TYR C 9 3.20 -25.61 -12.53
N TYR C 10 2.30 -24.74 -12.98
CA TYR C 10 1.83 -23.60 -12.18
C TYR C 10 0.35 -23.80 -11.91
N GLY C 11 -0.02 -23.78 -10.64
CA GLY C 11 -1.38 -23.98 -10.21
C GLY C 11 -1.68 -25.32 -9.55
N VAL C 12 -0.67 -26.00 -9.01
CA VAL C 12 -0.85 -27.31 -8.40
C VAL C 12 -1.61 -27.15 -7.08
N PRO C 13 -2.46 -28.11 -6.67
CA PRO C 13 -3.15 -27.98 -5.38
C PRO C 13 -2.31 -28.45 -4.19
N VAL C 14 -1.45 -27.55 -3.70
CA VAL C 14 -0.57 -27.81 -2.57
C VAL C 14 -0.66 -26.63 -1.62
N TRP C 15 -0.55 -26.93 -0.32
CA TRP C 15 -0.66 -25.90 0.71
C TRP C 15 0.31 -26.19 1.85
N LYS C 16 0.56 -25.16 2.65
CA LYS C 16 1.38 -25.26 3.84
C LYS C 16 0.74 -24.45 4.96
N ASP C 17 1.03 -24.84 6.20
CA ASP C 17 0.54 -24.09 7.34
C ASP C 17 1.17 -22.70 7.38
N ALA C 18 0.35 -21.69 7.68
CA ALA C 18 0.81 -20.32 7.66
C ALA C 18 -0.06 -19.46 8.56
N GLU C 19 0.43 -18.27 8.87
CA GLU C 19 -0.27 -17.28 9.67
C GLU C 19 -0.45 -16.01 8.86
N THR C 20 -1.64 -15.41 8.95
CA THR C 20 -1.96 -14.19 8.21
C THR C 20 -2.98 -13.40 9.01
N THR C 21 -3.56 -12.38 8.37
CA THR C 21 -4.56 -11.51 8.97
C THR C 21 -5.85 -11.64 8.17
N LEU C 22 -6.91 -12.11 8.83
CA LEU C 22 -8.22 -12.25 8.22
C LEU C 22 -9.01 -10.96 8.40
N PHE C 23 -10.07 -10.80 7.60
CA PHE C 23 -10.89 -9.59 7.60
C PHE C 23 -12.35 -9.95 7.81
N CYS C 24 -13.18 -8.91 7.92
CA CYS C 24 -14.56 -9.05 8.36
C CYS C 24 -15.46 -9.64 7.27
N ALA C 25 -16.61 -10.12 7.72
CA ALA C 25 -17.79 -10.27 6.88
C ALA C 25 -18.99 -10.38 7.79
N SER C 26 -19.96 -9.47 7.64
CA SER C 26 -21.14 -9.45 8.50
C SER C 26 -22.35 -9.05 7.68
N ASP C 27 -23.52 -9.52 8.11
CA ASP C 27 -24.76 -9.22 7.42
C ASP C 27 -25.13 -7.75 7.56
N HIS C 36 -26.15 1.58 16.63
CA HIS C 36 -24.91 1.75 17.39
C HIS C 36 -24.63 0.51 18.25
N ASN C 37 -23.50 -0.14 17.97
CA ASN C 37 -23.07 -1.31 18.71
C ASN C 37 -21.59 -1.19 19.04
N VAL C 38 -21.20 -1.83 20.15
CA VAL C 38 -19.79 -1.83 20.53
C VAL C 38 -18.97 -2.57 19.49
N TRP C 39 -19.53 -3.64 18.92
CA TRP C 39 -18.86 -4.43 17.89
C TRP C 39 -19.22 -3.79 16.55
N ALA C 40 -18.42 -2.81 16.16
CA ALA C 40 -18.74 -1.97 15.01
C ALA C 40 -18.69 -2.79 13.73
N THR C 41 -19.85 -2.90 13.06
CA THR C 41 -19.93 -3.50 11.73
C THR C 41 -19.73 -2.48 10.62
N HIS C 42 -19.53 -1.20 10.96
CA HIS C 42 -19.32 -0.17 9.94
C HIS C 42 -18.03 -0.43 9.17
N ALA C 43 -16.96 -0.79 9.86
CA ALA C 43 -15.68 -1.08 9.25
C ALA C 43 -15.52 -2.56 8.89
N CYS C 44 -16.63 -3.25 8.68
CA CYS C 44 -16.63 -4.68 8.36
C CYS C 44 -17.40 -4.90 7.07
N VAL C 45 -16.85 -5.74 6.20
CA VAL C 45 -17.36 -5.93 4.84
C VAL C 45 -18.71 -6.64 4.90
N PRO C 46 -19.61 -6.45 3.94
CA PRO C 46 -20.81 -7.29 3.89
C PRO C 46 -20.49 -8.73 3.54
N THR C 47 -21.35 -9.64 3.99
CA THR C 47 -21.19 -11.07 3.76
C THR C 47 -21.91 -11.49 2.49
N ASP C 48 -21.41 -12.55 1.87
CA ASP C 48 -22.05 -13.10 0.68
C ASP C 48 -23.35 -13.80 1.08
N PRO C 49 -24.46 -13.57 0.37
CA PRO C 49 -25.72 -14.24 0.75
C PRO C 49 -25.67 -15.75 0.62
N ASN C 50 -24.80 -16.29 -0.24
CA ASN C 50 -24.74 -17.72 -0.53
C ASN C 50 -23.29 -18.19 -0.34
N PRO C 51 -22.87 -18.50 0.88
CA PRO C 51 -21.50 -18.97 1.07
C PRO C 51 -21.25 -20.29 0.35
N GLN C 52 -20.01 -20.48 -0.11
CA GLN C 52 -19.61 -21.63 -0.90
C GLN C 52 -18.64 -22.50 -0.10
N GLU C 53 -18.86 -23.81 -0.15
CA GLU C 53 -18.04 -24.79 0.53
C GLU C 53 -17.66 -25.88 -0.46
N ILE C 54 -16.39 -26.27 -0.47
CA ILE C 54 -15.88 -27.29 -1.38
C ILE C 54 -15.34 -28.45 -0.56
N HIS C 55 -16.01 -29.60 -0.62
CA HIS C 55 -15.60 -30.76 0.15
C HIS C 55 -14.42 -31.45 -0.52
N LEU C 56 -13.29 -31.52 0.16
CA LEU C 56 -12.09 -32.14 -0.39
C LEU C 56 -12.11 -33.63 -0.03
N GLU C 57 -12.19 -34.47 -1.06
CA GLU C 57 -12.27 -35.92 -0.87
C GLU C 57 -10.86 -36.49 -0.86
N ASN C 58 -10.64 -37.49 0.00
CA ASN C 58 -9.36 -38.19 0.21
C ASN C 58 -8.31 -37.31 0.88
N VAL C 59 -8.67 -36.14 1.39
CA VAL C 59 -7.74 -35.24 2.05
C VAL C 59 -7.92 -35.36 3.56
N THR C 60 -6.89 -35.87 4.23
CA THR C 60 -6.86 -35.97 5.69
C THR C 60 -5.83 -34.98 6.21
N GLU C 61 -6.27 -34.06 7.06
CA GLU C 61 -5.41 -32.98 7.56
C GLU C 61 -5.08 -33.19 9.02
N GLU C 62 -4.20 -32.34 9.54
CA GLU C 62 -3.82 -32.34 10.94
C GLU C 62 -4.31 -31.05 11.58
N PHE C 63 -4.93 -31.18 12.76
CA PHE C 63 -5.53 -30.06 13.46
C PHE C 63 -5.06 -30.03 14.91
N ASN C 64 -5.00 -28.82 15.47
CA ASN C 64 -4.62 -28.62 16.86
C ASN C 64 -5.27 -27.33 17.34
N MET C 65 -6.36 -27.46 18.11
CA MET C 65 -7.09 -26.30 18.58
C MET C 65 -6.28 -25.44 19.55
N TRP C 66 -5.28 -26.01 20.22
CA TRP C 66 -4.52 -25.30 21.25
C TRP C 66 -3.36 -24.49 20.68
N LYS C 67 -3.16 -24.49 19.35
CA LYS C 67 -2.11 -23.71 18.71
C LYS C 67 -2.68 -22.90 17.54
N ASN C 68 -3.92 -22.42 17.68
CA ASN C 68 -4.58 -21.66 16.63
C ASN C 68 -4.34 -20.18 16.83
N ASN C 69 -3.80 -19.52 15.80
CA ASN C 69 -3.56 -18.09 15.86
C ASN C 69 -4.83 -17.27 15.65
N MET C 70 -5.87 -17.87 15.08
CA MET C 70 -7.13 -17.17 14.91
C MET C 70 -7.70 -16.73 16.25
N VAL C 71 -7.49 -17.53 17.30
CA VAL C 71 -7.95 -17.14 18.64
C VAL C 71 -7.26 -15.87 19.09
N GLU C 72 -5.94 -15.80 18.88
CA GLU C 72 -5.19 -14.60 19.26
C GLU C 72 -5.66 -13.39 18.47
N GLN C 73 -5.87 -13.56 17.16
CA GLN C 73 -6.34 -12.45 16.34
C GLN C 73 -7.72 -11.99 16.80
N MET C 74 -8.61 -12.93 17.12
CA MET C 74 -9.94 -12.58 17.58
C MET C 74 -9.87 -11.81 18.91
N HIS C 75 -9.03 -12.28 19.83
CA HIS C 75 -8.88 -11.58 21.11
C HIS C 75 -8.39 -10.15 20.89
N THR C 76 -7.37 -9.99 20.05
CA THR C 76 -6.84 -8.65 19.79
C THR C 76 -7.88 -7.76 19.14
N ASP C 77 -8.63 -8.28 18.17
CA ASP C 77 -9.65 -7.50 17.49
C ASP C 77 -10.76 -7.09 18.44
N ILE C 78 -11.19 -8.01 19.31
CA ILE C 78 -12.25 -7.70 20.26
C ILE C 78 -11.81 -6.60 21.22
N ILE C 79 -10.57 -6.72 21.74
CA ILE C 79 -10.06 -5.71 22.65
C ILE C 79 -9.95 -4.36 21.94
N SER C 80 -9.48 -4.37 20.69
CA SER C 80 -9.35 -3.12 19.94
C SER C 80 -10.71 -2.47 19.72
N LEU C 81 -11.72 -3.26 19.36
CA LEU C 81 -13.05 -2.71 19.17
C LEU C 81 -13.61 -2.13 20.46
N TRP C 82 -13.42 -2.84 21.57
CA TRP C 82 -13.89 -2.34 22.86
C TRP C 82 -13.22 -1.01 23.21
N ASP C 83 -11.90 -0.92 22.98
CA ASP C 83 -11.20 0.31 23.26
C ASP C 83 -11.68 1.43 22.35
N GLN C 84 -11.91 1.13 21.08
CA GLN C 84 -12.35 2.17 20.14
C GLN C 84 -13.72 2.71 20.50
N SER C 85 -14.63 1.84 20.95
CA SER C 85 -16.00 2.27 21.21
C SER C 85 -16.07 3.32 22.32
N LEU C 86 -15.14 3.28 23.28
CA LEU C 86 -15.19 4.15 24.44
C LEU C 86 -14.50 5.49 24.26
N LYS C 87 -13.81 5.70 23.13
CA LYS C 87 -13.03 6.94 22.98
C LYS C 87 -13.91 8.19 22.98
N PRO C 88 -15.00 8.28 22.18
CA PRO C 88 -15.81 9.50 22.14
C PRO C 88 -16.92 9.50 23.19
N CYS C 89 -16.54 9.41 24.46
CA CYS C 89 -17.49 9.40 25.57
C CYS C 89 -16.93 10.21 26.73
N VAL C 90 -17.82 10.56 27.66
CA VAL C 90 -17.47 11.45 28.76
C VAL C 90 -16.49 10.77 29.70
N LYS C 91 -15.52 11.53 30.20
CA LYS C 91 -14.56 11.06 31.19
C LYS C 91 -14.99 11.60 32.55
N LEU C 92 -15.14 10.70 33.52
CA LEU C 92 -15.67 11.07 34.84
C LEU C 92 -14.53 11.44 35.80
N THR C 93 -13.71 12.39 35.36
CA THR C 93 -12.66 12.95 36.21
C THR C 93 -13.21 13.64 37.45
N PRO C 94 -14.24 14.50 37.34
CA PRO C 94 -14.68 15.26 38.53
C PRO C 94 -15.40 14.42 39.57
N LEU C 95 -15.61 13.12 39.35
CA LEU C 95 -16.40 12.31 40.28
C LEU C 95 -15.61 11.84 41.49
N CYS C 96 -14.30 12.06 41.53
CA CYS C 96 -13.50 11.72 42.72
C CYS C 96 -13.62 12.86 43.72
N VAL C 97 -14.66 12.79 44.55
CA VAL C 97 -14.92 13.76 45.61
C VAL C 97 -15.26 12.99 46.87
N THR C 98 -15.36 13.72 47.99
CA THR C 98 -15.71 13.13 49.27
C THR C 98 -17.22 13.00 49.36
N LEU C 99 -17.71 11.77 49.25
CA LEU C 99 -19.14 11.50 49.36
C LEU C 99 -19.54 11.29 50.82
N GLN C 100 -20.77 11.66 51.14
CA GLN C 100 -21.35 11.42 52.46
C GLN C 100 -22.55 10.51 52.28
N CYS C 101 -22.47 9.30 52.85
CA CYS C 101 -23.39 8.21 52.53
C CYS C 101 -24.22 7.81 53.73
N THR C 102 -25.40 7.27 53.44
CA THR C 102 -26.33 6.78 54.44
C THR C 102 -26.93 5.47 53.95
N ASN C 103 -27.29 4.61 54.90
CA ASN C 103 -27.90 3.32 54.55
C ASN C 103 -29.31 3.53 53.99
N VAL C 104 -29.65 2.73 52.98
CA VAL C 104 -30.99 2.72 52.41
C VAL C 104 -31.78 1.62 53.10
N THR C 105 -32.92 1.99 53.70
CA THR C 105 -33.72 1.05 54.48
C THR C 105 -35.21 1.24 54.24
N ASN C 106 -35.61 1.63 53.03
CA ASN C 106 -37.01 1.81 52.66
C ASN C 106 -37.45 0.59 51.84
N ASN C 107 -38.29 -0.25 52.45
CA ASN C 107 -38.88 -1.40 51.77
C ASN C 107 -37.79 -2.31 51.19
N ILE C 108 -36.91 -2.77 52.07
CA ILE C 108 -35.83 -3.68 51.72
C ILE C 108 -36.05 -5.00 52.43
N THR C 109 -35.61 -6.08 51.80
CA THR C 109 -35.73 -7.42 52.38
C THR C 109 -34.52 -7.68 53.28
N ASP C 110 -34.40 -8.92 53.77
CA ASP C 110 -33.33 -9.28 54.69
C ASP C 110 -32.00 -9.54 54.02
N ASP C 111 -31.98 -9.72 52.69
CA ASP C 111 -30.76 -10.01 51.96
C ASP C 111 -30.23 -8.82 51.16
N MET C 112 -30.96 -7.70 51.14
CA MET C 112 -30.53 -6.48 50.47
C MET C 112 -30.21 -5.38 51.49
N ARG C 113 -29.82 -5.77 52.71
CA ARG C 113 -29.51 -4.83 53.78
C ARG C 113 -28.04 -4.44 53.66
N GLY C 114 -27.79 -3.16 53.43
CA GLY C 114 -26.44 -2.64 53.30
C GLY C 114 -25.86 -2.68 51.90
N GLU C 115 -26.58 -3.26 50.93
CA GLU C 115 -26.07 -3.33 49.56
C GLU C 115 -26.11 -1.98 48.85
N LEU C 116 -27.03 -1.10 49.25
CA LEU C 116 -27.23 0.19 48.59
C LEU C 116 -26.88 1.32 49.54
N LYS C 117 -26.21 2.35 49.02
CA LYS C 117 -25.82 3.52 49.78
C LYS C 117 -26.36 4.77 49.10
N ASN C 118 -26.97 5.65 49.89
CA ASN C 118 -27.50 6.93 49.42
C ASN C 118 -26.45 7.98 49.74
N CYS C 119 -25.74 8.45 48.72
CA CYS C 119 -24.56 9.28 48.89
C CYS C 119 -24.78 10.65 48.26
N SER C 120 -24.51 11.69 49.04
CA SER C 120 -24.59 13.08 48.58
C SER C 120 -23.19 13.66 48.46
N PHE C 121 -23.04 14.62 47.55
CA PHE C 121 -21.74 15.21 47.26
C PHE C 121 -21.93 16.54 46.55
N ASN C 122 -20.82 17.26 46.40
CA ASN C 122 -20.76 18.49 45.62
C ASN C 122 -20.22 18.16 44.23
N MET C 123 -20.72 18.90 43.23
CA MET C 123 -20.35 18.67 41.84
C MET C 123 -20.23 20.01 41.12
N THR C 124 -19.43 20.01 40.05
CA THR C 124 -19.27 21.18 39.22
C THR C 124 -20.49 21.39 38.33
N THR C 125 -20.54 22.55 37.67
CA THR C 125 -21.63 22.90 36.78
C THR C 125 -21.03 23.41 35.47
N GLU C 126 -21.90 23.92 34.59
CA GLU C 126 -21.43 24.42 33.30
C GLU C 126 -20.54 25.64 33.46
N LEU C 127 -20.88 26.54 34.38
CA LEU C 127 -20.04 27.67 34.71
C LEU C 127 -18.98 27.23 35.71
N ARG C 128 -17.72 27.61 35.45
CA ARG C 128 -16.60 27.13 36.25
C ARG C 128 -16.40 27.93 37.55
N ASP C 129 -17.37 28.75 37.95
CA ASP C 129 -17.34 29.44 39.24
C ASP C 129 -18.58 29.11 40.08
N LYS C 130 -19.22 27.97 39.82
CA LYS C 130 -20.44 27.57 40.52
C LYS C 130 -20.34 26.10 40.90
N LYS C 131 -21.03 25.73 41.97
CA LYS C 131 -21.10 24.35 42.43
C LYS C 131 -22.54 24.02 42.77
N GLN C 132 -22.86 22.72 42.70
CA GLN C 132 -24.17 22.21 43.03
C GLN C 132 -24.03 21.05 44.00
N LYS C 133 -25.10 20.77 44.74
CA LYS C 133 -25.16 19.63 45.64
C LYS C 133 -26.14 18.61 45.07
N VAL C 134 -25.68 17.37 44.94
CA VAL C 134 -26.46 16.30 44.31
C VAL C 134 -26.31 15.03 45.15
N TYR C 135 -27.11 14.03 44.81
CA TYR C 135 -27.07 12.75 45.49
C TYR C 135 -27.37 11.64 44.48
N SER C 136 -26.94 10.43 44.84
CA SER C 136 -27.17 9.26 43.99
C SER C 136 -27.12 8.01 44.85
N LEU C 137 -27.66 6.93 44.29
CA LEU C 137 -27.61 5.61 44.92
C LEU C 137 -26.47 4.81 44.30
N PHE C 138 -25.52 4.38 45.13
CA PHE C 138 -24.41 3.56 44.73
C PHE C 138 -24.52 2.18 45.36
N TYR C 139 -23.77 1.24 44.79
CA TYR C 139 -23.70 -0.12 45.33
C TYR C 139 -22.55 -0.23 46.31
N ARG C 140 -22.70 -1.13 47.28
CA ARG C 140 -21.67 -1.30 48.31
C ARG C 140 -20.35 -1.76 47.69
N LEU C 141 -20.40 -2.47 46.57
CA LEU C 141 -19.18 -2.92 45.90
C LEU C 141 -18.43 -1.79 45.21
N ASP C 142 -19.04 -0.60 45.09
CA ASP C 142 -18.45 0.50 44.34
C ASP C 142 -17.79 1.55 45.22
N VAL C 143 -18.20 1.67 46.48
CA VAL C 143 -17.72 2.72 47.38
C VAL C 143 -16.94 2.07 48.52
N VAL C 144 -15.82 2.70 48.88
CA VAL C 144 -14.96 2.26 49.97
C VAL C 144 -14.85 3.38 50.98
N GLN C 145 -14.94 3.03 52.26
CA GLN C 145 -14.86 4.03 53.32
C GLN C 145 -13.49 4.69 53.33
N ILE C 146 -13.48 6.00 53.60
CA ILE C 146 -12.25 6.78 53.60
C ILE C 146 -11.73 6.94 55.02
N LYS C 159 -18.62 8.02 57.98
CA LYS C 159 -19.71 8.45 57.11
C LYS C 159 -19.17 9.16 55.86
N GLU C 160 -17.92 8.88 55.51
CA GLU C 160 -17.29 9.44 54.32
C GLU C 160 -16.74 8.30 53.48
N TYR C 161 -17.05 8.32 52.18
CA TYR C 161 -16.70 7.25 51.25
C TYR C 161 -16.07 7.84 50.01
N ARG C 162 -15.49 6.98 49.18
CA ARG C 162 -14.96 7.37 47.89
C ARG C 162 -15.11 6.21 46.91
N LEU C 163 -15.14 6.54 45.63
CA LEU C 163 -15.26 5.51 44.61
C LEU C 163 -14.02 4.61 44.62
N ILE C 164 -14.24 3.34 44.27
CA ILE C 164 -13.20 2.32 44.41
C ILE C 164 -12.01 2.62 43.49
N ASN C 165 -12.26 3.24 42.34
CA ASN C 165 -11.22 3.43 41.33
C ASN C 165 -10.44 4.73 41.49
N CYS C 166 -10.75 5.55 42.49
CA CYS C 166 -10.17 6.89 42.56
C CYS C 166 -8.67 6.88 42.86
N ASN C 167 -8.18 5.88 43.59
CA ASN C 167 -6.74 5.80 43.88
C ASN C 167 -5.97 5.02 42.84
N THR C 168 -6.64 4.39 41.88
CA THR C 168 -5.99 3.66 40.80
C THR C 168 -5.89 4.50 39.52
N SER C 169 -7.02 5.00 39.03
CA SER C 169 -7.05 5.84 37.83
C SER C 169 -8.44 6.40 37.66
N ALA C 170 -8.52 7.57 37.03
CA ALA C 170 -9.79 8.06 36.53
C ALA C 170 -10.15 7.32 35.25
N CYS C 171 -11.45 7.19 35.01
CA CYS C 171 -11.92 6.33 33.93
C CYS C 171 -13.33 6.76 33.51
N THR C 172 -13.73 6.31 32.32
CA THR C 172 -14.79 6.95 31.56
C THR C 172 -16.15 6.31 31.81
N GLN C 173 -17.16 6.87 31.15
CA GLN C 173 -18.55 6.41 31.21
C GLN C 173 -18.98 5.97 29.82
N ALA C 174 -19.58 4.79 29.73
CA ALA C 174 -20.08 4.31 28.45
C ALA C 174 -21.20 5.22 27.95
N CYS C 175 -21.15 5.56 26.67
CA CYS C 175 -22.19 6.39 26.09
C CYS C 175 -23.52 5.63 26.10
N PRO C 176 -24.65 6.27 26.39
CA PRO C 176 -25.89 5.52 26.61
C PRO C 176 -26.56 5.05 25.32
N LYS C 177 -26.02 5.36 24.15
CA LYS C 177 -26.62 4.96 22.89
C LYS C 177 -26.08 3.64 22.35
N VAL C 178 -24.83 3.31 22.64
CA VAL C 178 -24.24 2.07 22.14
C VAL C 178 -24.82 0.88 22.90
N SER C 179 -25.09 -0.20 22.16
CA SER C 179 -25.64 -1.43 22.73
C SER C 179 -24.56 -2.49 22.86
N PHE C 180 -24.63 -3.24 23.95
CA PHE C 180 -23.66 -4.29 24.25
C PHE C 180 -24.04 -5.65 23.65
N GLU C 181 -25.13 -5.73 22.89
CA GLU C 181 -25.60 -7.00 22.39
C GLU C 181 -24.58 -7.58 21.40
N PRO C 182 -24.15 -8.83 21.55
CA PRO C 182 -23.25 -9.41 20.55
C PRO C 182 -23.92 -9.54 19.19
N ILE C 183 -23.10 -9.43 18.15
CA ILE C 183 -23.54 -9.56 16.77
C ILE C 183 -22.66 -10.61 16.10
N PRO C 184 -23.19 -11.50 15.26
CA PRO C 184 -22.31 -12.48 14.60
C PRO C 184 -21.27 -11.81 13.71
N ILE C 185 -20.09 -12.42 13.66
CA ILE C 185 -18.98 -11.94 12.84
C ILE C 185 -18.37 -13.13 12.11
N HIS C 186 -18.10 -12.98 10.82
CA HIS C 186 -17.45 -13.99 10.01
C HIS C 186 -16.05 -13.51 9.63
N TYR C 187 -15.10 -14.44 9.55
CA TYR C 187 -13.70 -14.13 9.33
C TYR C 187 -13.24 -14.74 8.01
N CYS C 188 -12.93 -13.89 7.02
CA CYS C 188 -12.56 -14.34 5.69
C CYS C 188 -11.12 -13.96 5.38
N ALA C 189 -10.43 -14.93 4.79
CA ALA C 189 -8.99 -14.93 4.56
C ALA C 189 -8.65 -14.15 3.30
N PRO C 190 -7.39 -13.70 3.16
CA PRO C 190 -7.02 -12.95 1.95
C PRO C 190 -6.80 -13.85 0.74
N ALA C 191 -6.41 -13.25 -0.38
CA ALA C 191 -6.10 -14.02 -1.58
C ALA C 191 -4.79 -14.78 -1.38
N GLY C 192 -4.72 -15.97 -1.97
CA GLY C 192 -3.56 -16.83 -1.83
C GLY C 192 -3.60 -17.72 -0.60
N PHE C 193 -4.60 -17.58 0.25
CA PHE C 193 -4.78 -18.41 1.44
C PHE C 193 -6.14 -19.11 1.36
N ALA C 194 -6.35 -20.05 2.28
CA ALA C 194 -7.58 -20.81 2.33
C ALA C 194 -7.86 -21.21 3.77
N ILE C 195 -9.14 -21.43 4.06
CA ILE C 195 -9.59 -21.89 5.37
C ILE C 195 -10.13 -23.31 5.21
N LEU C 196 -9.51 -24.23 5.94
CA LEU C 196 -9.93 -25.63 5.96
C LEU C 196 -10.77 -25.90 7.20
N LYS C 197 -11.88 -26.59 7.00
CA LYS C 197 -12.85 -26.90 8.04
C LYS C 197 -12.98 -28.41 8.17
N CYS C 198 -12.90 -28.90 9.41
CA CYS C 198 -12.98 -30.33 9.71
C CYS C 198 -14.44 -30.68 9.99
N LYS C 199 -15.03 -31.49 9.11
CA LYS C 199 -16.42 -31.90 9.21
C LYS C 199 -16.63 -33.21 9.95
N ASP C 200 -15.59 -33.72 10.62
CA ASP C 200 -15.67 -35.01 11.29
C ASP C 200 -16.29 -34.83 12.68
N LYS C 201 -17.46 -35.41 12.89
CA LYS C 201 -18.06 -35.42 14.21
C LYS C 201 -17.25 -36.34 15.13
N LYS C 202 -17.38 -36.09 16.44
CA LYS C 202 -16.55 -36.71 17.47
C LYS C 202 -15.11 -36.23 17.45
N PHE C 203 -14.79 -35.19 16.68
CA PHE C 203 -13.43 -34.69 16.59
C PHE C 203 -13.13 -33.85 17.82
N ASN C 204 -12.10 -34.25 18.58
CA ASN C 204 -11.81 -33.63 19.88
C ASN C 204 -10.75 -32.53 19.77
N GLY C 205 -10.61 -31.91 18.60
CA GLY C 205 -9.82 -30.72 18.46
C GLY C 205 -8.35 -30.92 18.16
N THR C 206 -7.81 -32.12 18.38
CA THR C 206 -6.40 -32.40 18.16
C THR C 206 -6.27 -33.74 17.44
N GLY C 207 -5.41 -33.77 16.42
CA GLY C 207 -5.11 -34.99 15.72
C GLY C 207 -5.47 -34.94 14.25
N PRO C 208 -5.60 -36.13 13.60
CA PRO C 208 -5.95 -36.13 12.18
C PRO C 208 -7.45 -36.10 11.92
N CYS C 209 -7.86 -35.26 10.97
CA CYS C 209 -9.24 -35.17 10.51
C CYS C 209 -9.34 -35.74 9.10
N PRO C 210 -9.91 -36.94 8.90
CA PRO C 210 -10.07 -37.44 7.53
C PRO C 210 -10.96 -36.59 6.64
N SER C 211 -12.04 -36.02 7.17
CA SER C 211 -13.05 -35.34 6.37
C SER C 211 -12.87 -33.83 6.47
N VAL C 212 -12.61 -33.19 5.34
CA VAL C 212 -12.24 -31.77 5.31
C VAL C 212 -12.91 -31.08 4.13
N SER C 213 -13.24 -29.81 4.33
CA SER C 213 -13.75 -28.96 3.27
C SER C 213 -13.01 -27.63 3.31
N THR C 214 -13.20 -26.85 2.25
CA THR C 214 -12.62 -25.51 2.13
C THR C 214 -13.76 -24.51 2.13
N VAL C 215 -13.61 -23.46 2.94
CA VAL C 215 -14.61 -22.42 3.07
C VAL C 215 -13.96 -21.08 2.77
N GLN C 216 -14.78 -20.16 2.24
CA GLN C 216 -14.36 -18.78 2.13
C GLN C 216 -14.31 -18.11 3.49
N CYS C 217 -15.27 -18.40 4.37
CA CYS C 217 -15.18 -17.99 5.77
C CYS C 217 -16.23 -18.64 6.65
N THR C 218 -16.02 -18.45 7.94
CA THR C 218 -16.61 -19.24 9.01
C THR C 218 -18.06 -18.82 9.26
N HIS C 219 -18.74 -19.63 10.06
CA HIS C 219 -20.09 -19.31 10.50
C HIS C 219 -20.06 -18.11 11.45
N GLY C 220 -21.21 -17.47 11.58
CA GLY C 220 -21.33 -16.32 12.47
C GLY C 220 -21.03 -16.70 13.91
N ILE C 221 -20.07 -16.00 14.52
CA ILE C 221 -19.63 -16.28 15.89
C ILE C 221 -19.99 -15.06 16.73
N LYS C 222 -20.82 -15.27 17.74
CA LYS C 222 -21.20 -14.19 18.64
C LYS C 222 -20.12 -13.98 19.69
N PRO C 223 -19.54 -12.77 19.82
CA PRO C 223 -18.55 -12.57 20.90
C PRO C 223 -19.20 -12.37 22.26
N VAL C 224 -19.65 -13.48 22.85
CA VAL C 224 -20.31 -13.47 24.15
C VAL C 224 -19.25 -13.56 25.23
N VAL C 225 -19.31 -12.65 26.19
CA VAL C 225 -18.36 -12.58 27.30
C VAL C 225 -19.03 -13.14 28.55
N SER C 226 -18.45 -14.20 29.11
CA SER C 226 -18.97 -14.82 30.31
C SER C 226 -17.88 -15.69 30.92
N THR C 227 -18.08 -16.06 32.19
CA THR C 227 -17.16 -16.93 32.90
C THR C 227 -17.94 -18.05 33.58
N GLN C 228 -17.29 -19.21 33.68
CA GLN C 228 -17.80 -20.41 34.36
C GLN C 228 -18.92 -21.10 33.59
N LEU C 229 -19.39 -20.48 32.50
CA LEU C 229 -20.49 -21.03 31.71
C LEU C 229 -20.46 -20.38 30.34
N LEU C 230 -20.67 -21.18 29.30
CA LEU C 230 -20.69 -20.70 27.93
C LEU C 230 -22.14 -20.52 27.50
N LEU C 231 -22.50 -19.30 27.11
CA LEU C 231 -23.88 -18.93 26.81
C LEU C 231 -24.04 -18.59 25.33
N ASN C 232 -25.21 -18.95 24.78
CA ASN C 232 -25.57 -18.62 23.40
C ASN C 232 -24.53 -19.12 22.41
N GLY C 233 -24.02 -20.33 22.65
CA GLY C 233 -22.99 -20.93 21.84
C GLY C 233 -23.53 -21.98 20.89
N SER C 234 -22.63 -22.81 20.39
CA SER C 234 -22.96 -23.91 19.49
C SER C 234 -22.97 -25.22 20.27
N LEU C 235 -23.80 -26.15 19.80
CA LEU C 235 -24.03 -27.43 20.47
C LEU C 235 -23.42 -28.56 19.65
N ALA C 236 -22.87 -29.55 20.34
CA ALA C 236 -22.38 -30.74 19.68
C ALA C 236 -23.56 -31.47 19.01
N GLU C 237 -23.31 -31.96 17.81
CA GLU C 237 -24.37 -32.58 17.02
C GLU C 237 -24.72 -33.99 17.49
N GLU C 238 -23.85 -34.64 18.28
CA GLU C 238 -23.99 -36.04 18.63
C GLU C 238 -24.12 -36.28 20.12
N GLU C 239 -23.18 -35.79 20.92
CA GLU C 239 -23.17 -36.06 22.36
C GLU C 239 -22.24 -35.05 23.02
N VAL C 240 -22.17 -35.12 24.36
CA VAL C 240 -21.32 -34.22 25.12
C VAL C 240 -19.87 -34.49 24.77
N MET C 241 -19.11 -33.42 24.53
CA MET C 241 -17.71 -33.50 24.12
C MET C 241 -16.82 -32.89 25.20
N ILE C 242 -15.76 -33.61 25.56
CA ILE C 242 -14.78 -33.14 26.56
C ILE C 242 -13.46 -32.95 25.84
N ARG C 243 -12.85 -31.77 26.02
CA ARG C 243 -11.59 -31.45 25.38
C ARG C 243 -10.62 -30.86 26.40
N SER C 244 -9.35 -31.22 26.26
CA SER C 244 -8.30 -30.71 27.14
C SER C 244 -6.97 -30.90 26.44
N GLU C 245 -6.06 -29.93 26.62
CA GLU C 245 -4.75 -30.01 25.98
C GLU C 245 -3.97 -31.22 26.49
N ASN C 246 -4.00 -31.46 27.80
CA ASN C 246 -3.34 -32.62 28.39
C ASN C 246 -4.17 -33.01 29.62
N ILE C 247 -5.08 -33.97 29.41
CA ILE C 247 -6.05 -34.33 30.44
C ILE C 247 -5.41 -34.92 31.68
N THR C 248 -4.19 -35.46 31.57
CA THR C 248 -3.47 -35.94 32.74
C THR C 248 -2.98 -34.81 33.62
N ASN C 249 -2.67 -33.65 33.05
CA ASN C 249 -2.20 -32.50 33.80
C ASN C 249 -3.39 -31.74 34.38
N ASN C 250 -3.36 -31.49 35.68
CA ASN C 250 -4.44 -30.83 36.38
C ASN C 250 -4.39 -29.30 36.25
N ALA C 251 -3.32 -28.75 35.68
CA ALA C 251 -3.19 -27.31 35.50
C ALA C 251 -3.82 -26.81 34.21
N LYS C 252 -4.39 -27.70 33.40
CA LYS C 252 -5.03 -27.34 32.14
C LYS C 252 -6.54 -27.43 32.28
N ASN C 253 -7.24 -26.41 31.80
CA ASN C 253 -8.69 -26.38 31.89
C ASN C 253 -9.31 -27.42 30.96
N ILE C 254 -10.54 -27.83 31.31
CA ILE C 254 -11.32 -28.80 30.54
C ILE C 254 -12.52 -28.07 29.97
N LEU C 255 -12.68 -28.15 28.64
CA LEU C 255 -13.81 -27.55 27.96
C LEU C 255 -14.85 -28.63 27.69
N VAL C 256 -16.05 -28.44 28.23
CA VAL C 256 -17.17 -29.36 28.04
C VAL C 256 -18.19 -28.69 27.15
N GLN C 257 -18.58 -29.38 26.08
CA GLN C 257 -19.60 -28.91 25.15
C GLN C 257 -20.82 -29.81 25.29
N PHE C 258 -21.98 -29.21 25.56
CA PHE C 258 -23.20 -29.94 25.76
C PHE C 258 -23.80 -30.40 24.43
N ASN C 259 -24.64 -31.43 24.50
CA ASN C 259 -25.38 -31.90 23.35
C ASN C 259 -26.69 -31.13 23.18
N THR C 260 -27.33 -30.75 24.28
CA THR C 260 -28.55 -29.95 24.28
C THR C 260 -28.38 -28.77 25.22
N PRO C 261 -29.09 -27.67 24.97
CA PRO C 261 -28.93 -26.48 25.82
C PRO C 261 -29.76 -26.59 27.10
N VAL C 262 -29.35 -25.79 28.09
CA VAL C 262 -30.07 -25.69 29.36
C VAL C 262 -30.51 -24.24 29.53
N GLN C 263 -31.81 -24.00 29.62
CA GLN C 263 -32.32 -22.64 29.67
C GLN C 263 -32.11 -22.04 31.06
N ILE C 264 -31.70 -20.77 31.09
CA ILE C 264 -31.47 -20.02 32.32
C ILE C 264 -32.15 -18.66 32.19
N ASN C 265 -32.90 -18.27 33.22
CA ASN C 265 -33.66 -17.02 33.21
C ASN C 265 -33.14 -16.12 34.32
N CYS C 266 -32.57 -14.97 33.96
CA CYS C 266 -32.03 -14.02 34.92
C CYS C 266 -32.85 -12.75 34.92
N THR C 267 -32.87 -12.05 36.07
CA THR C 267 -33.69 -10.87 36.20
C THR C 267 -33.17 -9.95 37.30
N ARG C 268 -33.24 -8.64 37.05
CA ARG C 268 -33.15 -7.61 38.07
C ARG C 268 -34.54 -6.99 38.21
N PRO C 269 -35.22 -7.12 39.36
CA PRO C 269 -36.62 -6.68 39.46
C PRO C 269 -36.83 -5.24 39.90
N ASN C 270 -35.79 -4.55 40.38
CA ASN C 270 -35.97 -3.20 40.89
C ASN C 270 -36.35 -2.25 39.76
N ASN C 271 -37.34 -1.39 40.03
CA ASN C 271 -37.78 -0.38 39.07
C ASN C 271 -36.91 0.85 39.24
N ASN C 272 -35.76 0.82 38.58
CA ASN C 272 -34.77 1.88 38.71
C ASN C 272 -35.24 3.15 38.01
N THR C 273 -34.63 4.27 38.41
CA THR C 273 -34.87 5.57 37.80
C THR C 273 -33.52 6.21 37.47
N ARG C 274 -33.49 6.92 36.35
CA ARG C 274 -32.27 7.58 35.87
C ARG C 274 -32.50 9.08 35.80
N LYS C 275 -31.49 9.84 36.21
CA LYS C 275 -31.50 11.29 36.11
C LYS C 275 -30.16 11.77 35.57
N SER C 276 -30.19 12.94 34.94
CA SER C 276 -29.01 13.51 34.30
C SER C 276 -28.56 14.75 35.08
N ILE C 277 -27.24 14.84 35.31
CA ILE C 277 -26.63 15.95 36.01
C ILE C 277 -25.59 16.56 35.08
N ARG C 278 -25.73 17.85 34.78
CA ARG C 278 -24.82 18.53 33.87
C ARG C 278 -23.56 18.92 34.63
N ILE C 279 -22.43 18.28 34.29
CA ILE C 279 -21.17 18.50 35.01
C ILE C 279 -20.23 19.44 34.25
N GLY C 280 -20.65 19.96 33.10
CA GLY C 280 -19.82 20.85 32.33
C GLY C 280 -20.49 21.21 31.02
N PRO C 281 -19.77 21.93 30.15
CA PRO C 281 -20.33 22.26 28.84
C PRO C 281 -20.50 21.02 27.97
N GLY C 282 -21.74 20.61 27.75
CA GLY C 282 -22.01 19.42 26.96
C GLY C 282 -21.49 18.14 27.57
N GLN C 283 -21.62 17.99 28.90
CA GLN C 283 -21.18 16.78 29.59
C GLN C 283 -22.18 16.45 30.69
N ALA C 284 -22.70 15.22 30.66
CA ALA C 284 -23.74 14.78 31.57
C ALA C 284 -23.31 13.50 32.28
N PHE C 285 -23.72 13.39 33.54
CA PHE C 285 -23.52 12.20 34.36
C PHE C 285 -24.87 11.62 34.70
N TYR C 286 -25.04 10.32 34.46
CA TYR C 286 -26.31 9.64 34.64
C TYR C 286 -26.30 8.93 35.99
N ALA C 287 -27.12 9.43 36.92
CA ALA C 287 -27.19 8.91 38.28
C ALA C 287 -28.51 8.18 38.51
N THR C 288 -28.50 7.29 39.49
CA THR C 288 -29.69 6.56 39.89
C THR C 288 -30.50 7.43 40.84
N GLY C 289 -31.65 7.91 40.38
CA GLY C 289 -32.45 8.79 41.20
C GLY C 289 -33.01 8.11 42.43
N ASP C 290 -33.99 7.24 42.22
CA ASP C 290 -34.69 6.53 43.28
C ASP C 290 -35.25 5.23 42.72
N ILE C 291 -35.64 4.34 43.64
CA ILE C 291 -36.23 3.05 43.31
C ILE C 291 -37.71 3.09 43.69
N ILE C 292 -38.58 2.71 42.76
CA ILE C 292 -40.03 2.76 42.95
C ILE C 292 -40.50 1.41 43.46
N GLY C 293 -41.19 1.41 44.59
CA GLY C 293 -41.75 0.19 45.15
C GLY C 293 -40.78 -0.48 46.11
N ASP C 294 -40.70 -1.81 46.02
CA ASP C 294 -39.84 -2.59 46.90
C ASP C 294 -38.45 -2.76 46.30
N ILE C 295 -37.51 -3.17 47.14
CA ILE C 295 -36.14 -3.43 46.75
C ILE C 295 -35.86 -4.90 47.01
N ARG C 296 -35.46 -5.63 45.97
CA ARG C 296 -35.21 -7.06 46.06
C ARG C 296 -33.96 -7.41 45.27
N GLN C 297 -33.45 -8.61 45.55
CA GLN C 297 -32.22 -9.09 44.92
C GLN C 297 -32.49 -9.61 43.52
N ALA C 298 -31.59 -9.28 42.60
CA ALA C 298 -31.59 -9.90 41.29
C ALA C 298 -31.16 -11.37 41.41
N HIS C 299 -31.64 -12.18 40.48
CA HIS C 299 -31.38 -13.62 40.61
C HIS C 299 -31.60 -14.32 39.27
N CYS C 300 -31.11 -15.55 39.20
CA CYS C 300 -31.27 -16.40 38.04
C CYS C 300 -31.93 -17.72 38.44
N ASN C 301 -32.60 -18.34 37.49
CA ASN C 301 -33.28 -19.62 37.67
C ASN C 301 -32.81 -20.59 36.60
N VAL C 302 -32.59 -21.85 37.00
CA VAL C 302 -32.30 -22.93 36.06
C VAL C 302 -33.05 -24.18 36.49
N SER C 303 -33.59 -24.91 35.53
CA SER C 303 -34.37 -26.11 35.84
C SER C 303 -33.50 -27.15 36.52
N LYS C 304 -34.11 -27.89 37.45
CA LYS C 304 -33.40 -28.88 38.26
C LYS C 304 -33.23 -30.21 37.53
N ALA C 305 -34.31 -30.74 36.97
CA ALA C 305 -34.23 -32.04 36.28
C ALA C 305 -33.31 -31.95 35.08
N THR C 306 -33.40 -30.87 34.30
CA THR C 306 -32.53 -30.71 33.14
C THR C 306 -31.06 -30.64 33.56
N TRP C 307 -30.77 -29.90 34.63
CA TRP C 307 -29.40 -29.82 35.11
C TRP C 307 -28.89 -31.16 35.59
N ASN C 308 -29.74 -31.92 36.29
CA ASN C 308 -29.34 -33.25 36.75
C ASN C 308 -29.05 -34.17 35.58
N GLU C 309 -29.90 -34.14 34.55
CA GLU C 309 -29.66 -34.96 33.37
C GLU C 309 -28.37 -34.57 32.67
N THR C 310 -28.13 -33.25 32.54
CA THR C 310 -26.90 -32.79 31.89
C THR C 310 -25.67 -33.22 32.67
N LEU C 311 -25.72 -33.12 34.00
CA LEU C 311 -24.59 -33.56 34.82
C LEU C 311 -24.42 -35.08 34.74
N GLY C 312 -25.51 -35.83 34.61
CA GLY C 312 -25.38 -37.26 34.38
C GLY C 312 -24.65 -37.57 33.09
N LYS C 313 -25.02 -36.88 32.02
CA LYS C 313 -24.30 -37.06 30.75
C LYS C 313 -22.83 -36.68 30.90
N VAL C 314 -22.55 -35.57 31.59
CA VAL C 314 -21.19 -35.09 31.73
C VAL C 314 -20.34 -36.09 32.51
N VAL C 315 -20.88 -36.63 33.60
CA VAL C 315 -20.11 -37.60 34.39
C VAL C 315 -19.94 -38.90 33.62
N LYS C 316 -20.96 -39.30 32.84
CA LYS C 316 -20.81 -40.49 32.01
C LYS C 316 -19.67 -40.32 31.02
N GLN C 317 -19.57 -39.14 30.40
CA GLN C 317 -18.46 -38.92 29.47
C GLN C 317 -17.13 -38.79 30.20
N LEU C 318 -17.13 -38.20 31.40
CA LEU C 318 -15.89 -38.05 32.16
C LEU C 318 -15.34 -39.40 32.60
N ARG C 319 -16.21 -40.38 32.85
CA ARG C 319 -15.75 -41.70 33.27
C ARG C 319 -14.89 -42.36 32.21
N LYS C 320 -15.01 -41.94 30.95
CA LYS C 320 -14.24 -42.57 29.88
C LYS C 320 -12.75 -42.36 30.08
N HIS C 321 -12.34 -41.17 30.53
CA HIS C 321 -10.92 -40.84 30.68
C HIS C 321 -10.39 -41.10 32.09
N PHE C 322 -11.25 -41.13 33.11
CA PHE C 322 -10.83 -41.21 34.50
C PHE C 322 -11.31 -42.48 35.18
N GLY C 323 -11.41 -43.57 34.43
CA GLY C 323 -11.78 -44.85 34.98
C GLY C 323 -13.29 -45.05 35.07
N ASN C 324 -13.69 -46.31 35.21
CA ASN C 324 -15.09 -46.69 35.23
C ASN C 324 -15.64 -46.87 36.64
N ASN C 325 -14.78 -46.94 37.65
CA ASN C 325 -15.19 -47.09 39.05
C ASN C 325 -14.86 -45.87 39.89
N THR C 326 -14.47 -44.76 39.28
CA THR C 326 -14.05 -43.58 40.01
C THR C 326 -15.26 -42.75 40.45
N ILE C 327 -15.15 -42.17 41.64
CA ILE C 327 -16.19 -41.29 42.17
C ILE C 327 -15.93 -39.88 41.66
N ILE C 328 -16.96 -39.25 41.10
CA ILE C 328 -16.83 -37.95 40.44
C ILE C 328 -17.58 -36.92 41.28
N ARG C 329 -16.86 -35.90 41.74
CA ARG C 329 -17.41 -34.88 42.62
C ARG C 329 -17.44 -33.53 41.92
N PHE C 330 -18.49 -32.75 42.18
CA PHE C 330 -18.62 -31.37 41.73
C PHE C 330 -18.72 -30.50 42.97
N ALA C 331 -17.83 -29.52 43.09
CA ALA C 331 -17.70 -28.69 44.28
C ALA C 331 -17.65 -27.22 43.87
N ASN C 332 -17.45 -26.36 44.87
CA ASN C 332 -17.48 -24.92 44.68
C ASN C 332 -16.13 -24.43 44.13
N SER C 333 -16.12 -23.17 43.70
CA SER C 333 -14.90 -22.54 43.22
C SER C 333 -13.92 -22.35 44.37
N SER C 334 -12.63 -22.26 44.02
CA SER C 334 -11.59 -22.15 45.03
C SER C 334 -11.57 -20.76 45.65
N GLY C 335 -11.35 -19.73 44.83
CA GLY C 335 -11.30 -18.38 45.33
C GLY C 335 -10.56 -17.48 44.37
N GLY C 336 -10.50 -16.21 44.74
CA GLY C 336 -9.84 -15.19 43.95
C GLY C 336 -10.69 -13.96 43.74
N ASP C 337 -10.57 -13.34 42.57
CA ASP C 337 -11.35 -12.15 42.26
C ASP C 337 -12.82 -12.53 42.05
N LEU C 338 -13.69 -11.52 42.18
CA LEU C 338 -15.12 -11.76 41.97
C LEU C 338 -15.41 -12.18 40.54
N GLU C 339 -14.61 -11.72 39.58
CA GLU C 339 -14.84 -12.11 38.19
C GLU C 339 -14.65 -13.60 37.98
N VAL C 340 -13.61 -14.19 38.60
CA VAL C 340 -13.31 -15.59 38.39
C VAL C 340 -14.00 -16.50 39.40
N THR C 341 -14.37 -15.98 40.57
CA THR C 341 -15.06 -16.76 41.58
C THR C 341 -16.56 -16.90 41.30
N THR C 342 -17.11 -16.09 40.40
CA THR C 342 -18.54 -16.08 40.12
C THR C 342 -18.77 -16.08 38.61
N HIS C 343 -19.94 -16.60 38.23
CA HIS C 343 -20.42 -16.51 36.85
C HIS C 343 -20.76 -15.06 36.58
N SER C 344 -19.91 -14.37 35.82
CA SER C 344 -20.09 -12.96 35.51
C SER C 344 -20.54 -12.81 34.07
N PHE C 345 -21.55 -11.97 33.85
CA PHE C 345 -22.09 -11.75 32.52
C PHE C 345 -22.76 -10.38 32.48
N ASN C 346 -23.38 -10.05 31.35
CA ASN C 346 -24.04 -8.77 31.16
C ASN C 346 -25.42 -9.09 30.58
N CYS C 347 -26.46 -8.54 31.18
CA CYS C 347 -27.85 -8.75 30.76
C CYS C 347 -28.47 -7.38 30.47
N GLY C 348 -28.47 -7.00 29.19
CA GLY C 348 -29.10 -5.76 28.79
C GLY C 348 -28.46 -4.51 29.36
N GLY C 349 -27.14 -4.45 29.42
CA GLY C 349 -26.42 -3.29 29.89
C GLY C 349 -26.04 -3.31 31.36
N GLU C 350 -26.61 -4.23 32.14
CA GLU C 350 -26.30 -4.36 33.55
C GLU C 350 -25.41 -5.57 33.79
N PHE C 351 -24.36 -5.38 34.58
CA PHE C 351 -23.29 -6.37 34.75
C PHE C 351 -23.57 -7.19 36.00
N PHE C 352 -23.93 -8.45 35.79
CA PHE C 352 -24.27 -9.40 36.85
C PHE C 352 -23.06 -10.24 37.22
N TYR C 353 -22.94 -10.52 38.52
CA TYR C 353 -21.98 -11.48 39.05
C TYR C 353 -22.75 -12.40 39.97
N CYS C 354 -22.79 -13.70 39.64
CA CYS C 354 -23.68 -14.64 40.31
C CYS C 354 -22.96 -15.88 40.82
N ASN C 355 -23.55 -16.44 41.86
CA ASN C 355 -22.96 -17.43 42.75
C ASN C 355 -23.44 -18.82 42.32
N THR C 356 -22.67 -19.45 41.44
CA THR C 356 -23.01 -20.78 40.94
C THR C 356 -22.48 -21.84 41.92
N SER C 357 -23.13 -21.88 43.10
CA SER C 357 -22.80 -22.83 44.13
C SER C 357 -23.83 -23.92 44.32
N GLY C 358 -25.08 -23.70 43.92
CA GLY C 358 -26.08 -24.74 43.96
C GLY C 358 -25.99 -25.69 42.79
N LEU C 359 -25.24 -25.30 41.75
CA LEU C 359 -25.09 -26.15 40.58
C LEU C 359 -24.00 -27.20 40.79
N PHE C 360 -22.78 -26.74 41.10
CA PHE C 360 -21.62 -27.62 41.22
C PHE C 360 -21.46 -28.03 42.69
N ASN C 361 -22.43 -28.83 43.17
CA ASN C 361 -22.38 -29.33 44.54
C ASN C 361 -23.08 -30.69 44.54
N SER C 362 -22.30 -31.76 44.38
CA SER C 362 -22.86 -33.10 44.34
C SER C 362 -21.72 -34.11 44.21
N THR C 363 -22.07 -35.39 44.39
CA THR C 363 -21.14 -36.49 44.21
C THR C 363 -21.85 -37.60 43.45
N TRP C 364 -21.13 -38.26 42.55
CA TRP C 364 -21.66 -39.34 41.73
C TRP C 364 -20.79 -40.57 41.91
N ILE C 365 -21.42 -41.71 42.13
CA ILE C 365 -20.75 -42.98 42.38
C ILE C 365 -21.08 -43.94 41.26
N SER C 366 -20.09 -44.72 40.84
CA SER C 366 -20.31 -45.70 39.78
C SER C 366 -21.33 -46.74 40.21
N ASN C 367 -22.26 -47.04 39.32
CA ASN C 367 -23.31 -48.02 39.61
C ASN C 367 -23.93 -48.54 38.31
N SER C 378 -39.45 -32.17 39.37
CA SER C 378 -40.80 -31.98 38.85
C SER C 378 -40.92 -30.65 38.11
N ASN C 379 -41.07 -29.56 38.87
CA ASN C 379 -41.13 -28.22 38.30
C ASN C 379 -40.29 -27.19 39.07
N ASP C 380 -39.82 -27.52 40.27
CA ASP C 380 -38.99 -26.59 41.02
C ASP C 380 -37.66 -26.36 40.28
N SER C 381 -37.06 -25.21 40.55
CA SER C 381 -35.85 -24.78 39.88
C SER C 381 -34.83 -24.29 40.89
N ILE C 382 -33.55 -24.43 40.53
CA ILE C 382 -32.46 -23.90 41.35
C ILE C 382 -32.36 -22.41 41.11
N THR C 383 -32.35 -21.65 42.21
CA THR C 383 -32.29 -20.19 42.17
C THR C 383 -30.93 -19.74 42.65
N LEU C 384 -30.24 -18.97 41.82
CA LEU C 384 -28.95 -18.38 42.17
C LEU C 384 -29.16 -16.90 42.50
N PRO C 385 -29.01 -16.46 43.75
CA PRO C 385 -29.11 -15.03 44.05
C PRO C 385 -27.78 -14.34 43.74
N CYS C 386 -27.85 -13.11 43.26
CA CYS C 386 -26.62 -12.52 42.76
C CYS C 386 -26.69 -11.01 42.63
N ARG C 387 -25.52 -10.42 42.35
CA ARG C 387 -25.27 -9.00 42.53
C ARG C 387 -25.01 -8.32 41.19
N ILE C 388 -25.03 -6.98 41.23
CA ILE C 388 -24.83 -6.13 40.06
C ILE C 388 -23.70 -5.16 40.37
N LYS C 389 -22.95 -4.77 39.33
CA LYS C 389 -21.86 -3.82 39.48
C LYS C 389 -21.95 -2.76 38.39
N GLN C 390 -21.25 -1.64 38.63
CA GLN C 390 -21.23 -0.50 37.72
C GLN C 390 -19.84 -0.08 37.26
N ILE C 391 -18.80 -0.29 38.07
CA ILE C 391 -17.42 -0.02 37.69
C ILE C 391 -16.82 -1.34 37.24
N ILE C 392 -16.39 -1.41 35.98
CA ILE C 392 -16.07 -2.67 35.32
C ILE C 392 -14.64 -2.59 34.80
N ASN C 393 -13.87 -3.65 35.05
CA ASN C 393 -12.60 -3.91 34.39
C ASN C 393 -12.80 -5.19 33.58
N MET C 394 -13.29 -5.03 32.34
CA MET C 394 -13.72 -6.15 31.51
C MET C 394 -12.58 -7.13 31.28
N TRP C 395 -11.53 -6.70 30.62
CA TRP C 395 -10.38 -7.56 30.35
C TRP C 395 -9.42 -7.51 31.53
N GLN C 396 -8.52 -8.48 31.58
CA GLN C 396 -7.61 -8.61 32.71
C GLN C 396 -6.55 -7.51 32.64
N ARG C 397 -6.97 -6.27 32.91
CA ARG C 397 -6.12 -5.11 32.85
C ARG C 397 -6.34 -4.26 34.09
N ILE C 398 -5.36 -3.43 34.41
CA ILE C 398 -5.41 -2.52 35.56
C ILE C 398 -5.13 -1.12 35.06
N GLY C 399 -5.94 -0.16 35.49
CA GLY C 399 -5.79 1.23 35.12
C GLY C 399 -6.84 1.77 34.16
N GLN C 400 -7.83 0.96 33.77
CA GLN C 400 -8.89 1.41 32.87
C GLN C 400 -10.20 0.75 33.30
N CYS C 401 -11.19 1.59 33.61
CA CYS C 401 -12.50 1.11 34.07
C CYS C 401 -13.49 1.18 32.91
N MET C 402 -14.76 0.98 33.24
CA MET C 402 -15.86 1.40 32.37
C MET C 402 -17.09 1.56 33.24
N TYR C 403 -17.57 2.79 33.41
CA TYR C 403 -18.74 3.07 34.22
C TYR C 403 -20.00 2.81 33.40
N ALA C 404 -20.83 1.89 33.87
CA ALA C 404 -22.05 1.52 33.16
C ALA C 404 -23.19 2.41 33.67
N PRO C 405 -23.82 3.24 32.83
CA PRO C 405 -24.95 4.03 33.32
C PRO C 405 -26.10 3.12 33.69
N PRO C 406 -26.94 3.53 34.65
CA PRO C 406 -28.06 2.68 35.05
C PRO C 406 -29.08 2.51 33.95
N ILE C 407 -29.75 1.36 33.95
CA ILE C 407 -30.85 1.06 33.05
C ILE C 407 -32.16 1.34 33.76
N GLN C 408 -33.11 1.92 33.04
CA GLN C 408 -34.38 2.33 33.61
C GLN C 408 -35.38 1.17 33.56
N GLY C 409 -35.98 0.86 34.71
CA GLY C 409 -37.02 -0.15 34.78
C GLY C 409 -36.48 -1.54 35.09
N VAL C 410 -37.43 -2.47 35.16
CA VAL C 410 -37.13 -3.88 35.40
C VAL C 410 -36.41 -4.46 34.18
N ILE C 411 -35.53 -5.44 34.41
CA ILE C 411 -34.83 -6.09 33.30
C ILE C 411 -34.90 -7.61 33.50
N ARG C 412 -35.08 -8.33 32.40
CA ARG C 412 -35.15 -9.78 32.41
C ARG C 412 -34.54 -10.30 31.11
N CYS C 413 -33.90 -11.47 31.19
CA CYS C 413 -33.28 -12.08 30.03
C CYS C 413 -33.29 -13.60 30.19
N VAL C 414 -33.19 -14.29 29.06
CA VAL C 414 -33.16 -15.74 29.02
C VAL C 414 -32.05 -16.16 28.07
N SER C 415 -31.35 -17.24 28.42
CA SER C 415 -30.19 -17.68 27.65
C SER C 415 -30.08 -19.20 27.69
N ASN C 416 -29.27 -19.72 26.79
CA ASN C 416 -28.94 -21.15 26.70
C ASN C 416 -27.54 -21.38 27.26
N ILE C 417 -27.42 -22.34 28.17
CA ILE C 417 -26.13 -22.86 28.59
C ILE C 417 -25.79 -24.02 27.67
N THR C 418 -24.59 -23.95 27.05
CA THR C 418 -24.16 -24.93 26.06
C THR C 418 -22.73 -25.39 26.30
N GLY C 419 -22.24 -25.26 27.52
CA GLY C 419 -20.90 -25.73 27.83
C GLY C 419 -20.41 -25.24 29.18
N LEU C 420 -19.28 -25.79 29.58
CA LEU C 420 -18.65 -25.49 30.87
C LEU C 420 -17.15 -25.42 30.70
N ILE C 421 -16.51 -24.70 31.62
CA ILE C 421 -15.06 -24.67 31.76
C ILE C 421 -14.76 -25.17 33.17
N LEU C 422 -14.13 -26.34 33.26
CA LEU C 422 -13.86 -27.02 34.52
C LEU C 422 -12.36 -27.10 34.78
N THR C 423 -12.02 -27.31 36.06
CA THR C 423 -10.65 -27.53 36.48
C THR C 423 -10.62 -28.65 37.50
N ARG C 424 -9.64 -29.54 37.38
CA ARG C 424 -9.47 -30.66 38.28
C ARG C 424 -8.50 -30.26 39.39
N ASP C 425 -8.95 -30.33 40.64
CA ASP C 425 -8.10 -29.98 41.76
C ASP C 425 -7.34 -31.21 42.26
N GLY C 426 -6.12 -30.96 42.75
CA GLY C 426 -5.29 -32.04 43.26
C GLY C 426 -5.01 -33.10 42.22
N GLY C 427 -5.63 -34.27 42.37
CA GLY C 427 -5.46 -35.35 41.43
C GLY C 427 -4.39 -36.37 41.77
N SER C 428 -3.88 -36.36 43.00
CA SER C 428 -2.85 -37.30 43.37
C SER C 428 -3.41 -38.73 43.42
N THR C 429 -2.50 -39.70 43.37
CA THR C 429 -2.89 -41.11 43.37
C THR C 429 -3.34 -41.58 44.74
N ASN C 430 -3.23 -40.75 45.78
CA ASN C 430 -3.61 -41.20 47.12
C ASN C 430 -5.08 -41.57 47.20
N SER C 431 -5.94 -40.78 46.59
CA SER C 431 -7.39 -40.97 46.64
C SER C 431 -7.92 -41.31 45.25
N THR C 432 -9.04 -42.05 45.24
CA THR C 432 -9.72 -42.46 44.03
C THR C 432 -10.94 -41.60 43.72
N THR C 433 -11.00 -40.40 44.28
CA THR C 433 -12.10 -39.47 44.06
C THR C 433 -11.59 -38.28 43.26
N GLU C 434 -12.28 -37.96 42.17
CA GLU C 434 -11.96 -36.83 41.32
C GLU C 434 -12.96 -35.72 41.55
N THR C 435 -12.47 -34.54 41.89
CA THR C 435 -13.30 -33.37 42.16
C THR C 435 -13.02 -32.31 41.10
N PHE C 436 -14.09 -31.80 40.49
CA PHE C 436 -14.00 -30.78 39.46
C PHE C 436 -14.69 -29.51 39.95
N ARG C 437 -14.08 -28.36 39.66
CA ARG C 437 -14.59 -27.08 40.09
C ARG C 437 -14.71 -26.14 38.90
N PRO C 438 -15.62 -25.16 38.94
CA PRO C 438 -15.72 -24.22 37.82
C PRO C 438 -14.47 -23.37 37.70
N GLY C 439 -14.17 -22.95 36.47
CA GLY C 439 -13.05 -22.08 36.19
C GLY C 439 -13.40 -20.99 35.19
N GLY C 440 -12.39 -20.28 34.68
CA GLY C 440 -12.62 -19.24 33.71
C GLY C 440 -11.61 -18.11 33.80
N GLY C 441 -12.08 -16.88 33.58
CA GLY C 441 -11.21 -15.71 33.65
C GLY C 441 -10.65 -15.33 32.30
N ASP C 442 -9.83 -16.19 31.70
CA ASP C 442 -9.23 -15.92 30.41
C ASP C 442 -10.28 -16.06 29.32
N MET C 443 -10.42 -15.03 28.48
CA MET C 443 -11.45 -15.04 27.45
C MET C 443 -11.05 -15.82 26.21
N ARG C 444 -9.76 -16.19 26.08
CA ARG C 444 -9.36 -16.98 24.92
C ARG C 444 -10.02 -18.35 24.91
N ASP C 445 -10.35 -18.90 26.08
CA ASP C 445 -11.08 -20.15 26.13
C ASP C 445 -12.48 -20.02 25.56
N ASN C 446 -13.10 -18.83 25.66
CA ASN C 446 -14.42 -18.64 25.07
C ASN C 446 -14.36 -18.64 23.55
N TRP C 447 -13.33 -18.05 22.97
CA TRP C 447 -13.19 -18.04 21.52
C TRP C 447 -12.73 -19.41 21.01
N ARG C 448 -11.94 -20.13 21.82
CA ARG C 448 -11.42 -21.42 21.39
C ARG C 448 -12.52 -22.44 21.16
N SER C 449 -13.60 -22.36 21.94
CA SER C 449 -14.70 -23.32 21.80
C SER C 449 -15.45 -23.16 20.49
N GLU C 450 -15.26 -22.06 19.76
CA GLU C 450 -15.96 -21.81 18.50
C GLU C 450 -15.09 -22.03 17.27
N LEU C 451 -13.79 -21.76 17.36
CA LEU C 451 -12.86 -21.88 16.23
C LEU C 451 -12.03 -23.15 16.32
N TYR C 452 -12.58 -24.22 16.90
CA TYR C 452 -11.81 -25.44 17.09
C TYR C 452 -11.66 -26.26 15.81
N LYS C 453 -12.59 -26.12 14.86
CA LYS C 453 -12.61 -26.94 13.66
C LYS C 453 -12.13 -26.20 12.42
N TYR C 454 -11.48 -25.05 12.58
CA TYR C 454 -11.00 -24.25 11.46
C TYR C 454 -9.49 -24.09 11.51
N LYS C 455 -8.87 -24.01 10.34
CA LYS C 455 -7.45 -23.68 10.27
C LYS C 455 -7.18 -22.94 8.96
N VAL C 456 -6.04 -22.28 8.89
CA VAL C 456 -5.66 -21.42 7.78
C VAL C 456 -4.40 -21.99 7.14
N VAL C 457 -4.37 -22.06 5.81
CA VAL C 457 -3.22 -22.53 5.06
C VAL C 457 -2.98 -21.58 3.88
N LYS C 458 -1.77 -21.66 3.32
CA LYS C 458 -1.36 -20.85 2.18
C LYS C 458 -0.95 -21.76 1.04
N ILE C 459 -1.36 -21.40 -0.18
CA ILE C 459 -1.21 -22.24 -1.36
C ILE C 459 0.20 -22.10 -1.92
N GLU C 460 0.68 -23.18 -2.55
CA GLU C 460 2.00 -23.24 -3.16
C GLU C 460 1.83 -23.70 -4.61
N PRO C 461 1.61 -22.77 -5.55
CA PRO C 461 1.21 -23.19 -6.90
C PRO C 461 2.34 -23.69 -7.79
N LEU C 462 3.60 -23.52 -7.40
CA LEU C 462 4.73 -23.93 -8.25
C LEU C 462 5.10 -25.37 -7.95
N GLY C 463 5.24 -26.18 -9.01
CA GLY C 463 5.56 -27.58 -8.87
C GLY C 463 6.45 -28.05 -9.99
N VAL C 464 7.16 -29.16 -9.72
CA VAL C 464 8.13 -29.74 -10.65
C VAL C 464 7.90 -31.24 -10.67
N ALA C 465 7.99 -31.85 -11.85
CA ALA C 465 7.78 -33.29 -11.98
C ALA C 465 8.65 -33.82 -13.12
N PRO C 466 8.80 -35.13 -13.22
CA PRO C 466 9.48 -35.73 -14.39
C PRO C 466 8.51 -35.83 -15.56
N THR C 467 9.02 -35.62 -16.77
CA THR C 467 8.20 -35.67 -17.97
C THR C 467 9.11 -35.87 -19.17
N ARG C 468 8.53 -36.40 -20.25
CA ARG C 468 9.28 -36.98 -21.36
C ARG C 468 9.36 -36.07 -22.58
N CYS C 469 9.17 -34.76 -22.44
CA CYS C 469 9.44 -33.86 -23.56
C CYS C 469 10.94 -33.61 -23.67
N LYS C 470 11.30 -32.59 -24.44
CA LYS C 470 12.48 -31.79 -24.19
C LYS C 470 12.36 -30.51 -24.99
N ARG C 471 12.67 -29.37 -24.37
CA ARG C 471 12.55 -28.07 -25.01
C ARG C 471 13.41 -28.01 -26.28
N ALA D 1 -32.35 -37.59 -20.38
CA ALA D 1 -31.68 -36.30 -20.39
C ALA D 1 -32.29 -35.32 -19.39
N VAL D 2 -33.32 -35.75 -18.67
CA VAL D 2 -33.99 -34.95 -17.65
C VAL D 2 -33.90 -35.71 -16.32
N GLY D 3 -33.53 -35.00 -15.27
CA GLY D 3 -33.27 -35.64 -13.99
C GLY D 3 -31.80 -36.00 -13.85
N ILE D 4 -30.93 -35.14 -14.37
CA ILE D 4 -29.49 -35.35 -14.33
C ILE D 4 -28.82 -34.06 -13.86
N GLY D 5 -27.80 -34.22 -13.01
CA GLY D 5 -27.07 -33.09 -12.44
C GLY D 5 -25.65 -33.01 -12.96
N ALA D 6 -25.13 -31.79 -13.05
CA ALA D 6 -23.77 -31.54 -13.52
C ALA D 6 -23.03 -30.75 -12.44
N VAL D 7 -21.85 -31.24 -12.06
CA VAL D 7 -21.02 -30.61 -11.03
C VAL D 7 -19.58 -30.59 -11.51
N PHE D 8 -18.90 -29.47 -11.25
CA PHE D 8 -17.52 -29.26 -11.65
C PHE D 8 -16.62 -29.23 -10.42
N LEU D 9 -15.42 -29.79 -10.54
CA LEU D 9 -14.44 -29.70 -9.48
C LEU D 9 -14.04 -28.25 -9.27
N GLY D 10 -14.21 -27.76 -8.05
CA GLY D 10 -14.02 -26.35 -7.72
C GLY D 10 -12.75 -26.14 -6.92
N PHE D 11 -12.01 -25.09 -7.30
CA PHE D 11 -10.79 -24.64 -6.63
C PHE D 11 -9.87 -25.82 -6.25
N LEU D 12 -9.81 -26.19 -4.96
CA LEU D 12 -8.93 -27.25 -4.49
C LEU D 12 -9.57 -28.63 -4.54
N GLY D 13 -10.59 -28.81 -5.39
CA GLY D 13 -11.28 -30.10 -5.43
C GLY D 13 -10.38 -31.25 -5.85
N ALA D 14 -9.39 -30.97 -6.69
CA ALA D 14 -8.48 -32.00 -7.19
C ALA D 14 -7.31 -32.24 -6.26
N ALA D 15 -7.38 -31.81 -5.00
CA ALA D 15 -6.28 -32.03 -4.07
C ALA D 15 -6.05 -33.52 -3.82
N GLY D 16 -7.12 -34.29 -3.63
CA GLY D 16 -7.02 -35.71 -3.39
C GLY D 16 -6.88 -36.57 -4.63
N SER D 17 -6.99 -35.98 -5.82
CA SER D 17 -6.89 -36.73 -7.06
C SER D 17 -5.43 -36.94 -7.44
N THR D 18 -5.21 -37.87 -8.38
CA THR D 18 -3.86 -38.19 -8.81
C THR D 18 -3.25 -37.01 -9.54
N MET D 19 -1.94 -37.10 -9.78
CA MET D 19 -1.22 -36.00 -10.44
C MET D 19 -1.73 -35.78 -11.84
N GLY D 20 -1.92 -36.86 -12.61
CA GLY D 20 -2.39 -36.72 -13.97
C GLY D 20 -3.77 -36.09 -14.05
N ALA D 21 -4.68 -36.52 -13.19
CA ALA D 21 -6.02 -35.93 -13.16
C ALA D 21 -5.99 -34.51 -12.63
N ALA D 22 -5.14 -34.24 -11.64
CA ALA D 22 -5.06 -32.90 -11.06
C ALA D 22 -4.41 -31.90 -12.00
N SER D 23 -3.63 -32.36 -12.97
CA SER D 23 -2.94 -31.47 -13.90
C SER D 23 -3.86 -30.92 -15.00
N MET D 24 -5.14 -31.30 -15.02
CA MET D 24 -6.08 -30.84 -16.02
C MET D 24 -6.91 -29.64 -15.56
N THR D 25 -6.64 -29.11 -14.35
CA THR D 25 -7.41 -28.01 -13.80
C THR D 25 -6.51 -26.96 -13.17
N LEU D 26 -5.37 -26.67 -13.79
CA LEU D 26 -4.44 -25.69 -13.22
C LEU D 26 -5.00 -24.27 -13.27
N THR D 27 -5.88 -23.98 -14.23
CA THR D 27 -6.37 -22.61 -14.38
C THR D 27 -7.23 -22.17 -13.19
N VAL D 28 -8.01 -23.08 -12.62
CA VAL D 28 -8.87 -22.70 -11.50
C VAL D 28 -8.04 -22.30 -10.29
N GLN D 29 -6.89 -22.97 -10.10
CA GLN D 29 -5.98 -22.57 -9.02
C GLN D 29 -5.25 -21.28 -9.38
N ALA D 30 -4.81 -21.16 -10.63
CA ALA D 30 -4.01 -19.99 -11.03
C ALA D 30 -4.82 -18.71 -10.91
N ARG D 31 -6.11 -18.76 -11.28
CA ARG D 31 -6.93 -17.56 -11.24
C ARG D 31 -7.17 -17.04 -9.82
N ASN D 32 -7.05 -17.91 -8.82
CA ASN D 32 -7.37 -17.54 -7.44
C ASN D 32 -6.18 -16.98 -6.67
N LEU D 33 -4.97 -16.99 -7.24
CA LEU D 33 -3.82 -16.46 -6.53
C LEU D 33 -3.87 -14.93 -6.44
N LEU D 34 -4.45 -14.27 -7.44
CA LEU D 34 -4.51 -12.81 -7.47
C LEU D 34 -5.72 -12.25 -6.74
N SER D 35 -6.87 -12.91 -6.83
CA SER D 35 -8.08 -12.47 -6.15
C SER D 35 -9.21 -13.48 -6.35
N THR D 58 -8.44 3.08 11.08
CA THR D 58 -7.30 3.48 10.28
C THR D 58 -6.18 2.46 10.39
N VAL D 59 -5.99 1.92 11.61
CA VAL D 59 -4.91 0.97 11.83
C VAL D 59 -5.16 -0.33 11.06
N TRP D 60 -6.43 -0.76 10.97
CA TRP D 60 -6.73 -2.00 10.27
C TRP D 60 -6.50 -1.87 8.77
N GLY D 61 -6.73 -0.67 8.22
CA GLY D 61 -6.43 -0.46 6.81
C GLY D 61 -4.97 -0.71 6.50
N ILE D 62 -4.07 -0.36 7.43
CA ILE D 62 -2.65 -0.59 7.22
C ILE D 62 -2.38 -2.08 7.08
N LYS D 63 -2.97 -2.89 7.96
CA LYS D 63 -2.75 -4.34 7.90
C LYS D 63 -3.35 -4.94 6.63
N GLN D 64 -4.55 -4.50 6.25
CA GLN D 64 -5.17 -5.02 5.03
C GLN D 64 -4.32 -4.68 3.81
N LEU D 65 -3.84 -3.44 3.73
CA LEU D 65 -3.01 -3.04 2.61
C LEU D 65 -1.68 -3.77 2.60
N GLN D 66 -1.11 -4.02 3.78
CA GLN D 66 0.12 -4.81 3.86
C GLN D 66 -0.11 -6.21 3.33
N ALA D 67 -1.24 -6.83 3.68
CA ALA D 67 -1.54 -8.17 3.17
C ALA D 67 -1.69 -8.15 1.65
N ARG D 68 -2.38 -7.14 1.13
CA ARG D 68 -2.54 -7.05 -0.32
C ARG D 68 -1.19 -6.88 -1.03
N VAL D 69 -0.33 -6.02 -0.48
CA VAL D 69 0.99 -5.81 -1.07
C VAL D 69 1.81 -7.09 -1.01
N LEU D 70 1.72 -7.83 0.09
CA LEU D 70 2.45 -9.09 0.20
C LEU D 70 1.97 -10.10 -0.84
N ALA D 71 0.65 -10.17 -1.06
CA ALA D 71 0.13 -11.08 -2.08
C ALA D 71 0.63 -10.69 -3.46
N VAL D 72 0.60 -9.40 -3.76
CA VAL D 72 1.09 -8.94 -5.07
C VAL D 72 2.57 -9.28 -5.23
N GLU D 73 3.36 -9.07 -4.18
CA GLU D 73 4.78 -9.35 -4.24
C GLU D 73 5.04 -10.83 -4.46
N ARG D 74 4.29 -11.70 -3.78
CA ARG D 74 4.46 -13.14 -3.98
C ARG D 74 4.13 -13.53 -5.42
N TYR D 75 3.02 -12.99 -5.95
CA TYR D 75 2.66 -13.29 -7.33
C TYR D 75 3.74 -12.84 -8.30
N LEU D 76 4.28 -11.63 -8.09
CA LEU D 76 5.31 -11.12 -8.98
C LEU D 76 6.58 -11.94 -8.87
N ARG D 77 6.93 -12.40 -7.67
CA ARG D 77 8.11 -13.24 -7.50
C ARG D 77 7.97 -14.55 -8.27
N ASP D 78 6.79 -15.18 -8.16
CA ASP D 78 6.57 -16.43 -8.90
C ASP D 78 6.63 -16.19 -10.40
N GLN D 79 6.02 -15.11 -10.87
CA GLN D 79 6.06 -14.82 -12.30
C GLN D 79 7.49 -14.53 -12.77
N GLN D 80 8.28 -13.83 -11.94
CA GLN D 80 9.66 -13.56 -12.30
C GLN D 80 10.46 -14.85 -12.40
N LEU D 81 10.25 -15.78 -11.47
CA LEU D 81 10.96 -17.06 -11.56
C LEU D 81 10.57 -17.81 -12.83
N LEU D 82 9.27 -17.84 -13.14
CA LEU D 82 8.82 -18.51 -14.35
C LEU D 82 9.43 -17.88 -15.60
N GLY D 83 9.48 -16.55 -15.65
CA GLY D 83 10.08 -15.88 -16.78
C GLY D 83 11.57 -16.13 -16.89
N ILE D 84 12.26 -16.19 -15.75
CA ILE D 84 13.69 -16.43 -15.77
C ILE D 84 13.98 -17.83 -16.28
N TRP D 85 13.12 -18.81 -15.97
CA TRP D 85 13.31 -20.16 -16.49
C TRP D 85 12.91 -20.30 -17.95
N GLY D 86 12.38 -19.26 -18.58
CA GLY D 86 11.94 -19.32 -19.96
C GLY D 86 10.56 -19.89 -20.17
N CYS D 87 9.81 -20.15 -19.10
CA CYS D 87 8.45 -20.66 -19.18
C CYS D 87 7.41 -19.56 -19.02
N SER D 88 7.69 -18.37 -19.53
CA SER D 88 6.78 -17.25 -19.38
C SER D 88 5.50 -17.51 -20.16
N GLY D 89 4.36 -17.23 -19.53
CA GLY D 89 3.08 -17.35 -20.20
C GLY D 89 2.61 -18.76 -20.45
N LYS D 90 3.11 -19.73 -19.69
CA LYS D 90 2.72 -21.13 -19.85
C LYS D 90 2.41 -21.75 -18.50
N LEU D 91 1.39 -22.59 -18.47
CA LEU D 91 1.06 -23.38 -17.29
C LEU D 91 1.79 -24.71 -17.26
N ILE D 92 2.01 -25.34 -18.42
CA ILE D 92 2.84 -26.53 -18.56
C ILE D 92 3.97 -26.17 -19.50
N CYS D 93 5.20 -26.34 -19.03
CA CYS D 93 6.40 -25.96 -19.78
C CYS D 93 7.49 -26.96 -19.48
N CYS D 94 7.68 -27.92 -20.38
CA CYS D 94 8.76 -28.89 -20.22
C CYS D 94 10.07 -28.34 -20.77
N THR D 95 11.17 -28.72 -20.12
CA THR D 95 12.45 -28.04 -20.22
C THR D 95 13.52 -28.99 -20.78
N ASN D 96 14.78 -28.52 -20.74
CA ASN D 96 15.92 -29.28 -21.25
C ASN D 96 16.76 -29.91 -20.15
N VAL D 97 16.48 -29.66 -18.88
CA VAL D 97 17.29 -30.18 -17.79
C VAL D 97 16.99 -31.66 -17.61
N PRO D 98 17.97 -32.57 -17.68
CA PRO D 98 17.68 -33.99 -17.44
C PRO D 98 17.35 -34.24 -15.98
N TRP D 99 16.60 -35.31 -15.75
CA TRP D 99 16.16 -35.69 -14.41
C TRP D 99 17.21 -36.58 -13.78
N ASN D 100 17.93 -36.05 -12.81
CA ASN D 100 18.89 -36.85 -12.05
C ASN D 100 18.17 -37.95 -11.29
N SER D 101 18.70 -39.17 -11.38
CA SER D 101 18.09 -40.30 -10.67
C SER D 101 18.23 -40.18 -9.16
N SER D 102 19.20 -39.40 -8.69
CA SER D 102 19.36 -39.24 -7.24
C SER D 102 18.16 -38.53 -6.62
N TRP D 103 17.54 -37.61 -7.35
CA TRP D 103 16.37 -36.91 -6.82
C TRP D 103 15.22 -37.87 -6.55
N SER D 104 14.98 -38.80 -7.47
CA SER D 104 13.94 -39.80 -7.30
C SER D 104 14.23 -40.98 -8.22
N ASN D 105 13.75 -42.15 -7.81
CA ASN D 105 13.94 -43.39 -8.55
C ASN D 105 12.65 -43.96 -9.13
N ARG D 106 11.49 -43.48 -8.67
CA ARG D 106 10.23 -44.05 -9.12
C ARG D 106 9.99 -43.75 -10.60
N ASN D 107 9.36 -44.71 -11.28
CA ASN D 107 9.03 -44.56 -12.68
C ASN D 107 7.73 -43.79 -12.85
N LEU D 108 7.44 -43.41 -14.10
CA LEU D 108 6.26 -42.60 -14.38
C LEU D 108 4.97 -43.33 -14.04
N SER D 109 4.97 -44.66 -14.07
CA SER D 109 3.76 -45.42 -13.77
C SER D 109 3.33 -45.21 -12.32
N GLU D 110 4.29 -45.13 -11.41
CA GLU D 110 4.01 -45.00 -9.99
C GLU D 110 3.99 -43.55 -9.51
N ILE D 111 4.11 -42.58 -10.42
CA ILE D 111 4.09 -41.15 -10.08
C ILE D 111 2.81 -40.49 -10.56
N TRP D 112 2.48 -40.62 -11.84
CA TRP D 112 1.37 -39.90 -12.45
C TRP D 112 0.04 -40.63 -12.33
N ASP D 113 0.02 -41.86 -11.78
CA ASP D 113 -1.21 -42.62 -11.63
C ASP D 113 -1.38 -43.24 -10.26
N ASN D 114 -0.41 -43.08 -9.35
CA ASN D 114 -0.47 -43.67 -8.02
C ASN D 114 0.05 -42.71 -6.95
N MET D 115 -0.08 -41.41 -7.19
CA MET D 115 0.42 -40.42 -6.24
C MET D 115 -0.34 -39.12 -6.44
N THR D 116 -0.25 -38.24 -5.44
CA THR D 116 -0.86 -36.93 -5.47
C THR D 116 0.22 -35.86 -5.31
N TRP D 117 -0.17 -34.62 -5.62
CA TRP D 117 0.81 -33.53 -5.62
C TRP D 117 1.36 -33.25 -4.23
N LEU D 118 0.54 -33.38 -3.19
CA LEU D 118 1.02 -33.14 -1.84
C LEU D 118 2.11 -34.14 -1.46
N GLN D 119 1.89 -35.43 -1.76
CA GLN D 119 2.89 -36.44 -1.47
C GLN D 119 4.17 -36.19 -2.25
N TRP D 120 4.05 -35.80 -3.52
CA TRP D 120 5.23 -35.49 -4.32
C TRP D 120 6.00 -34.31 -3.74
N ASP D 121 5.28 -33.27 -3.31
CA ASP D 121 5.94 -32.12 -2.67
C ASP D 121 6.66 -32.54 -1.41
N LYS D 122 6.02 -33.39 -0.59
CA LYS D 122 6.68 -33.87 0.62
C LYS D 122 7.94 -34.66 0.29
N GLU D 123 7.89 -35.48 -0.77
CA GLU D 123 9.04 -36.30 -1.13
C GLU D 123 10.20 -35.45 -1.65
N ILE D 124 9.91 -34.47 -2.51
CA ILE D 124 10.94 -33.75 -3.24
C ILE D 124 11.29 -32.41 -2.58
N SER D 125 10.77 -32.14 -1.38
CA SER D 125 10.95 -30.83 -0.77
C SER D 125 12.42 -30.47 -0.51
N ASN D 126 13.32 -31.46 -0.49
CA ASN D 126 14.71 -31.23 -0.14
C ASN D 126 15.63 -31.18 -1.36
N TYR D 127 15.08 -31.24 -2.57
CA TYR D 127 15.87 -31.17 -3.81
C TYR D 127 15.32 -30.09 -4.75
N THR D 128 14.87 -28.96 -4.19
CA THR D 128 14.15 -27.96 -4.96
C THR D 128 15.06 -26.85 -5.50
N GLN D 129 15.98 -26.34 -4.66
CA GLN D 129 16.75 -25.16 -5.06
C GLN D 129 17.76 -25.49 -6.16
N ILE D 130 18.39 -26.67 -6.08
CA ILE D 130 19.39 -27.04 -7.07
C ILE D 130 18.75 -27.15 -8.46
N ILE D 131 17.51 -27.65 -8.53
CA ILE D 131 16.80 -27.71 -9.80
C ILE D 131 16.56 -26.30 -10.32
N TYR D 132 16.24 -25.37 -9.43
CA TYR D 132 16.01 -23.99 -9.86
C TYR D 132 17.28 -23.39 -10.44
N GLY D 133 18.42 -23.59 -9.78
CA GLY D 133 19.67 -23.09 -10.30
C GLY D 133 20.05 -23.71 -11.64
N LEU D 134 19.83 -25.02 -11.77
CA LEU D 134 20.09 -25.68 -13.04
C LEU D 134 19.22 -25.11 -14.14
N LEU D 135 17.94 -24.86 -13.86
CA LEU D 135 17.07 -24.28 -14.87
C LEU D 135 17.53 -22.89 -15.27
N GLU D 136 17.94 -22.07 -14.29
CA GLU D 136 18.42 -20.73 -14.59
C GLU D 136 19.64 -20.78 -15.50
N GLU D 137 20.64 -21.59 -15.14
CA GLU D 137 21.86 -21.67 -15.95
C GLU D 137 21.55 -22.21 -17.34
N SER D 138 20.67 -23.21 -17.43
CA SER D 138 20.31 -23.77 -18.73
C SER D 138 19.67 -22.71 -19.61
N GLN D 139 18.71 -21.95 -19.06
CA GLN D 139 18.03 -20.94 -19.87
C GLN D 139 19.00 -19.85 -20.32
N ASN D 140 19.94 -19.46 -19.45
CA ASN D 140 20.95 -18.51 -19.86
C ASN D 140 21.77 -19.05 -21.04
N GLN D 141 22.13 -20.33 -20.97
CA GLN D 141 22.88 -20.94 -22.07
C GLN D 141 22.07 -20.94 -23.37
N GLN D 142 20.77 -21.26 -23.28
CA GLN D 142 19.94 -21.26 -24.49
C GLN D 142 19.83 -19.85 -25.07
N GLU D 143 19.70 -18.84 -24.21
CA GLU D 143 19.63 -17.47 -24.72
C GLU D 143 20.92 -17.08 -25.42
N LYS D 144 22.07 -17.42 -24.84
CA LYS D 144 23.34 -17.12 -25.49
C LYS D 144 23.44 -17.83 -26.83
N ASN D 145 23.06 -19.10 -26.89
CA ASN D 145 23.14 -19.85 -28.13
C ASN D 145 22.21 -19.28 -29.19
N GLU D 146 21.00 -18.86 -28.78
CA GLU D 146 20.07 -18.26 -29.72
C GLU D 146 20.62 -16.96 -30.29
N GLN D 147 21.24 -16.13 -29.43
CA GLN D 147 21.85 -14.91 -29.92
C GLN D 147 22.97 -15.22 -30.92
N ASP D 148 23.80 -16.21 -30.60
CA ASP D 148 24.89 -16.57 -31.51
C ASP D 148 24.35 -17.07 -32.84
N LEU D 149 23.29 -17.88 -32.81
CA LEU D 149 22.68 -18.37 -34.04
C LEU D 149 22.13 -17.22 -34.87
N LEU D 150 21.42 -16.29 -34.24
CA LEU D 150 20.86 -15.16 -34.97
C LEU D 150 21.93 -14.21 -35.48
N ALA D 151 23.12 -14.24 -34.88
CA ALA D 151 24.21 -13.38 -35.37
C ALA D 151 24.58 -13.70 -36.81
N LEU D 152 24.61 -14.98 -37.17
CA LEU D 152 24.95 -15.38 -38.54
C LEU D 152 23.93 -14.84 -39.53
N ALA E 1 27.86 -0.19 -43.78
CA ALA E 1 28.99 -1.09 -43.53
C ALA E 1 28.95 -1.63 -42.10
N GLU E 2 28.60 -0.76 -41.16
CA GLU E 2 28.52 -1.17 -39.76
C GLU E 2 27.47 -2.26 -39.56
N ASN E 3 26.28 -2.08 -40.15
CA ASN E 3 25.15 -3.02 -40.08
C ASN E 3 24.90 -3.49 -38.65
N LEU E 4 25.05 -2.59 -37.69
CA LEU E 4 24.75 -2.87 -36.29
C LEU E 4 23.30 -2.50 -35.98
N TRP E 5 22.75 -3.18 -34.97
CA TRP E 5 21.34 -3.07 -34.62
C TRP E 5 21.18 -2.91 -33.12
N VAL E 6 20.10 -2.25 -32.72
CA VAL E 6 19.82 -2.05 -31.31
C VAL E 6 19.50 -3.37 -30.65
N THR E 7 20.06 -3.58 -29.46
CA THR E 7 19.79 -4.77 -28.66
C THR E 7 19.65 -4.38 -27.20
N VAL E 8 18.68 -5.00 -26.53
CA VAL E 8 18.26 -4.62 -25.19
C VAL E 8 18.79 -5.65 -24.20
N TYR E 9 19.34 -5.16 -23.09
CA TYR E 9 19.79 -5.99 -21.98
C TYR E 9 19.09 -5.54 -20.71
N TYR E 10 18.64 -6.52 -19.92
CA TYR E 10 17.97 -6.27 -18.65
C TYR E 10 18.82 -6.86 -17.53
N GLY E 11 19.19 -6.01 -16.56
CA GLY E 11 20.01 -6.44 -15.44
C GLY E 11 21.43 -5.89 -15.51
N VAL E 12 21.59 -4.76 -16.17
CA VAL E 12 22.93 -4.18 -16.33
C VAL E 12 23.38 -3.56 -15.01
N PRO E 13 24.69 -3.61 -14.66
CA PRO E 13 25.14 -2.96 -13.41
C PRO E 13 25.41 -1.47 -13.57
N VAL E 14 24.34 -0.68 -13.47
CA VAL E 14 24.41 0.78 -13.59
C VAL E 14 23.57 1.39 -12.48
N TRP E 15 23.99 2.54 -11.99
CA TRP E 15 23.31 3.20 -10.89
C TRP E 15 23.36 4.72 -11.06
N LYS E 16 22.48 5.40 -10.33
CA LYS E 16 22.43 6.85 -10.29
C LYS E 16 22.16 7.31 -8.87
N ASP E 17 22.61 8.52 -8.56
CA ASP E 17 22.36 9.08 -7.24
C ASP E 17 20.87 9.30 -7.03
N ALA E 18 20.39 9.00 -5.82
CA ALA E 18 18.97 9.06 -5.53
C ALA E 18 18.75 9.23 -4.03
N GLU E 19 17.52 9.61 -3.68
CA GLU E 19 17.09 9.75 -2.30
C GLU E 19 15.90 8.84 -2.05
N THR E 20 15.90 8.18 -0.89
CA THR E 20 14.84 7.25 -0.53
C THR E 20 14.71 7.22 0.99
N THR E 21 13.93 6.27 1.49
CA THR E 21 13.67 6.10 2.93
C THR E 21 14.22 4.76 3.36
N LEU E 22 15.27 4.78 4.17
CA LEU E 22 15.85 3.57 4.72
C LEU E 22 15.07 3.13 5.97
N PHE E 23 15.20 1.85 6.31
CA PHE E 23 14.47 1.25 7.42
C PHE E 23 15.44 0.66 8.43
N CYS E 24 14.86 0.14 9.51
CA CYS E 24 15.62 -0.28 10.68
C CYS E 24 16.33 -1.63 10.48
N ALA E 25 17.33 -1.85 11.32
CA ALA E 25 17.84 -3.19 11.60
C ALA E 25 18.64 -3.10 12.90
N SER E 26 18.28 -3.89 13.90
CA SER E 26 18.92 -3.87 15.20
C SER E 26 18.96 -5.27 15.78
N ASP E 27 19.98 -5.52 16.60
CA ASP E 27 20.14 -6.82 17.23
C ASP E 27 19.02 -7.10 18.22
N HIS E 36 12.76 -1.37 28.22
CA HIS E 36 12.22 -0.08 27.78
C HIS E 36 13.35 0.90 27.50
N ASN E 37 13.39 1.41 26.27
CA ASN E 37 14.40 2.37 25.86
C ASN E 37 13.74 3.48 25.05
N VAL E 38 14.32 4.68 25.12
CA VAL E 38 13.80 5.80 24.34
C VAL E 38 13.93 5.52 22.85
N TRP E 39 15.02 4.86 22.46
CA TRP E 39 15.26 4.50 21.06
C TRP E 39 14.62 3.14 20.83
N ALA E 40 13.32 3.15 20.52
CA ALA E 40 12.52 1.94 20.47
C ALA E 40 13.01 0.97 19.40
N THR E 41 13.54 -0.17 19.82
CA THR E 41 13.88 -1.26 18.91
C THR E 41 12.69 -2.19 18.63
N HIS E 42 11.54 -1.93 19.25
CA HIS E 42 10.36 -2.76 19.01
C HIS E 42 9.92 -2.69 17.55
N ALA E 43 9.91 -1.49 16.98
CA ALA E 43 9.51 -1.28 15.60
C ALA E 43 10.67 -1.41 14.62
N CYS E 44 11.80 -1.97 15.06
CA CYS E 44 13.00 -2.11 14.24
C CYS E 44 13.27 -3.59 13.98
N VAL E 45 13.57 -3.92 12.73
CA VAL E 45 13.67 -5.30 12.27
C VAL E 45 14.91 -5.94 12.89
N PRO E 46 14.94 -7.27 13.10
CA PRO E 46 16.19 -7.90 13.50
C PRO E 46 17.26 -7.80 12.42
N THR E 47 18.52 -7.76 12.86
CA THR E 47 19.65 -7.65 11.95
C THR E 47 20.18 -9.03 11.58
N ASP E 48 20.74 -9.12 10.37
CA ASP E 48 21.32 -10.37 9.90
C ASP E 48 22.58 -10.68 10.72
N PRO E 49 22.75 -11.91 11.21
CA PRO E 49 23.97 -12.21 11.99
C PRO E 49 25.25 -12.09 11.18
N ASN E 50 25.18 -12.30 9.86
CA ASN E 50 26.36 -12.32 8.99
C ASN E 50 26.13 -11.37 7.82
N PRO E 51 26.33 -10.06 8.03
CA PRO E 51 26.15 -9.12 6.91
C PRO E 51 27.14 -9.40 5.78
N GLN E 52 26.69 -9.14 4.55
CA GLN E 52 27.46 -9.41 3.35
C GLN E 52 27.93 -8.09 2.74
N GLU E 53 29.21 -8.06 2.35
CA GLU E 53 29.81 -6.89 1.71
C GLU E 53 30.51 -7.34 0.44
N ILE E 54 30.26 -6.63 -0.66
CA ILE E 54 30.81 -6.97 -1.97
C ILE E 54 31.72 -5.84 -2.42
N HIS E 55 33.01 -6.14 -2.53
CA HIS E 55 34.02 -5.14 -2.91
C HIS E 55 33.97 -4.93 -4.42
N LEU E 56 33.58 -3.74 -4.86
CA LEU E 56 33.49 -3.44 -6.28
C LEU E 56 34.87 -2.99 -6.76
N GLU E 57 35.54 -3.85 -7.52
CA GLU E 57 36.88 -3.56 -8.01
C GLU E 57 36.77 -2.72 -9.28
N ASN E 58 37.71 -1.78 -9.43
CA ASN E 58 37.84 -0.82 -10.53
C ASN E 58 36.77 0.28 -10.48
N VAL E 59 35.93 0.33 -9.45
CA VAL E 59 34.89 1.34 -9.35
C VAL E 59 35.40 2.52 -8.55
N THR E 60 35.38 3.70 -9.17
CA THR E 60 35.77 4.95 -8.53
C THR E 60 34.53 5.84 -8.46
N GLU E 61 34.09 6.15 -7.24
CA GLU E 61 32.86 6.88 -7.01
C GLU E 61 33.16 8.30 -6.54
N GLU E 62 32.11 9.11 -6.44
CA GLU E 62 32.19 10.47 -5.93
C GLU E 62 31.38 10.56 -4.65
N PHE E 63 31.94 11.23 -3.65
CA PHE E 63 31.32 11.34 -2.33
C PHE E 63 31.35 12.79 -1.85
N ASN E 64 30.34 13.13 -1.04
CA ASN E 64 30.24 14.48 -0.47
C ASN E 64 29.47 14.35 0.85
N MET E 65 30.21 14.41 1.97
CA MET E 65 29.59 14.25 3.27
C MET E 65 28.65 15.40 3.63
N TRP E 66 28.83 16.58 3.02
CA TRP E 66 28.06 17.76 3.37
C TRP E 66 26.74 17.86 2.61
N LYS E 67 26.41 16.88 1.76
CA LYS E 67 25.15 16.86 1.04
C LYS E 67 24.48 15.49 1.16
N ASN E 68 24.63 14.84 2.31
CA ASN E 68 24.05 13.52 2.54
C ASN E 68 22.67 13.65 3.15
N ASN E 69 21.68 13.03 2.52
CA ASN E 69 20.32 13.02 3.04
C ASN E 69 20.12 12.03 4.18
N MET E 70 21.04 11.07 4.33
CA MET E 70 20.96 10.14 5.45
C MET E 70 21.01 10.88 6.77
N VAL E 71 21.78 11.97 6.84
CA VAL E 71 21.86 12.76 8.06
C VAL E 71 20.50 13.37 8.38
N GLU E 72 19.84 13.93 7.37
CA GLU E 72 18.52 14.52 7.60
C GLU E 72 17.51 13.47 8.05
N GLN E 73 17.52 12.30 7.38
CA GLN E 73 16.60 11.24 7.77
C GLN E 73 16.86 10.78 9.19
N MET E 74 18.14 10.63 9.56
CA MET E 74 18.47 10.21 10.92
C MET E 74 18.02 11.24 11.95
N HIS E 75 18.22 12.53 11.66
CA HIS E 75 17.78 13.56 12.59
C HIS E 75 16.27 13.51 12.77
N THR E 76 15.53 13.39 11.66
CA THR E 76 14.07 13.32 11.75
C THR E 76 13.63 12.08 12.53
N ASP E 77 14.25 10.94 12.27
CA ASP E 77 13.87 9.72 12.98
C ASP E 77 14.17 9.81 14.47
N ILE E 78 15.31 10.38 14.83
CA ILE E 78 15.66 10.52 16.24
C ILE E 78 14.67 11.43 16.95
N ILE E 79 14.33 12.56 16.31
CA ILE E 79 13.37 13.49 16.92
C ILE E 79 12.01 12.81 17.06
N SER E 80 11.59 12.07 16.04
CA SER E 80 10.30 11.38 16.10
C SER E 80 10.26 10.35 17.22
N LEU E 81 11.34 9.57 17.37
CA LEU E 81 11.38 8.58 18.45
C LEU E 81 11.34 9.27 19.81
N TRP E 82 12.09 10.37 19.97
CA TRP E 82 12.09 11.09 21.24
C TRP E 82 10.70 11.61 21.56
N ASP E 83 10.01 12.15 20.55
CA ASP E 83 8.65 12.63 20.78
C ASP E 83 7.71 11.50 21.12
N GLN E 84 7.85 10.35 20.45
CA GLN E 84 6.97 9.22 20.71
C GLN E 84 7.14 8.68 22.12
N SER E 85 8.39 8.65 22.61
CA SER E 85 8.64 8.06 23.92
C SER E 85 7.94 8.80 25.05
N LEU E 86 7.75 10.11 24.91
CA LEU E 86 7.21 10.93 25.99
C LEU E 86 5.69 11.02 26.01
N LYS E 87 5.01 10.50 24.99
CA LYS E 87 3.56 10.66 24.92
C LYS E 87 2.82 10.02 26.09
N PRO E 88 3.04 8.73 26.44
CA PRO E 88 2.32 8.11 27.55
C PRO E 88 3.00 8.33 28.91
N CYS E 89 3.12 9.60 29.31
CA CYS E 89 3.74 9.96 30.57
C CYS E 89 2.98 11.13 31.19
N VAL E 90 3.20 11.32 32.49
CA VAL E 90 2.45 12.32 33.24
C VAL E 90 2.81 13.71 32.76
N LYS E 91 1.80 14.57 32.67
CA LYS E 91 1.98 15.98 32.35
C LYS E 91 1.89 16.80 33.63
N LEU E 92 2.93 17.61 33.89
CA LEU E 92 3.04 18.34 35.15
C LEU E 92 2.40 19.72 35.04
N THR E 93 1.13 19.74 34.65
CA THR E 93 0.35 20.96 34.62
C THR E 93 0.19 21.59 36.01
N PRO E 94 -0.16 20.82 37.06
CA PRO E 94 -0.42 21.46 38.36
C PRO E 94 0.81 22.00 39.06
N LEU E 95 2.01 21.85 38.49
CA LEU E 95 3.24 22.26 39.19
C LEU E 95 3.53 23.75 39.10
N CYS E 96 2.77 24.50 38.30
CA CYS E 96 2.95 25.95 38.24
C CYS E 96 2.19 26.58 39.40
N VAL E 97 2.88 26.75 40.53
CA VAL E 97 2.32 27.35 41.74
C VAL E 97 3.36 28.29 42.33
N THR E 98 2.93 29.06 43.33
CA THR E 98 3.82 29.97 44.03
C THR E 98 4.60 29.19 45.08
N LEU E 99 5.88 28.94 44.80
CA LEU E 99 6.76 28.23 45.73
C LEU E 99 7.37 29.22 46.72
N GLN E 100 7.58 28.75 47.94
CA GLN E 100 8.26 29.52 48.99
C GLN E 100 9.58 28.82 49.28
N CYS E 101 10.69 29.47 48.95
CA CYS E 101 12.00 28.84 48.91
C CYS E 101 12.93 29.43 49.96
N THR E 102 13.88 28.59 50.39
CA THR E 102 14.87 28.96 51.38
C THR E 102 16.22 28.35 50.98
N ASN E 103 17.29 29.04 51.36
CA ASN E 103 18.63 28.52 51.09
C ASN E 103 18.91 27.29 51.93
N VAL E 104 19.56 26.30 51.33
CA VAL E 104 20.01 25.09 52.02
C VAL E 104 21.48 25.26 52.36
N THR E 105 21.83 25.03 53.63
CA THR E 105 23.18 25.26 54.12
C THR E 105 23.63 24.18 55.09
N ASN E 106 23.18 22.94 54.91
CA ASN E 106 23.56 21.83 55.79
C ASN E 106 24.70 21.06 55.13
N ASN E 107 25.91 21.29 55.62
CA ASN E 107 27.11 20.60 55.15
C ASN E 107 27.31 20.81 53.64
N ILE E 108 27.54 22.08 53.28
CA ILE E 108 27.80 22.48 51.90
C ILE E 108 29.19 23.11 51.83
N THR E 109 29.82 22.97 50.67
CA THR E 109 31.14 23.54 50.44
C THR E 109 30.97 25.00 50.02
N ASP E 110 32.08 25.63 49.64
CA ASP E 110 32.06 27.02 49.20
C ASP E 110 31.57 27.19 47.77
N ASP E 111 31.72 26.16 46.93
CA ASP E 111 31.32 26.24 45.53
C ASP E 111 29.90 25.73 45.29
N MET E 112 29.20 25.24 46.32
CA MET E 112 27.82 24.79 46.23
C MET E 112 26.93 25.63 47.15
N ARG E 113 27.25 26.92 47.26
CA ARG E 113 26.49 27.85 48.08
C ARG E 113 25.48 28.57 47.18
N GLY E 114 24.19 28.30 47.41
CA GLY E 114 23.13 28.90 46.64
C GLY E 114 22.69 28.11 45.41
N GLU E 115 23.31 26.96 45.14
CA GLU E 115 22.93 26.17 43.97
C GLU E 115 21.67 25.36 44.19
N LEU E 116 21.24 25.16 45.45
CA LEU E 116 20.07 24.37 45.77
C LEU E 116 19.10 25.22 46.60
N LYS E 117 17.81 25.02 46.35
CA LYS E 117 16.74 25.74 47.04
C LYS E 117 15.75 24.74 47.62
N ASN E 118 15.40 24.94 48.90
CA ASN E 118 14.43 24.13 49.60
C ASN E 118 13.09 24.85 49.52
N CYS E 119 12.18 24.34 48.68
CA CYS E 119 10.95 25.05 48.32
C CYS E 119 9.73 24.26 48.75
N SER E 120 8.82 24.93 49.47
CA SER E 120 7.56 24.35 49.90
C SER E 120 6.41 24.97 49.12
N PHE E 121 5.35 24.19 48.93
CA PHE E 121 4.21 24.63 48.13
C PHE E 121 3.00 23.77 48.47
N ASN E 122 1.85 24.19 47.94
CA ASN E 122 0.62 23.43 48.01
C ASN E 122 0.46 22.63 46.72
N MET E 123 -0.20 21.47 46.84
CA MET E 123 -0.39 20.58 45.70
C MET E 123 -1.76 19.92 45.82
N THR E 124 -2.28 19.51 44.67
CA THR E 124 -3.54 18.77 44.63
C THR E 124 -3.32 17.34 45.11
N THR E 125 -4.41 16.57 45.16
CA THR E 125 -4.34 15.17 45.58
C THR E 125 -5.38 14.40 44.76
N GLU E 126 -5.61 13.14 45.16
CA GLU E 126 -6.48 12.27 44.39
C GLU E 126 -7.94 12.71 44.44
N LEU E 127 -8.37 13.34 45.53
CA LEU E 127 -9.71 13.91 45.63
C LEU E 127 -9.65 15.39 45.23
N ARG E 128 -10.56 15.80 44.35
CA ARG E 128 -10.51 17.14 43.77
C ARG E 128 -11.01 18.24 44.73
N ASP E 129 -11.35 17.91 45.98
CA ASP E 129 -11.75 18.89 46.98
C ASP E 129 -10.79 18.93 48.17
N LYS E 130 -9.56 18.47 47.97
CA LYS E 130 -8.55 18.42 49.03
C LYS E 130 -7.23 18.93 48.51
N LYS E 131 -6.41 19.43 49.42
CA LYS E 131 -5.07 19.93 49.10
C LYS E 131 -4.08 19.41 50.14
N GLN E 132 -2.81 19.37 49.75
CA GLN E 132 -1.73 18.94 50.63
C GLN E 132 -0.60 19.96 50.54
N LYS E 133 0.24 19.97 51.56
CA LYS E 133 1.43 20.81 51.61
C LYS E 133 2.66 19.92 51.52
N VAL E 134 3.55 20.22 50.57
CA VAL E 134 4.73 19.40 50.31
C VAL E 134 5.93 20.32 50.12
N TYR E 135 7.11 19.71 50.06
CA TYR E 135 8.35 20.44 49.83
C TYR E 135 9.27 19.61 48.96
N SER E 136 10.27 20.27 48.39
CA SER E 136 11.19 19.63 47.46
C SER E 136 12.49 20.44 47.43
N LEU E 137 13.50 19.84 46.80
CA LEU E 137 14.78 20.50 46.56
C LEU E 137 14.91 20.75 45.06
N PHE E 138 15.05 22.00 44.68
CA PHE E 138 15.21 22.41 43.29
C PHE E 138 16.60 23.01 43.09
N TYR E 139 17.00 23.09 41.82
CA TYR E 139 18.27 23.71 41.47
C TYR E 139 18.06 25.18 41.14
N ARG E 140 19.12 25.98 41.36
CA ARG E 140 19.03 27.41 41.11
C ARG E 140 18.73 27.72 39.64
N LEU E 141 19.15 26.84 38.74
CA LEU E 141 18.89 27.05 37.31
C LEU E 141 17.44 26.77 36.93
N ASP E 142 16.64 26.17 37.82
CA ASP E 142 15.28 25.75 37.50
C ASP E 142 14.21 26.67 38.05
N VAL E 143 14.53 27.52 39.03
CA VAL E 143 13.56 28.39 39.68
C VAL E 143 13.98 29.84 39.46
N VAL E 144 12.99 30.69 39.17
CA VAL E 144 13.20 32.11 38.95
C VAL E 144 12.33 32.88 39.94
N GLN E 145 12.90 33.93 40.54
CA GLN E 145 12.18 34.73 41.51
C GLN E 145 11.00 35.44 40.84
N ILE E 146 9.92 35.57 41.60
CA ILE E 146 8.68 36.18 41.10
C ILE E 146 8.60 37.64 41.52
N LYS E 159 11.05 35.99 48.40
CA LYS E 159 10.99 34.63 48.91
C LYS E 159 9.92 33.80 48.19
N GLU E 160 9.46 34.29 47.03
CA GLU E 160 8.46 33.60 46.22
C GLU E 160 9.07 33.34 44.85
N TYR E 161 9.13 32.06 44.46
CA TYR E 161 9.77 31.61 43.23
C TYR E 161 8.73 30.92 42.35
N ARG E 162 9.13 30.65 41.11
CA ARG E 162 8.31 29.85 40.20
C ARG E 162 9.22 29.10 39.24
N LEU E 163 8.72 28.00 38.70
CA LEU E 163 9.50 27.22 37.75
C LEU E 163 9.76 28.04 36.50
N ILE E 164 10.91 27.78 35.87
CA ILE E 164 11.38 28.63 34.78
C ILE E 164 10.45 28.55 33.57
N ASN E 165 9.87 27.38 33.33
CA ASN E 165 9.10 27.14 32.11
C ASN E 165 7.64 27.58 32.22
N CYS E 166 7.19 28.04 33.39
CA CYS E 166 5.77 28.24 33.63
C CYS E 166 5.16 29.35 32.77
N ASN E 167 5.95 30.32 32.31
CA ASN E 167 5.45 31.36 31.42
C ASN E 167 5.62 31.02 29.95
N THR E 168 6.19 29.86 29.63
CA THR E 168 6.35 29.41 28.25
C THR E 168 5.43 28.24 27.91
N SER E 169 5.44 27.19 28.71
CA SER E 169 4.60 26.02 28.48
C SER E 169 4.71 25.10 29.70
N ALA E 170 3.86 24.08 29.72
CA ALA E 170 3.93 23.00 30.70
C ALA E 170 4.30 21.71 29.97
N CYS E 171 5.29 21.00 30.51
CA CYS E 171 5.86 19.84 29.84
C CYS E 171 5.74 18.61 30.73
N THR E 172 5.98 17.46 30.12
CA THR E 172 5.73 16.18 30.76
C THR E 172 6.94 15.69 31.55
N GLN E 173 6.68 14.83 32.53
CA GLN E 173 7.71 14.18 33.31
C GLN E 173 8.12 12.88 32.62
N ALA E 174 9.43 12.71 32.41
CA ALA E 174 9.92 11.49 31.80
C ALA E 174 9.54 10.29 32.66
N CYS E 175 8.99 9.26 32.03
CA CYS E 175 8.58 8.08 32.76
C CYS E 175 9.81 7.40 33.37
N PRO E 176 9.76 6.98 34.63
CA PRO E 176 10.97 6.51 35.31
C PRO E 176 11.46 5.14 34.87
N LYS E 177 10.74 4.45 33.99
CA LYS E 177 11.12 3.11 33.54
C LYS E 177 11.97 3.12 32.27
N VAL E 178 11.78 4.12 31.40
CA VAL E 178 12.53 4.16 30.15
C VAL E 178 13.96 4.59 30.42
N SER E 179 14.90 3.98 29.71
CA SER E 179 16.32 4.26 29.85
C SER E 179 16.81 5.12 28.70
N PHE E 180 17.71 6.04 29.01
CA PHE E 180 18.28 6.96 28.03
C PHE E 180 19.54 6.42 27.37
N GLU E 181 19.94 5.19 27.66
CA GLU E 181 21.19 4.66 27.13
C GLU E 181 21.08 4.51 25.61
N PRO E 182 22.05 5.00 24.83
CA PRO E 182 22.01 4.75 23.39
C PRO E 182 22.14 3.28 23.05
N ILE E 183 21.52 2.90 21.94
CA ILE E 183 21.57 1.52 21.43
C ILE E 183 21.99 1.61 19.96
N PRO E 184 22.85 0.71 19.46
CA PRO E 184 23.21 0.79 18.04
C PRO E 184 22.01 0.58 17.13
N ILE E 185 22.01 1.29 16.00
CA ILE E 185 20.95 1.21 15.00
C ILE E 185 21.61 1.10 13.63
N HIS E 186 21.12 0.17 12.81
CA HIS E 186 21.58 -0.02 11.44
C HIS E 186 20.50 0.41 10.47
N TYR E 187 20.90 1.07 9.38
CA TYR E 187 19.99 1.64 8.40
C TYR E 187 20.12 0.88 7.08
N CYS E 188 19.07 0.14 6.71
CA CYS E 188 19.10 -0.69 5.50
C CYS E 188 18.11 -0.18 4.47
N ALA E 189 18.58 -0.16 3.22
CA ALA E 189 17.90 0.45 2.08
C ALA E 189 16.82 -0.47 1.53
N PRO E 190 15.87 0.06 0.74
CA PRO E 190 14.83 -0.80 0.18
C PRO E 190 15.31 -1.59 -1.03
N ALA E 191 14.41 -2.37 -1.63
CA ALA E 191 14.74 -3.11 -2.85
C ALA E 191 14.86 -2.14 -4.02
N GLY E 192 15.79 -2.44 -4.93
CA GLY E 192 16.07 -1.58 -6.06
C GLY E 192 17.09 -0.50 -5.80
N PHE E 193 17.56 -0.36 -4.57
CA PHE E 193 18.59 0.60 -4.19
C PHE E 193 19.78 -0.14 -3.61
N ALA E 194 20.87 0.60 -3.41
CA ALA E 194 22.10 0.03 -2.87
C ALA E 194 22.83 1.09 -2.06
N ILE E 195 23.61 0.62 -1.09
CA ILE E 195 24.43 1.48 -0.24
C ILE E 195 25.89 1.21 -0.57
N LEU E 196 26.57 2.26 -1.05
CA LEU E 196 27.99 2.21 -1.37
C LEU E 196 28.79 2.79 -0.21
N LYS E 197 29.91 2.12 0.09
CA LYS E 197 30.77 2.46 1.20
C LYS E 197 32.19 2.68 0.68
N CYS E 198 32.82 3.77 1.11
CA CYS E 198 34.17 4.12 0.71
C CYS E 198 35.15 3.55 1.73
N LYS E 199 35.98 2.61 1.29
CA LYS E 199 36.94 1.93 2.15
C LYS E 199 38.33 2.57 2.11
N ASP E 200 38.46 3.76 1.52
CA ASP E 200 39.75 4.40 1.37
C ASP E 200 40.08 5.20 2.63
N LYS E 201 41.16 4.81 3.31
CA LYS E 201 41.66 5.59 4.42
C LYS E 201 42.27 6.89 3.90
N LYS E 202 42.37 7.89 4.79
CA LYS E 202 42.74 9.27 4.45
C LYS E 202 41.63 10.00 3.69
N PHE E 203 40.46 9.38 3.54
CA PHE E 203 39.37 10.00 2.80
C PHE E 203 38.72 11.08 3.67
N ASN E 204 38.76 12.32 3.20
CA ASN E 204 38.31 13.47 3.99
C ASN E 204 36.86 13.85 3.70
N GLY E 205 36.04 12.90 3.24
CA GLY E 205 34.61 13.08 3.14
C GLY E 205 34.11 13.71 1.87
N THR E 206 34.99 14.30 1.05
CA THR E 206 34.59 14.95 -0.19
C THR E 206 35.59 14.57 -1.28
N GLY E 207 35.07 14.26 -2.47
CA GLY E 207 35.90 14.00 -3.62
C GLY E 207 35.75 12.59 -4.15
N PRO E 208 36.73 12.14 -4.96
CA PRO E 208 36.64 10.78 -5.53
C PRO E 208 37.24 9.71 -4.63
N CYS E 209 36.46 8.66 -4.37
CA CYS E 209 36.91 7.49 -3.63
C CYS E 209 37.28 6.39 -4.62
N PRO E 210 38.54 5.90 -4.66
CA PRO E 210 38.86 4.80 -5.58
C PRO E 210 38.39 3.43 -5.12
N SER E 211 38.43 3.15 -3.82
CA SER E 211 38.10 1.85 -3.27
C SER E 211 36.66 1.88 -2.75
N VAL E 212 35.80 1.05 -3.33
CA VAL E 212 34.37 1.10 -3.08
C VAL E 212 33.84 -0.31 -2.83
N SER E 213 32.84 -0.41 -1.95
CA SER E 213 32.15 -1.66 -1.71
C SER E 213 30.66 -1.37 -1.62
N THR E 214 29.87 -2.44 -1.73
CA THR E 214 28.42 -2.40 -1.55
C THR E 214 28.07 -3.18 -0.31
N VAL E 215 27.27 -2.58 0.58
CA VAL E 215 26.90 -3.20 1.84
C VAL E 215 25.40 -3.28 1.90
N GLN E 216 24.89 -4.37 2.51
CA GLN E 216 23.45 -4.42 2.74
C GLN E 216 23.01 -3.30 3.65
N CYS E 217 23.74 -3.02 4.72
CA CYS E 217 23.47 -1.81 5.50
C CYS E 217 24.57 -1.49 6.52
N THR E 218 24.38 -0.31 7.12
CA THR E 218 25.43 0.41 7.83
C THR E 218 25.70 -0.22 9.20
N HIS E 219 26.96 -0.09 9.64
CA HIS E 219 27.36 -0.56 10.95
C HIS E 219 26.55 0.11 12.06
N GLY E 220 26.56 -0.51 13.24
CA GLY E 220 25.83 0.01 14.37
C GLY E 220 26.30 1.38 14.79
N ILE E 221 25.40 2.37 14.78
CA ILE E 221 25.71 3.75 15.15
C ILE E 221 24.93 4.07 16.42
N LYS E 222 25.64 4.48 17.46
CA LYS E 222 24.99 4.88 18.70
C LYS E 222 24.51 6.33 18.59
N PRO E 223 23.21 6.62 18.81
CA PRO E 223 22.79 8.04 18.78
C PRO E 223 23.15 8.78 20.07
N VAL E 224 24.43 9.08 20.21
CA VAL E 224 24.94 9.76 21.39
C VAL E 224 24.70 11.26 21.23
N VAL E 225 24.04 11.87 22.21
CA VAL E 225 23.73 13.30 22.20
C VAL E 225 24.71 14.01 23.11
N SER E 226 25.50 14.91 22.53
CA SER E 226 26.48 15.68 23.28
C SER E 226 26.91 16.88 22.45
N THR E 227 27.45 17.88 23.13
CA THR E 227 27.97 19.08 22.48
C THR E 227 29.40 19.33 22.93
N GLN E 228 30.20 19.92 22.04
CA GLN E 228 31.57 20.35 22.22
C GLN E 228 32.55 19.18 22.25
N LEU E 229 32.09 17.93 22.29
CA LEU E 229 32.97 16.77 22.35
C LEU E 229 32.17 15.56 21.87
N LEU E 230 32.79 14.75 21.02
CA LEU E 230 32.16 13.55 20.48
C LEU E 230 32.56 12.36 21.36
N LEU E 231 31.56 11.69 21.93
CA LEU E 231 31.78 10.63 22.90
C LEU E 231 31.28 9.30 22.36
N ASN E 232 32.01 8.23 22.73
CA ASN E 232 31.62 6.86 22.40
C ASN E 232 31.43 6.69 20.89
N GLY E 233 32.32 7.30 20.11
CA GLY E 233 32.26 7.28 18.67
C GLY E 233 33.29 6.34 18.06
N SER E 234 33.47 6.49 16.75
CA SER E 234 34.44 5.72 15.99
C SER E 234 35.75 6.48 15.87
N LEU E 235 36.85 5.75 15.75
CA LEU E 235 38.20 6.30 15.72
C LEU E 235 38.81 6.14 14.34
N ALA E 236 39.57 7.13 13.91
CA ALA E 236 40.31 7.02 12.66
C ALA E 236 41.32 5.89 12.77
N GLU E 237 41.40 5.07 11.71
CA GLU E 237 42.25 3.89 11.71
C GLU E 237 43.73 4.22 11.62
N GLU E 238 44.09 5.40 11.10
CA GLU E 238 45.49 5.76 10.83
C GLU E 238 45.99 6.92 11.67
N GLU E 239 45.33 8.06 11.61
CA GLU E 239 45.82 9.28 12.26
C GLU E 239 44.65 10.24 12.43
N VAL E 240 44.92 11.37 13.08
CA VAL E 240 43.89 12.38 13.30
C VAL E 240 43.45 12.95 11.94
N MET E 241 42.15 13.11 11.77
CA MET E 241 41.56 13.59 10.53
C MET E 241 40.82 14.89 10.79
N ILE E 242 40.93 15.83 9.85
CA ILE E 242 40.26 17.13 9.92
C ILE E 242 39.38 17.27 8.70
N ARG E 243 38.12 17.63 8.91
CA ARG E 243 37.15 17.80 7.84
C ARG E 243 36.44 19.13 7.98
N SER E 244 36.15 19.76 6.84
CA SER E 244 35.42 21.02 6.82
C SER E 244 34.90 21.25 5.40
N GLU E 245 33.70 21.81 5.30
CA GLU E 245 33.11 22.05 3.99
C GLU E 245 33.93 23.04 3.19
N ASN E 246 34.39 24.11 3.82
CA ASN E 246 35.23 25.12 3.16
C ASN E 246 36.16 25.68 4.24
N ILE E 247 37.36 25.10 4.33
CA ILE E 247 38.29 25.42 5.41
C ILE E 247 38.75 26.87 5.39
N THR E 248 38.68 27.53 4.23
CA THR E 248 39.01 28.95 4.17
C THR E 248 37.95 29.82 4.83
N ASN E 249 36.69 29.39 4.79
CA ASN E 249 35.59 30.15 5.39
C ASN E 249 35.53 29.85 6.88
N ASN E 250 35.51 30.91 7.69
CA ASN E 250 35.48 30.77 9.14
C ASN E 250 34.09 30.50 9.70
N ALA E 251 33.04 30.60 8.88
CA ALA E 251 31.68 30.34 9.33
C ALA E 251 31.31 28.87 9.30
N LYS E 252 32.21 27.99 8.86
CA LYS E 252 31.95 26.56 8.78
C LYS E 252 32.71 25.85 9.89
N ASN E 253 32.03 24.95 10.59
CA ASN E 253 32.65 24.21 11.68
C ASN E 253 33.67 23.22 11.14
N ILE E 254 34.62 22.87 12.00
CA ILE E 254 35.68 21.91 11.69
C ILE E 254 35.46 20.67 12.54
N LEU E 255 35.39 19.51 11.90
CA LEU E 255 35.22 18.23 12.58
C LEU E 255 36.58 17.55 12.67
N VAL E 256 37.03 17.30 13.90
CA VAL E 256 38.30 16.63 14.16
C VAL E 256 37.99 15.24 14.69
N GLN E 257 38.59 14.23 14.08
CA GLN E 257 38.45 12.84 14.49
C GLN E 257 39.80 12.35 15.01
N PHE E 258 39.82 11.87 16.25
CA PHE E 258 41.05 11.44 16.88
C PHE E 258 41.47 10.06 16.36
N ASN E 259 42.75 9.75 16.54
CA ASN E 259 43.29 8.44 16.22
C ASN E 259 43.14 7.48 17.39
N THR E 260 43.26 7.97 18.62
CA THR E 260 43.09 7.20 19.83
C THR E 260 42.12 7.92 20.75
N PRO E 261 41.42 7.19 21.63
CA PRO E 261 40.46 7.83 22.53
C PRO E 261 41.12 8.40 23.77
N VAL E 262 40.42 9.37 24.37
CA VAL E 262 40.85 10.00 25.62
C VAL E 262 39.80 9.72 26.68
N GLN E 263 40.18 9.04 27.76
CA GLN E 263 39.21 8.63 28.76
C GLN E 263 38.85 9.81 29.67
N ILE E 264 37.55 9.93 29.96
CA ILE E 264 37.02 10.98 30.82
C ILE E 264 36.08 10.34 31.83
N ASN E 265 36.27 10.65 33.11
CA ASN E 265 35.47 10.10 34.20
C ASN E 265 34.75 11.20 34.94
N CYS E 266 33.43 11.11 35.03
CA CYS E 266 32.67 12.08 35.84
C CYS E 266 31.49 11.53 36.59
N THR E 267 31.23 12.23 37.70
CA THR E 267 30.37 11.74 38.76
C THR E 267 29.60 12.89 39.39
N ARG E 268 28.40 12.56 39.85
CA ARG E 268 27.66 13.34 40.82
C ARG E 268 27.70 12.58 42.14
N PRO E 269 28.36 13.09 43.18
CA PRO E 269 28.56 12.28 44.39
C PRO E 269 27.49 12.42 45.46
N ASN E 270 26.54 13.34 45.31
CA ASN E 270 25.50 13.51 46.32
C ASN E 270 24.62 12.27 46.39
N ASN E 271 24.36 11.82 47.62
CA ASN E 271 23.51 10.65 47.86
C ASN E 271 22.06 11.14 47.87
N ASN E 272 21.47 11.23 46.68
CA ASN E 272 20.14 11.79 46.55
C ASN E 272 19.09 10.80 47.06
N THR E 273 17.90 11.33 47.34
CA THR E 273 16.75 10.55 47.77
C THR E 273 15.55 10.96 46.92
N ARG E 274 14.71 9.99 46.58
CA ARG E 274 13.53 10.19 45.75
C ARG E 274 12.29 9.84 46.55
N LYS E 275 11.25 10.68 46.43
CA LYS E 275 9.96 10.41 47.05
C LYS E 275 8.86 10.70 46.04
N SER E 276 7.73 10.02 46.21
CA SER E 276 6.59 10.11 45.31
C SER E 276 5.45 10.86 45.98
N ILE E 277 4.83 11.77 45.22
CA ILE E 277 3.70 12.56 45.69
C ILE E 277 2.55 12.33 44.72
N ARG E 278 1.42 11.86 45.23
CA ARG E 278 0.26 11.56 44.39
C ARG E 278 -0.49 12.86 44.11
N ILE E 279 -0.46 13.30 42.85
CA ILE E 279 -1.07 14.57 42.45
C ILE E 279 -2.45 14.37 41.82
N GLY E 280 -2.93 13.14 41.71
CA GLY E 280 -4.21 12.87 41.12
C GLY E 280 -4.48 11.38 41.02
N PRO E 281 -5.58 10.99 40.37
CA PRO E 281 -5.85 9.56 40.20
C PRO E 281 -4.83 8.90 39.28
N GLY E 282 -3.98 8.06 39.85
CA GLY E 282 -2.95 7.39 39.07
C GLY E 282 -1.93 8.33 38.46
N GLN E 283 -1.52 9.36 39.19
CA GLN E 283 -0.51 10.32 38.72
C GLN E 283 0.40 10.68 39.86
N ALA E 284 1.71 10.48 39.67
CA ALA E 284 2.71 10.69 40.70
C ALA E 284 3.78 11.65 40.20
N PHE E 285 4.28 12.47 41.12
CA PHE E 285 5.38 13.39 40.88
C PHE E 285 6.54 12.99 41.77
N TYR E 286 7.72 12.85 41.17
CA TYR E 286 8.91 12.38 41.88
C TYR E 286 9.76 13.58 42.26
N ALA E 287 10.00 13.73 43.56
CA ALA E 287 10.70 14.88 44.12
C ALA E 287 11.93 14.42 44.89
N THR E 288 12.89 15.35 45.03
CA THR E 288 14.10 15.10 45.79
C THR E 288 13.82 15.36 47.26
N GLY E 289 13.80 14.30 48.07
CA GLY E 289 13.51 14.42 49.48
C GLY E 289 14.58 15.14 50.26
N ASP E 290 15.75 14.51 50.39
CA ASP E 290 16.86 15.07 51.14
C ASP E 290 18.16 14.45 50.63
N ILE E 291 19.27 15.09 50.99
CA ILE E 291 20.60 14.63 50.63
C ILE E 291 21.28 14.10 51.89
N ILE E 292 21.82 12.90 51.82
CA ILE E 292 22.43 12.23 52.95
C ILE E 292 23.93 12.54 52.94
N GLY E 293 24.42 13.07 54.06
CA GLY E 293 25.84 13.35 54.21
C GLY E 293 26.18 14.77 53.75
N ASP E 294 27.27 14.90 53.02
CA ASP E 294 27.74 16.19 52.55
C ASP E 294 27.18 16.49 51.15
N ILE E 295 27.32 17.76 50.75
CA ILE E 295 26.88 18.24 49.45
C ILE E 295 28.10 18.80 48.73
N ARG E 296 28.39 18.26 47.55
CA ARG E 296 29.58 18.63 46.79
C ARG E 296 29.21 18.74 45.31
N GLN E 297 30.15 19.30 44.54
CA GLN E 297 29.94 19.50 43.11
C GLN E 297 30.22 18.23 42.33
N ALA E 298 29.41 18.01 41.29
CA ALA E 298 29.71 17.00 40.29
C ALA E 298 30.83 17.50 39.38
N HIS E 299 31.59 16.57 38.81
CA HIS E 299 32.77 17.00 38.05
C HIS E 299 33.29 15.87 37.18
N CYS E 300 34.05 16.26 36.13
CA CYS E 300 34.73 15.34 35.23
C CYS E 300 36.24 15.52 35.35
N ASN E 301 36.95 14.42 35.12
CA ASN E 301 38.41 14.35 35.14
C ASN E 301 38.88 13.81 33.81
N VAL E 302 39.94 14.42 33.27
CA VAL E 302 40.60 13.92 32.07
C VAL E 302 42.10 14.00 32.27
N SER E 303 42.81 12.98 31.81
CA SER E 303 44.26 12.92 31.99
C SER E 303 44.92 14.10 31.28
N LYS E 304 45.99 14.61 31.91
CA LYS E 304 46.69 15.79 31.41
C LYS E 304 47.66 15.44 30.28
N ALA E 305 48.51 14.43 30.50
CA ALA E 305 49.49 14.07 29.48
C ALA E 305 48.82 13.59 28.20
N THR E 306 47.76 12.78 28.33
CA THR E 306 47.05 12.30 27.15
C THR E 306 46.42 13.46 26.39
N TRP E 307 45.81 14.41 27.11
CA TRP E 307 45.23 15.56 26.44
C TRP E 307 46.28 16.40 25.74
N ASN E 308 47.44 16.58 26.38
CA ASN E 308 48.51 17.35 25.75
C ASN E 308 49.01 16.66 24.48
N GLU E 309 49.17 15.34 24.53
CA GLU E 309 49.59 14.60 23.34
C GLU E 309 48.56 14.71 22.22
N THR E 310 47.28 14.58 22.58
CA THR E 310 46.22 14.68 21.58
C THR E 310 46.21 16.07 20.95
N LEU E 311 46.36 17.12 21.75
CA LEU E 311 46.41 18.47 21.20
C LEU E 311 47.64 18.68 20.35
N GLY E 312 48.77 18.04 20.71
CA GLY E 312 49.94 18.10 19.86
C GLY E 312 49.68 17.49 18.49
N LYS E 313 49.03 16.33 18.46
CA LYS E 313 48.66 15.72 17.18
C LYS E 313 47.72 16.63 16.41
N VAL E 314 46.74 17.23 17.09
CA VAL E 314 45.75 18.06 16.43
C VAL E 314 46.41 19.28 15.81
N VAL E 315 47.31 19.94 16.55
CA VAL E 315 47.97 21.13 16.01
C VAL E 315 48.92 20.74 14.87
N LYS E 316 49.56 19.58 14.98
CA LYS E 316 50.40 19.10 13.89
C LYS E 316 49.60 18.92 12.62
N GLN E 317 48.40 18.35 12.73
CA GLN E 317 47.54 18.21 11.56
C GLN E 317 47.00 19.55 11.08
N LEU E 318 46.70 20.47 12.00
CA LEU E 318 46.18 21.78 11.63
C LEU E 318 47.20 22.58 10.84
N ARG E 319 48.49 22.41 11.17
CA ARG E 319 49.54 23.16 10.47
C ARG E 319 49.56 22.84 8.98
N LYS E 320 49.04 21.68 8.58
CA LYS E 320 49.07 21.30 7.17
C LYS E 320 48.25 22.25 6.31
N HIS E 321 47.13 22.76 6.84
CA HIS E 321 46.23 23.62 6.08
C HIS E 321 46.48 25.10 6.32
N PHE E 322 47.08 25.48 7.47
CA PHE E 322 47.20 26.88 7.87
C PHE E 322 48.66 27.31 7.97
N GLY E 323 49.54 26.70 7.18
CA GLY E 323 50.93 27.07 7.15
C GLY E 323 51.75 26.36 8.20
N ASN E 324 53.08 26.35 7.99
CA ASN E 324 54.01 25.65 8.85
C ASN E 324 54.61 26.54 9.94
N ASN E 325 54.50 27.85 9.82
CA ASN E 325 55.04 28.80 10.79
C ASN E 325 53.96 29.52 11.57
N THR E 326 52.71 29.09 11.46
CA THR E 326 51.60 29.78 12.12
C THR E 326 51.53 29.40 13.60
N ILE E 327 51.09 30.36 14.41
CA ILE E 327 50.87 30.14 15.84
C ILE E 327 49.42 29.70 16.02
N ILE E 328 49.23 28.58 16.72
CA ILE E 328 47.92 27.95 16.85
C ILE E 328 47.46 28.09 18.30
N ARG E 329 46.33 28.76 18.51
CA ARG E 329 45.82 29.07 19.83
C ARG E 329 44.52 28.32 20.09
N PHE E 330 44.35 27.85 21.32
CA PHE E 330 43.10 27.27 21.79
C PHE E 330 42.59 28.12 22.96
N ALA E 331 41.36 28.59 22.85
CA ALA E 331 40.79 29.55 23.79
C ALA E 331 39.40 29.10 24.20
N ASN E 332 38.74 29.92 25.02
CA ASN E 332 37.43 29.59 25.57
C ASN E 332 36.34 29.84 24.54
N SER E 333 35.14 29.33 24.84
CA SER E 333 33.99 29.55 23.98
C SER E 333 33.56 31.02 24.04
N SER E 334 32.89 31.45 22.98
CA SER E 334 32.49 32.86 22.87
C SER E 334 31.36 33.18 23.84
N GLY E 335 30.21 32.54 23.67
CA GLY E 335 29.08 32.79 24.52
C GLY E 335 27.79 32.32 23.87
N GLY E 336 26.70 32.52 24.61
CA GLY E 336 25.38 32.13 24.14
C GLY E 336 24.61 31.35 25.19
N ASP E 337 23.81 30.39 24.74
CA ASP E 337 23.04 29.56 25.66
C ASP E 337 23.96 28.60 26.40
N LEU E 338 23.47 28.11 27.54
CA LEU E 338 24.25 27.16 28.33
C LEU E 338 24.52 25.87 27.56
N GLU E 339 23.59 25.48 26.69
CA GLU E 339 23.77 24.25 25.91
C GLU E 339 24.98 24.36 24.98
N VAL E 340 25.14 25.52 24.33
CA VAL E 340 26.22 25.68 23.36
C VAL E 340 27.51 26.21 23.99
N THR E 341 27.42 26.88 25.14
CA THR E 341 28.59 27.43 25.81
C THR E 341 29.34 26.37 26.62
N THR E 342 28.66 25.31 27.06
CA THR E 342 29.24 24.29 27.93
C THR E 342 29.14 22.93 27.24
N HIS E 343 29.94 21.99 27.73
CA HIS E 343 29.87 20.61 27.27
C HIS E 343 28.68 19.94 27.94
N SER E 344 27.59 19.80 27.21
CA SER E 344 26.34 19.28 27.75
C SER E 344 26.17 17.83 27.33
N PHE E 345 25.80 16.99 28.29
CA PHE E 345 25.59 15.57 28.00
C PHE E 345 24.68 14.99 29.08
N ASN E 346 24.45 13.68 28.99
CA ASN E 346 23.58 12.96 29.91
C ASN E 346 24.32 11.72 30.41
N CYS E 347 24.32 11.52 31.72
CA CYS E 347 24.98 10.39 32.36
C CYS E 347 24.03 9.78 33.38
N GLY E 348 23.68 8.52 33.18
CA GLY E 348 22.81 7.82 34.11
C GLY E 348 21.45 8.47 34.27
N GLY E 349 20.96 9.15 33.25
CA GLY E 349 19.71 9.87 33.31
C GLY E 349 19.79 11.25 33.92
N GLU E 350 20.98 11.72 34.29
CA GLU E 350 21.17 13.04 34.88
C GLU E 350 21.88 13.93 33.87
N PHE E 351 21.38 15.16 33.71
CA PHE E 351 21.80 16.04 32.63
C PHE E 351 22.88 17.00 33.13
N PHE E 352 24.10 16.78 32.65
CA PHE E 352 25.30 17.51 33.06
C PHE E 352 25.63 18.60 32.04
N TYR E 353 26.17 19.71 32.54
CA TYR E 353 26.74 20.78 31.74
C TYR E 353 28.08 21.12 32.38
N CYS E 354 29.18 20.77 31.70
CA CYS E 354 30.52 20.92 32.24
C CYS E 354 31.24 22.09 31.58
N ASN E 355 32.09 22.75 32.38
CA ASN E 355 32.82 23.95 31.96
C ASN E 355 34.17 23.52 31.41
N THR E 356 34.24 23.33 30.09
CA THR E 356 35.46 22.92 29.41
C THR E 356 36.32 24.15 29.11
N SER E 357 36.88 24.72 30.18
CA SER E 357 37.76 25.88 30.09
C SER E 357 39.24 25.55 30.31
N GLY E 358 39.55 24.49 31.06
CA GLY E 358 40.93 24.09 31.27
C GLY E 358 41.50 23.31 30.10
N LEU E 359 40.62 22.80 29.23
CA LEU E 359 41.07 22.02 28.08
C LEU E 359 41.55 22.92 26.95
N PHE E 360 40.69 23.83 26.50
CA PHE E 360 40.97 24.68 25.35
C PHE E 360 41.53 26.01 25.84
N ASN E 361 42.73 25.96 26.40
CA ASN E 361 43.40 27.16 26.90
C ASN E 361 44.90 26.92 26.78
N SER E 362 45.48 27.35 25.66
CA SER E 362 46.91 27.15 25.41
C SER E 362 47.29 27.81 24.09
N THR E 363 48.60 27.90 23.85
CA THR E 363 49.15 28.40 22.61
C THR E 363 50.32 27.51 22.18
N TRP E 364 50.42 27.27 20.88
CA TRP E 364 51.45 26.42 20.31
C TRP E 364 52.19 27.21 19.23
N ILE E 365 53.51 27.16 19.28
CA ILE E 365 54.38 27.90 18.35
C ILE E 365 55.20 26.91 17.55
N SER E 366 55.39 27.20 16.26
CA SER E 366 56.16 26.32 15.40
C SER E 366 57.60 26.22 15.89
N ASN E 367 58.12 25.00 15.92
CA ASN E 367 59.49 24.76 16.38
C ASN E 367 60.00 23.42 15.87
N SER E 378 52.53 13.58 34.99
CA SER E 378 52.76 12.38 35.79
C SER E 378 51.47 11.58 35.92
N ASN E 379 50.63 11.96 36.91
CA ASN E 379 49.32 11.33 37.10
C ASN E 379 48.21 12.33 37.39
N ASP E 380 48.53 13.60 37.61
CA ASP E 380 47.48 14.59 37.86
C ASP E 380 46.60 14.76 36.63
N SER E 381 45.36 15.15 36.87
CA SER E 381 44.34 15.26 35.83
C SER E 381 43.66 16.61 35.90
N ILE E 382 43.17 17.06 34.75
CA ILE E 382 42.39 18.28 34.65
C ILE E 382 40.97 17.98 35.11
N THR E 383 40.47 18.81 36.02
CA THR E 383 39.15 18.66 36.60
C THR E 383 38.24 19.77 36.07
N LEU E 384 37.12 19.37 35.47
CA LEU E 384 36.11 20.26 34.94
C LEU E 384 34.89 20.26 35.86
N PRO E 385 34.55 21.35 36.53
CA PRO E 385 33.32 21.37 37.33
C PRO E 385 32.09 21.40 36.43
N CYS E 386 31.01 20.80 36.91
CA CYS E 386 29.79 20.65 36.14
C CYS E 386 28.57 20.99 36.99
N ARG E 387 27.51 21.41 36.30
CA ARG E 387 26.21 21.69 36.91
C ARG E 387 25.20 20.69 36.37
N ILE E 388 24.12 20.50 37.12
CA ILE E 388 23.07 19.54 36.80
C ILE E 388 21.78 20.29 36.56
N LYS E 389 21.00 19.82 35.59
CA LYS E 389 19.70 20.43 35.29
C LYS E 389 18.62 19.37 35.20
N GLN E 390 17.37 19.82 35.37
CA GLN E 390 16.21 18.94 35.39
C GLN E 390 15.14 19.30 34.35
N ILE E 391 15.04 20.57 33.95
CA ILE E 391 14.13 21.00 32.90
C ILE E 391 14.95 21.13 31.62
N ILE E 392 14.60 20.32 30.62
CA ILE E 392 15.46 20.09 29.46
C ILE E 392 14.70 20.44 28.19
N ASN E 393 15.34 21.21 27.32
CA ASN E 393 14.92 21.39 25.93
C ASN E 393 15.99 20.71 25.08
N MET E 394 15.78 19.40 24.83
CA MET E 394 16.84 18.59 24.22
C MET E 394 17.22 19.12 22.85
N TRP E 395 16.25 19.32 21.97
CA TRP E 395 16.49 19.84 20.64
C TRP E 395 16.28 21.35 20.63
N GLN E 396 16.74 21.99 19.55
CA GLN E 396 16.63 23.43 19.44
C GLN E 396 15.19 23.83 19.16
N ARG E 397 14.31 23.61 20.16
CA ARG E 397 12.88 23.88 20.03
C ARG E 397 12.40 24.62 21.27
N ILE E 398 11.49 25.58 21.05
CA ILE E 398 10.92 26.42 22.09
C ILE E 398 9.45 26.05 22.24
N GLY E 399 9.01 25.87 23.48
CA GLY E 399 7.64 25.48 23.78
C GLY E 399 7.44 24.02 24.14
N GLN E 400 8.53 23.24 24.23
CA GLN E 400 8.43 21.82 24.58
C GLN E 400 9.66 21.47 25.42
N CYS E 401 9.47 21.50 26.74
CA CYS E 401 10.51 21.12 27.69
C CYS E 401 10.29 19.68 28.14
N MET E 402 11.09 19.24 29.10
CA MET E 402 10.94 17.91 29.69
C MET E 402 11.55 17.91 31.08
N TYR E 403 10.90 17.21 31.99
CA TYR E 403 11.33 17.12 33.39
C TYR E 403 11.97 15.75 33.62
N ALA E 404 13.19 15.75 34.14
CA ALA E 404 13.92 14.52 34.40
C ALA E 404 13.76 14.17 35.88
N PRO E 405 13.16 13.04 36.25
CA PRO E 405 13.05 12.70 37.65
C PRO E 405 14.42 12.46 38.27
N PRO E 406 14.58 12.70 39.57
CA PRO E 406 15.89 12.51 40.19
C PRO E 406 16.30 11.05 40.22
N ILE E 407 17.61 10.82 40.23
CA ILE E 407 18.19 9.49 40.33
C ILE E 407 18.67 9.28 41.77
N GLN E 408 18.36 8.10 42.32
CA GLN E 408 18.69 7.79 43.70
C GLN E 408 20.15 7.36 43.81
N GLY E 409 20.82 7.89 44.84
CA GLY E 409 22.21 7.53 45.09
C GLY E 409 23.18 8.33 44.24
N VAL E 410 24.46 8.01 44.45
CA VAL E 410 25.53 8.65 43.68
C VAL E 410 25.59 8.03 42.29
N ILE E 411 26.15 8.78 41.35
CA ILE E 411 26.27 8.31 39.96
C ILE E 411 27.67 8.64 39.46
N ARG E 412 28.23 7.74 38.65
CA ARG E 412 29.50 7.97 37.98
C ARG E 412 29.48 7.29 36.63
N CYS E 413 30.33 7.78 35.72
CA CYS E 413 30.40 7.25 34.37
C CYS E 413 31.77 7.54 33.79
N VAL E 414 32.16 6.73 32.83
CA VAL E 414 33.42 6.85 32.12
C VAL E 414 33.14 6.74 30.62
N SER E 415 33.82 7.56 29.83
CA SER E 415 33.57 7.63 28.40
C SER E 415 34.86 7.90 27.64
N ASN E 416 34.81 7.66 26.34
CA ASN E 416 35.91 7.93 25.42
C ASN E 416 35.61 9.21 24.65
N ILE E 417 36.57 10.11 24.60
CA ILE E 417 36.53 11.26 23.70
C ILE E 417 37.24 10.84 22.42
N THR E 418 36.56 11.00 21.28
CA THR E 418 37.05 10.55 19.99
C THR E 418 36.87 11.61 18.90
N GLY E 419 36.80 12.88 19.29
CA GLY E 419 36.67 13.93 18.31
C GLY E 419 36.26 15.24 18.93
N LEU E 420 36.31 16.29 18.10
CA LEU E 420 35.98 17.64 18.52
C LEU E 420 35.25 18.35 17.39
N ILE E 421 34.49 19.37 17.78
CA ILE E 421 33.85 20.30 16.85
C ILE E 421 34.42 21.69 17.18
N LEU E 422 35.18 22.26 16.25
CA LEU E 422 35.88 23.52 16.47
C LEU E 422 35.34 24.59 15.53
N THR E 423 35.60 25.85 15.88
CA THR E 423 35.28 26.98 15.04
C THR E 423 36.46 27.95 15.08
N ARG E 424 36.84 28.44 13.90
CA ARG E 424 37.98 29.35 13.77
C ARG E 424 37.51 30.77 14.05
N ASP E 425 38.19 31.44 14.98
CA ASP E 425 37.84 32.79 15.39
C ASP E 425 38.49 33.81 14.44
N GLY E 426 37.66 34.70 13.91
CA GLY E 426 38.15 35.73 13.00
C GLY E 426 38.84 35.15 11.78
N GLY E 427 40.14 35.37 11.68
CA GLY E 427 40.95 34.84 10.60
C GLY E 427 41.39 35.86 9.56
N SER E 428 41.40 37.14 9.88
CA SER E 428 41.83 38.15 8.93
C SER E 428 43.33 38.04 8.69
N THR E 429 43.77 38.62 7.57
CA THR E 429 45.18 38.59 7.20
C THR E 429 46.04 39.51 8.04
N ASN E 430 45.45 40.33 8.91
CA ASN E 430 46.23 41.27 9.71
C ASN E 430 47.21 40.55 10.61
N SER E 431 46.78 39.47 11.26
CA SER E 431 47.58 38.74 12.23
C SER E 431 47.88 37.34 11.72
N THR E 432 48.99 36.78 12.18
CA THR E 432 49.43 35.44 11.83
C THR E 432 49.15 34.43 12.94
N THR E 433 48.16 34.70 13.78
CA THR E 433 47.76 33.80 14.86
C THR E 433 46.35 33.28 14.57
N GLU E 434 46.20 31.95 14.62
CA GLU E 434 44.92 31.29 14.39
C GLU E 434 44.39 30.80 15.73
N THR E 435 43.18 31.25 16.09
CA THR E 435 42.53 30.88 17.34
C THR E 435 41.32 30.03 17.03
N PHE E 436 41.28 28.84 17.63
CA PHE E 436 40.16 27.91 17.48
C PHE E 436 39.45 27.78 18.82
N ARG E 437 38.12 27.80 18.78
CA ARG E 437 37.29 27.74 19.97
C ARG E 437 36.30 26.58 19.86
N PRO E 438 35.83 26.06 20.99
CA PRO E 438 34.81 25.00 20.93
C PRO E 438 33.53 25.48 20.27
N GLY E 439 32.82 24.55 19.64
CA GLY E 439 31.53 24.81 19.03
C GLY E 439 30.57 23.66 19.22
N GLY E 440 29.42 23.73 18.60
CA GLY E 440 28.43 22.66 18.69
C GLY E 440 27.03 23.22 18.47
N GLY E 441 26.08 22.70 19.26
CA GLY E 441 24.69 23.10 19.16
C GLY E 441 23.88 22.26 18.20
N ASP E 442 24.14 22.39 16.91
CA ASP E 442 23.41 21.61 15.92
C ASP E 442 23.81 20.14 16.03
N MET E 443 22.81 19.27 16.13
CA MET E 443 23.06 17.84 16.32
C MET E 443 23.31 17.10 15.01
N ARG E 444 23.06 17.72 13.87
CA ARG E 444 23.34 17.06 12.60
C ARG E 444 24.83 16.80 12.42
N ASP E 445 25.68 17.63 13.03
CA ASP E 445 27.12 17.39 12.98
C ASP E 445 27.52 16.13 13.73
N ASN E 446 26.76 15.73 14.76
CA ASN E 446 27.05 14.49 15.46
C ASN E 446 26.76 13.28 14.60
N TRP E 447 25.69 13.32 13.80
CA TRP E 447 25.39 12.22 12.91
C TRP E 447 26.30 12.23 11.68
N ARG E 448 26.71 13.41 11.23
CA ARG E 448 27.56 13.52 10.06
C ARG E 448 28.91 12.85 10.27
N SER E 449 29.42 12.85 11.50
CA SER E 449 30.71 12.25 11.80
C SER E 449 30.70 10.73 11.65
N GLU E 450 29.53 10.10 11.58
CA GLU E 450 29.42 8.65 11.48
C GLU E 450 29.04 8.16 10.10
N LEU E 451 28.20 8.92 9.37
CA LEU E 451 27.73 8.53 8.04
C LEU E 451 28.53 9.20 6.93
N TYR E 452 29.80 9.52 7.17
CA TYR E 452 30.59 10.22 6.18
C TYR E 452 31.05 9.32 5.03
N LYS E 453 31.13 8.02 5.25
CA LYS E 453 31.65 7.08 4.26
C LYS E 453 30.56 6.23 3.63
N TYR E 454 29.32 6.73 3.59
CA TYR E 454 28.19 5.98 3.04
C TYR E 454 27.43 6.86 2.05
N LYS E 455 26.86 6.23 1.03
CA LYS E 455 25.95 6.92 0.12
C LYS E 455 24.97 5.91 -0.45
N VAL E 456 23.86 6.44 -0.99
CA VAL E 456 22.75 5.64 -1.48
C VAL E 456 22.58 5.90 -2.97
N VAL E 457 22.42 4.82 -3.74
CA VAL E 457 22.21 4.92 -5.18
C VAL E 457 21.05 4.00 -5.57
N LYS E 458 20.52 4.23 -6.77
CA LYS E 458 19.41 3.45 -7.30
C LYS E 458 19.84 2.84 -8.63
N ILE E 459 19.46 1.57 -8.85
CA ILE E 459 19.95 0.80 -9.99
C ILE E 459 19.12 1.14 -11.23
N GLU E 460 19.75 0.98 -12.39
CA GLU E 460 19.12 1.24 -13.69
C GLU E 460 19.34 0.01 -14.57
N PRO E 461 18.47 -1.02 -14.44
CA PRO E 461 18.77 -2.31 -15.08
C PRO E 461 18.58 -2.34 -16.59
N LEU E 462 17.88 -1.39 -17.19
CA LEU E 462 17.61 -1.41 -18.62
C LEU E 462 18.76 -0.77 -19.39
N GLY E 463 19.23 -1.45 -20.43
CA GLY E 463 20.34 -0.96 -21.22
C GLY E 463 20.17 -1.32 -22.68
N VAL E 464 20.85 -0.54 -23.53
CA VAL E 464 20.77 -0.67 -24.98
C VAL E 464 22.20 -0.62 -25.53
N ALA E 465 22.48 -1.45 -26.52
CA ALA E 465 23.81 -1.50 -27.11
C ALA E 465 23.72 -1.95 -28.55
N PRO E 466 24.72 -1.66 -29.38
CA PRO E 466 24.75 -2.21 -30.74
C PRO E 466 25.17 -3.68 -30.74
N THR E 467 24.67 -4.41 -31.73
CA THR E 467 24.95 -5.84 -31.81
C THR E 467 24.62 -6.32 -33.23
N ARG E 468 25.26 -7.41 -33.62
CA ARG E 468 25.21 -7.95 -34.97
C ARG E 468 24.01 -8.87 -35.21
N CYS E 469 22.98 -8.79 -34.38
CA CYS E 469 21.82 -9.66 -34.48
C CYS E 469 20.96 -9.24 -35.69
N LYS E 470 19.83 -9.93 -35.88
CA LYS E 470 18.69 -9.38 -36.60
C LYS E 470 17.46 -10.20 -36.25
N ARG E 471 16.44 -9.54 -35.70
CA ARG E 471 15.20 -10.21 -35.33
C ARG E 471 14.52 -10.77 -36.58
N ALA F 1 43.83 -31.03 -5.34
CA ALA F 1 42.49 -30.48 -5.46
C ALA F 1 41.90 -30.11 -4.09
N VAL F 2 42.78 -29.91 -3.11
CA VAL F 2 42.38 -29.52 -1.76
C VAL F 2 43.17 -28.28 -1.38
N GLY F 3 42.47 -27.28 -0.84
CA GLY F 3 43.10 -26.01 -0.52
C GLY F 3 42.84 -24.98 -1.60
N ILE F 4 41.65 -25.01 -2.19
CA ILE F 4 41.26 -24.13 -3.28
C ILE F 4 39.96 -23.44 -2.90
N GLY F 5 39.91 -22.12 -3.10
CA GLY F 5 38.73 -21.33 -2.81
C GLY F 5 37.90 -21.09 -4.05
N ALA F 6 36.58 -21.05 -3.86
CA ALA F 6 35.62 -20.81 -4.93
C ALA F 6 34.79 -19.59 -4.55
N VAL F 7 34.93 -18.51 -5.32
CA VAL F 7 34.24 -17.25 -5.07
C VAL F 7 33.51 -16.85 -6.34
N PHE F 8 32.25 -16.45 -6.20
CA PHE F 8 31.40 -16.07 -7.31
C PHE F 8 31.19 -14.56 -7.32
N LEU F 9 31.19 -13.97 -8.51
CA LEU F 9 30.89 -12.55 -8.65
C LEU F 9 29.48 -12.28 -8.13
N GLY F 10 29.38 -11.46 -7.09
CA GLY F 10 28.13 -11.23 -6.39
C GLY F 10 27.52 -9.88 -6.73
N PHE F 11 26.21 -9.88 -6.94
CA PHE F 11 25.40 -8.69 -7.22
C PHE F 11 26.10 -7.73 -8.19
N LEU F 12 26.59 -6.57 -7.73
CA LEU F 12 27.20 -5.58 -8.59
C LEU F 12 28.71 -5.81 -8.77
N GLY F 13 29.20 -7.04 -8.56
CA GLY F 13 30.62 -7.30 -8.68
C GLY F 13 31.15 -7.03 -10.06
N ALA F 14 30.33 -7.22 -11.09
CA ALA F 14 30.72 -6.98 -12.48
C ALA F 14 30.62 -5.52 -12.89
N ALA F 15 30.43 -4.60 -11.93
CA ALA F 15 30.31 -3.19 -12.28
C ALA F 15 31.58 -2.64 -12.90
N GLY F 16 32.74 -3.19 -12.53
CA GLY F 16 34.01 -2.73 -13.05
C GLY F 16 34.51 -3.51 -14.26
N SER F 17 33.85 -4.62 -14.58
CA SER F 17 34.27 -5.45 -15.69
C SER F 17 33.79 -4.86 -17.02
N THR F 18 34.29 -5.42 -18.11
CA THR F 18 33.91 -4.97 -19.43
C THR F 18 32.46 -5.35 -19.74
N MET F 19 31.94 -4.79 -20.82
CA MET F 19 30.54 -5.04 -21.18
C MET F 19 30.31 -6.51 -21.49
N GLY F 20 31.21 -7.12 -22.27
CA GLY F 20 31.03 -8.52 -22.63
C GLY F 20 31.05 -9.44 -21.42
N ALA F 21 31.99 -9.20 -20.50
CA ALA F 21 32.04 -10.00 -19.27
C ALA F 21 30.86 -9.69 -18.36
N ALA F 22 30.45 -8.42 -18.28
CA ALA F 22 29.34 -8.05 -17.40
C ALA F 22 28.01 -8.59 -17.91
N SER F 23 27.92 -8.88 -19.21
CA SER F 23 26.67 -9.38 -19.80
C SER F 23 26.42 -10.85 -19.53
N MET F 24 27.33 -11.54 -18.81
CA MET F 24 27.17 -12.95 -18.51
C MET F 24 26.53 -13.20 -17.15
N THR F 25 26.20 -12.15 -16.40
CA THR F 25 25.62 -12.28 -15.06
C THR F 25 24.44 -11.32 -14.89
N LEU F 26 23.55 -11.30 -15.87
CA LEU F 26 22.40 -10.41 -15.78
C LEU F 26 21.37 -10.89 -14.76
N THR F 27 21.31 -12.20 -14.52
CA THR F 27 20.29 -12.75 -13.64
C THR F 27 20.46 -12.31 -12.20
N VAL F 28 21.71 -12.20 -11.73
CA VAL F 28 21.93 -11.83 -10.33
C VAL F 28 21.45 -10.41 -10.07
N GLN F 29 21.61 -9.53 -11.05
CA GLN F 29 21.07 -8.18 -10.92
C GLN F 29 19.55 -8.18 -11.07
N ALA F 30 19.04 -8.95 -12.04
CA ALA F 30 17.61 -8.95 -12.31
C ALA F 30 16.81 -9.44 -11.11
N ARG F 31 17.31 -10.46 -10.41
CA ARG F 31 16.57 -11.03 -9.29
C ARG F 31 16.45 -10.06 -8.12
N ASN F 32 17.32 -9.05 -8.03
CA ASN F 32 17.37 -8.17 -6.88
C ASN F 32 16.49 -6.94 -7.00
N LEU F 33 15.87 -6.70 -8.16
CA LEU F 33 15.00 -5.54 -8.32
C LEU F 33 13.69 -5.68 -7.57
N LEU F 34 13.24 -6.92 -7.30
CA LEU F 34 11.99 -7.16 -6.63
C LEU F 34 12.14 -7.35 -5.12
N SER F 35 13.21 -8.00 -4.68
CA SER F 35 13.46 -8.20 -3.26
C SER F 35 14.80 -8.89 -3.04
N THR F 58 2.86 3.96 13.41
CA THR F 58 1.86 3.90 12.35
C THR F 58 2.30 4.74 11.16
N VAL F 59 2.91 5.89 11.44
CA VAL F 59 3.33 6.80 10.37
C VAL F 59 4.44 6.18 9.55
N TRP F 60 5.36 5.46 10.19
CA TRP F 60 6.47 4.85 9.47
C TRP F 60 6.00 3.73 8.54
N GLY F 61 4.94 3.02 8.94
CA GLY F 61 4.37 2.01 8.06
C GLY F 61 3.90 2.60 6.75
N ILE F 62 3.37 3.82 6.78
CA ILE F 62 2.92 4.48 5.57
C ILE F 62 4.10 4.69 4.63
N LYS F 63 5.22 5.18 5.15
CA LYS F 63 6.40 5.41 4.31
C LYS F 63 6.96 4.11 3.76
N GLN F 64 7.04 3.07 4.60
CA GLN F 64 7.55 1.78 4.13
C GLN F 64 6.67 1.22 3.02
N LEU F 65 5.34 1.30 3.20
CA LEU F 65 4.43 0.79 2.19
C LEU F 65 4.51 1.62 0.92
N GLN F 66 4.69 2.93 1.05
CA GLN F 66 4.87 3.78 -0.13
C GLN F 66 6.11 3.38 -0.90
N ALA F 67 7.20 3.10 -0.19
CA ALA F 67 8.44 2.67 -0.86
C ALA F 67 8.23 1.34 -1.58
N ARG F 68 7.53 0.40 -0.92
CA ARG F 68 7.27 -0.89 -1.56
C ARG F 68 6.41 -0.73 -2.81
N VAL F 69 5.38 0.12 -2.74
CA VAL F 69 4.51 0.35 -3.89
C VAL F 69 5.30 1.00 -5.01
N LEU F 70 6.18 1.94 -4.68
CA LEU F 70 7.00 2.58 -5.71
C LEU F 70 7.91 1.57 -6.39
N ALA F 71 8.52 0.67 -5.62
CA ALA F 71 9.37 -0.35 -6.21
C ALA F 71 8.58 -1.25 -7.15
N VAL F 72 7.38 -1.67 -6.71
CA VAL F 72 6.54 -2.51 -7.56
C VAL F 72 6.16 -1.77 -8.85
N GLU F 73 5.82 -0.49 -8.72
CA GLU F 73 5.44 0.30 -9.90
C GLU F 73 6.61 0.43 -10.87
N ARG F 74 7.81 0.65 -10.35
CA ARG F 74 8.99 0.74 -11.22
C ARG F 74 9.22 -0.57 -11.96
N TYR F 75 9.12 -1.69 -11.23
CA TYR F 75 9.31 -2.99 -11.86
C TYR F 75 8.27 -3.23 -12.96
N LEU F 76 7.01 -2.89 -12.68
CA LEU F 76 5.96 -3.09 -13.67
C LEU F 76 6.16 -2.17 -14.87
N ARG F 77 6.61 -0.94 -14.65
CA ARG F 77 6.88 -0.04 -15.76
C ARG F 77 7.98 -0.59 -16.66
N ASP F 78 9.06 -1.09 -16.06
CA ASP F 78 10.14 -1.66 -16.86
C ASP F 78 9.66 -2.88 -17.63
N GLN F 79 8.86 -3.74 -16.99
CA GLN F 79 8.36 -4.92 -17.67
C GLN F 79 7.44 -4.54 -18.83
N GLN F 80 6.59 -3.52 -18.63
CA GLN F 80 5.73 -3.07 -19.71
C GLN F 80 6.54 -2.51 -20.87
N LEU F 81 7.58 -1.74 -20.56
CA LEU F 81 8.44 -1.21 -21.63
C LEU F 81 9.11 -2.34 -22.41
N LEU F 82 9.57 -3.37 -21.69
CA LEU F 82 10.15 -4.52 -22.38
C LEU F 82 9.12 -5.22 -23.25
N GLY F 83 7.90 -5.40 -22.74
CA GLY F 83 6.89 -6.12 -23.48
C GLY F 83 6.43 -5.39 -24.73
N ILE F 84 6.33 -4.07 -24.66
CA ILE F 84 5.85 -3.30 -25.79
C ILE F 84 6.82 -3.41 -26.98
N TRP F 85 8.11 -3.65 -26.72
CA TRP F 85 9.09 -3.79 -27.79
C TRP F 85 9.17 -5.19 -28.36
N GLY F 86 8.39 -6.13 -27.84
CA GLY F 86 8.48 -7.52 -28.27
C GLY F 86 9.55 -8.34 -27.58
N CYS F 87 10.19 -7.79 -26.55
CA CYS F 87 11.23 -8.48 -25.80
C CYS F 87 10.71 -9.06 -24.49
N SER F 88 9.45 -9.45 -24.45
CA SER F 88 8.86 -9.98 -23.23
C SER F 88 9.50 -11.31 -22.86
N GLY F 89 9.83 -11.46 -21.57
CA GLY F 89 10.37 -12.72 -21.08
C GLY F 89 11.77 -13.05 -21.54
N LYS F 90 12.56 -12.05 -21.92
CA LYS F 90 13.93 -12.25 -22.37
C LYS F 90 14.86 -11.27 -21.69
N LEU F 91 16.08 -11.74 -21.42
CA LEU F 91 17.13 -10.89 -20.84
C LEU F 91 18.07 -10.32 -21.89
N ILE F 92 18.35 -11.07 -22.95
CA ILE F 92 19.09 -10.57 -24.10
C ILE F 92 18.18 -10.74 -25.31
N CYS F 93 17.49 -9.67 -25.70
CA CYS F 93 16.57 -9.68 -26.82
C CYS F 93 17.09 -8.75 -27.90
N CYS F 94 17.34 -9.30 -29.08
CA CYS F 94 17.78 -8.52 -30.23
C CYS F 94 16.57 -8.00 -30.99
N THR F 95 16.74 -6.85 -31.65
CA THR F 95 15.67 -6.15 -32.33
C THR F 95 16.02 -5.96 -33.81
N ASN F 96 15.17 -5.22 -34.52
CA ASN F 96 15.31 -4.99 -35.95
C ASN F 96 15.71 -3.56 -36.30
N VAL F 97 15.81 -2.67 -35.31
CA VAL F 97 16.11 -1.27 -35.57
C VAL F 97 17.58 -1.13 -35.93
N PRO F 98 17.94 -0.55 -37.08
CA PRO F 98 19.37 -0.36 -37.38
C PRO F 98 20.00 0.69 -36.47
N TRP F 99 21.31 0.57 -36.30
CA TRP F 99 22.07 1.45 -35.42
C TRP F 99 22.51 2.67 -36.22
N ASN F 100 21.89 3.82 -35.94
CA ASN F 100 22.30 5.06 -36.57
C ASN F 100 23.72 5.41 -36.15
N SER F 101 24.55 5.79 -37.12
CA SER F 101 25.94 6.13 -36.83
C SER F 101 26.07 7.43 -36.05
N SER F 102 25.04 8.28 -36.07
CA SER F 102 25.10 9.53 -35.31
C SER F 102 25.08 9.28 -33.81
N TRP F 103 24.54 8.16 -33.36
CA TRP F 103 24.49 7.88 -31.92
C TRP F 103 25.88 7.56 -31.37
N SER F 104 26.65 6.75 -32.08
CA SER F 104 28.00 6.40 -31.64
C SER F 104 28.77 5.83 -32.82
N ASN F 105 29.96 6.38 -33.06
CA ASN F 105 30.80 5.95 -34.18
C ASN F 105 31.74 4.81 -33.82
N ARG F 106 31.85 4.45 -32.55
CA ARG F 106 32.82 3.44 -32.14
C ARG F 106 32.41 2.07 -32.65
N ASN F 107 33.41 1.26 -32.97
CA ASN F 107 33.19 -0.09 -33.46
C ASN F 107 33.04 -1.07 -32.30
N LEU F 108 32.66 -2.31 -32.63
CA LEU F 108 32.41 -3.31 -31.60
C LEU F 108 33.67 -3.66 -30.82
N SER F 109 34.85 -3.54 -31.45
CA SER F 109 36.09 -3.89 -30.77
C SER F 109 36.35 -2.96 -29.59
N GLU F 110 36.02 -1.68 -29.73
CA GLU F 110 36.29 -0.69 -28.70
C GLU F 110 35.10 -0.46 -27.77
N ILE F 111 34.04 -1.28 -27.89
CA ILE F 111 32.85 -1.18 -27.04
C ILE F 111 32.75 -2.36 -26.09
N TRP F 112 32.75 -3.58 -26.63
CA TRP F 112 32.48 -4.78 -25.85
C TRP F 112 33.72 -5.35 -25.17
N ASP F 113 34.91 -4.83 -25.46
CA ASP F 113 36.15 -5.32 -24.88
C ASP F 113 37.00 -4.23 -24.25
N ASN F 114 36.63 -2.95 -24.37
CA ASN F 114 37.43 -1.85 -23.85
C ASN F 114 36.57 -0.77 -23.22
N MET F 115 35.44 -1.13 -22.64
CA MET F 115 34.56 -0.16 -22.02
C MET F 115 33.64 -0.87 -21.03
N THR F 116 32.96 -0.08 -20.21
CA THR F 116 32.11 -0.55 -19.14
C THR F 116 30.70 0.01 -19.32
N TRP F 117 29.71 -0.68 -18.73
CA TRP F 117 28.32 -0.29 -18.91
C TRP F 117 28.05 1.11 -18.39
N LEU F 118 28.69 1.50 -17.28
CA LEU F 118 28.51 2.86 -16.77
C LEU F 118 29.01 3.90 -17.76
N GLN F 119 30.18 3.66 -18.35
CA GLN F 119 30.71 4.59 -19.34
C GLN F 119 29.80 4.67 -20.57
N TRP F 120 29.28 3.53 -21.02
CA TRP F 120 28.37 3.53 -22.15
C TRP F 120 27.09 4.31 -21.84
N ASP F 121 26.55 4.12 -20.63
CA ASP F 121 25.36 4.85 -20.23
C ASP F 121 25.63 6.35 -20.21
N LYS F 122 26.79 6.74 -19.69
CA LYS F 122 27.15 8.16 -19.69
C LYS F 122 27.27 8.68 -21.12
N GLU F 123 27.82 7.87 -22.02
CA GLU F 123 28.03 8.32 -23.40
C GLU F 123 26.71 8.52 -24.13
N ILE F 124 25.80 7.53 -24.05
CA ILE F 124 24.58 7.55 -24.86
C ILE F 124 23.37 8.01 -24.04
N SER F 125 23.59 8.78 -22.98
CA SER F 125 22.48 9.21 -22.14
C SER F 125 21.55 10.21 -22.82
N ASN F 126 21.92 10.75 -23.97
CA ASN F 126 21.13 11.79 -24.64
C ASN F 126 20.48 11.31 -25.94
N TYR F 127 20.59 10.01 -26.27
CA TYR F 127 19.97 9.44 -27.45
C TYR F 127 19.09 8.25 -27.09
N THR F 128 18.44 8.29 -25.92
CA THR F 128 17.73 7.13 -25.40
C THR F 128 16.27 7.08 -25.81
N GLN F 129 15.56 8.21 -25.71
CA GLN F 129 14.11 8.19 -25.95
C GLN F 129 13.77 7.90 -27.40
N ILE F 130 14.54 8.47 -28.34
CA ILE F 130 14.27 8.24 -29.75
C ILE F 130 14.41 6.77 -30.11
N ILE F 131 15.38 6.08 -29.51
CA ILE F 131 15.52 4.65 -29.73
C ILE F 131 14.29 3.91 -29.22
N TYR F 132 13.77 4.32 -28.07
CA TYR F 132 12.56 3.69 -27.52
C TYR F 132 11.38 3.86 -28.47
N GLY F 133 11.20 5.08 -29.00
CA GLY F 133 10.11 5.31 -29.93
C GLY F 133 10.26 4.50 -31.21
N LEU F 134 11.50 4.42 -31.72
CA LEU F 134 11.74 3.61 -32.92
C LEU F 134 11.42 2.14 -32.65
N LEU F 135 11.79 1.63 -31.47
CA LEU F 135 11.49 0.25 -31.13
C LEU F 135 9.99 0.02 -31.05
N GLU F 136 9.26 0.96 -30.44
CA GLU F 136 7.81 0.84 -30.35
C GLU F 136 7.18 0.77 -31.74
N GLU F 137 7.55 1.71 -32.62
CA GLU F 137 6.96 1.73 -33.95
C GLU F 137 7.33 0.48 -34.74
N SER F 138 8.57 0.01 -34.60
CA SER F 138 8.98 -1.20 -35.31
C SER F 138 8.19 -2.40 -34.84
N GLN F 139 8.00 -2.55 -33.52
CA GLN F 139 7.24 -3.69 -33.02
C GLN F 139 5.79 -3.64 -33.46
N ASN F 140 5.20 -2.43 -33.49
CA ASN F 140 3.83 -2.31 -34.00
C ASN F 140 3.75 -2.74 -35.45
N GLN F 141 4.71 -2.31 -36.27
CA GLN F 141 4.70 -2.71 -37.68
C GLN F 141 4.86 -4.23 -37.82
N GLN F 142 5.75 -4.82 -37.01
CA GLN F 142 5.93 -6.27 -37.07
C GLN F 142 4.64 -7.00 -36.69
N GLU F 143 3.95 -6.54 -35.65
CA GLU F 143 2.69 -7.18 -35.27
C GLU F 143 1.66 -7.07 -36.38
N LYS F 144 1.55 -5.90 -37.00
CA LYS F 144 0.61 -5.74 -38.10
C LYS F 144 0.94 -6.68 -39.25
N ASN F 145 2.22 -6.76 -39.61
CA ASN F 145 2.63 -7.63 -40.71
C ASN F 145 2.37 -9.09 -40.38
N GLU F 146 2.61 -9.49 -39.14
CA GLU F 146 2.35 -10.88 -38.74
C GLU F 146 0.86 -11.20 -38.82
N GLN F 147 0.01 -10.27 -38.39
CA GLN F 147 -1.43 -10.46 -38.52
C GLN F 147 -1.83 -10.60 -39.98
N ASP F 148 -1.28 -9.74 -40.84
CA ASP F 148 -1.61 -9.82 -42.26
C ASP F 148 -1.16 -11.15 -42.86
N LEU F 149 0.02 -11.63 -42.46
CA LEU F 149 0.50 -12.92 -42.94
C LEU F 149 -0.42 -14.04 -42.50
N LEU F 150 -0.83 -14.03 -41.23
CA LEU F 150 -1.72 -15.07 -40.74
C LEU F 150 -3.10 -14.99 -41.36
N ALA F 151 -3.49 -13.81 -41.87
CA ALA F 151 -4.81 -13.69 -42.50
C ALA F 151 -4.95 -14.59 -43.72
N LEU F 152 -3.85 -14.84 -44.44
CA LEU F 152 -3.89 -15.70 -45.61
C LEU F 152 -4.11 -17.15 -45.21
N GLN G 1 -13.38 19.43 -35.22
CA GLN G 1 -12.87 20.35 -36.27
C GLN G 1 -12.57 21.73 -35.69
N VAL G 2 -11.58 22.40 -36.26
CA VAL G 2 -11.17 23.71 -35.78
C VAL G 2 -12.04 24.78 -36.43
N GLN G 3 -12.59 25.67 -35.62
CA GLN G 3 -13.42 26.77 -36.08
C GLN G 3 -12.81 28.09 -35.65
N LEU G 4 -12.88 29.10 -36.52
CA LEU G 4 -12.30 30.40 -36.29
C LEU G 4 -13.32 31.49 -36.56
N GLN G 5 -13.35 32.51 -35.71
CA GLN G 5 -14.26 33.64 -35.84
C GLN G 5 -13.48 34.94 -35.66
N GLU G 6 -13.66 35.87 -36.59
CA GLU G 6 -12.97 37.15 -36.57
C GLU G 6 -13.84 38.23 -35.95
N SER G 7 -13.19 39.27 -35.43
CA SER G 7 -13.88 40.41 -34.85
C SER G 7 -12.94 41.60 -34.84
N GLY G 8 -13.53 42.79 -34.75
CA GLY G 8 -12.78 44.01 -34.72
C GLY G 8 -13.60 45.21 -35.20
N PRO G 9 -13.00 46.39 -35.20
CA PRO G 9 -13.73 47.59 -35.63
C PRO G 9 -13.96 47.57 -37.13
N GLY G 10 -15.19 47.91 -37.54
CA GLY G 10 -15.53 47.98 -38.94
C GLY G 10 -15.08 49.23 -39.66
N LEU G 11 -14.69 50.27 -38.92
CA LEU G 11 -14.25 51.53 -39.50
C LEU G 11 -13.09 52.07 -38.68
N VAL G 12 -12.03 52.50 -39.37
CA VAL G 12 -10.85 53.07 -38.73
C VAL G 12 -10.45 54.32 -39.49
N LYS G 13 -9.77 55.23 -38.78
CA LYS G 13 -9.31 56.47 -39.37
C LYS G 13 -7.87 56.33 -39.88
N ALA G 14 -7.52 57.19 -40.81
CA ALA G 14 -6.17 57.16 -41.39
C ALA G 14 -5.13 57.49 -40.34
N SER G 15 -3.97 56.83 -40.45
CA SER G 15 -2.81 56.97 -39.58
C SER G 15 -3.01 56.33 -38.20
N GLU G 16 -4.17 55.73 -37.94
CA GLU G 16 -4.43 55.07 -36.67
C GLU G 16 -3.99 53.60 -36.75
N THR G 17 -4.14 52.90 -35.63
CA THR G 17 -3.78 51.49 -35.53
C THR G 17 -5.03 50.63 -35.60
N LEU G 18 -5.05 49.69 -36.54
CA LEU G 18 -6.16 48.77 -36.71
C LEU G 18 -5.88 47.50 -35.91
N SER G 19 -6.78 47.17 -34.99
CA SER G 19 -6.64 46.00 -34.13
C SER G 19 -7.75 45.01 -34.45
N LEU G 20 -7.36 43.80 -34.84
CA LEU G 20 -8.29 42.72 -35.15
C LEU G 20 -8.01 41.54 -34.24
N THR G 21 -9.04 40.74 -33.98
CA THR G 21 -8.93 39.57 -33.12
C THR G 21 -9.58 38.38 -33.83
N CYS G 22 -9.02 37.19 -33.59
CA CYS G 22 -9.59 35.95 -34.11
C CYS G 22 -9.59 34.94 -32.99
N ALA G 23 -10.78 34.41 -32.68
CA ALA G 23 -10.96 33.41 -31.63
C ALA G 23 -11.12 32.04 -32.28
N VAL G 24 -10.52 31.03 -31.64
CA VAL G 24 -10.47 29.67 -32.17
C VAL G 24 -11.13 28.73 -31.18
N SER G 25 -11.96 27.82 -31.70
CA SER G 25 -12.60 26.78 -30.92
C SER G 25 -12.28 25.43 -31.54
N GLY G 26 -12.16 24.41 -30.68
CA GLY G 26 -11.77 23.08 -31.10
C GLY G 26 -10.29 22.82 -31.06
N ALA G 27 -9.47 23.81 -30.72
CA ALA G 27 -8.03 23.62 -30.63
C ALA G 27 -7.46 24.69 -29.70
N SER G 28 -6.18 24.53 -29.36
CA SER G 28 -5.48 25.41 -28.46
C SER G 28 -4.48 26.26 -29.23
N VAL G 29 -4.39 27.55 -28.88
CA VAL G 29 -3.46 28.44 -29.57
C VAL G 29 -2.02 28.02 -29.31
N SER G 30 -1.73 27.53 -28.11
CA SER G 30 -0.36 27.16 -27.76
C SER G 30 0.12 25.90 -28.47
N GLY G 31 -0.76 25.17 -29.14
CA GLY G 31 -0.35 23.96 -29.81
C GLY G 31 0.50 24.23 -31.04
N ASN G 32 0.95 23.14 -31.67
CA ASN G 32 1.80 23.23 -32.86
C ASN G 32 0.93 23.63 -34.04
N TYR G 33 0.65 24.93 -34.11
CA TYR G 33 -0.15 25.51 -35.18
C TYR G 33 0.50 26.81 -35.65
N TYR G 34 0.23 27.14 -36.92
CA TYR G 34 0.75 28.35 -37.55
C TYR G 34 -0.45 29.23 -37.87
N TRP G 35 -0.74 30.17 -36.99
CA TRP G 35 -1.92 31.03 -37.12
C TRP G 35 -1.60 32.14 -38.11
N ASN G 36 -2.43 32.28 -39.14
CA ASN G 36 -2.18 33.12 -40.29
C ASN G 36 -3.14 34.30 -40.31
N TRP G 37 -2.65 35.45 -40.75
CA TRP G 37 -3.49 36.61 -41.03
C TRP G 37 -3.30 37.00 -42.49
N ILE G 38 -4.41 37.11 -43.23
CA ILE G 38 -4.43 37.42 -44.65
C ILE G 38 -5.47 38.50 -44.87
N ARG G 39 -5.34 39.22 -45.99
CA ARG G 39 -6.33 40.22 -46.38
C ARG G 39 -6.55 40.17 -47.89
N GLN G 40 -7.72 40.67 -48.31
CA GLN G 40 -8.05 40.82 -49.71
C GLN G 40 -8.79 42.13 -49.88
N SER G 41 -8.24 43.03 -50.69
CA SER G 41 -8.90 44.30 -50.97
C SER G 41 -9.98 44.10 -52.03
N PRO G 42 -10.93 45.03 -52.13
CA PRO G 42 -12.03 44.85 -53.09
C PRO G 42 -11.53 44.79 -54.53
N GLY G 43 -11.92 43.74 -55.23
CA GLY G 43 -11.56 43.59 -56.63
C GLY G 43 -10.08 43.43 -56.87
N LYS G 44 -9.34 42.83 -55.95
CA LYS G 44 -7.90 42.64 -56.05
C LYS G 44 -7.56 41.21 -55.66
N GLU G 45 -6.27 40.91 -55.63
CA GLU G 45 -5.77 39.59 -55.29
C GLU G 45 -5.60 39.45 -53.78
N LEU G 46 -5.30 38.23 -53.36
CA LEU G 46 -5.08 37.92 -51.95
C LEU G 46 -3.63 38.18 -51.58
N GLU G 47 -3.42 38.89 -50.47
CA GLU G 47 -2.08 39.19 -49.96
C GLU G 47 -1.99 38.72 -48.52
N TRP G 48 -0.96 37.91 -48.23
CA TRP G 48 -0.78 37.32 -46.92
C TRP G 48 -0.07 38.32 -46.00
N ILE G 49 -0.72 38.68 -44.89
CA ILE G 49 -0.13 39.64 -43.96
C ILE G 49 1.01 38.99 -43.19
N GLY G 50 0.70 37.95 -42.42
CA GLY G 50 1.73 37.39 -41.55
C GLY G 50 1.28 36.12 -40.88
N ASN G 51 2.18 35.61 -40.02
CA ASN G 51 1.89 34.37 -39.30
C ASN G 51 2.62 34.38 -37.96
N ILE G 52 2.06 33.62 -37.02
CA ILE G 52 2.65 33.42 -35.71
C ILE G 52 2.62 31.92 -35.39
N HIS G 53 3.73 31.39 -34.90
CA HIS G 53 3.78 30.02 -34.42
C HIS G 53 3.31 29.98 -32.97
N GLY G 54 2.24 29.22 -32.72
CA GLY G 54 1.65 29.21 -31.39
C GLY G 54 2.58 28.67 -30.33
N ASN G 55 3.22 27.53 -30.61
CA ASN G 55 4.03 26.88 -29.59
C ASN G 55 5.32 27.64 -29.33
N SER G 56 6.02 28.05 -30.40
CA SER G 56 7.31 28.69 -30.27
C SER G 56 7.23 30.21 -30.22
N GLY G 57 6.16 30.80 -30.74
CA GLY G 57 6.03 32.25 -30.76
C GLY G 57 6.79 32.94 -31.86
N THR G 58 7.38 32.19 -32.79
CA THR G 58 8.13 32.80 -33.88
C THR G 58 7.17 33.53 -34.83
N THR G 59 7.52 34.77 -35.18
CA THR G 59 6.73 35.59 -36.07
C THR G 59 7.33 35.60 -37.46
N THR G 60 6.46 35.71 -38.48
CA THR G 60 6.91 35.88 -39.86
C THR G 60 5.96 36.88 -40.53
N TYR G 61 6.49 38.04 -40.90
CA TYR G 61 5.70 39.10 -41.51
C TYR G 61 6.13 39.31 -42.95
N ASN G 62 5.18 39.77 -43.77
CA ASN G 62 5.50 40.09 -45.15
C ASN G 62 6.52 41.23 -45.18
N PRO G 63 7.57 41.15 -46.02
CA PRO G 63 8.56 42.25 -46.02
C PRO G 63 7.95 43.61 -46.33
N SER G 64 6.93 43.66 -47.18
CA SER G 64 6.29 44.94 -47.49
C SER G 64 5.65 45.55 -46.26
N LEU G 65 4.98 44.74 -45.45
CA LEU G 65 4.30 45.19 -44.24
C LEU G 65 5.05 44.80 -42.96
N GLU G 66 6.31 44.39 -43.07
CA GLU G 66 7.05 43.95 -41.89
C GLU G 66 7.24 45.07 -40.87
N SER G 67 7.22 46.33 -41.30
CA SER G 67 7.46 47.46 -40.42
C SER G 67 6.19 48.01 -39.76
N ARG G 68 5.02 47.42 -40.05
CA ARG G 68 3.76 47.93 -39.52
C ARG G 68 2.84 46.82 -39.00
N VAL G 69 3.27 45.56 -39.03
CA VAL G 69 2.44 44.41 -38.65
C VAL G 69 2.96 43.85 -37.34
N THR G 70 2.05 43.54 -36.43
CA THR G 70 2.39 42.87 -35.17
C THR G 70 1.32 41.84 -34.86
N ILE G 71 1.72 40.58 -34.71
CA ILE G 71 0.80 39.48 -34.42
C ILE G 71 1.13 38.95 -33.03
N SER G 72 0.10 38.79 -32.20
CA SER G 72 0.25 38.29 -30.84
C SER G 72 -0.81 37.22 -30.58
N THR G 73 -0.59 36.45 -29.52
CA THR G 73 -1.49 35.37 -29.13
C THR G 73 -1.83 35.50 -27.65
N ASP G 74 -3.12 35.33 -27.34
CA ASP G 74 -3.63 35.35 -25.97
C ASP G 74 -4.12 33.95 -25.64
N THR G 75 -3.42 33.27 -24.73
CA THR G 75 -3.79 31.92 -24.33
C THR G 75 -4.98 31.92 -23.38
N SER G 76 -5.07 32.92 -22.49
CA SER G 76 -6.16 32.96 -21.53
C SER G 76 -7.50 33.08 -22.24
N LYS G 77 -7.58 33.94 -23.26
CA LYS G 77 -8.80 34.09 -24.04
C LYS G 77 -8.88 33.12 -25.22
N ASN G 78 -7.81 32.38 -25.49
CA ASN G 78 -7.78 31.40 -26.58
C ASN G 78 -8.05 32.07 -27.92
N GLN G 79 -7.18 33.03 -28.26
CA GLN G 79 -7.35 33.83 -29.47
C GLN G 79 -6.00 34.37 -29.89
N PHE G 80 -5.98 35.06 -31.04
CA PHE G 80 -4.79 35.76 -31.50
C PHE G 80 -5.19 37.03 -32.23
N SER G 81 -4.37 38.06 -32.06
CA SER G 81 -4.70 39.42 -32.50
C SER G 81 -3.65 39.95 -33.45
N LEU G 82 -4.09 40.84 -34.33
CA LEU G 82 -3.26 41.52 -35.31
C LEU G 82 -3.37 43.03 -35.10
N LYS G 83 -2.23 43.71 -35.21
CA LYS G 83 -2.15 45.16 -35.09
C LYS G 83 -1.44 45.70 -36.32
N LEU G 84 -2.11 46.61 -37.02
CA LEU G 84 -1.59 47.25 -38.23
C LEU G 84 -1.50 48.74 -37.98
N THR G 85 -0.28 49.24 -37.82
CA THR G 85 -0.05 50.64 -37.52
C THR G 85 0.03 51.46 -38.81
N SER G 86 -0.35 52.73 -38.71
CA SER G 86 -0.29 53.67 -39.84
C SER G 86 -1.12 53.17 -41.01
N VAL G 87 -2.40 52.87 -40.74
CA VAL G 87 -3.30 52.42 -41.79
C VAL G 87 -3.57 53.56 -42.76
N THR G 88 -3.81 53.20 -44.02
CA THR G 88 -4.05 54.16 -45.09
C THR G 88 -5.26 53.70 -45.89
N GLY G 89 -5.53 54.42 -46.99
CA GLY G 89 -6.68 54.06 -47.82
C GLY G 89 -6.54 52.70 -48.47
N ALA G 90 -5.31 52.34 -48.85
CA ALA G 90 -5.07 51.04 -49.47
C ALA G 90 -5.29 49.88 -48.52
N ASP G 91 -5.36 50.13 -47.21
CA ASP G 91 -5.54 49.06 -46.24
C ASP G 91 -7.00 48.62 -46.11
N THR G 92 -7.93 49.33 -46.73
CA THR G 92 -9.33 48.90 -46.73
C THR G 92 -9.45 47.55 -47.42
N ALA G 93 -9.98 46.56 -46.72
CA ALA G 93 -9.99 45.19 -47.24
C ALA G 93 -10.77 44.30 -46.28
N THR G 94 -11.00 43.07 -46.71
CA THR G 94 -11.56 42.02 -45.87
C THR G 94 -10.42 41.19 -45.32
N TYR G 95 -10.33 41.10 -44.00
CA TYR G 95 -9.26 40.40 -43.30
C TYR G 95 -9.77 39.04 -42.83
N PHE G 96 -8.95 38.01 -43.04
CA PHE G 96 -9.25 36.65 -42.64
C PHE G 96 -8.15 36.12 -41.73
N CYS G 97 -8.56 35.34 -40.73
CA CYS G 97 -7.66 34.57 -39.89
C CYS G 97 -7.76 33.11 -40.29
N ALA G 98 -6.62 32.45 -40.38
CA ALA G 98 -6.52 31.13 -41.01
C ALA G 98 -5.61 30.22 -40.21
N THR G 99 -5.77 28.92 -40.46
CA THR G 99 -4.87 27.92 -39.92
C THR G 99 -4.86 26.72 -40.85
N GLN G 100 -3.72 26.02 -40.88
CA GLN G 100 -3.61 24.81 -41.69
C GLN G 100 -2.53 23.93 -41.08
N PHE G 101 -2.77 22.63 -41.11
CA PHE G 101 -1.87 21.67 -40.45
C PHE G 101 -2.08 20.30 -41.05
N LYS G 102 -1.26 19.35 -40.59
CA LYS G 102 -1.25 17.97 -41.07
C LYS G 102 -1.42 17.05 -39.88
N LYS G 103 -2.61 16.47 -39.73
CA LYS G 103 -2.88 15.48 -38.70
C LYS G 103 -2.40 14.12 -39.16
N TYR G 104 -1.68 13.42 -38.29
CA TYR G 104 -1.17 12.08 -38.55
C TYR G 104 -1.92 11.09 -37.66
N TRP G 105 -2.33 9.97 -38.25
CA TRP G 105 -3.14 8.98 -37.56
C TRP G 105 -2.33 7.90 -36.86
N GLY G 106 -0.99 8.00 -36.89
CA GLY G 106 -0.14 7.02 -36.24
C GLY G 106 0.87 7.63 -35.30
N LEU G 107 2.12 7.18 -35.38
CA LEU G 107 3.21 7.68 -34.53
C LEU G 107 4.38 8.08 -35.42
N SER G 108 5.07 9.15 -34.99
CA SER G 108 6.15 9.77 -35.77
C SER G 108 5.62 10.29 -37.11
N VAL G 109 6.40 11.11 -37.80
CA VAL G 109 5.93 11.64 -39.08
C VAL G 109 6.33 10.67 -40.18
N SER G 110 5.60 9.55 -40.25
CA SER G 110 5.58 8.69 -41.43
C SER G 110 4.20 8.12 -41.75
N SER G 111 3.28 8.07 -40.78
CA SER G 111 2.02 7.34 -40.89
C SER G 111 0.98 8.18 -41.63
N PRO G 112 0.15 7.54 -42.50
CA PRO G 112 -0.69 8.24 -43.50
C PRO G 112 -0.64 9.76 -43.58
N PHE G 113 -1.80 10.44 -43.65
CA PHE G 113 -1.84 11.88 -43.83
C PHE G 113 -3.26 12.40 -43.66
N SER G 114 -3.40 13.63 -43.15
CA SER G 114 -4.71 14.29 -43.17
C SER G 114 -4.45 15.80 -43.16
N PHE G 115 -4.53 16.43 -44.34
CA PHE G 115 -4.35 17.87 -44.44
C PHE G 115 -5.64 18.57 -44.05
N SER G 116 -5.57 19.45 -43.04
CA SER G 116 -6.72 20.19 -42.56
C SER G 116 -6.42 21.67 -42.65
N ASP G 117 -7.45 22.47 -42.96
CA ASP G 117 -7.32 23.91 -43.00
C ASP G 117 -8.65 24.54 -42.64
N SER G 118 -8.59 25.64 -41.89
CA SER G 118 -9.77 26.38 -41.47
C SER G 118 -9.55 27.86 -41.72
N TRP G 119 -10.46 28.48 -42.45
CA TRP G 119 -10.45 29.91 -42.73
C TRP G 119 -11.73 30.52 -42.16
N GLY G 120 -11.60 31.63 -41.47
CA GLY G 120 -12.73 32.28 -40.85
C GLY G 120 -13.62 32.99 -41.86
N GLN G 121 -14.76 33.46 -41.36
CA GLN G 121 -15.69 34.20 -42.21
C GLN G 121 -15.08 35.48 -42.74
N GLY G 122 -14.25 36.14 -41.95
CA GLY G 122 -13.61 37.38 -42.36
C GLY G 122 -14.39 38.61 -41.95
N VAL G 123 -13.66 39.71 -41.77
CA VAL G 123 -14.24 40.98 -41.34
C VAL G 123 -13.79 42.07 -42.29
N LEU G 124 -14.74 42.89 -42.75
CA LEU G 124 -14.44 43.98 -43.66
C LEU G 124 -14.09 45.23 -42.86
N VAL G 125 -12.94 45.82 -43.18
CA VAL G 125 -12.45 47.03 -42.52
C VAL G 125 -12.21 48.09 -43.59
N SER G 126 -12.76 49.28 -43.36
CA SER G 126 -12.61 50.42 -44.25
C SER G 126 -11.84 51.52 -43.54
N VAL G 127 -10.89 52.12 -44.24
CA VAL G 127 -10.07 53.21 -43.71
C VAL G 127 -10.57 54.52 -44.28
N SER G 128 -10.86 55.47 -43.41
CA SER G 128 -11.38 56.78 -43.79
C SER G 128 -10.35 57.86 -43.51
N SER G 129 -10.25 58.82 -44.41
CA SER G 129 -9.29 59.92 -44.26
C SER G 129 -9.66 60.79 -43.08
N ASP H 1 10.71 36.99 -54.14
CA ASP H 1 9.36 36.39 -53.90
C ASP H 1 8.93 35.55 -55.10
N ILE H 2 8.36 34.38 -54.81
CA ILE H 2 7.88 33.49 -55.86
C ILE H 2 6.59 34.05 -56.43
N GLN H 3 6.55 34.21 -57.74
CA GLN H 3 5.41 34.81 -58.43
C GLN H 3 4.57 33.73 -59.09
N MET H 4 3.25 33.83 -58.90
CA MET H 4 2.30 32.89 -59.47
C MET H 4 1.53 33.57 -60.59
N THR H 5 1.55 32.96 -61.78
CA THR H 5 0.80 33.45 -62.93
C THR H 5 -0.27 32.42 -63.25
N GLN H 6 -1.53 32.86 -63.22
CA GLN H 6 -2.68 31.99 -63.40
C GLN H 6 -3.40 32.36 -64.68
N SER H 7 -3.77 31.36 -65.48
CA SER H 7 -4.50 31.55 -66.72
C SER H 7 -5.63 30.54 -66.83
N PRO H 8 -6.74 30.90 -67.50
CA PRO H 8 -7.11 32.22 -68.04
C PRO H 8 -7.57 33.15 -66.93
N ARG H 9 -7.44 34.47 -67.11
CA ARG H 9 -7.88 35.39 -66.07
C ARG H 9 -9.39 35.30 -65.85
N SER H 10 -10.16 35.18 -66.93
CA SER H 10 -11.60 34.99 -66.86
C SER H 10 -12.01 33.94 -67.88
N LEU H 11 -13.06 33.19 -67.56
CA LEU H 11 -13.54 32.12 -68.42
C LEU H 11 -15.05 32.02 -68.29
N SER H 12 -15.71 31.69 -69.40
CA SER H 12 -17.14 31.47 -69.45
C SER H 12 -17.41 30.06 -69.96
N ALA H 13 -18.25 29.32 -69.24
CA ALA H 13 -18.56 27.96 -69.60
C ALA H 13 -19.97 27.62 -69.13
N SER H 14 -20.53 26.58 -69.75
CA SER H 14 -21.87 26.11 -69.42
C SER H 14 -21.78 24.91 -68.48
N VAL H 15 -22.96 24.49 -67.99
CA VAL H 15 -23.03 23.36 -67.08
C VAL H 15 -22.63 22.09 -67.83
N GLY H 16 -21.76 21.29 -67.22
CA GLY H 16 -21.28 20.07 -67.82
C GLY H 16 -20.03 20.21 -68.66
N ASP H 17 -19.56 21.43 -68.89
CA ASP H 17 -18.36 21.64 -69.69
C ASP H 17 -17.11 21.37 -68.85
N ARG H 18 -16.04 20.95 -69.53
CA ARG H 18 -14.76 20.70 -68.89
C ARG H 18 -13.98 21.99 -68.79
N VAL H 19 -13.49 22.31 -67.60
CA VAL H 19 -12.79 23.56 -67.32
C VAL H 19 -11.36 23.22 -66.90
N THR H 20 -10.39 23.92 -67.48
CA THR H 20 -8.97 23.74 -67.17
C THR H 20 -8.36 25.08 -66.81
N ILE H 21 -7.61 25.11 -65.71
CA ILE H 21 -6.94 26.31 -65.22
C ILE H 21 -5.47 25.97 -64.97
N THR H 22 -4.57 26.82 -65.44
CA THR H 22 -3.14 26.58 -65.33
C THR H 22 -2.50 27.63 -64.41
N CYS H 23 -1.55 27.18 -63.60
CA CYS H 23 -0.79 28.04 -62.70
C CYS H 23 0.69 27.76 -62.86
N ARG H 24 1.48 28.81 -63.02
CA ARG H 24 2.92 28.71 -63.23
C ARG H 24 3.66 29.50 -62.16
N ALA H 25 4.74 28.91 -61.65
CA ALA H 25 5.56 29.52 -60.62
C ALA H 25 6.88 29.97 -61.22
N SER H 26 7.45 31.03 -60.63
CA SER H 26 8.73 31.55 -61.09
C SER H 26 9.86 30.54 -60.91
N GLN H 27 9.71 29.60 -59.99
CA GLN H 27 10.73 28.58 -59.77
C GLN H 27 10.04 27.31 -59.29
N ASP H 28 10.79 26.21 -59.33
CA ASP H 28 10.24 24.90 -58.95
C ASP H 28 9.80 24.92 -57.49
N ILE H 29 8.53 24.60 -57.27
CA ILE H 29 7.94 24.56 -55.93
C ILE H 29 7.18 23.25 -55.72
N SER H 30 7.37 22.29 -56.63
CA SER H 30 6.58 21.06 -56.56
C SER H 30 6.99 20.25 -55.34
N PRO H 31 6.05 19.53 -54.69
CA PRO H 31 4.60 19.45 -54.93
C PRO H 31 3.83 20.45 -54.07
N ASP H 32 4.48 21.52 -53.62
CA ASP H 32 3.88 22.46 -52.67
C ASP H 32 3.01 23.45 -53.42
N LEU H 33 1.74 23.10 -53.60
CA LEU H 33 0.76 24.03 -54.14
C LEU H 33 -0.63 23.52 -53.82
N ASN H 34 -1.53 24.43 -53.48
CA ASN H 34 -2.92 24.12 -53.17
C ASN H 34 -3.83 24.95 -54.06
N TRP H 35 -4.98 24.36 -54.40
CA TRP H 35 -6.01 25.01 -55.21
C TRP H 35 -7.24 25.23 -54.34
N TYR H 36 -7.69 26.49 -54.29
CA TYR H 36 -8.82 26.93 -53.50
C TYR H 36 -9.90 27.52 -54.41
N GLN H 37 -11.15 27.47 -53.92
CA GLN H 37 -12.30 28.05 -54.59
C GLN H 37 -12.91 29.11 -53.69
N GLN H 38 -13.48 30.15 -54.32
CA GLN H 38 -14.07 31.28 -53.59
C GLN H 38 -15.36 31.67 -54.28
N LYS H 39 -16.47 31.61 -53.54
CA LYS H 39 -17.75 32.11 -54.01
C LYS H 39 -17.87 33.60 -53.71
N PRO H 40 -18.78 34.31 -54.38
CA PRO H 40 -18.90 35.76 -54.14
C PRO H 40 -19.30 36.06 -52.71
N GLY H 41 -18.42 36.77 -52.01
CA GLY H 41 -18.72 37.24 -50.66
C GLY H 41 -18.67 36.17 -49.59
N GLY H 42 -18.06 35.01 -49.86
CA GLY H 42 -17.98 33.94 -48.90
C GLY H 42 -16.55 33.49 -48.65
N PRO H 43 -16.35 32.62 -47.67
CA PRO H 43 -15.00 32.14 -47.37
C PRO H 43 -14.51 31.18 -48.43
N LEU H 44 -13.19 31.05 -48.50
CA LEU H 44 -12.56 30.21 -49.52
C LEU H 44 -12.54 28.75 -49.08
N LYS H 45 -12.87 27.87 -50.01
CA LYS H 45 -12.93 26.43 -49.76
C LYS H 45 -11.72 25.77 -50.41
N LEU H 46 -11.04 24.91 -49.66
CA LEU H 46 -9.90 24.17 -50.18
C LEU H 46 -10.39 23.05 -51.09
N LEU H 47 -9.90 23.03 -52.32
CA LEU H 47 -10.22 21.98 -53.29
C LEU H 47 -9.14 20.91 -53.37
N ILE H 48 -7.89 21.31 -53.61
CA ILE H 48 -6.79 20.37 -53.80
C ILE H 48 -5.63 20.79 -52.93
N TYR H 49 -4.98 19.80 -52.30
CA TYR H 49 -3.75 20.02 -51.53
C TYR H 49 -2.65 19.14 -52.11
N ASP H 50 -1.43 19.66 -52.08
CA ASP H 50 -0.24 19.04 -52.68
C ASP H 50 -0.34 18.93 -54.20
N ALA H 51 -1.33 19.57 -54.82
CA ALA H 51 -1.48 19.65 -56.27
C ALA H 51 -1.92 18.33 -56.90
N SER H 52 -2.04 17.26 -56.12
CA SER H 52 -2.47 15.97 -56.65
C SER H 52 -3.42 15.21 -55.73
N ASN H 53 -3.74 15.72 -54.55
CA ASN H 53 -4.56 15.01 -53.57
C ASN H 53 -5.87 15.76 -53.37
N LEU H 54 -6.99 15.05 -53.54
CA LEU H 54 -8.30 15.66 -53.39
C LEU H 54 -8.66 15.79 -51.91
N GLN H 55 -9.05 16.99 -51.50
CA GLN H 55 -9.42 17.24 -50.11
C GLN H 55 -10.69 16.48 -49.76
N GLY H 56 -10.75 15.99 -48.53
CA GLY H 56 -11.91 15.25 -48.05
C GLY H 56 -13.20 16.06 -48.13
N GLY H 57 -14.23 15.45 -48.70
CA GLY H 57 -15.53 16.09 -48.85
C GLY H 57 -15.72 16.83 -50.17
N VAL H 58 -14.65 17.09 -50.90
CA VAL H 58 -14.78 17.77 -52.20
C VAL H 58 -15.38 16.79 -53.20
N PRO H 59 -16.24 17.24 -54.14
CA PRO H 59 -16.71 16.31 -55.17
C PRO H 59 -15.57 15.78 -56.02
N SER H 60 -15.73 14.54 -56.48
CA SER H 60 -14.68 13.85 -57.22
C SER H 60 -14.40 14.46 -58.59
N ARG H 61 -15.28 15.34 -59.09
CA ARG H 61 -15.06 15.92 -60.42
C ARG H 61 -13.78 16.76 -60.43
N PHE H 62 -13.51 17.50 -59.36
CA PHE H 62 -12.30 18.30 -59.30
C PHE H 62 -11.06 17.40 -59.26
N SER H 63 -10.02 17.81 -59.97
CA SER H 63 -8.77 17.08 -59.99
C SER H 63 -7.61 18.04 -60.20
N GLY H 64 -6.43 17.62 -59.78
CA GLY H 64 -5.24 18.42 -59.95
C GLY H 64 -4.09 17.57 -60.46
N SER H 65 -3.20 18.21 -61.20
CA SER H 65 -2.05 17.51 -61.78
C SER H 65 -0.95 18.52 -62.06
N GLY H 66 0.16 18.04 -62.57
CA GLY H 66 1.31 18.87 -62.92
C GLY H 66 2.43 18.72 -61.91
N SER H 67 3.52 19.43 -62.21
CA SER H 67 4.73 19.37 -61.38
C SER H 67 5.64 20.50 -61.85
N GLY H 68 6.87 20.53 -61.31
CA GLY H 68 7.86 21.51 -61.69
C GLY H 68 7.41 22.94 -61.48
N THR H 69 7.18 23.66 -62.58
CA THR H 69 6.69 25.04 -62.55
C THR H 69 5.38 25.17 -63.32
N GLU H 70 4.60 24.10 -63.40
CA GLU H 70 3.35 24.09 -64.14
C GLU H 70 2.38 23.14 -63.45
N PHE H 71 1.26 23.67 -62.96
CA PHE H 71 0.23 22.90 -62.31
C PHE H 71 -1.11 23.20 -62.97
N THR H 72 -2.01 22.21 -62.96
CA THR H 72 -3.29 22.32 -63.64
C THR H 72 -4.41 21.81 -62.74
N LEU H 73 -5.51 22.56 -62.73
CA LEU H 73 -6.73 22.19 -62.05
C LEU H 73 -7.79 21.93 -63.11
N THR H 74 -8.46 20.78 -63.02
CA THR H 74 -9.44 20.35 -64.02
C THR H 74 -10.77 20.04 -63.34
N ILE H 75 -11.84 20.62 -63.86
CA ILE H 75 -13.21 20.28 -63.50
C ILE H 75 -13.79 19.51 -64.67
N SER H 76 -14.05 18.22 -64.47
CA SER H 76 -14.51 17.38 -65.56
C SER H 76 -15.90 17.78 -66.03
N SER H 77 -16.81 18.05 -65.10
CA SER H 77 -18.19 18.41 -65.43
C SER H 77 -18.58 19.58 -64.52
N LEU H 78 -18.63 20.78 -65.11
CA LEU H 78 -18.99 21.96 -64.35
C LEU H 78 -20.43 21.87 -63.87
N GLN H 79 -20.68 22.41 -62.68
CA GLN H 79 -21.97 22.39 -62.02
C GLN H 79 -22.40 23.81 -61.67
N PRO H 80 -23.69 24.03 -61.37
CA PRO H 80 -24.11 25.40 -61.02
C PRO H 80 -23.37 25.99 -59.84
N GLU H 81 -22.96 25.18 -58.87
CA GLU H 81 -22.21 25.68 -57.72
C GLU H 81 -20.72 25.86 -58.02
N ASP H 82 -20.25 25.44 -59.19
CA ASP H 82 -18.83 25.54 -59.51
C ASP H 82 -18.42 26.92 -60.02
N PHE H 83 -19.38 27.78 -60.37
CA PHE H 83 -19.05 29.13 -60.81
C PHE H 83 -18.46 29.90 -59.64
N ALA H 84 -17.18 30.26 -59.74
CA ALA H 84 -16.45 30.81 -58.60
C ALA H 84 -15.09 31.30 -59.09
N THR H 85 -14.30 31.83 -58.17
CA THR H 85 -12.93 32.27 -58.45
C THR H 85 -11.97 31.25 -57.87
N TYR H 86 -11.11 30.69 -58.71
CA TYR H 86 -10.16 29.67 -58.32
C TYR H 86 -8.76 30.27 -58.19
N TYR H 87 -8.06 29.89 -57.12
CA TYR H 87 -6.75 30.43 -56.80
C TYR H 87 -5.76 29.30 -56.55
N CYS H 88 -4.50 29.55 -56.89
CA CYS H 88 -3.38 28.66 -56.59
C CYS H 88 -2.46 29.33 -55.58
N LEU H 89 -2.14 28.62 -54.50
CA LEU H 89 -1.32 29.13 -53.41
C LEU H 89 -0.10 28.24 -53.25
N GLN H 90 1.06 28.88 -53.02
CA GLN H 90 2.31 28.19 -52.80
C GLN H 90 2.82 28.46 -51.39
N TYR H 91 3.53 27.48 -50.82
CA TYR H 91 4.08 27.63 -49.48
C TYR H 91 5.49 27.04 -49.36
N ASN H 92 6.22 26.92 -50.48
CA ASN H 92 7.59 26.43 -50.40
C ASN H 92 8.48 27.38 -49.59
N GLY H 93 8.33 28.67 -49.81
CA GLY H 93 9.09 29.65 -49.06
C GLY H 93 8.27 30.91 -48.86
N TYR H 94 8.51 31.58 -47.73
CA TYR H 94 7.76 32.78 -47.41
C TYR H 94 8.19 33.93 -48.32
N PRO H 95 7.30 34.90 -48.56
CA PRO H 95 5.90 35.00 -48.13
C PRO H 95 4.97 34.14 -48.99
N TRP H 96 3.81 33.76 -48.48
CA TRP H 96 2.87 32.98 -49.27
C TRP H 96 2.21 33.88 -50.30
N THR H 97 2.27 33.47 -51.57
CA THR H 97 1.77 34.25 -52.70
C THR H 97 0.61 33.53 -53.35
N PHE H 98 -0.47 34.26 -53.63
CA PHE H 98 -1.66 33.73 -54.27
C PHE H 98 -1.70 34.15 -55.74
N GLY H 99 -2.48 33.41 -56.52
CA GLY H 99 -2.70 33.78 -57.90
C GLY H 99 -3.70 34.90 -58.04
N GLN H 100 -3.75 35.47 -59.25
CA GLN H 100 -4.69 36.57 -59.51
C GLN H 100 -6.14 36.12 -59.42
N GLY H 101 -6.41 34.83 -59.62
CA GLY H 101 -7.76 34.31 -59.52
C GLY H 101 -8.44 34.16 -60.86
N THR H 102 -8.78 32.93 -61.24
CA THR H 102 -9.48 32.65 -62.48
C THR H 102 -10.98 32.59 -62.17
N LYS H 103 -11.76 33.45 -62.82
CA LYS H 103 -13.18 33.58 -62.57
C LYS H 103 -13.96 32.75 -63.60
N VAL H 104 -14.81 31.86 -63.11
CA VAL H 104 -15.67 31.03 -63.94
C VAL H 104 -17.11 31.38 -63.62
N ASP H 105 -17.85 31.82 -64.64
CA ASP H 105 -19.25 32.23 -64.50
C ASP H 105 -20.07 31.62 -65.63
N HIS H 106 -21.38 31.59 -65.43
CA HIS H 106 -22.28 31.02 -66.43
C HIS H 106 -22.19 31.78 -67.74
N LYS H 107 -22.11 31.04 -68.84
CA LYS H 107 -22.02 31.63 -70.16
C LYS H 107 -23.38 32.14 -70.63
N GLN I 1 -17.51 -38.61 -1.24
CA GLN I 1 -18.74 -39.29 -1.70
C GLN I 1 -19.96 -38.79 -0.94
N VAL I 2 -21.12 -38.81 -1.60
CA VAL I 2 -22.36 -38.32 -1.02
C VAL I 2 -23.04 -39.47 -0.29
N GLN I 3 -23.44 -39.23 0.96
CA GLN I 3 -24.15 -40.21 1.77
C GLN I 3 -25.51 -39.65 2.17
N LEU I 4 -26.52 -40.53 2.20
CA LEU I 4 -27.89 -40.15 2.50
C LEU I 4 -28.46 -41.07 3.56
N GLN I 5 -29.21 -40.50 4.51
CA GLN I 5 -29.85 -41.27 5.58
C GLN I 5 -31.29 -40.81 5.72
N GLU I 6 -32.22 -41.78 5.75
CA GLU I 6 -33.64 -41.51 5.85
C GLU I 6 -34.11 -41.63 7.30
N SER I 7 -35.20 -40.94 7.59
CA SER I 7 -35.81 -40.98 8.92
C SER I 7 -37.27 -40.57 8.80
N GLY I 8 -38.04 -40.96 9.81
CA GLY I 8 -39.46 -40.65 9.85
C GLY I 8 -40.23 -41.63 10.72
N PRO I 9 -41.54 -41.45 10.80
CA PRO I 9 -42.36 -42.35 11.62
C PRO I 9 -42.51 -43.71 10.96
N GLY I 10 -42.36 -44.77 11.76
CA GLY I 10 -42.51 -46.12 11.25
C GLY I 10 -43.94 -46.59 11.10
N LEU I 11 -44.90 -45.89 11.70
CA LEU I 11 -46.31 -46.25 11.63
C LEU I 11 -47.13 -44.99 11.50
N VAL I 12 -48.10 -45.00 10.58
CA VAL I 12 -48.99 -43.88 10.36
C VAL I 12 -50.41 -44.41 10.23
N LYS I 13 -51.38 -43.55 10.54
CA LYS I 13 -52.79 -43.90 10.46
C LYS I 13 -53.36 -43.49 9.11
N ALA I 14 -54.46 -44.15 8.73
CA ALA I 14 -55.10 -43.86 7.46
C ALA I 14 -55.65 -42.43 7.44
N SER I 15 -55.58 -41.80 6.27
CA SER I 15 -56.05 -40.44 6.00
C SER I 15 -55.15 -39.37 6.61
N GLU I 16 -54.07 -39.74 7.30
CA GLU I 16 -53.16 -38.78 7.89
C GLU I 16 -52.07 -38.42 6.87
N THR I 17 -51.18 -37.51 7.26
CA THR I 17 -50.08 -37.07 6.43
C THR I 17 -48.79 -37.74 6.89
N LEU I 18 -48.12 -38.41 5.95
CA LEU I 18 -46.85 -39.07 6.22
C LEU I 18 -45.71 -38.11 5.89
N SER I 19 -44.87 -37.83 6.88
CA SER I 19 -43.74 -36.93 6.72
C SER I 19 -42.44 -37.72 6.88
N LEU I 20 -41.59 -37.65 5.86
CA LEU I 20 -40.29 -38.31 5.86
C LEU I 20 -39.20 -37.29 5.62
N THR I 21 -38.01 -37.57 6.14
CA THR I 21 -36.86 -36.68 5.99
C THR I 21 -35.66 -37.49 5.51
N CYS I 22 -34.82 -36.86 4.71
CA CYS I 22 -33.58 -37.45 4.24
C CYS I 22 -32.46 -36.43 4.42
N ALA I 23 -31.45 -36.79 5.20
CA ALA I 23 -30.31 -35.95 5.47
C ALA I 23 -29.13 -36.39 4.63
N VAL I 24 -28.42 -35.42 4.05
CA VAL I 24 -27.33 -35.66 3.12
C VAL I 24 -26.04 -35.13 3.72
N SER I 25 -24.96 -35.90 3.60
CA SER I 25 -23.64 -35.50 4.01
C SER I 25 -22.67 -35.68 2.84
N GLY I 26 -21.67 -34.79 2.79
CA GLY I 26 -20.74 -34.76 1.68
C GLY I 26 -21.14 -33.85 0.53
N ALA I 27 -22.31 -33.23 0.60
CA ALA I 27 -22.76 -32.32 -0.46
C ALA I 27 -23.78 -31.36 0.14
N SER I 28 -24.13 -30.34 -0.65
CA SER I 28 -25.05 -29.30 -0.25
C SER I 28 -26.37 -29.46 -0.97
N VAL I 29 -27.47 -29.26 -0.24
CA VAL I 29 -28.80 -29.39 -0.85
C VAL I 29 -29.01 -28.30 -1.88
N SER I 30 -28.45 -27.11 -1.65
CA SER I 30 -28.65 -26.00 -2.58
C SER I 30 -27.86 -26.16 -3.87
N GLY I 31 -26.99 -27.14 -3.98
CA GLY I 31 -26.21 -27.33 -5.18
C GLY I 31 -27.03 -27.87 -6.34
N ASN I 32 -26.37 -27.98 -7.49
CA ASN I 32 -27.01 -28.46 -8.71
C ASN I 32 -27.18 -29.97 -8.59
N TYR I 33 -28.24 -30.36 -7.88
CA TYR I 33 -28.55 -31.76 -7.65
C TYR I 33 -30.05 -31.99 -7.82
N TYR I 34 -30.40 -33.22 -8.15
CA TYR I 34 -31.78 -33.68 -8.29
C TYR I 34 -32.06 -34.67 -7.18
N TRP I 35 -32.73 -34.20 -6.12
CA TRP I 35 -33.04 -35.04 -4.98
C TRP I 35 -34.33 -35.79 -5.26
N ASN I 36 -34.27 -37.12 -5.14
CA ASN I 36 -35.30 -38.03 -5.59
C ASN I 36 -35.92 -38.74 -4.40
N TRP I 37 -37.25 -38.90 -4.43
CA TRP I 37 -37.96 -39.75 -3.49
C TRP I 37 -38.66 -40.87 -4.25
N ILE I 38 -38.40 -42.11 -3.84
CA ILE I 38 -38.92 -43.31 -4.48
C ILE I 38 -39.49 -44.21 -3.39
N ARG I 39 -40.39 -45.12 -3.79
CA ARG I 39 -40.95 -46.09 -2.86
C ARG I 39 -41.05 -47.45 -3.54
N GLN I 40 -41.08 -48.49 -2.71
CA GLN I 40 -41.27 -49.87 -3.17
C GLN I 40 -42.14 -50.58 -2.14
N SER I 41 -43.33 -51.01 -2.56
CA SER I 41 -44.22 -51.76 -1.68
C SER I 41 -43.80 -53.23 -1.64
N PRO I 42 -44.21 -53.96 -0.60
CA PRO I 42 -43.75 -55.36 -0.47
C PRO I 42 -44.19 -56.21 -1.64
N GLY I 43 -43.21 -56.85 -2.28
CA GLY I 43 -43.50 -57.77 -3.36
C GLY I 43 -43.99 -57.11 -4.64
N LYS I 44 -43.65 -55.84 -4.86
CA LYS I 44 -44.11 -55.12 -6.04
C LYS I 44 -42.94 -54.41 -6.73
N GLU I 45 -43.24 -53.60 -7.74
CA GLU I 45 -42.23 -52.89 -8.50
C GLU I 45 -41.97 -51.52 -7.89
N LEU I 46 -40.76 -51.02 -8.11
CA LEU I 46 -40.40 -49.71 -7.60
C LEU I 46 -41.26 -48.63 -8.25
N GLU I 47 -41.65 -47.63 -7.45
CA GLU I 47 -42.48 -46.52 -7.90
C GLU I 47 -41.81 -45.22 -7.51
N TRP I 48 -41.47 -44.40 -8.51
CA TRP I 48 -40.81 -43.13 -8.27
C TRP I 48 -41.84 -42.09 -7.83
N ILE I 49 -41.66 -41.56 -6.62
CA ILE I 49 -42.61 -40.59 -6.09
C ILE I 49 -42.39 -39.23 -6.77
N GLY I 50 -41.21 -38.66 -6.61
CA GLY I 50 -41.01 -37.32 -7.14
C GLY I 50 -39.57 -36.88 -7.04
N ASN I 51 -39.33 -35.65 -7.47
CA ASN I 51 -37.99 -35.09 -7.44
C ASN I 51 -38.05 -33.57 -7.28
N ILE I 52 -36.93 -33.01 -6.82
CA ILE I 52 -36.78 -31.56 -6.68
C ILE I 52 -35.36 -31.17 -7.08
N HIS I 53 -35.24 -30.04 -7.78
CA HIS I 53 -33.93 -29.44 -8.08
C HIS I 53 -33.45 -28.64 -6.87
N GLY I 54 -32.23 -28.93 -6.42
CA GLY I 54 -31.72 -28.26 -5.23
C GLY I 54 -31.51 -26.78 -5.43
N ASN I 55 -30.90 -26.39 -6.55
CA ASN I 55 -30.54 -25.00 -6.77
C ASN I 55 -31.75 -24.14 -7.10
N SER I 56 -32.64 -24.64 -7.95
CA SER I 56 -33.76 -23.87 -8.47
C SER I 56 -35.06 -24.12 -7.72
N GLY I 57 -35.19 -25.27 -7.05
CA GLY I 57 -36.39 -25.60 -6.33
C GLY I 57 -37.52 -26.14 -7.18
N THR I 58 -37.32 -26.31 -8.48
CA THR I 58 -38.37 -26.87 -9.34
C THR I 58 -38.67 -28.30 -8.91
N THR I 59 -39.96 -28.61 -8.80
CA THR I 59 -40.44 -29.90 -8.34
C THR I 59 -41.19 -30.60 -9.47
N THR I 60 -40.99 -31.91 -9.60
CA THR I 60 -41.75 -32.72 -10.53
C THR I 60 -42.20 -33.98 -9.81
N TYR I 61 -43.51 -34.17 -9.73
CA TYR I 61 -44.12 -35.30 -9.04
C TYR I 61 -44.72 -36.27 -10.05
N ASN I 62 -44.92 -37.50 -9.59
CA ASN I 62 -45.58 -38.50 -10.42
C ASN I 62 -47.01 -38.05 -10.71
N PRO I 63 -47.50 -38.16 -11.96
CA PRO I 63 -48.88 -37.73 -12.22
C PRO I 63 -49.92 -38.44 -11.36
N SER I 64 -49.70 -39.72 -11.04
CA SER I 64 -50.65 -40.43 -10.20
C SER I 64 -50.73 -39.82 -8.80
N LEU I 65 -49.57 -39.47 -8.23
CA LEU I 65 -49.50 -38.90 -6.90
C LEU I 65 -49.24 -37.39 -6.91
N GLU I 66 -49.46 -36.73 -8.05
CA GLU I 66 -49.19 -35.30 -8.14
C GLU I 66 -50.07 -34.47 -7.21
N SER I 67 -51.25 -34.98 -6.84
CA SER I 67 -52.19 -34.24 -6.02
C SER I 67 -52.02 -34.48 -4.52
N ARG I 68 -51.02 -35.29 -4.12
CA ARG I 68 -50.82 -35.61 -2.71
C ARG I 68 -49.37 -35.58 -2.27
N VAL I 69 -48.43 -35.24 -3.15
CA VAL I 69 -47.00 -35.27 -2.85
C VAL I 69 -46.50 -33.84 -2.74
N THR I 70 -45.67 -33.58 -1.74
CA THR I 70 -45.00 -32.28 -1.58
C THR I 70 -43.58 -32.52 -1.13
N ILE I 71 -42.61 -32.02 -1.90
CA ILE I 71 -41.19 -32.18 -1.60
C ILE I 71 -40.61 -30.80 -1.31
N SER I 72 -39.90 -30.68 -0.19
CA SER I 72 -39.27 -29.43 0.23
C SER I 72 -37.84 -29.70 0.66
N THR I 73 -37.08 -28.62 0.84
CA THR I 73 -35.68 -28.70 1.25
C THR I 73 -35.42 -27.76 2.42
N ASP I 74 -34.53 -28.17 3.31
CA ASP I 74 -34.09 -27.36 4.45
C ASP I 74 -32.58 -27.20 4.33
N THR I 75 -32.13 -25.98 4.01
CA THR I 75 -30.71 -25.72 3.86
C THR I 75 -30.02 -25.63 5.22
N SER I 76 -30.70 -25.06 6.22
CA SER I 76 -30.10 -24.92 7.54
C SER I 76 -29.77 -26.29 8.14
N LYS I 77 -30.70 -27.24 8.02
CA LYS I 77 -30.47 -28.60 8.49
C LYS I 77 -29.80 -29.49 7.45
N ASN I 78 -29.64 -29.02 6.22
CA ASN I 78 -28.97 -29.78 5.17
C ASN I 78 -29.70 -31.10 4.90
N GLN I 79 -30.96 -30.99 4.53
CA GLN I 79 -31.80 -32.16 4.33
C GLN I 79 -32.94 -31.80 3.39
N PHE I 80 -33.75 -32.80 3.05
CA PHE I 80 -34.98 -32.55 2.29
C PHE I 80 -36.06 -33.53 2.74
N SER I 81 -37.30 -33.04 2.70
CA SER I 81 -38.43 -33.72 3.31
C SER I 81 -39.53 -33.96 2.28
N LEU I 82 -40.29 -35.04 2.51
CA LEU I 82 -41.42 -35.44 1.69
C LEU I 82 -42.67 -35.50 2.56
N LYS I 83 -43.78 -35.02 2.02
CA LYS I 83 -45.08 -35.06 2.68
C LYS I 83 -46.07 -35.72 1.74
N LEU I 84 -46.74 -36.77 2.23
CA LEU I 84 -47.73 -37.52 1.47
C LEU I 84 -49.05 -37.46 2.24
N THR I 85 -50.00 -36.69 1.71
CA THR I 85 -51.29 -36.49 2.37
C THR I 85 -52.26 -37.59 1.96
N SER I 86 -53.22 -37.86 2.85
CA SER I 86 -54.27 -38.84 2.61
C SER I 86 -53.68 -40.23 2.33
N VAL I 87 -52.82 -40.68 3.23
CA VAL I 87 -52.19 -41.99 3.08
C VAL I 87 -53.25 -43.09 3.25
N THR I 88 -53.06 -44.20 2.54
CA THR I 88 -53.98 -45.32 2.58
C THR I 88 -53.23 -46.63 2.77
N GLY I 89 -53.93 -47.75 2.67
CA GLY I 89 -53.29 -49.04 2.86
C GLY I 89 -52.25 -49.34 1.80
N ALA I 90 -52.51 -48.90 0.56
CA ALA I 90 -51.58 -49.14 -0.53
C ALA I 90 -50.28 -48.37 -0.36
N ASP I 91 -50.25 -47.35 0.50
CA ASP I 91 -49.05 -46.54 0.71
C ASP I 91 -48.01 -47.21 1.59
N THR I 92 -48.35 -48.34 2.22
CA THR I 92 -47.37 -49.08 3.01
C THR I 92 -46.26 -49.56 2.10
N ALA I 93 -45.01 -49.18 2.41
CA ALA I 93 -43.89 -49.46 1.52
C ALA I 93 -42.60 -49.02 2.19
N THR I 94 -41.48 -49.36 1.56
CA THR I 94 -40.17 -48.87 1.94
C THR I 94 -39.82 -47.68 1.05
N TYR I 95 -39.55 -46.54 1.69
CA TYR I 95 -39.25 -45.30 1.00
C TYR I 95 -37.74 -45.04 1.01
N PHE I 96 -37.22 -44.65 -0.15
CA PHE I 96 -35.82 -44.35 -0.34
C PHE I 96 -35.65 -42.92 -0.85
N CYS I 97 -34.59 -42.27 -0.38
CA CYS I 97 -34.15 -40.98 -0.90
C CYS I 97 -32.85 -41.19 -1.66
N ALA I 98 -32.75 -40.56 -2.83
CA ALA I 98 -31.65 -40.84 -3.75
C ALA I 98 -31.20 -39.56 -4.44
N THR I 99 -30.06 -39.66 -5.11
CA THR I 99 -29.57 -38.56 -5.94
C THR I 99 -28.51 -39.09 -6.90
N GLN I 100 -28.60 -38.68 -8.16
CA GLN I 100 -27.65 -39.07 -9.19
C GLN I 100 -27.23 -37.84 -9.96
N PHE I 101 -25.98 -37.83 -10.42
CA PHE I 101 -25.42 -36.68 -11.12
C PHE I 101 -24.19 -37.11 -11.91
N LYS I 102 -23.67 -36.16 -12.69
CA LYS I 102 -22.47 -36.36 -13.50
C LYS I 102 -21.40 -35.40 -12.98
N LYS I 103 -20.24 -35.94 -12.65
CA LYS I 103 -19.10 -35.14 -12.19
C LYS I 103 -18.10 -35.03 -13.33
N TYR I 104 -17.78 -33.79 -13.71
CA TYR I 104 -16.86 -33.51 -14.81
C TYR I 104 -15.50 -33.13 -14.25
N TRP I 105 -14.45 -33.70 -14.83
CA TRP I 105 -13.09 -33.52 -14.32
C TRP I 105 -12.35 -32.37 -14.99
N GLY I 106 -13.00 -31.62 -15.88
CA GLY I 106 -12.36 -30.49 -16.54
C GLY I 106 -13.20 -29.23 -16.46
N LEU I 107 -13.38 -28.56 -17.61
CA LEU I 107 -14.13 -27.32 -17.68
C LEU I 107 -15.14 -27.42 -18.81
N SER I 108 -16.34 -26.87 -18.57
CA SER I 108 -17.46 -26.97 -19.52
C SER I 108 -17.91 -28.42 -19.65
N VAL I 109 -19.09 -28.64 -20.24
CA VAL I 109 -19.58 -30.01 -20.38
C VAL I 109 -19.05 -30.59 -21.69
N SER I 110 -17.76 -30.92 -21.69
CA SER I 110 -17.17 -31.78 -22.72
C SER I 110 -16.15 -32.77 -22.16
N SER I 111 -15.56 -32.51 -20.99
CA SER I 111 -14.38 -33.21 -20.49
C SER I 111 -14.79 -34.54 -19.86
N PRO I 112 -13.94 -35.61 -20.04
CA PRO I 112 -14.32 -37.01 -19.74
C PRO I 112 -15.73 -37.30 -19.21
N PHE I 113 -15.85 -38.11 -18.16
CA PHE I 113 -17.17 -38.44 -17.62
C PHE I 113 -16.99 -39.16 -16.29
N SER I 114 -17.93 -38.91 -15.38
CA SER I 114 -17.95 -39.62 -14.10
C SER I 114 -19.39 -39.59 -13.57
N PHE I 115 -20.10 -40.70 -13.74
CA PHE I 115 -21.46 -40.82 -13.23
C PHE I 115 -21.43 -41.27 -11.78
N SER I 116 -22.15 -40.54 -10.92
CA SER I 116 -22.22 -40.85 -9.51
C SER I 116 -23.68 -40.94 -9.08
N ASP I 117 -23.98 -41.85 -8.16
CA ASP I 117 -25.33 -41.97 -7.61
C ASP I 117 -25.24 -42.46 -6.17
N SER I 118 -26.25 -42.12 -5.39
CA SER I 118 -26.31 -42.49 -3.98
C SER I 118 -27.76 -42.75 -3.61
N TRP I 119 -28.01 -43.89 -2.96
CA TRP I 119 -29.32 -44.26 -2.45
C TRP I 119 -29.19 -44.56 -0.96
N GLY I 120 -30.16 -44.08 -0.19
CA GLY I 120 -30.14 -44.30 1.24
C GLY I 120 -30.58 -45.71 1.61
N GLN I 121 -30.41 -46.03 2.90
CA GLN I 121 -30.80 -47.35 3.39
C GLN I 121 -32.31 -47.58 3.27
N GLY I 122 -33.09 -46.51 3.35
CA GLY I 122 -34.54 -46.61 3.23
C GLY I 122 -35.22 -46.84 4.56
N VAL I 123 -36.49 -46.45 4.64
CA VAL I 123 -37.29 -46.55 5.85
C VAL I 123 -38.61 -47.21 5.50
N LEU I 124 -39.01 -48.20 6.29
CA LEU I 124 -40.27 -48.91 6.08
C LEU I 124 -41.39 -48.19 6.82
N VAL I 125 -42.47 -47.87 6.11
CA VAL I 125 -43.63 -47.19 6.66
C VAL I 125 -44.86 -48.05 6.39
N SER I 126 -45.65 -48.28 7.43
CA SER I 126 -46.88 -49.06 7.34
C SER I 126 -48.07 -48.17 7.70
N VAL I 127 -49.12 -48.26 6.91
CA VAL I 127 -50.35 -47.49 7.12
C VAL I 127 -51.39 -48.40 7.76
N SER I 128 -51.94 -47.96 8.88
CA SER I 128 -52.94 -48.72 9.63
C SER I 128 -54.29 -48.02 9.54
N SER I 129 -55.35 -48.82 9.41
CA SER I 129 -56.70 -48.29 9.32
C SER I 129 -57.11 -47.63 10.62
N ASP J 1 -46.84 -42.22 -20.31
CA ASP J 1 -45.68 -42.73 -19.55
C ASP J 1 -44.97 -43.83 -20.33
N ILE J 2 -43.65 -43.87 -20.24
CA ILE J 2 -42.85 -44.89 -20.93
C ILE J 2 -42.92 -46.16 -20.10
N GLN J 3 -43.44 -47.23 -20.70
CA GLN J 3 -43.62 -48.51 -20.03
C GLN J 3 -42.43 -49.41 -20.31
N MET J 4 -42.07 -50.23 -19.33
CA MET J 4 -40.93 -51.12 -19.41
C MET J 4 -41.36 -52.56 -19.24
N THR J 5 -40.83 -53.44 -20.07
CA THR J 5 -41.05 -54.88 -19.97
C THR J 5 -39.70 -55.56 -19.84
N GLN J 6 -39.49 -56.25 -18.71
CA GLN J 6 -38.24 -56.93 -18.42
C GLN J 6 -38.48 -58.43 -18.41
N SER J 7 -37.60 -59.17 -19.08
CA SER J 7 -37.68 -60.62 -19.14
C SER J 7 -36.30 -61.23 -18.91
N PRO J 8 -36.23 -62.45 -18.35
CA PRO J 8 -37.32 -63.27 -17.79
C PRO J 8 -37.74 -62.75 -16.42
N ARG J 9 -39.00 -62.98 -16.01
CA ARG J 9 -39.43 -62.49 -14.71
C ARG J 9 -38.66 -63.16 -13.58
N SER J 10 -38.42 -64.47 -13.70
CA SER J 10 -37.63 -65.22 -12.73
C SER J 10 -36.75 -66.20 -13.47
N LEU J 11 -35.49 -66.30 -13.04
CA LEU J 11 -34.51 -67.17 -13.66
C LEU J 11 -33.75 -67.93 -12.58
N SER J 12 -33.40 -69.17 -12.90
CA SER J 12 -32.61 -70.03 -12.02
C SER J 12 -31.34 -70.43 -12.76
N ALA J 13 -30.19 -70.26 -12.11
CA ALA J 13 -28.91 -70.59 -12.72
C ALA J 13 -27.92 -70.98 -11.63
N SER J 14 -26.88 -71.69 -12.05
CA SER J 14 -25.82 -72.14 -11.15
C SER J 14 -24.62 -71.19 -11.23
N VAL J 15 -23.65 -71.43 -10.35
CA VAL J 15 -22.45 -70.61 -10.31
C VAL J 15 -21.65 -70.84 -11.58
N GLY J 16 -21.21 -69.74 -12.21
CA GLY J 16 -20.45 -69.80 -13.44
C GLY J 16 -21.28 -69.78 -14.71
N ASP J 17 -22.60 -69.86 -14.61
CA ASP J 17 -23.45 -69.83 -15.78
C ASP J 17 -23.59 -68.40 -16.31
N ARG J 18 -23.80 -68.30 -17.62
CA ARG J 18 -24.00 -67.01 -18.26
C ARG J 18 -25.48 -66.63 -18.17
N VAL J 19 -25.75 -65.41 -17.69
CA VAL J 19 -27.11 -64.94 -17.46
C VAL J 19 -27.35 -63.73 -18.36
N THR J 20 -28.50 -63.73 -19.04
CA THR J 20 -28.90 -62.64 -19.93
C THR J 20 -30.28 -62.15 -19.53
N ILE J 21 -30.43 -60.83 -19.39
CA ILE J 21 -31.70 -60.21 -19.04
C ILE J 21 -31.98 -59.12 -20.07
N THR J 22 -33.20 -59.09 -20.60
CA THR J 22 -33.61 -58.12 -21.61
C THR J 22 -34.63 -57.17 -21.03
N CYS J 23 -34.54 -55.89 -21.41
CA CYS J 23 -35.50 -54.88 -21.00
C CYS J 23 -35.87 -54.05 -22.23
N ARG J 24 -37.17 -53.87 -22.44
CA ARG J 24 -37.70 -53.17 -23.61
C ARG J 24 -38.56 -52.00 -23.16
N ALA J 25 -38.43 -50.87 -23.86
CA ALA J 25 -39.18 -49.67 -23.58
C ALA J 25 -40.23 -49.44 -24.67
N SER J 26 -41.31 -48.75 -24.29
CA SER J 26 -42.39 -48.48 -25.24
C SER J 26 -41.95 -47.60 -26.39
N GLN J 27 -40.89 -46.80 -26.20
CA GLN J 27 -40.40 -45.92 -27.26
C GLN J 27 -38.90 -45.77 -27.10
N ASP J 28 -38.26 -45.26 -28.16
CA ASP J 28 -36.81 -45.10 -28.15
C ASP J 28 -36.39 -44.15 -27.05
N ILE J 29 -35.47 -44.61 -26.21
CA ILE J 29 -34.94 -43.82 -25.10
C ILE J 29 -33.42 -43.88 -25.07
N SER J 30 -32.81 -44.41 -26.13
CA SER J 30 -31.38 -44.67 -26.10
C SER J 30 -30.60 -43.36 -26.10
N PRO J 31 -29.42 -43.31 -25.44
CA PRO J 31 -28.76 -44.34 -24.63
C PRO J 31 -29.12 -44.20 -23.15
N ASP J 32 -30.27 -43.59 -22.84
CA ASP J 32 -30.63 -43.27 -21.46
C ASP J 32 -31.28 -44.49 -20.81
N LEU J 33 -30.45 -45.31 -20.17
CA LEU J 33 -30.95 -46.42 -19.38
C LEU J 33 -29.84 -46.95 -18.47
N ASN J 34 -30.21 -47.28 -17.24
CA ASN J 34 -29.30 -47.81 -16.24
C ASN J 34 -29.80 -49.17 -15.76
N TRP J 35 -28.86 -50.01 -15.34
CA TRP J 35 -29.13 -51.33 -14.79
C TRP J 35 -28.65 -51.37 -13.35
N TYR J 36 -29.54 -51.74 -12.44
CA TYR J 36 -29.27 -51.80 -11.02
C TYR J 36 -29.49 -53.21 -10.49
N GLN J 37 -28.81 -53.52 -9.39
CA GLN J 37 -28.93 -54.80 -8.69
C GLN J 37 -29.34 -54.53 -7.25
N GLN J 38 -30.23 -55.37 -6.73
CA GLN J 38 -30.74 -55.23 -5.36
C GLN J 38 -30.77 -56.59 -4.69
N LYS J 39 -30.10 -56.69 -3.55
CA LYS J 39 -30.13 -57.89 -2.73
C LYS J 39 -31.34 -57.88 -1.81
N PRO J 40 -31.73 -59.02 -1.26
CA PRO J 40 -32.91 -59.05 -0.37
C PRO J 40 -32.72 -58.17 0.85
N GLY J 41 -33.61 -57.19 1.00
CA GLY J 41 -33.57 -56.33 2.16
C GLY J 41 -32.43 -55.33 2.19
N GLY J 42 -31.89 -54.98 1.02
CA GLY J 42 -30.80 -54.03 0.95
C GLY J 42 -31.01 -53.01 -0.14
N PRO J 43 -30.16 -51.98 -0.19
CA PRO J 43 -30.31 -50.94 -1.20
C PRO J 43 -29.83 -51.41 -2.57
N LEU J 44 -30.28 -50.70 -3.60
CA LEU J 44 -29.93 -51.04 -4.97
C LEU J 44 -28.53 -50.53 -5.29
N LYS J 45 -27.77 -51.36 -6.00
CA LYS J 45 -26.41 -51.04 -6.45
C LYS J 45 -26.43 -50.79 -7.94
N LEU J 46 -25.84 -49.69 -8.37
CA LEU J 46 -25.77 -49.36 -9.78
C LEU J 46 -24.74 -50.24 -10.47
N LEU J 47 -25.19 -51.06 -11.43
CA LEU J 47 -24.30 -51.90 -12.20
C LEU J 47 -23.82 -51.22 -13.47
N ILE J 48 -24.76 -50.73 -14.29
CA ILE J 48 -24.45 -50.13 -15.59
C ILE J 48 -25.16 -48.80 -15.71
N TYR J 49 -24.45 -47.80 -16.25
CA TYR J 49 -25.03 -46.51 -16.58
C TYR J 49 -24.84 -46.23 -18.06
N ASP J 50 -25.82 -45.56 -18.66
CA ASP J 50 -25.91 -45.30 -20.10
C ASP J 50 -26.05 -46.58 -20.92
N ALA J 51 -26.31 -47.72 -20.27
CA ALA J 51 -26.58 -49.00 -20.94
C ALA J 51 -25.35 -49.62 -21.60
N SER J 52 -24.20 -48.92 -21.56
CA SER J 52 -22.97 -49.46 -22.15
C SER J 52 -21.71 -49.18 -21.33
N ASN J 53 -21.81 -48.46 -20.22
CA ASN J 53 -20.64 -48.07 -19.42
C ASN J 53 -20.70 -48.74 -18.06
N LEU J 54 -19.64 -49.45 -17.71
CA LEU J 54 -19.57 -50.15 -16.43
C LEU J 54 -19.26 -49.17 -15.31
N GLN J 55 -20.07 -49.21 -14.26
CA GLN J 55 -19.87 -48.32 -13.12
C GLN J 55 -18.58 -48.68 -12.39
N GLY J 56 -17.90 -47.66 -11.88
CA GLY J 56 -16.67 -47.85 -11.15
C GLY J 56 -16.83 -48.74 -9.93
N GLY J 57 -15.95 -49.74 -9.79
CA GLY J 57 -16.00 -50.67 -8.69
C GLY J 57 -16.78 -51.93 -8.95
N VAL J 58 -17.63 -51.94 -9.98
CA VAL J 58 -18.41 -53.15 -10.29
C VAL J 58 -17.46 -54.19 -10.90
N PRO J 59 -17.64 -55.49 -10.62
CA PRO J 59 -16.79 -56.49 -11.29
C PRO J 59 -16.98 -56.46 -12.79
N SER J 60 -15.89 -56.78 -13.51
CA SER J 60 -15.88 -56.70 -14.96
C SER J 60 -16.79 -57.72 -15.63
N ARG J 61 -17.27 -58.74 -14.91
CA ARG J 61 -18.12 -59.75 -15.53
C ARG J 61 -19.42 -59.12 -16.04
N PHE J 62 -19.99 -58.19 -15.29
CA PHE J 62 -21.22 -57.54 -15.74
C PHE J 62 -20.96 -56.70 -16.98
N SER J 63 -21.91 -56.72 -17.90
CA SER J 63 -21.81 -55.92 -19.12
C SER J 63 -23.21 -55.55 -19.60
N GLY J 64 -23.27 -54.50 -20.40
CA GLY J 64 -24.53 -54.05 -20.95
C GLY J 64 -24.37 -53.72 -22.42
N SER J 65 -25.47 -53.89 -23.16
CA SER J 65 -25.47 -53.64 -24.60
C SER J 65 -26.90 -53.34 -25.03
N GLY J 66 -27.05 -53.05 -26.32
CA GLY J 66 -28.34 -52.75 -26.90
C GLY J 66 -28.55 -51.26 -27.10
N SER J 67 -29.70 -50.94 -27.70
CA SER J 67 -30.04 -49.57 -28.04
C SER J 67 -31.51 -49.55 -28.44
N GLY J 68 -31.98 -48.40 -28.95
CA GLY J 68 -33.34 -48.26 -29.43
C GLY J 68 -34.37 -48.54 -28.36
N THR J 69 -35.08 -49.66 -28.52
CA THR J 69 -36.10 -50.11 -27.56
C THR J 69 -35.78 -51.50 -27.03
N GLU J 70 -34.50 -51.86 -27.02
CA GLU J 70 -34.09 -53.19 -26.56
C GLU J 70 -32.70 -53.07 -25.95
N PHE J 71 -32.59 -53.40 -24.67
CA PHE J 71 -31.32 -53.36 -23.95
C PHE J 71 -31.12 -54.68 -23.23
N THR J 72 -29.86 -55.08 -23.08
CA THR J 72 -29.49 -56.37 -22.53
C THR J 72 -28.40 -56.22 -21.49
N LEU J 73 -28.57 -56.92 -20.37
CA LEU J 73 -27.55 -57.04 -19.33
C LEU J 73 -27.07 -58.48 -19.30
N THR J 74 -25.75 -58.65 -19.32
CA THR J 74 -25.12 -59.96 -19.40
C THR J 74 -24.15 -60.14 -18.25
N ILE J 75 -24.29 -61.24 -17.53
CA ILE J 75 -23.33 -61.69 -16.53
C ILE J 75 -22.61 -62.90 -17.13
N SER J 76 -21.34 -62.73 -17.45
CA SER J 76 -20.59 -63.78 -18.12
C SER J 76 -20.43 -65.01 -17.23
N SER J 77 -20.09 -64.80 -15.96
CA SER J 77 -19.86 -65.89 -15.01
C SER J 77 -20.57 -65.53 -13.71
N LEU J 78 -21.71 -66.16 -13.47
CA LEU J 78 -22.48 -65.89 -12.26
C LEU J 78 -21.70 -66.33 -11.02
N GLN J 79 -21.84 -65.57 -9.95
CA GLN J 79 -21.14 -65.76 -8.70
C GLN J 79 -22.14 -65.88 -7.55
N PRO J 80 -21.71 -66.40 -6.39
CA PRO J 80 -22.66 -66.53 -5.27
C PRO J 80 -23.30 -65.21 -4.86
N GLU J 81 -22.59 -64.10 -4.98
CA GLU J 81 -23.13 -62.80 -4.61
C GLU J 81 -24.03 -62.21 -5.71
N ASP J 82 -24.09 -62.82 -6.88
CA ASP J 82 -24.87 -62.28 -7.99
C ASP J 82 -26.35 -62.61 -7.91
N PHE J 83 -26.76 -63.54 -7.04
CA PHE J 83 -28.16 -63.87 -6.89
C PHE J 83 -28.90 -62.68 -6.28
N ALA J 84 -29.75 -62.04 -7.06
CA ALA J 84 -30.36 -60.77 -6.66
C ALA J 84 -31.45 -60.42 -7.66
N THR J 85 -32.07 -59.26 -7.47
CA THR J 85 -33.09 -58.74 -8.36
C THR J 85 -32.49 -57.62 -9.20
N TYR J 86 -32.55 -57.77 -10.51
CA TYR J 86 -31.99 -56.80 -11.45
C TYR J 86 -33.11 -55.97 -12.07
N TYR J 87 -32.90 -54.65 -12.14
CA TYR J 87 -33.88 -53.71 -12.65
C TYR J 87 -33.26 -52.83 -13.72
N CYS J 88 -34.09 -52.41 -14.67
CA CYS J 88 -33.72 -51.46 -15.70
C CYS J 88 -34.54 -50.19 -15.50
N LEU J 89 -33.88 -49.03 -15.60
CA LEU J 89 -34.49 -47.73 -15.32
C LEU J 89 -34.13 -46.76 -16.44
N GLN J 90 -35.03 -45.81 -16.69
CA GLN J 90 -34.84 -44.78 -17.69
C GLN J 90 -34.99 -43.39 -17.08
N TYR J 91 -34.39 -42.40 -17.77
CA TYR J 91 -34.48 -41.02 -17.35
C TYR J 91 -34.66 -40.07 -18.55
N ASN J 92 -35.01 -40.61 -19.73
CA ASN J 92 -35.20 -39.77 -20.90
C ASN J 92 -36.35 -38.78 -20.68
N GLY J 93 -37.45 -39.25 -20.12
CA GLY J 93 -38.60 -38.41 -19.86
C GLY J 93 -39.36 -38.90 -18.66
N TYR J 94 -39.95 -37.96 -17.92
CA TYR J 94 -40.68 -38.31 -16.72
C TYR J 94 -41.99 -39.03 -17.09
N PRO J 95 -42.51 -39.90 -16.19
CA PRO J 95 -41.97 -40.29 -14.88
C PRO J 95 -40.88 -41.35 -15.01
N TRP J 96 -40.03 -41.51 -14.00
CA TRP J 96 -38.99 -42.53 -14.02
C TRP J 96 -39.65 -43.88 -13.71
N THR J 97 -39.63 -44.78 -14.69
CA THR J 97 -40.28 -46.08 -14.59
C THR J 97 -39.23 -47.17 -14.47
N PHE J 98 -39.40 -48.05 -13.50
CA PHE J 98 -38.53 -49.19 -13.28
C PHE J 98 -39.13 -50.45 -13.89
N GLY J 99 -38.28 -51.44 -14.11
CA GLY J 99 -38.75 -52.73 -14.56
C GLY J 99 -39.36 -53.54 -13.42
N GLN J 100 -40.06 -54.61 -13.80
CA GLN J 100 -40.68 -55.47 -12.79
C GLN J 100 -39.65 -56.17 -11.93
N GLY J 101 -38.42 -56.33 -12.41
CA GLY J 101 -37.36 -56.94 -11.63
C GLY J 101 -37.16 -58.40 -11.94
N THR J 102 -36.03 -58.74 -12.55
CA THR J 102 -35.68 -60.12 -12.85
C THR J 102 -34.93 -60.71 -11.66
N LYS J 103 -35.48 -61.77 -11.07
CA LYS J 103 -34.93 -62.38 -9.87
C LYS J 103 -34.07 -63.57 -10.27
N VAL J 104 -32.79 -63.54 -9.90
CA VAL J 104 -31.84 -64.61 -10.18
C VAL J 104 -31.48 -65.25 -8.85
N ASP J 105 -31.73 -66.55 -8.73
CA ASP J 105 -31.47 -67.34 -7.53
C ASP J 105 -30.60 -68.53 -7.88
N HIS J 106 -30.29 -69.33 -6.86
CA HIS J 106 -29.44 -70.51 -7.03
C HIS J 106 -30.30 -71.71 -7.44
N LYS J 107 -29.92 -72.36 -8.52
CA LYS J 107 -30.66 -73.51 -9.03
C LYS J 107 -30.45 -74.71 -8.11
N GLN K 1 41.35 -6.77 -5.97
CA GLN K 1 42.50 -7.63 -5.55
C GLN K 1 42.64 -7.62 -4.03
N VAL K 2 43.14 -8.73 -3.48
CA VAL K 2 43.31 -8.89 -2.04
C VAL K 2 44.78 -8.66 -1.70
N GLN K 3 45.03 -7.83 -0.69
CA GLN K 3 46.38 -7.53 -0.22
C GLN K 3 46.53 -8.04 1.20
N LEU K 4 47.74 -8.51 1.53
CA LEU K 4 48.04 -9.09 2.83
C LEU K 4 49.30 -8.45 3.39
N GLN K 5 49.27 -8.13 4.68
CA GLN K 5 50.40 -7.53 5.38
C GLN K 5 50.66 -8.28 6.68
N GLU K 6 51.91 -8.68 6.89
CA GLU K 6 52.32 -9.44 8.06
C GLU K 6 52.86 -8.51 9.14
N SER K 7 52.79 -8.97 10.39
CA SER K 7 53.33 -8.23 11.52
C SER K 7 53.60 -9.20 12.65
N GLY K 8 54.46 -8.77 13.58
CA GLY K 8 54.81 -9.57 14.73
C GLY K 8 56.17 -9.19 15.29
N PRO K 9 56.58 -9.86 16.36
CA PRO K 9 57.87 -9.55 16.98
C PRO K 9 59.02 -10.01 16.10
N GLY K 10 60.03 -9.15 15.96
CA GLY K 10 61.20 -9.49 15.17
C GLY K 10 62.22 -10.36 15.87
N LEU K 11 62.12 -10.50 17.20
CA LEU K 11 63.03 -11.31 17.98
C LEU K 11 62.25 -12.04 19.07
N VAL K 12 62.53 -13.33 19.24
CA VAL K 12 61.90 -14.16 20.25
C VAL K 12 62.96 -15.00 20.92
N LYS K 13 62.68 -15.40 22.15
CA LYS K 13 63.58 -16.22 22.94
C LYS K 13 63.23 -17.70 22.79
N ALA K 14 64.22 -18.55 23.05
CA ALA K 14 64.02 -19.98 22.93
C ALA K 14 63.01 -20.48 23.96
N SER K 15 62.22 -21.47 23.55
CA SER K 15 61.17 -22.12 24.35
C SER K 15 59.95 -21.24 24.55
N GLU K 16 59.92 -20.02 24.01
CA GLU K 16 58.76 -19.14 24.12
C GLU K 16 57.81 -19.39 22.96
N THR K 17 56.69 -18.68 22.96
CA THR K 17 55.66 -18.78 21.93
C THR K 17 55.79 -17.61 20.98
N LEU K 18 55.93 -17.90 19.68
CA LEU K 18 56.01 -16.89 18.64
C LEU K 18 54.61 -16.64 18.10
N SER K 19 54.16 -15.40 18.19
CA SER K 19 52.84 -14.99 17.72
C SER K 19 53.00 -14.03 16.55
N LEU K 20 52.44 -14.41 15.41
CA LEU K 20 52.45 -13.58 14.21
C LEU K 20 51.02 -13.29 13.79
N THR K 21 50.83 -12.16 13.09
CA THR K 21 49.52 -11.76 12.60
C THR K 21 49.63 -11.37 11.14
N CYS K 22 48.53 -11.55 10.41
CA CYS K 22 48.45 -11.14 9.01
C CYS K 22 47.09 -10.52 8.78
N ALA K 23 47.09 -9.27 8.34
CA ALA K 23 45.87 -8.52 8.06
C ALA K 23 45.62 -8.52 6.56
N VAL K 24 44.35 -8.65 6.17
CA VAL K 24 43.93 -8.78 4.79
C VAL K 24 42.99 -7.64 4.45
N SER K 25 43.20 -7.02 3.28
CA SER K 25 42.33 -5.98 2.76
C SER K 25 41.83 -6.39 1.38
N GLY K 26 40.60 -5.99 1.07
CA GLY K 26 39.95 -6.36 -0.17
C GLY K 26 39.11 -7.62 -0.10
N ALA K 27 39.08 -8.31 1.03
CA ALA K 27 38.28 -9.51 1.18
C ALA K 27 38.04 -9.75 2.67
N SER K 28 37.07 -10.61 2.96
CA SER K 28 36.68 -10.95 4.32
C SER K 28 37.28 -12.28 4.73
N VAL K 29 37.73 -12.37 5.98
CA VAL K 29 38.34 -13.59 6.47
C VAL K 29 37.30 -14.72 6.52
N SER K 30 36.05 -14.38 6.84
CA SER K 30 35.01 -15.39 6.96
C SER K 30 34.59 -15.98 5.61
N GLY K 31 35.05 -15.42 4.50
CA GLY K 31 34.68 -15.94 3.20
C GLY K 31 35.32 -17.27 2.90
N ASN K 32 34.93 -17.84 1.76
CA ASN K 32 35.43 -19.15 1.33
C ASN K 32 36.86 -18.98 0.82
N TYR K 33 37.79 -18.88 1.77
CA TYR K 33 39.20 -18.72 1.49
C TYR K 33 40.00 -19.66 2.39
N TYR K 34 41.17 -20.05 1.88
CA TYR K 34 42.11 -20.91 2.61
C TYR K 34 43.34 -20.07 2.93
N TRP K 35 43.39 -19.52 4.15
CA TRP K 35 44.49 -18.66 4.55
C TRP K 35 45.68 -19.53 4.95
N ASN K 36 46.84 -19.21 4.39
CA ASN K 36 48.02 -20.07 4.43
C ASN K 36 49.14 -19.38 5.19
N TRP K 37 49.83 -20.13 6.04
CA TRP K 37 51.03 -19.67 6.72
C TRP K 37 52.20 -20.55 6.28
N ILE K 38 53.27 -19.92 5.79
CA ILE K 38 54.45 -20.60 5.28
C ILE K 38 55.67 -19.93 5.89
N ARG K 39 56.80 -20.65 5.90
CA ARG K 39 58.07 -20.11 6.36
C ARG K 39 59.19 -20.56 5.44
N GLN K 40 60.25 -19.76 5.42
CA GLN K 40 61.47 -20.09 4.68
C GLN K 40 62.65 -19.65 5.51
N SER K 41 63.50 -20.60 5.92
CA SER K 41 64.68 -20.27 6.70
C SER K 41 65.81 -19.84 5.78
N PRO K 42 66.83 -19.16 6.30
CA PRO K 42 67.89 -18.64 5.43
C PRO K 42 68.62 -19.75 4.70
N GLY K 43 68.60 -19.67 3.36
CA GLY K 43 69.35 -20.59 2.54
C GLY K 43 68.81 -22.00 2.49
N LYS K 44 67.51 -22.18 2.75
CA LYS K 44 66.87 -23.49 2.73
C LYS K 44 65.61 -23.44 1.86
N GLU K 45 64.86 -24.52 1.87
CA GLU K 45 63.66 -24.66 1.05
C GLU K 45 62.44 -24.15 1.82
N LEU K 46 61.43 -23.75 1.07
CA LEU K 46 60.18 -23.28 1.67
C LEU K 46 59.50 -24.42 2.42
N GLU K 47 58.92 -24.09 3.57
CA GLU K 47 58.22 -25.07 4.41
C GLU K 47 56.85 -24.50 4.78
N TRP K 48 55.80 -25.19 4.33
CA TRP K 48 54.43 -24.76 4.59
C TRP K 48 54.05 -25.10 6.02
N ILE K 49 53.71 -24.09 6.81
CA ILE K 49 53.35 -24.31 8.20
C ILE K 49 51.94 -24.87 8.31
N GLY K 50 50.96 -24.14 7.80
CA GLY K 50 49.59 -24.60 7.99
C GLY K 50 48.60 -23.79 7.17
N ASN K 51 47.33 -24.19 7.29
CA ASN K 51 46.24 -23.48 6.63
C ASN K 51 44.99 -23.53 7.49
N ILE K 52 44.16 -22.50 7.33
CA ILE K 52 42.87 -22.41 8.01
C ILE K 52 41.81 -22.02 6.98
N HIS K 53 40.67 -22.71 7.04
CA HIS K 53 39.52 -22.40 6.18
C HIS K 53 38.71 -21.30 6.85
N GLY K 54 38.53 -20.19 6.15
CA GLY K 54 37.89 -19.04 6.75
C GLY K 54 36.43 -19.29 7.11
N ASN K 55 35.68 -19.89 6.18
CA ASN K 55 34.25 -20.05 6.40
C ASN K 55 33.95 -21.15 7.42
N SER K 56 34.65 -22.28 7.31
CA SER K 56 34.38 -23.43 8.17
C SER K 56 35.29 -23.51 9.39
N GLY K 57 36.46 -22.88 9.34
CA GLY K 57 37.39 -22.94 10.45
C GLY K 57 38.18 -24.23 10.55
N THR K 58 38.12 -25.09 9.53
CA THR K 58 38.86 -26.34 9.56
C THR K 58 40.36 -26.06 9.47
N THR K 59 41.12 -26.64 10.40
CA THR K 59 42.56 -26.46 10.45
C THR K 59 43.27 -27.57 9.67
N THR K 60 44.46 -27.26 9.16
CA THR K 60 45.32 -28.28 8.56
C THR K 60 46.77 -27.88 8.84
N TYR K 61 47.44 -28.64 9.70
CA TYR K 61 48.81 -28.35 10.09
C TYR K 61 49.75 -29.40 9.53
N ASN K 62 51.00 -28.99 9.33
CA ASN K 62 52.03 -29.91 8.86
C ASN K 62 52.24 -31.00 9.92
N PRO K 63 52.31 -32.28 9.53
CA PRO K 63 52.51 -33.33 10.56
C PRO K 63 53.78 -33.13 11.38
N SER K 64 54.85 -32.62 10.78
CA SER K 64 56.08 -32.38 11.53
C SER K 64 55.89 -31.31 12.59
N LEU K 65 55.02 -30.33 12.33
CA LEU K 65 54.76 -29.22 13.24
C LEU K 65 53.34 -29.22 13.78
N GLU K 66 52.58 -30.31 13.61
CA GLU K 66 51.19 -30.34 14.05
C GLU K 66 51.05 -30.17 15.55
N SER K 67 52.07 -30.48 16.32
CA SER K 67 52.00 -30.44 17.78
C SER K 67 52.36 -29.08 18.37
N ARG K 68 52.70 -28.08 17.54
CA ARG K 68 53.12 -26.78 18.03
C ARG K 68 52.48 -25.61 17.29
N VAL K 69 51.71 -25.86 16.23
CA VAL K 69 51.14 -24.80 15.40
C VAL K 69 49.68 -24.61 15.76
N THR K 70 49.26 -23.36 15.91
CA THR K 70 47.86 -23.03 16.14
C THR K 70 47.50 -21.80 15.31
N ILE K 71 46.53 -21.94 14.42
CA ILE K 71 46.10 -20.86 13.52
C ILE K 71 44.69 -20.46 13.91
N SER K 72 44.47 -19.16 14.08
CA SER K 72 43.17 -18.61 14.43
C SER K 72 42.85 -17.43 13.52
N THR K 73 41.57 -17.05 13.50
CA THR K 73 41.08 -15.96 12.67
C THR K 73 40.27 -14.99 13.52
N ASP K 74 40.52 -13.69 13.32
CA ASP K 74 39.79 -12.62 13.99
C ASP K 74 38.98 -11.87 12.94
N THR K 75 37.65 -12.01 13.02
CA THR K 75 36.76 -11.35 12.07
C THR K 75 36.62 -9.86 12.38
N SER K 76 36.59 -9.50 13.66
CA SER K 76 36.43 -8.10 14.03
C SER K 76 37.59 -7.25 13.51
N LYS K 77 38.81 -7.75 13.66
CA LYS K 77 39.98 -7.06 13.14
C LYS K 77 40.31 -7.42 11.69
N ASN K 78 39.60 -8.39 11.11
CA ASN K 78 39.81 -8.78 9.71
C ASN K 78 41.26 -9.25 9.49
N GLN K 79 41.65 -10.28 10.22
CA GLN K 79 43.01 -10.77 10.18
C GLN K 79 43.04 -12.22 10.64
N PHE K 80 44.22 -12.83 10.56
CA PHE K 80 44.41 -14.17 11.10
C PHE K 80 45.81 -14.29 11.67
N SER K 81 45.93 -15.07 12.75
CA SER K 81 47.14 -15.14 13.56
C SER K 81 47.64 -16.57 13.65
N LEU K 82 48.95 -16.68 13.83
CA LEU K 82 49.65 -17.95 13.98
C LEU K 82 50.40 -17.94 15.31
N LYS K 83 50.37 -19.07 16.01
CA LYS K 83 51.07 -19.26 17.27
C LYS K 83 51.93 -20.51 17.16
N LEU K 84 53.22 -20.36 17.42
CA LEU K 84 54.18 -21.47 17.37
C LEU K 84 54.83 -21.60 18.75
N THR K 85 54.48 -22.67 19.46
CA THR K 85 54.98 -22.89 20.80
C THR K 85 56.31 -23.63 20.77
N SER K 86 57.12 -23.41 21.82
CA SER K 86 58.42 -24.08 21.97
C SER K 86 59.32 -23.81 20.77
N VAL K 87 59.51 -22.52 20.45
CA VAL K 87 60.37 -22.16 19.34
C VAL K 87 61.82 -22.48 19.67
N THR K 88 62.60 -22.78 18.64
CA THR K 88 64.00 -23.14 18.79
C THR K 88 64.86 -22.41 17.77
N GLY K 89 66.15 -22.75 17.71
CA GLY K 89 67.04 -22.08 16.77
C GLY K 89 66.65 -22.34 15.32
N ALA K 90 66.17 -23.55 15.03
CA ALA K 90 65.78 -23.88 13.67
C ALA K 90 64.56 -23.09 13.20
N ASP K 91 63.80 -22.50 14.12
CA ASP K 91 62.60 -21.76 13.76
C ASP K 91 62.89 -20.36 13.22
N THR K 92 64.14 -19.90 13.29
CA THR K 92 64.49 -18.61 12.70
C THR K 92 64.27 -18.66 11.19
N ALA K 93 63.45 -17.74 10.69
CA ALA K 93 63.06 -17.81 9.28
C ALA K 93 62.23 -16.57 8.95
N THR K 94 61.93 -16.41 7.66
CA THR K 94 60.99 -15.41 7.18
C THR K 94 59.64 -16.09 7.00
N TYR K 95 58.62 -15.55 7.67
CA TYR K 95 57.28 -16.10 7.65
C TYR K 95 56.40 -15.27 6.73
N PHE K 96 55.62 -15.96 5.91
CA PHE K 96 54.71 -15.35 4.94
C PHE K 96 53.29 -15.83 5.17
N CYS K 97 52.34 -14.93 4.96
CA CYS K 97 50.92 -15.24 4.93
C CYS K 97 50.43 -15.07 3.50
N ALA K 98 49.61 -16.02 3.04
CA ALA K 98 49.22 -16.07 1.65
C ALA K 98 47.80 -16.61 1.52
N THR K 99 47.26 -16.53 0.30
CA THR K 99 45.96 -17.10 0.00
C THR K 99 45.81 -17.26 -1.51
N GLN K 100 45.29 -18.41 -1.92
CA GLN K 100 45.03 -18.71 -3.32
C GLN K 100 43.60 -19.19 -3.46
N PHE K 101 42.92 -18.74 -4.52
CA PHE K 101 41.52 -19.07 -4.73
C PHE K 101 41.21 -19.00 -6.22
N LYS K 102 39.98 -19.37 -6.56
CA LYS K 102 39.50 -19.45 -7.94
C LYS K 102 38.25 -18.60 -8.06
N LYS K 103 38.33 -17.52 -8.84
CA LYS K 103 37.19 -16.68 -9.15
C LYS K 103 36.51 -17.17 -10.42
N TYR K 104 35.19 -17.29 -10.37
CA TYR K 104 34.36 -17.69 -11.50
C TYR K 104 33.57 -16.48 -11.97
N TRP K 105 33.49 -16.31 -13.29
CA TRP K 105 32.81 -15.16 -13.88
C TRP K 105 31.37 -15.46 -14.26
N GLY K 106 30.84 -16.64 -13.92
CA GLY K 106 29.46 -16.99 -14.22
C GLY K 106 28.72 -17.53 -13.01
N LEU K 107 28.05 -18.66 -13.18
CA LEU K 107 27.26 -19.29 -12.12
C LEU K 107 27.59 -20.77 -12.07
N SER K 108 27.64 -21.32 -10.85
CA SER K 108 28.02 -22.71 -10.62
C SER K 108 29.47 -22.94 -11.00
N VAL K 109 30.05 -24.07 -10.58
CA VAL K 109 31.44 -24.33 -10.94
C VAL K 109 31.47 -25.06 -12.28
N SER K 110 31.23 -24.30 -13.35
CA SER K 110 31.58 -24.69 -14.71
C SER K 110 32.10 -23.55 -15.56
N SER K 111 31.81 -22.29 -15.20
CA SER K 111 32.01 -21.12 -16.04
C SER K 111 33.47 -20.63 -15.96
N PRO K 112 34.03 -20.14 -17.12
CA PRO K 112 35.47 -19.84 -17.26
C PRO K 112 36.42 -20.16 -16.10
N PHE K 113 37.32 -19.22 -15.76
CA PHE K 113 38.42 -19.52 -14.85
C PHE K 113 39.11 -18.21 -14.48
N SER K 114 39.51 -18.08 -13.21
CA SER K 114 40.46 -17.02 -12.84
C SER K 114 41.18 -17.46 -11.57
N PHE K 115 42.41 -17.96 -11.72
CA PHE K 115 43.21 -18.35 -10.57
C PHE K 115 43.90 -17.12 -10.00
N SER K 116 43.56 -16.77 -8.76
CA SER K 116 44.14 -15.61 -8.08
C SER K 116 44.93 -16.09 -6.89
N ASP K 117 46.09 -15.46 -6.66
CA ASP K 117 46.90 -15.75 -5.48
C ASP K 117 47.51 -14.45 -4.98
N SER K 118 47.75 -14.40 -3.67
CA SER K 118 48.35 -13.25 -3.02
C SER K 118 49.30 -13.72 -1.93
N TRP K 119 50.49 -13.14 -1.89
CA TRP K 119 51.50 -13.42 -0.88
C TRP K 119 51.93 -12.12 -0.24
N GLY K 120 52.07 -12.12 1.08
CA GLY K 120 52.50 -10.94 1.79
C GLY K 120 53.99 -10.70 1.66
N GLN K 121 54.41 -9.52 2.13
CA GLN K 121 55.83 -9.17 2.09
C GLN K 121 56.66 -10.10 2.98
N GLY K 122 56.09 -10.55 4.08
CA GLY K 122 56.78 -11.47 4.98
C GLY K 122 57.53 -10.73 6.08
N VAL K 123 57.72 -11.43 7.20
CA VAL K 123 58.38 -10.87 8.38
C VAL K 123 59.47 -11.83 8.82
N LEU K 124 60.66 -11.29 9.08
CA LEU K 124 61.79 -12.10 9.52
C LEU K 124 61.78 -12.21 11.04
N VAL K 125 61.84 -13.45 11.54
CA VAL K 125 61.85 -13.73 12.97
C VAL K 125 63.09 -14.55 13.29
N SER K 126 63.84 -14.10 14.29
CA SER K 126 65.04 -14.78 14.76
C SER K 126 64.84 -15.27 16.18
N VAL K 127 65.24 -16.51 16.45
CA VAL K 127 65.13 -17.12 17.76
C VAL K 127 66.49 -17.09 18.43
N SER K 128 66.54 -16.55 19.65
CA SER K 128 67.76 -16.41 20.41
C SER K 128 67.73 -17.33 21.63
N SER K 129 68.86 -17.94 21.94
CA SER K 129 68.97 -18.84 23.07
C SER K 129 68.78 -18.08 24.38
N ASP L 1 54.30 -38.12 2.49
CA ASP L 1 54.39 -36.76 1.87
C ASP L 1 54.94 -36.85 0.46
N ILE L 2 54.36 -36.06 -0.44
CA ILE L 2 54.81 -36.03 -1.84
C ILE L 2 56.06 -35.17 -1.91
N GLN L 3 57.14 -35.74 -2.45
CA GLN L 3 58.44 -35.08 -2.53
C GLN L 3 58.66 -34.55 -3.94
N MET L 4 59.02 -33.27 -4.05
CA MET L 4 59.28 -32.62 -5.32
C MET L 4 60.79 -32.50 -5.52
N THR L 5 61.26 -32.92 -6.69
CA THR L 5 62.67 -32.85 -7.06
C THR L 5 62.81 -31.90 -8.24
N GLN L 6 63.59 -30.83 -8.06
CA GLN L 6 63.82 -29.84 -9.09
C GLN L 6 65.20 -30.06 -9.72
N SER L 7 65.30 -29.81 -11.02
CA SER L 7 66.58 -29.94 -11.72
C SER L 7 66.64 -28.90 -12.83
N PRO L 8 67.81 -28.25 -13.04
CA PRO L 8 69.06 -28.32 -12.28
C PRO L 8 68.98 -27.52 -10.99
N ARG L 9 69.79 -27.84 -9.98
CA ARG L 9 69.76 -27.07 -8.73
C ARG L 9 70.19 -25.63 -8.97
N SER L 10 71.23 -25.43 -9.79
CA SER L 10 71.70 -24.10 -10.15
C SER L 10 72.05 -24.09 -11.64
N LEU L 11 71.69 -23.00 -12.31
CA LEU L 11 71.94 -22.85 -13.74
C LEU L 11 72.46 -21.45 -14.02
N SER L 12 73.37 -21.36 -15.00
CA SER L 12 73.91 -20.08 -15.45
C SER L 12 73.61 -19.93 -16.93
N ALA L 13 73.06 -18.77 -17.32
CA ALA L 13 72.69 -18.53 -18.70
C ALA L 13 72.79 -17.04 -18.98
N SER L 14 72.91 -16.70 -20.26
CA SER L 14 73.00 -15.33 -20.72
C SER L 14 71.63 -14.83 -21.17
N VAL L 15 71.56 -13.53 -21.48
CA VAL L 15 70.31 -12.93 -21.91
C VAL L 15 69.94 -13.48 -23.28
N GLY L 16 68.67 -13.88 -23.42
CA GLY L 16 68.17 -14.45 -24.65
C GLY L 16 68.30 -15.95 -24.77
N ASP L 17 68.97 -16.61 -23.82
CA ASP L 17 69.12 -18.05 -23.87
C ASP L 17 67.84 -18.73 -23.41
N ARG L 18 67.61 -19.93 -23.94
CA ARG L 18 66.45 -20.73 -23.55
C ARG L 18 66.77 -21.52 -22.29
N VAL L 19 65.88 -21.44 -21.30
CA VAL L 19 66.08 -22.07 -20.00
C VAL L 19 64.98 -23.09 -19.78
N THR L 20 65.35 -24.26 -19.25
CA THR L 20 64.41 -25.33 -18.96
C THR L 20 64.64 -25.83 -17.55
N ILE L 21 63.55 -25.99 -16.79
CA ILE L 21 63.60 -26.52 -15.43
C ILE L 21 62.58 -27.65 -15.32
N THR L 22 62.98 -28.77 -14.71
CA THR L 22 62.16 -29.96 -14.62
C THR L 22 61.84 -30.25 -13.16
N CYS L 23 60.56 -30.48 -12.86
CA CYS L 23 60.09 -30.85 -11.54
C CYS L 23 59.46 -32.23 -11.60
N ARG L 24 59.90 -33.12 -10.72
CA ARG L 24 59.42 -34.49 -10.65
C ARG L 24 58.74 -34.72 -9.31
N ALA L 25 57.58 -35.39 -9.36
CA ALA L 25 56.78 -35.69 -8.19
C ALA L 25 56.85 -37.19 -7.88
N SER L 26 56.82 -37.53 -6.59
CA SER L 26 56.87 -38.93 -6.20
C SER L 26 55.67 -39.72 -6.69
N GLN L 27 54.54 -39.06 -6.92
CA GLN L 27 53.34 -39.72 -7.41
C GLN L 27 52.59 -38.75 -8.31
N ASP L 28 51.67 -39.31 -9.11
CA ASP L 28 50.92 -38.51 -10.06
C ASP L 28 50.10 -37.44 -9.34
N ILE L 29 50.32 -36.18 -9.71
CA ILE L 29 49.60 -35.05 -9.12
C ILE L 29 49.07 -34.13 -10.21
N SER L 30 49.09 -34.59 -11.47
CA SER L 30 48.69 -33.74 -12.56
C SER L 30 47.18 -33.51 -12.54
N PRO L 31 46.70 -32.32 -12.97
CA PRO L 31 47.43 -31.14 -13.43
C PRO L 31 47.74 -30.18 -12.28
N ASP L 32 47.76 -30.68 -11.05
CA ASP L 32 47.88 -29.84 -9.87
C ASP L 32 49.36 -29.54 -9.62
N LEU L 33 49.84 -28.46 -10.22
CA LEU L 33 51.19 -27.98 -9.94
C LEU L 33 51.32 -26.55 -10.46
N ASN L 34 51.90 -25.68 -9.64
CA ASN L 34 52.15 -24.29 -9.98
C ASN L 34 53.63 -24.00 -9.98
N TRP L 35 54.04 -23.05 -10.80
CA TRP L 35 55.43 -22.60 -10.89
C TRP L 35 55.51 -21.14 -10.47
N TYR L 36 56.40 -20.85 -9.52
CA TYR L 36 56.58 -19.53 -8.93
C TYR L 36 58.00 -19.06 -9.14
N GLN L 37 58.16 -17.73 -9.13
CA GLN L 37 59.46 -17.07 -9.22
C GLN L 37 59.67 -16.23 -7.96
N GLN L 38 60.94 -16.13 -7.53
CA GLN L 38 61.30 -15.38 -6.35
C GLN L 38 62.62 -14.67 -6.60
N LYS L 39 62.59 -13.34 -6.51
CA LYS L 39 63.80 -12.53 -6.60
C LYS L 39 64.48 -12.46 -5.25
N PRO L 40 65.76 -12.05 -5.19
CA PRO L 40 66.45 -11.98 -3.90
C PRO L 40 65.78 -11.00 -2.96
N GLY L 41 65.32 -11.51 -1.82
CA GLY L 41 64.72 -10.67 -0.81
C GLY L 41 63.35 -10.13 -1.15
N GLY L 42 62.61 -10.80 -2.03
CA GLY L 42 61.29 -10.37 -2.44
C GLY L 42 60.27 -11.49 -2.34
N PRO L 43 58.99 -11.16 -2.50
CA PRO L 43 57.94 -12.17 -2.40
C PRO L 43 57.84 -13.01 -3.67
N LEU L 44 57.24 -14.18 -3.52
CA LEU L 44 57.07 -15.08 -4.65
C LEU L 44 56.05 -14.54 -5.63
N LYS L 45 56.34 -14.68 -6.92
CA LYS L 45 55.46 -14.28 -8.01
C LYS L 45 55.00 -15.53 -8.74
N LEU L 46 53.68 -15.64 -8.93
CA LEU L 46 53.12 -16.79 -9.63
C LEU L 46 53.36 -16.65 -11.12
N LEU L 47 54.05 -17.62 -11.71
CA LEU L 47 54.31 -17.66 -13.14
C LEU L 47 53.30 -18.54 -13.88
N ILE L 48 53.10 -19.78 -13.42
CA ILE L 48 52.21 -20.72 -14.08
C ILE L 48 51.32 -21.38 -13.04
N TYR L 49 50.04 -21.56 -13.38
CA TYR L 49 49.11 -22.31 -12.55
C TYR L 49 48.50 -23.44 -13.39
N ASP L 50 48.24 -24.56 -12.72
CA ASP L 50 47.80 -25.81 -13.34
C ASP L 50 48.84 -26.41 -14.30
N ALA L 51 50.07 -25.89 -14.29
CA ALA L 51 51.20 -26.45 -15.04
C ALA L 51 51.10 -26.21 -16.54
N SER L 52 50.00 -25.61 -17.03
CA SER L 52 49.83 -25.36 -18.45
C SER L 52 49.19 -24.03 -18.79
N ASN L 53 48.77 -23.23 -17.80
CA ASN L 53 48.08 -21.97 -18.01
C ASN L 53 48.93 -20.82 -17.51
N LEU L 54 49.13 -19.82 -18.36
CA LEU L 54 49.94 -18.66 -18.01
C LEU L 54 49.13 -17.69 -17.16
N GLN L 55 49.70 -17.30 -16.02
CA GLN L 55 49.03 -16.36 -15.13
C GLN L 55 48.92 -14.99 -15.79
N GLY L 56 47.81 -14.31 -15.53
CA GLY L 56 47.57 -12.99 -16.08
C GLY L 56 48.64 -11.98 -15.69
N GLY L 57 49.16 -11.25 -16.68
CA GLY L 57 50.20 -10.27 -16.46
C GLY L 57 51.62 -10.78 -16.63
N VAL L 58 51.82 -12.09 -16.61
CA VAL L 58 53.16 -12.65 -16.80
C VAL L 58 53.56 -12.48 -18.26
N PRO L 59 54.83 -12.22 -18.56
CA PRO L 59 55.24 -12.16 -19.97
C PRO L 59 55.03 -13.51 -20.66
N SER L 60 54.71 -13.43 -21.96
CA SER L 60 54.37 -14.62 -22.73
C SER L 60 55.55 -15.57 -22.94
N ARG L 61 56.79 -15.13 -22.66
CA ARG L 61 57.94 -16.00 -22.87
C ARG L 61 57.87 -17.23 -21.97
N PHE L 62 57.42 -17.06 -20.73
CA PHE L 62 57.31 -18.19 -19.82
C PHE L 62 56.23 -19.16 -20.31
N SER L 63 56.51 -20.46 -20.16
CA SER L 63 55.55 -21.48 -20.55
C SER L 63 55.74 -22.70 -19.66
N GLY L 64 54.70 -23.51 -19.58
CA GLY L 64 54.73 -24.73 -18.79
C GLY L 64 54.10 -25.87 -19.54
N SER L 65 54.59 -27.08 -19.26
CA SER L 65 54.11 -28.28 -19.93
C SER L 65 54.38 -29.48 -19.03
N GLY L 66 53.97 -30.65 -19.50
CA GLY L 66 54.18 -31.90 -18.78
C GLY L 66 52.92 -32.35 -18.07
N SER L 67 53.02 -33.53 -17.47
CA SER L 67 51.90 -34.18 -16.79
C SER L 67 52.46 -35.35 -15.99
N GLY L 68 51.54 -36.16 -15.43
CA GLY L 68 51.93 -37.33 -14.68
C GLY L 68 52.81 -37.02 -13.49
N THR L 69 54.08 -37.42 -13.57
CA THR L 69 55.08 -37.15 -12.54
C THR L 69 56.25 -36.35 -13.08
N GLU L 70 56.06 -35.62 -14.18
CA GLU L 70 57.13 -34.85 -14.80
C GLU L 70 56.54 -33.58 -15.38
N PHE L 71 57.01 -32.43 -14.91
CA PHE L 71 56.55 -31.13 -15.39
C PHE L 71 57.76 -30.28 -15.75
N THR L 72 57.58 -29.38 -16.72
CA THR L 72 58.66 -28.58 -17.26
C THR L 72 58.23 -27.12 -17.36
N LEU L 73 59.11 -26.23 -16.93
CA LEU L 73 58.96 -24.80 -17.10
C LEU L 73 60.03 -24.31 -18.07
N THR L 74 59.62 -23.57 -19.09
CA THR L 74 60.51 -23.13 -20.16
C THR L 74 60.44 -21.62 -20.29
N ILE L 75 61.61 -20.99 -20.33
CA ILE L 75 61.76 -19.57 -20.68
C ILE L 75 62.38 -19.53 -22.06
N SER L 76 61.61 -19.06 -23.04
CA SER L 76 62.09 -19.05 -24.42
C SER L 76 63.26 -18.10 -24.61
N SER L 77 63.17 -16.90 -24.03
CA SER L 77 64.21 -15.88 -24.16
C SER L 77 64.43 -15.26 -22.79
N LEU L 78 65.53 -15.61 -22.15
CA LEU L 78 65.84 -15.08 -20.83
C LEU L 78 66.08 -13.57 -20.90
N GLN L 79 65.67 -12.87 -19.85
CA GLN L 79 65.75 -11.43 -19.76
C GLN L 79 66.49 -11.06 -18.48
N PRO L 80 66.98 -9.81 -18.37
CA PRO L 80 67.71 -9.42 -17.15
C PRO L 80 66.91 -9.59 -15.88
N GLU L 81 65.60 -9.40 -15.93
CA GLU L 81 64.76 -9.56 -14.74
C GLU L 81 64.42 -11.02 -14.45
N ASP L 82 64.77 -11.95 -15.32
CA ASP L 82 64.43 -13.35 -15.13
C ASP L 82 65.38 -14.09 -14.19
N PHE L 83 66.53 -13.51 -13.86
CA PHE L 83 67.46 -14.16 -12.94
C PHE L 83 66.83 -14.20 -11.55
N ALA L 84 66.53 -15.41 -11.08
CA ALA L 84 65.74 -15.57 -9.86
C ALA L 84 65.73 -17.05 -9.49
N THR L 85 65.02 -17.37 -8.40
CA THR L 85 64.85 -18.75 -7.96
C THR L 85 63.44 -19.21 -8.32
N TYR L 86 63.36 -20.34 -9.03
CA TYR L 86 62.12 -20.87 -9.54
C TYR L 86 61.73 -22.11 -8.74
N TYR L 87 60.46 -22.17 -8.33
CA TYR L 87 59.96 -23.25 -7.48
C TYR L 87 58.72 -23.87 -8.10
N CYS L 88 58.53 -25.16 -7.83
CA CYS L 88 57.34 -25.91 -8.22
C CYS L 88 56.61 -26.35 -6.95
N LEU L 89 55.31 -26.06 -6.89
CA LEU L 89 54.47 -26.35 -5.74
C LEU L 89 53.32 -27.25 -6.17
N GLN L 90 52.98 -28.22 -5.31
CA GLN L 90 51.86 -29.13 -5.53
C GLN L 90 50.83 -28.94 -4.42
N TYR L 91 49.56 -29.23 -4.77
CA TYR L 91 48.48 -29.14 -3.79
C TYR L 91 47.48 -30.28 -3.91
N ASN L 92 47.87 -31.42 -4.50
CA ASN L 92 46.96 -32.55 -4.58
C ASN L 92 46.59 -33.07 -3.21
N GLY L 93 47.56 -33.18 -2.31
CA GLY L 93 47.30 -33.66 -0.97
C GLY L 93 48.25 -33.00 0.01
N TYR L 94 47.75 -32.77 1.22
CA TYR L 94 48.56 -32.11 2.23
C TYR L 94 49.66 -33.04 2.73
N PRO L 95 50.79 -32.49 3.22
CA PRO L 95 51.16 -31.07 3.30
C PRO L 95 51.64 -30.52 1.98
N TRP L 96 51.57 -29.21 1.76
CA TRP L 96 52.06 -28.61 0.53
C TRP L 96 53.59 -28.58 0.57
N THR L 97 54.20 -29.23 -0.42
CA THR L 97 55.65 -29.40 -0.46
C THR L 97 56.22 -28.59 -1.63
N PHE L 98 57.23 -27.80 -1.35
CA PHE L 98 57.94 -27.01 -2.35
C PHE L 98 59.22 -27.71 -2.77
N GLY L 99 59.63 -27.48 -4.01
CA GLY L 99 60.90 -27.99 -4.46
C GLY L 99 62.07 -27.22 -3.89
N GLN L 100 63.26 -27.79 -4.04
CA GLN L 100 64.46 -27.14 -3.52
C GLN L 100 64.74 -25.81 -4.21
N GLY L 101 64.23 -25.62 -5.42
CA GLY L 101 64.38 -24.36 -6.12
C GLY L 101 65.56 -24.34 -7.07
N THR L 102 65.34 -23.87 -8.29
CA THR L 102 66.39 -23.75 -9.30
C THR L 102 66.78 -22.29 -9.43
N LYS L 103 68.07 -22.00 -9.23
CA LYS L 103 68.58 -20.63 -9.23
C LYS L 103 69.15 -20.33 -10.61
N VAL L 104 68.61 -19.31 -11.27
CA VAL L 104 69.07 -18.86 -12.58
C VAL L 104 69.73 -17.50 -12.38
N ASP L 105 71.00 -17.42 -12.76
CA ASP L 105 71.82 -16.23 -12.62
C ASP L 105 72.46 -15.88 -13.96
N HIS L 106 73.15 -14.74 -14.00
CA HIS L 106 73.80 -14.27 -15.21
C HIS L 106 75.15 -14.95 -15.36
N LYS L 107 75.41 -15.52 -16.53
CA LYS L 107 76.67 -16.20 -16.82
C LYS L 107 77.79 -15.20 -16.99
C1 NAG M . -16.68 49.92 -5.03
C2 NAG M . -17.50 51.00 -5.75
C3 NAG M . -16.80 51.46 -7.02
C4 NAG M . -15.36 51.87 -6.74
C5 NAG M . -14.64 50.74 -6.01
C6 NAG M . -13.23 51.12 -5.60
C7 NAG M . -19.89 50.73 -5.23
C8 NAG M . -21.20 50.15 -5.70
N2 NAG M . -18.84 50.52 -6.03
O3 NAG M . -17.52 52.54 -7.58
O4 NAG M . -14.69 52.16 -7.95
O5 NAG M . -15.34 50.40 -4.82
O6 NAG M . -12.76 50.27 -4.55
O7 NAG M . -19.80 51.36 -4.19
C1 NAG M . -14.70 53.58 -8.16
C2 NAG M . -13.45 53.97 -8.93
C3 NAG M . -13.45 55.48 -9.20
C4 NAG M . -14.74 55.90 -9.90
C5 NAG M . -15.95 55.41 -9.10
C6 NAG M . -17.27 55.67 -9.81
C7 NAG M . -11.51 52.52 -8.51
C8 NAG M . -10.31 52.28 -7.65
N2 NAG M . -12.25 53.59 -8.19
O3 NAG M . -12.33 55.81 -10.01
O4 NAG M . -14.79 57.31 -10.03
O5 NAG M . -15.87 53.99 -8.89
O6 NAG M . -18.14 56.46 -9.01
O7 NAG M . -11.81 51.78 -9.44
C1 NAG N . -14.54 40.86 -11.03
C2 NAG N . -13.13 40.36 -10.74
C3 NAG N . -12.11 41.07 -11.64
C4 NAG N . -12.50 40.91 -13.10
C5 NAG N . -13.92 41.43 -13.31
C6 NAG N . -14.43 41.24 -14.72
C7 NAG N . -12.56 39.53 -8.50
C8 NAG N . -12.22 39.92 -7.08
N2 NAG N . -12.79 40.54 -9.34
O3 NAG N . -10.82 40.51 -11.42
O4 NAG N . -11.60 41.63 -13.94
O5 NAG N . -14.83 40.73 -12.44
O6 NAG N . -14.57 39.86 -15.03
O7 NAG N . -12.61 38.36 -8.85
C1 NAG N . -10.99 40.68 -14.84
C2 NAG N . -10.50 41.43 -16.08
C3 NAG N . -9.81 40.47 -17.04
C4 NAG N . -8.71 39.70 -16.31
C5 NAG N . -9.27 39.02 -15.08
C6 NAG N . -8.22 38.33 -14.24
C7 NAG N . -11.83 43.43 -16.61
C8 NAG N . -13.00 43.96 -17.38
N2 NAG N . -11.58 42.12 -16.75
O3 NAG N . -9.25 41.20 -18.13
O4 NAG N . -8.17 38.71 -17.18
O5 NAG N . -9.90 40.00 -14.22
O6 NAG N . -8.20 36.93 -14.46
O7 NAG N . -11.14 44.15 -15.90
C1 NAG O . -14.49 38.23 40.68
C2 NAG O . -15.94 38.73 40.57
C3 NAG O . -16.31 39.58 41.80
C4 NAG O . -16.01 38.82 43.08
C5 NAG O . -14.56 38.38 43.09
C6 NAG O . -14.20 37.56 44.31
C7 NAG O . -17.15 39.28 38.50
C8 NAG O . -17.19 40.17 37.30
N2 NAG O . -16.14 39.49 39.36
O3 NAG O . -17.68 39.92 41.73
O4 NAG O . -16.29 39.64 44.22
O5 NAG O . -14.29 37.56 41.95
O6 NAG O . -14.77 36.26 44.25
O7 NAG O . -17.98 38.41 38.70
C1 NAG O . -17.33 39.02 44.99
C2 NAG O . -17.37 39.66 46.39
C3 NAG O . -18.50 39.06 47.21
C4 NAG O . -19.82 39.17 46.46
C5 NAG O . -19.70 38.55 45.07
C6 NAG O . -20.93 38.73 44.23
C7 NAG O . -15.09 40.37 46.97
C8 NAG O . -13.84 40.04 47.73
N2 NAG O . -16.09 39.49 47.06
O3 NAG O . -18.58 39.75 48.45
O4 NAG O . -20.85 38.49 47.18
O5 NAG O . -18.62 39.18 44.35
O6 NAG O . -21.21 37.58 43.45
O7 NAG O . -15.18 41.40 46.29
C1 NAG P . -15.82 12.26 -37.06
C2 NAG P . -14.51 11.70 -37.60
C3 NAG P . -14.29 12.16 -39.04
C4 NAG P . -15.49 11.83 -39.90
C5 NAG P . -16.78 12.35 -39.25
C6 NAG P . -18.03 11.92 -39.99
C7 NAG P . -12.30 11.34 -36.60
C8 NAG P . -11.24 11.91 -35.70
N2 NAG P . -13.39 12.09 -36.76
O3 NAG P . -13.12 11.55 -39.57
O4 NAG P . -15.35 12.39 -41.20
O5 NAG P . -16.89 11.86 -37.92
O6 NAG P . -18.45 10.63 -39.58
O7 NAG P . -12.16 10.26 -37.16
C1 NAG P . -15.34 11.32 -42.16
C2 NAG P . -15.82 11.86 -43.51
C3 NAG P . -15.79 10.77 -44.56
C4 NAG P . -14.41 10.13 -44.63
C5 NAG P . -13.97 9.67 -43.23
C6 NAG P . -12.55 9.16 -43.21
C7 NAG P . -17.44 13.72 -43.60
C8 NAG P . -18.88 14.12 -43.43
N2 NAG P . -17.16 12.43 -43.40
O3 NAG P . -16.13 11.31 -45.84
O4 NAG P . -14.44 9.01 -45.50
O5 NAG P . -14.03 10.77 -42.32
O6 NAG P . -12.04 9.11 -41.88
O7 NAG P . -16.57 14.54 -43.88
C1 BMA P . -13.94 9.40 -46.79
C2 BMA P . -12.93 8.32 -47.27
C3 BMA P . -12.51 8.60 -48.70
C4 BMA P . -13.72 8.85 -49.61
C5 BMA P . -14.60 9.96 -49.03
C6 BMA P . -15.85 10.24 -49.84
O2 BMA P . -13.55 7.04 -47.26
O3 BMA P . -11.72 7.54 -49.22
O4 BMA P . -13.28 9.23 -50.92
O5 BMA P . -15.02 9.55 -47.71
O6 BMA P . -16.80 9.20 -49.57
C1 NAG Q . -41.14 17.13 -10.89
C2 NAG Q . -41.34 15.71 -11.43
C3 NAG Q . -42.83 15.44 -11.65
C4 NAG Q . -43.62 15.73 -10.38
C5 NAG Q . -43.31 17.14 -9.87
C6 NAG Q . -43.95 17.44 -8.53
C7 NAG Q . -39.93 14.41 -12.95
C8 NAG Q . -39.22 14.38 -14.28
N2 NAG Q . -40.60 15.53 -12.66
O3 NAG Q . -43.01 14.08 -12.04
O4 NAG Q . -45.02 15.62 -10.67
O5 NAG Q . -41.90 17.29 -9.69
O6 NAG Q . -45.25 17.98 -8.70
O7 NAG Q . -39.88 13.45 -12.18
C1 NAG Q . -45.70 14.99 -9.56
C2 NAG Q . -47.18 15.36 -9.66
C3 NAG Q . -47.96 14.71 -8.52
C4 NAG Q . -47.71 13.20 -8.51
C5 NAG Q . -46.21 12.92 -8.47
C6 NAG Q . -45.89 11.45 -8.58
C7 NAG Q . -47.86 17.51 -10.66
C8 NAG Q . -47.97 18.99 -10.45
N2 NAG Q . -47.36 16.81 -9.63
O3 NAG Q . -49.35 14.97 -8.70
O4 NAG Q . -48.33 12.63 -7.37
O5 NAG Q . -45.56 13.56 -9.58
O6 NAG Q . -46.95 10.65 -8.08
O7 NAG Q . -48.21 16.98 -11.71
C1 NAG R . -34.07 43.95 6.81
C2 NAG R . -34.64 43.73 8.22
C3 NAG R . -36.13 44.04 8.24
C4 NAG R . -36.38 45.44 7.70
C5 NAG R . -35.79 45.57 6.30
C6 NAG R . -35.93 46.96 5.73
C7 NAG R . -34.36 42.04 9.96
C8 NAG R . -34.09 40.59 10.26
N2 NAG R . -34.39 42.38 8.67
O3 NAG R . -36.62 43.94 9.58
O4 NAG R . -37.79 45.71 7.65
O5 NAG R . -34.39 45.27 6.36
O6 NAG R . -35.43 47.94 6.61
O7 NAG R . -34.55 42.86 10.87
C1 NAG R . -38.04 46.84 8.53
C2 NAG R . -39.38 47.47 8.13
C3 NAG R . -39.70 48.62 9.08
C4 NAG R . -39.66 48.16 10.53
C5 NAG R . -38.32 47.48 10.82
C6 NAG R . -38.26 46.88 12.22
C7 NAG R . -40.28 47.61 5.85
C8 NAG R . -40.08 48.18 4.48
N2 NAG R . -39.34 47.92 6.76
O3 NAG R . -41.00 49.13 8.78
O4 NAG R . -39.83 49.26 11.41
O5 NAG R . -38.10 46.40 9.90
O6 NAG R . -37.09 47.31 12.91
O7 NAG R . -41.24 46.91 6.13
C1 NAG S . -13.17 37.98 -3.58
C2 NAG S . -13.12 37.86 -2.05
C3 NAG S . -12.57 39.14 -1.44
C4 NAG S . -11.23 39.52 -2.08
C5 NAG S . -11.39 39.60 -3.59
C6 NAG S . -10.10 39.86 -4.32
C7 NAG S . -14.67 36.55 -0.67
C8 NAG S . -16.09 36.40 -0.21
N2 NAG S . -14.43 37.57 -1.51
O3 NAG S . -12.39 38.96 -0.04
O4 NAG S . -10.80 40.78 -1.57
O5 NAG S . -11.89 38.34 -4.08
O6 NAG S . -9.68 38.73 -5.06
O7 NAG S . -13.79 35.79 -0.29
C1 NAG S . -9.44 40.67 -1.05
C2 NAG S . -8.80 42.05 -1.12
C3 NAG S . -7.37 41.99 -0.59
C4 NAG S . -7.36 41.40 0.81
C5 NAG S . -8.09 40.06 0.84
C6 NAG S . -8.23 39.49 2.23
C7 NAG S . -9.33 43.74 -2.83
C8 NAG S . -9.26 44.10 -4.28
N2 NAG S . -8.82 42.56 -2.49
O3 NAG S . -6.82 43.31 -0.57
O4 NAG S . -6.01 41.21 1.23
O5 NAG S . -9.42 40.20 0.31
O6 NAG S . -9.20 40.22 2.98
O7 NAG S . -9.83 44.50 -2.00
C1 BMA S . -5.81 41.87 2.50
C2 BMA S . -4.60 41.20 3.21
C3 BMA S . -4.26 41.96 4.49
C4 BMA S . -4.13 43.47 4.21
C5 BMA S . -5.40 43.99 3.53
C6 BMA S . -5.34 45.48 3.21
O2 BMA S . -3.45 41.23 2.38
O3 BMA S . -3.06 41.48 5.10
O4 BMA S . -3.92 44.17 5.43
O5 BMA S . -5.58 43.27 2.31
O6 BMA S . -4.22 45.69 2.35
C1 MAN S . -3.34 41.06 6.45
C2 MAN S . -2.00 40.99 7.21
C3 MAN S . -1.17 39.83 6.68
C4 MAN S . -1.97 38.52 6.69
C5 MAN S . -3.27 38.71 5.89
C6 MAN S . -4.17 37.49 5.94
O2 MAN S . -2.21 40.69 8.60
O3 MAN S . 0.04 39.66 7.41
O4 MAN S . -1.22 37.47 6.10
O5 MAN S . -4.02 39.82 6.44
O6 MAN S . -5.31 37.75 5.12
C1 MAN S . -1.58 41.70 9.41
C2 MAN S . -1.17 41.04 10.75
C3 MAN S . -2.40 40.73 11.60
C4 MAN S . -3.30 41.96 11.72
C5 MAN S . -3.68 42.48 10.33
C6 MAN S . -4.53 43.73 10.36
O2 MAN S . -0.37 41.92 11.54
O3 MAN S . -2.05 40.24 12.88
O4 MAN S . -4.48 41.63 12.44
O5 MAN S . -2.47 42.80 9.61
O6 MAN S . -3.72 44.80 10.84
C1 NAG T . -15.70 49.30 29.58
C2 NAG T . -15.26 50.66 29.06
C3 NAG T . -13.87 51.00 29.59
C4 NAG T . -13.83 50.89 31.11
C5 NAG T . -14.36 49.53 31.56
C6 NAG T . -14.50 49.43 33.06
C7 NAG T . -16.25 51.28 26.90
C8 NAG T . -16.10 51.21 25.41
N2 NAG T . -15.28 50.69 27.61
O3 NAG T . -13.53 52.32 29.18
O4 NAG T . -12.49 51.02 31.56
O5 NAG T . -15.67 49.30 31.01
O6 NAG T . -15.66 50.10 33.53
O7 NAG T . -17.20 51.83 27.43
C1 NAG T . -12.38 52.17 32.42
C2 NAG T . -11.16 51.97 33.32
C3 NAG T . -10.97 53.19 34.22
C4 NAG T . -10.91 54.46 33.39
C5 NAG T . -12.14 54.56 32.49
C6 NAG T . -12.09 55.74 31.54
C7 NAG T . -10.40 49.77 34.10
C8 NAG T . -10.70 48.60 34.99
N2 NAG T . -11.29 50.76 34.11
O3 NAG T . -9.76 53.04 34.96
O4 NAG T . -10.86 55.60 34.25
O5 NAG T . -12.24 53.38 31.68
O6 NAG T . -13.23 55.78 30.71
O7 NAG T . -9.38 49.82 33.41
C1 NAG U . -21.65 52.97 0.87
C2 NAG U . -20.24 53.47 1.22
C3 NAG U . -20.33 54.63 2.21
C4 NAG U . -21.23 55.72 1.65
C5 NAG U . -22.60 55.14 1.29
C6 NAG U . -23.51 56.15 0.63
C7 NAG U . -18.67 51.60 1.00
C8 NAG U . -17.88 50.54 1.73
N2 NAG U . -19.42 52.40 1.76
O3 NAG U . -19.03 55.14 2.45
O4 NAG U . -21.39 56.76 2.60
O5 NAG U . -22.44 54.06 0.38
O6 NAG U . -24.85 55.68 0.57
O7 NAG U . -18.61 51.72 -0.22
C1 NAG U . -20.47 57.82 2.26
C2 NAG U . -20.78 59.06 3.11
C3 NAG U . -19.79 60.17 2.80
C4 NAG U . -18.36 59.68 2.94
C5 NAG U . -18.15 58.42 2.11
C6 NAG U . -16.78 57.80 2.30
C7 NAG U . -23.18 59.09 3.65
C8 NAG U . -24.52 59.66 3.29
N2 NAG U . -22.15 59.51 2.90
O3 NAG U . -20.02 61.27 3.68
O4 NAG U . -17.45 60.68 2.52
O5 NAG U . -19.11 57.42 2.47
O6 NAG U . -15.82 58.36 1.41
O7 NAG U . -23.04 58.30 4.57
C1 NAG V . -38.73 41.10 4.60
C2 NAG V . -37.99 40.87 5.93
C3 NAG V . -38.99 40.66 7.07
C4 NAG V . -39.96 41.84 7.13
C5 NAG V . -40.66 41.98 5.78
C6 NAG V . -41.60 43.17 5.72
C7 NAG V . -36.03 39.58 6.62
C8 NAG V . -35.21 38.34 6.39
N2 NAG V . -37.10 39.73 5.84
O3 NAG V . -38.29 40.56 8.30
O4 NAG V . -40.92 41.66 8.16
O5 NAG V . -39.67 42.17 4.75
O6 NAG V . -41.28 44.01 4.62
O7 NAG V . -35.72 40.40 7.48
C1 NAG V . -40.46 42.39 9.31
C2 NAG V . -41.66 43.08 9.97
C3 NAG V . -41.21 43.84 11.21
C4 NAG V . -40.45 42.91 12.16
C5 NAG V . -39.30 42.23 11.41
C6 NAG V . -38.56 41.22 12.25
C7 NAG V . -43.60 43.88 8.69
C8 NAG V . -44.11 44.90 7.72
N2 NAG V . -42.31 43.99 9.04
O3 NAG V . -42.34 44.38 11.88
O4 NAG V . -39.92 43.65 13.25
O5 NAG V . -39.82 41.53 10.27
O6 NAG V . -39.41 40.58 13.21
O7 NAG V . -44.33 43.01 9.15
C1 NAG W . -37.74 -19.28 31.52
C2 NAG W . -38.51 -20.44 32.19
C3 NAG W . -39.42 -21.14 31.17
C4 NAG W . -40.31 -20.13 30.46
C5 NAG W . -39.45 -19.01 29.86
C6 NAG W . -40.28 -17.91 29.24
C7 NAG W . -37.16 -21.30 34.05
C8 NAG W . -36.21 -22.37 34.50
N2 NAG W . -37.58 -21.39 32.79
O3 NAG W . -40.22 -22.09 31.85
O4 NAG W . -41.03 -20.77 29.42
O5 NAG W . -38.67 -18.40 30.90
O6 NAG W . -40.66 -16.94 30.20
O7 NAG W . -37.51 -20.40 34.79
C1 NAG W . -42.44 -20.66 29.69
C2 NAG W . -43.21 -20.98 28.41
C3 NAG W . -44.71 -20.91 28.66
C4 NAG W . -45.09 -21.81 29.83
C5 NAG W . -44.25 -21.46 31.06
C6 NAG W . -44.48 -22.40 32.23
C7 NAG W . -41.83 -20.32 26.48
C8 NAG W . -41.59 -19.28 25.43
N2 NAG W . -42.83 -20.08 27.34
O3 NAG W . -45.40 -21.32 27.49
O4 NAG W . -46.46 -21.65 30.15
O5 NAG W . -42.85 -21.54 30.73
O6 NAG W . -44.09 -23.73 31.91
O7 NAG W . -41.16 -21.35 26.55
C1 NAG X . -31.74 -21.97 22.68
C2 NAG X . -31.87 -20.85 21.63
C3 NAG X . -33.09 -21.10 20.74
C4 NAG X . -33.02 -22.49 20.13
C5 NAG X . -32.89 -23.54 21.23
C6 NAG X . -32.74 -24.94 20.71
C7 NAG X . -31.03 -18.58 22.09
C8 NAG X . -31.28 -17.31 22.82
N2 NAG X . -31.95 -19.55 22.26
O3 NAG X . -33.13 -20.12 19.71
O4 NAG X . -34.18 -22.74 19.35
O5 NAG X . -31.74 -23.25 22.03
O6 NAG X . -31.51 -25.10 20.02
O7 NAG X . -30.04 -18.75 21.37
C1 NAG X . -33.77 -23.03 17.99
C2 NAG X . -34.86 -23.86 17.30
C3 NAG X . -34.46 -24.13 15.85
C4 NAG X . -34.12 -22.83 15.14
C5 NAG X . -33.07 -22.05 15.92
C6 NAG X . -32.78 -20.68 15.32
C7 NAG X . -36.14 -25.29 18.83
C8 NAG X . -36.23 -26.64 19.47
N2 NAG X . -35.10 -25.11 18.01
O3 NAG X . -35.52 -24.80 15.19
O4 NAG X . -33.63 -23.10 13.83
O5 NAG X . -33.53 -21.82 17.26
O6 NAG X . -31.63 -20.72 14.50
O7 NAG X . -36.96 -24.40 19.06
C1 NAG Y . -20.40 20.65 49.87
C2 NAG Y . -20.31 19.68 51.05
C3 NAG Y . -20.69 20.38 52.35
C4 NAG Y . -19.87 21.65 52.54
C5 NAG Y . -20.04 22.55 51.33
C6 NAG Y . -19.20 23.80 51.40
C7 NAG Y . -20.73 17.26 50.98
C8 NAG Y . -21.74 16.19 50.72
N2 NAG Y . -21.15 18.52 50.83
O3 NAG Y . -20.47 19.50 53.45
O4 NAG Y . -20.29 22.34 53.71
O5 NAG Y . -19.63 21.84 50.15
O6 NAG Y . -18.82 24.25 50.10
O7 NAG Y . -19.57 17.00 51.31
C1 NAG Y . -19.15 22.50 54.59
C2 NAG Y . -19.46 23.60 55.61
C3 NAG Y . -18.30 23.77 56.58
C4 NAG Y . -17.94 22.43 57.21
C5 NAG Y . -17.69 21.38 56.14
C6 NAG Y . -17.45 20.01 56.70
C7 NAG Y . -21.00 25.23 54.59
C8 NAG Y . -21.11 26.57 53.92
N2 NAG Y . -19.75 24.86 54.93
O3 NAG Y . -18.65 24.70 57.58
O4 NAG Y . -16.78 22.57 58.02
O5 NAG Y . -18.83 21.28 55.28
O6 NAG Y . -16.52 19.28 55.92
O7 NAG Y . -21.97 24.54 54.81
C1 NAG Z . -10.28 -40.93 -3.77
C2 NAG Z . -10.52 -40.48 -5.22
C3 NAG Z . -11.32 -41.54 -5.97
C4 NAG Z . -10.62 -42.89 -5.86
C5 NAG Z . -10.37 -43.24 -4.39
C6 NAG Z . -9.58 -44.51 -4.21
C7 NAG Z . -10.99 -38.27 -6.19
C8 NAG Z . -11.79 -37.02 -6.09
N2 NAG Z . -11.21 -39.20 -5.26
O3 NAG Z . -11.43 -41.16 -7.33
O4 NAG Z . -11.43 -43.91 -6.45
O5 NAG Z . -9.63 -42.19 -3.76
O6 NAG Z . -8.75 -44.44 -3.06
O7 NAG Z . -10.16 -38.45 -7.08
C1 NAG Z . -10.62 -44.59 -7.43
C2 NAG Z . -11.11 -46.03 -7.54
C3 NAG Z . -10.31 -46.78 -8.61
C4 NAG Z . -10.33 -46.02 -9.92
C5 NAG Z . -9.87 -44.58 -9.71
C6 NAG Z . -10.00 -43.73 -10.96
C7 NAG Z . -12.08 -47.28 -5.65
C8 NAG Z . -11.79 -47.94 -4.33
N2 NAG Z . -11.03 -46.72 -6.26
O3 NAG Z . -10.86 -48.08 -8.78
O4 NAG Z . -9.45 -46.65 -10.86
O5 NAG Z . -10.69 -43.94 -8.71
O6 NAG Z . -11.19 -42.96 -10.95
O7 NAG Z . -13.19 -47.26 -6.15
C1 BMA Z . -10.26 -47.42 -11.78
C2 BMA Z . -9.78 -47.09 -13.21
C3 BMA Z . -10.49 -48.01 -14.21
C4 BMA Z . -10.41 -49.48 -13.79
C5 BMA Z . -10.94 -49.64 -12.36
C6 BMA Z . -10.85 -51.06 -11.84
O2 BMA Z . -8.40 -47.33 -13.35
O3 BMA Z . -9.96 -47.85 -15.53
O4 BMA Z . -11.18 -50.28 -14.67
O5 BMA Z . -10.14 -48.81 -11.49
O6 BMA Z . -9.48 -51.37 -11.59
C1 NAG AA . 0.77 -34.22 30.63
C2 NAG AA . 2.05 -34.49 29.86
C3 NAG AA . 2.90 -35.53 30.58
C4 NAG AA . 3.13 -35.12 32.03
C5 NAG AA . 1.80 -34.83 32.71
C6 NAG AA . 1.95 -34.30 34.12
C7 NAG AA . 2.48 -34.52 27.43
C8 NAG AA . 2.03 -35.06 26.11
N2 NAG AA . 1.77 -34.91 28.50
O3 NAG AA . 4.15 -35.67 29.92
O4 NAG AA . 3.81 -36.16 32.73
O5 NAG AA . 1.08 -33.83 31.98
O6 NAG AA . 2.83 -33.18 34.16
O7 NAG AA . 3.42 -33.74 27.54
C1 NAG AA . 4.84 -35.57 33.55
C2 NAG AA . 5.25 -36.59 34.61
C3 NAG AA . 6.36 -36.03 35.49
C4 NAG AA . 7.53 -35.57 34.62
C5 NAG AA . 7.04 -34.60 33.55
C6 NAG AA . 8.12 -34.20 32.57
C7 NAG AA . 3.37 -38.06 35.21
C8 NAG AA . 2.23 -38.29 36.16
N2 NAG AA . 4.10 -36.97 35.44
O3 NAG AA . 6.81 -37.03 36.41
O4 NAG AA . 8.50 -34.91 35.42
O5 NAG AA . 6.00 -35.21 32.77
O6 NAG AA . 9.40 -34.12 33.21
O7 NAG AA . 3.62 -38.84 34.30
C1 NAG BA . -22.84 -18.79 47.54
C2 NAG BA . -22.22 -17.94 48.64
C3 NAG BA . -21.89 -18.78 49.85
C4 NAG BA . -23.12 -19.52 50.33
C5 NAG BA . -23.71 -20.35 49.18
C6 NAG BA . -25.00 -21.03 49.54
C7 NAG BA . -20.56 -16.12 48.68
C8 NAG BA . -19.33 -15.56 48.05
N2 NAG BA . -21.03 -17.25 48.14
O3 NAG BA . -21.39 -17.94 50.89
O4 NAG BA . -22.80 -20.38 51.41
O5 NAG BA . -23.99 -19.49 48.06
O6 NAG BA . -25.94 -20.12 50.08
O7 NAG BA . -21.11 -15.58 49.63
C1 NAG BA . -23.47 -19.91 52.59
C2 NAG BA . -23.57 -21.05 53.60
C3 NAG BA . -24.24 -20.56 54.89
C4 NAG BA . -23.52 -19.33 55.42
C5 NAG BA . -23.42 -18.26 54.34
C6 NAG BA . -22.61 -17.06 54.77
C7 NAG BA . -23.84 -23.44 53.07
C8 NAG BA . -24.73 -24.47 52.45
N2 NAG BA . -24.30 -22.17 53.05
O3 NAG BA . -24.21 -21.61 55.86
O4 NAG BA . -24.22 -18.80 56.54
O5 NAG BA . -22.77 -18.80 53.18
O6 NAG BA . -23.38 -15.87 54.71
O7 NAG BA . -22.76 -23.73 53.57
C1 NAG CA . -28.49 -14.75 24.49
C2 NAG CA . -28.15 -13.46 25.25
C3 NAG CA . -29.43 -12.80 25.77
C4 NAG CA . -30.43 -12.60 24.65
C5 NAG CA . -30.69 -13.93 23.94
C6 NAG CA . -31.59 -13.81 22.73
C7 NAG CA . -26.08 -13.08 26.53
C8 NAG CA . -25.27 -13.50 27.72
N2 NAG CA . -27.24 -13.74 26.34
O3 NAG CA . -29.11 -11.55 26.36
O4 NAG CA . -31.65 -12.09 25.17
O5 NAG CA . -29.44 -14.47 23.45
O6 NAG CA . -30.95 -14.28 21.56
O7 NAG CA . -25.72 -12.19 25.77
C1 NAG CA . -32.05 -10.90 24.45
C2 NAG CA . -33.57 -10.75 24.59
C3 NAG CA . -34.03 -9.50 23.85
C4 NAG CA . -33.25 -8.28 24.32
C5 NAG CA . -31.74 -8.53 24.23
C6 NAG CA . -30.92 -7.42 24.81
C7 NAG CA . -35.10 -12.65 24.84
C8 NAG CA . -35.72 -13.83 24.15
N2 NAG CA . -34.25 -11.92 24.10
O3 NAG CA . -35.42 -9.30 24.07
O4 NAG CA . -33.58 -7.16 23.52
O5 NAG CA . -31.39 -9.73 24.95
O6 NAG CA . -31.12 -7.30 26.22
O7 NAG CA . -35.35 -12.36 26.00
C1 BMA CA . -34.00 -6.07 24.37
C2 BMA CA . -33.83 -4.74 23.58
C3 BMA CA . -34.42 -3.58 24.39
C4 BMA CA . -35.83 -3.90 24.89
C5 BMA CA . -35.83 -5.23 25.67
C6 BMA CA . -37.20 -5.63 26.18
O2 BMA CA . -34.55 -4.79 22.37
O3 BMA CA . -34.44 -2.36 23.64
O4 BMA CA . -36.30 -2.85 25.74
O5 BMA CA . -35.35 -6.25 24.78
O6 BMA CA . -38.07 -5.75 25.05
C1 MAN CA . -33.70 -1.35 24.36
C2 MAN CA . -34.17 0.04 23.85
C3 MAN CA . -33.72 0.23 22.40
C4 MAN CA . -32.20 0.01 22.29
C5 MAN CA . -31.85 -1.39 22.81
C6 MAN CA . -30.36 -1.66 22.82
O2 MAN CA . -33.58 1.10 24.59
O3 MAN CA . -34.06 1.53 21.93
O4 MAN CA . -31.81 0.11 20.93
O5 MAN CA . -32.31 -1.52 24.18
O6 MAN CA . -30.14 -3.01 23.20
C1 MAN CA . -34.61 1.96 25.11
C2 MAN CA . -34.00 3.38 25.26
C3 MAN CA . -33.01 3.42 26.42
C4 MAN CA . -33.64 2.83 27.69
C5 MAN CA . -34.13 1.41 27.41
C6 MAN CA . -34.80 0.77 28.61
O2 MAN CA . -35.00 4.35 25.57
O3 MAN CA . -32.53 4.74 26.67
O4 MAN CA . -32.68 2.81 28.74
O5 MAN CA . -35.10 1.47 26.34
O6 MAN CA . -36.02 1.47 28.86
C1 NAG DA . -31.60 9.70 49.52
C2 NAG DA . -33.08 9.34 49.57
C3 NAG DA . -33.91 10.50 49.04
C4 NAG DA . -33.56 11.79 49.78
C5 NAG DA . -32.06 12.03 49.79
C6 NAG DA . -31.64 13.19 50.66
C7 NAG DA . -33.58 6.95 49.37
C8 NAG DA . -33.85 5.81 48.43
N2 NAG DA . -33.35 8.14 48.81
O3 NAG DA . -35.29 10.21 49.20
O4 NAG DA . -34.19 12.90 49.15
O5 NAG DA . -31.36 10.88 50.29
O6 NAG DA . -31.79 12.88 52.04
O7 NAG DA . -33.59 6.79 50.59
C1 NAG DA . -35.11 13.53 50.07
C2 NAG DA . -35.32 14.96 49.59
C3 NAG DA . -36.31 15.68 50.51
C4 NAG DA . -37.60 14.88 50.61
C5 NAG DA . -37.30 13.45 51.04
C6 NAG DA . -38.52 12.56 51.04
C7 NAG DA . -33.59 16.30 48.45
C8 NAG DA . -32.27 17.00 48.60
N2 NAG DA . -34.05 15.69 49.56
O3 NAG DA . -36.59 16.98 49.98
O4 NAG DA . -38.48 15.48 51.56
O5 NAG DA . -36.37 12.86 50.13
O6 NAG DA . -38.16 11.19 51.19
O7 NAG DA . -34.20 16.29 47.40
C1 NAG EA . -37.29 -17.54 39.65
C2 NAG EA . -38.25 -16.54 39.03
C3 NAG EA . -39.11 -15.88 40.10
C4 NAG EA . -39.82 -16.95 40.92
C5 NAG EA . -38.81 -17.93 41.50
C6 NAG EA . -39.44 -19.07 42.25
C7 NAG EA . -37.27 -15.66 36.95
C8 NAG EA . -36.52 -14.53 36.32
N2 NAG EA . -37.53 -15.54 38.25
O3 NAG EA . -40.06 -15.02 39.49
O4 NAG EA . -40.58 -16.35 41.97
O5 NAG EA . -38.03 -18.50 40.44
O6 NAG EA . -38.46 -19.96 42.78
O7 NAG EA . -37.63 -16.64 36.30
C1 NAG EA . -41.95 -16.31 41.54
C2 NAG EA . -42.83 -15.93 42.73
C3 NAG EA . -44.29 -15.83 42.30
C4 NAG EA . -44.42 -14.88 41.12
C5 NAG EA . -43.48 -15.29 39.99
C6 NAG EA . -43.48 -14.32 38.84
C7 NAG EA . -41.78 -16.78 44.79
C8 NAG EA . -41.77 -17.86 45.82
N2 NAG EA . -42.69 -16.90 43.82
O3 NAG EA . -45.08 -15.37 43.39
O4 NAG EA . -45.76 -14.90 40.63
O5 NAG EA . -42.13 -15.35 40.48
O6 NAG EA . -44.51 -14.61 37.91
O7 NAG EA . -41.00 -15.82 44.84
C1 NAG FA . -18.75 -22.89 48.32
C2 NAG FA . -18.64 -21.37 48.52
C3 NAG FA . -17.87 -21.04 49.80
C4 NAG FA . -18.48 -21.76 50.99
C5 NAG FA . -18.51 -23.26 50.70
C6 NAG FA . -19.15 -24.07 51.81
C7 NAG FA . -18.21 -19.46 47.04
C8 NAG FA . -17.48 -18.98 45.82
N2 NAG FA . -18.01 -20.74 47.38
O3 NAG FA . -17.87 -19.64 50.02
O4 NAG FA . -17.72 -21.52 52.17
O5 NAG FA . -19.28 -23.50 49.52
O6 NAG FA . -20.39 -23.51 52.21
O7 NAG FA . -18.94 -18.73 47.69
C1 NAG FA . -18.49 -20.60 52.98
C2 NAG FA . -18.46 -21.06 54.43
C3 NAG FA . -19.22 -20.08 55.32
C4 NAG FA . -18.69 -18.67 55.12
C5 NAG FA . -18.71 -18.30 53.64
C6 NAG FA . -18.08 -16.95 53.36
C7 NAG FA . -18.55 -23.30 55.45
C8 NAG FA . -19.24 -24.63 55.45
N2 NAG FA . -19.01 -22.40 54.58
O3 NAG FA . -19.08 -20.46 56.69
O4 NAG FA . -19.49 -17.75 55.85
O5 NAG FA . -17.97 -19.26 52.89
O6 NAG FA . -18.93 -16.14 52.56
O7 NAG FA . -17.62 -23.05 56.21
C1 NAG GA . 38.90 6.59 35.02
C2 NAG GA . 40.34 6.91 35.40
C3 NAG GA . 41.23 5.69 35.21
C4 NAG GA . 40.67 4.48 35.94
C5 NAG GA . 39.22 4.25 35.51
C6 NAG GA . 38.55 3.13 36.28
C7 NAG GA . 40.92 9.28 35.10
C8 NAG GA . 41.46 10.31 34.16
N2 NAG GA . 40.84 8.04 34.62
O3 NAG GA . 42.54 5.99 35.72
O4 NAG GA . 41.43 3.32 35.64
O5 NAG GA . 38.45 5.43 35.74
O6 NAG GA . 37.14 3.32 36.35
O7 NAG GA . 40.58 9.56 36.26
C1 NAG GA . 42.39 3.10 36.70
C2 NAG GA . 42.60 1.60 36.85
C3 NAG GA . 43.64 1.32 37.93
C4 NAG GA . 44.93 2.08 37.64
C5 NAG GA . 44.62 3.57 37.45
C6 NAG GA . 45.83 4.37 37.03
C7 NAG GA . 40.63 0.24 36.26
C8 NAG GA . 39.37 -0.39 36.76
N2 NAG GA . 41.35 0.92 37.16
O3 NAG GA . 43.91 -0.07 37.98
O4 NAG GA . 45.85 1.93 38.71
O5 NAG GA . 43.64 3.74 36.42
O6 NAG GA . 46.12 5.40 37.96
O7 NAG GA . 41.00 0.14 35.08
C1 NAG HA . 37.14 3.16 24.77
C2 NAG HA . 36.03 2.10 24.79
C3 NAG HA . 36.62 0.72 25.05
C4 NAG HA . 37.72 0.42 24.03
C5 NAG HA . 38.78 1.51 24.08
C6 NAG HA . 39.86 1.33 23.05
C7 NAG HA . 33.75 2.68 25.48
C8 NAG HA . 32.85 2.99 26.64
N2 NAG HA . 35.02 2.42 25.77
O3 NAG HA . 35.59 -0.27 24.95
O4 NAG HA . 38.31 -0.85 24.30
O5 NAG HA . 38.16 2.78 23.83
O6 NAG HA . 39.35 1.49 21.74
O7 NAG HA . 33.33 2.67 24.32
C1 NAG HA . 38.15 -1.68 23.13
C2 NAG HA . 39.23 -2.77 23.13
C3 NAG HA . 39.04 -3.69 21.94
C4 NAG HA . 37.63 -4.24 21.89
C5 NAG HA . 36.62 -3.10 21.94
C6 NAG HA . 35.19 -3.57 22.02
C7 NAG HA . 41.31 -2.08 24.25
C8 NAG HA . 42.66 -1.46 24.06
N2 NAG HA . 40.56 -2.19 23.15
O3 NAG HA . 39.98 -4.76 22.02
O4 NAG HA . 37.43 -4.99 20.69
O5 NAG HA . 36.85 -2.28 23.10
O6 NAG HA . 34.56 -3.53 20.75
O7 NAG HA . 40.92 -2.47 25.34
C1 NAG IA . -0.72 26.83 51.06
C2 NAG IA . 0.27 28.00 51.20
C3 NAG IA . 0.02 28.76 52.50
C4 NAG IA . -1.43 29.17 52.63
C5 NAG IA . -2.32 27.95 52.48
C6 NAG IA . -3.80 28.28 52.53
C7 NAG IA . 2.55 28.02 50.29
C8 NAG IA . 3.91 27.40 50.38
N2 NAG IA . 1.64 27.53 51.14
O3 NAG IA . 0.86 29.91 52.54
O4 NAG IA . -1.66 29.79 53.89
O5 NAG IA . -2.07 27.32 51.23
O6 NAG IA . -4.14 29.19 51.50
O7 NAG IA . 2.29 28.92 49.50
C1 NAG IA . -2.26 31.09 53.67
C2 NAG IA . -2.80 31.60 55.01
C3 NAG IA . -3.40 33.00 54.83
C4 NAG IA . -2.38 33.93 54.18
C5 NAG IA . -1.87 33.32 52.89
C6 NAG IA . -0.78 34.15 52.24
C7 NAG IA . -3.46 29.66 56.35
C8 NAG IA . -4.60 28.82 56.84
N2 NAG IA . -3.78 30.69 55.56
O3 NAG IA . -3.78 33.51 56.10
O4 NAG IA . -3.00 35.19 53.90
O5 NAG IA . -1.31 32.03 53.14
O6 NAG IA . 0.40 34.14 53.02
O7 NAG IA . -2.29 29.41 56.65
C1 NAG JA . 39.87 -4.25 -13.38
C2 NAG JA . 39.35 -5.63 -13.80
C3 NAG JA . 40.53 -6.54 -14.17
C4 NAG JA . 41.42 -5.88 -15.21
C5 NAG JA . 41.83 -4.49 -14.73
C6 NAG JA . 42.61 -3.71 -15.78
C7 NAG JA . 37.43 -6.93 -12.99
C8 NAG JA . 36.74 -7.48 -11.79
N2 NAG JA . 38.55 -6.23 -12.75
O3 NAG JA . 40.03 -7.78 -14.67
O4 NAG JA . 42.58 -6.67 -15.42
O5 NAG JA . 40.68 -3.70 -14.42
O6 NAG JA . 42.11 -2.39 -15.91
O7 NAG JA . 37.01 -7.12 -14.13
C1 NAG JA . 42.72 -6.92 -16.83
C2 NAG JA . 44.20 -7.01 -17.16
C3 NAG JA . 44.39 -7.29 -18.65
C4 NAG JA . 43.61 -8.54 -19.05
C5 NAG JA . 42.14 -8.41 -18.61
C6 NAG JA . 41.34 -9.66 -18.86
C7 NAG JA . 46.01 -5.75 -16.07
C8 NAG JA . 46.58 -4.40 -15.77
N2 NAG JA . 44.89 -5.78 -16.79
O3 NAG JA . 45.78 -7.47 -18.91
O4 NAG JA . 43.64 -8.71 -20.46
O5 NAG JA . 42.07 -8.14 -17.21
O6 NAG JA . 41.11 -10.37 -17.65
O7 NAG JA . 46.55 -6.79 -15.65
C1 BMA JA . 44.84 -9.40 -20.84
C2 BMA JA . 44.46 -10.71 -21.58
C3 BMA JA . 45.72 -11.39 -22.12
C4 BMA JA . 46.60 -10.40 -22.90
C5 BMA JA . 46.90 -9.16 -22.03
C6 BMA JA . 47.72 -8.11 -22.76
O2 BMA JA . 43.63 -10.42 -22.70
O3 BMA JA . 45.39 -12.50 -22.93
O4 BMA JA . 47.82 -11.03 -23.26
O5 BMA JA . 45.65 -8.58 -21.66
O6 BMA JA . 48.92 -8.72 -23.22
C1 NAG KA . 35.24 29.43 0.74
C2 NAG KA . 34.72 29.56 -0.69
C3 NAG KA . 35.35 30.76 -1.39
C4 NAG KA . 35.16 32.02 -0.56
C5 NAG KA . 35.68 31.79 0.86
C6 NAG KA . 35.43 32.97 1.78
C7 NAG KA . 34.10 27.83 -2.33
C8 NAG KA . 34.53 26.57 -3.02
N2 NAG KA . 34.96 28.34 -1.44
O3 NAG KA . 34.77 30.92 -2.67
O4 NAG KA . 35.86 33.11 -1.15
O5 NAG KA . 35.02 30.66 1.45
O6 NAG KA . 34.07 33.38 1.74
O7 NAG KA . 33.03 28.37 -2.57
C1 NAG KA . 35.01 34.27 -1.14
C2 NAG KA . 35.87 35.51 -1.31
C3 NAG KA . 35.01 36.77 -1.33
C4 NAG KA . 33.92 36.64 -2.39
C5 NAG KA . 33.13 35.34 -2.19
C6 NAG KA . 32.11 35.09 -3.27
C7 NAG KA . 38.12 35.15 -0.38
C8 NAG KA . 39.01 35.33 0.82
N2 NAG KA . 36.87 35.61 -0.26
O3 NAG KA . 35.82 37.91 -1.61
O4 NAG KA . 33.02 37.74 -2.31
O5 NAG KA . 34.02 34.22 -2.19
O6 NAG KA . 31.56 36.30 -3.77
O7 NAG KA . 38.51 34.61 -1.40
C1 NAG LA . 34.83 28.12 33.75
C2 NAG LA . 33.99 29.30 34.23
C3 NAG LA . 34.80 30.59 34.23
C4 NAG LA . 36.08 30.40 35.04
C5 NAG LA . 36.86 29.21 34.48
C6 NAG LA . 38.11 28.90 35.28
C7 NAG LA . 31.68 30.07 33.85
C8 NAG LA . 30.54 30.14 32.88
N2 NAG LA . 32.78 29.45 33.42
O3 NAG LA . 34.02 31.65 34.79
O4 NAG LA . 36.88 31.57 34.97
O5 NAG LA . 36.03 28.03 34.53
O6 NAG LA . 37.80 28.75 36.67
O7 NAG LA . 31.60 30.55 34.98
C1 NAG LA . 37.01 32.09 36.31
C2 NAG LA . 38.22 33.03 36.37
C3 NAG LA . 38.35 33.64 37.76
C4 NAG LA . 37.04 34.31 38.17
C5 NAG LA . 35.87 33.34 38.04
C6 NAG LA . 34.53 33.98 38.31
C7 NAG LA . 40.29 32.75 35.07
C8 NAG LA . 41.49 31.89 34.84
N2 NAG LA . 39.44 32.32 36.01
O3 NAG LA . 39.41 34.59 37.76
O4 NAG LA . 37.12 34.75 39.52
O5 NAG LA . 35.83 32.82 36.70
O6 NAG LA . 33.89 33.39 39.43
O7 NAG LA . 40.10 33.78 34.44
C1 NAG MA . 29.65 5.66 26.80
C2 NAG MA . 28.49 6.32 27.56
C3 NAG MA . 28.54 5.94 29.03
C4 NAG MA . 28.60 4.43 29.21
C5 NAG MA . 29.78 3.88 28.40
C6 NAG MA . 29.86 2.36 28.43
C7 NAG MA . 27.48 8.49 26.97
C8 NAG MA . 27.71 9.96 26.86
N2 NAG MA . 28.52 7.77 27.39
O3 NAG MA . 27.38 6.46 29.69
O4 NAG MA . 28.77 4.11 30.58
O5 NAG MA . 29.63 4.24 27.02
O6 NAG MA . 29.71 1.81 27.13
O7 NAG MA . 26.41 7.97 26.68
C1 NAG MA . 27.75 3.16 31.00
C2 NAG MA . 28.29 2.39 32.19
C3 NAG MA . 27.25 1.38 32.68
C4 NAG MA . 25.93 2.08 32.96
C5 NAG MA . 25.49 2.90 31.75
C6 NAG MA . 24.26 3.74 32.03
C7 NAG MA . 30.69 1.92 32.53
C8 NAG MA . 31.87 1.14 32.04
N2 NAG MA . 29.54 1.72 31.87
O3 NAG MA . 27.73 0.73 33.86
O4 NAG MA . 24.92 1.11 33.25
O5 NAG MA . 26.53 3.81 31.36
O6 NAG MA . 24.57 4.86 32.86
O7 NAG MA . 30.76 2.71 33.47
C1 BMA MA . 24.33 1.41 34.54
C2 BMA MA . 22.94 0.74 34.60
C3 BMA MA . 22.34 0.90 36.00
C4 BMA MA . 23.34 0.49 37.08
C5 BMA MA . 24.65 1.26 36.90
C6 BMA MA . 25.71 0.89 37.92
O2 BMA MA . 23.03 -0.65 34.35
O3 BMA MA . 21.13 0.15 36.13
O4 BMA MA . 22.80 0.77 38.37
O5 BMA MA . 25.16 0.96 35.60
O6 BMA MA . 25.95 -0.51 37.83
C1 MAN MA . 20.06 1.05 36.50
C2 MAN MA . 18.92 0.20 37.13
C3 MAN MA . 18.28 -0.67 36.04
C4 MAN MA . 17.85 0.19 34.85
C5 MAN MA . 19.06 0.97 34.31
C6 MAN MA . 18.69 1.91 33.18
O2 MAN MA . 17.87 1.03 37.63
O3 MAN MA . 17.17 -1.41 36.54
O4 MAN MA . 17.33 -0.65 33.82
O5 MAN MA . 19.61 1.78 35.38
O6 MAN MA . 19.89 2.49 32.68
C1 MAN MA . 17.63 0.70 39.01
C2 MAN MA . 16.12 1.01 39.30
C3 MAN MA . 15.89 2.52 39.32
C4 MAN MA . 16.90 3.23 40.24
C5 MAN MA . 18.32 2.88 39.79
C6 MAN MA . 19.38 3.50 40.68
O2 MAN MA . 15.75 0.55 40.60
O3 MAN MA . 14.56 2.84 39.72
O4 MAN MA . 16.71 4.63 40.18
O5 MAN MA . 18.49 1.45 39.85
O6 MAN MA . 19.29 2.90 41.96
C1 NAG NA . 13.77 21.56 53.77
C2 NAG NA . 14.74 20.78 54.67
C3 NAG NA . 13.97 19.75 55.49
C4 NAG NA . 12.82 20.41 56.25
C5 NAG NA . 11.96 21.24 55.30
C6 NAG NA . 10.91 22.06 56.03
C7 NAG NA . 17.02 20.59 53.81
C8 NAG NA . 17.96 19.79 52.95
N2 NAG NA . 15.77 20.13 53.89
O3 NAG NA . 14.86 19.13 56.41
O4 NAG NA . 12.02 19.42 56.86
O5 NAG NA . 12.77 22.17 54.57
O6 NAG NA . 11.48 23.20 56.65
O7 NAG NA . 17.39 21.59 54.40
C1 NAG NA . 11.99 19.61 58.29
C2 NAG NA . 10.74 18.93 58.82
C3 NAG NA . 10.69 19.05 60.35
C4 NAG NA . 11.97 18.53 60.96
C5 NAG NA . 13.17 19.23 60.34
C6 NAG NA . 14.50 18.68 60.83
C7 NAG NA . 8.64 18.75 57.56
C8 NAG NA . 7.46 19.50 57.00
N2 NAG NA . 9.53 19.48 58.22
O3 NAG NA . 9.57 18.31 60.84
O4 NAG NA . 11.97 18.78 62.37
O5 NAG NA . 13.15 19.05 58.91
O6 NAG NA . 14.95 17.62 60.00
O7 NAG NA . 8.75 17.53 57.42
C1 NAG OA . 38.62 13.50 40.02
C2 NAG OA . 38.04 12.32 40.79
C3 NAG OA . 38.02 12.62 42.29
C4 NAG OA . 39.42 13.00 42.75
C5 NAG OA . 39.94 14.17 41.93
C6 NAG OA . 41.37 14.55 42.26
C7 NAG OA . 36.46 11.06 39.40
C8 NAG OA . 35.03 10.84 39.04
N2 NAG OA . 36.70 11.98 40.32
O3 NAG OA . 37.57 11.48 43.00
O4 NAG OA . 39.40 13.35 44.13
O5 NAG OA . 39.92 13.84 40.53
O6 NAG OA . 41.76 15.74 41.60
O7 NAG OA . 37.37 10.41 38.87
C1 NAG OA . 39.85 12.21 44.88
C2 NAG OA . 40.09 12.62 46.33
C3 NAG OA . 40.52 11.40 47.16
C4 NAG OA . 39.52 10.27 46.99
C5 NAG OA . 39.30 9.96 45.53
C6 NAG OA . 38.22 8.92 45.28
C7 NAG OA . 40.78 14.97 46.37
C8 NAG OA . 41.94 15.92 46.47
N2 NAG OA . 41.09 13.67 46.42
O3 NAG OA . 40.62 11.77 48.53
O4 NAG OA . 39.99 9.10 47.67
O5 NAG OA . 38.89 11.14 44.82
O6 NAG OA . 38.69 7.61 45.55
O7 NAG OA . 39.63 15.36 46.23
C1 NAG PA . 36.73 31.61 29.39
C2 NAG PA . 35.35 31.66 30.03
C3 NAG PA . 34.94 33.11 30.30
C4 NAG PA . 36.01 33.81 31.13
C5 NAG PA . 37.34 33.72 30.40
C6 NAG PA . 38.48 34.33 31.18
C7 NAG PA . 33.29 30.38 29.71
C8 NAG PA . 32.36 29.75 28.71
N2 NAG PA . 34.36 31.00 29.20
O3 NAG PA . 33.69 33.13 31.00
O4 NAG PA . 35.65 35.17 31.33
O5 NAG PA . 37.68 32.34 30.19
O6 NAG PA . 39.54 33.40 31.37
O7 NAG PA . 33.06 30.32 30.92
C1 NAG PA . 35.16 35.30 32.69
C2 NAG PA . 35.63 36.62 33.27
C3 NAG PA . 35.08 36.81 34.68
C4 NAG PA . 33.56 36.64 34.69
C5 NAG PA . 33.17 35.31 34.04
C6 NAG PA . 31.68 35.14 33.90
C7 NAG PA . 37.78 37.61 32.58
C8 NAG PA . 39.27 37.55 32.71
N2 NAG PA . 37.08 36.71 33.28
O3 NAG PA . 35.43 38.10 35.17
O4 NAG PA . 33.08 36.66 36.03
O5 NAG PA . 33.73 35.24 32.72
O6 NAG PA . 31.08 36.27 33.28
O7 NAG PA . 37.22 38.45 31.87
C1 NAG QA . -32.24 21.30 -20.00
C2 NAG QA . -31.79 20.53 -21.24
C3 NAG QA . -32.85 19.54 -21.67
C4 NAG QA . -33.25 18.64 -20.51
C5 NAG QA . -33.62 19.47 -19.28
C6 NAG QA . -33.89 18.64 -18.05
C7 NAG QA . -30.48 21.24 -23.20
C8 NAG QA . -30.30 22.29 -24.26
N2 NAG QA . -31.47 21.45 -22.32
O3 NAG QA . -32.38 18.76 -22.75
O4 NAG QA . -34.35 17.83 -20.87
O5 NAG QA . -32.55 20.37 -18.95
O6 NAG QA . -34.79 17.57 -18.34
O7 NAG QA . -29.76 20.25 -23.14
C1 NAG RA . -39.76 47.39 -1.17
C2 NAG RA . -39.11 48.52 -0.37
C3 NAG RA . -40.13 49.60 -0.07
C4 NAG RA . -40.81 50.07 -1.35
C5 NAG RA . -41.39 48.88 -2.11
C6 NAG RA . -41.96 49.26 -3.45
C7 NAG RA . -37.20 48.08 1.11
C8 NAG RA . -36.76 47.50 2.42
N2 NAG RA . -38.51 48.01 0.85
O3 NAG RA . -39.50 50.70 0.57
O4 NAG RA . -41.86 50.98 -1.04
O5 NAG RA . -40.35 47.91 -2.36
O6 NAG RA . -42.94 48.32 -3.88
O7 NAG RA . -36.40 48.56 0.32
C1 NAG SA . -7.11 53.61 13.96
C2 NAG SA . -6.70 54.60 12.87
C3 NAG SA . -5.19 54.62 12.72
C4 NAG SA . -4.52 54.91 14.05
C5 NAG SA . -5.01 53.93 15.12
C6 NAG SA . -4.50 54.26 16.51
C7 NAG SA . -8.00 55.17 10.85
C8 NAG SA . -8.58 54.66 9.58
N2 NAG SA . -7.34 54.28 11.61
O3 NAG SA . -4.82 55.60 11.76
O4 NAG SA . -3.11 54.81 13.93
O5 NAG SA . -6.45 53.96 15.20
O6 NAG SA . -4.98 55.52 16.94
O7 NAG SA . -8.11 56.35 11.20
C1 NAG TA . -28.94 26.53 25.61
C2 NAG TA . -29.91 25.43 25.17
C3 NAG TA . -30.82 25.95 24.05
C4 NAG TA . -31.50 27.23 24.47
C5 NAG TA . -30.48 28.26 24.93
C6 NAG TA . -31.11 29.51 25.48
C7 NAG TA . -29.42 23.02 25.23
C8 NAG TA . -28.59 21.92 24.68
N2 NAG TA . -29.19 24.24 24.75
O3 NAG TA . -31.78 24.95 23.74
O4 NAG TA . -32.25 27.77 23.38
O5 NAG TA . -29.68 27.71 25.99
O6 NAG TA . -31.10 29.52 26.90
O7 NAG TA . -30.29 22.82 26.10
C1 NAG UA . -29.12 48.59 26.77
C2 NAG UA . -30.12 48.44 27.91
C3 NAG UA . -31.32 47.60 27.46
C4 NAG UA . -31.93 48.19 26.20
C5 NAG UA . -30.86 48.36 25.12
C6 NAG UA . -31.36 49.05 23.88
C7 NAG UA . -29.02 48.50 30.15
C8 NAG UA . -29.16 50.00 30.15
N2 NAG UA . -29.50 47.84 29.08
O3 NAG UA . -32.29 47.56 28.50
O4 NAG UA . -32.95 47.33 25.71
O5 NAG UA . -29.77 49.16 25.63
O6 NAG UA . -31.35 50.47 24.03
O7 NAG UA . -28.51 47.90 31.10
C1 NAG VA . -8.35 -36.97 21.31
C2 NAG VA . -8.09 -37.64 19.97
C3 NAG VA . -6.83 -38.50 20.04
C4 NAG VA . -5.66 -37.67 20.55
C5 NAG VA . -6.02 -36.98 21.86
C6 NAG VA . -4.94 -36.05 22.35
C7 NAG VA . -9.64 -38.55 18.28
C8 NAG VA . -10.83 -39.42 18.04
N2 NAG VA . -9.24 -38.45 19.55
O3 NAG VA . -6.53 -39.02 18.75
O4 NAG VA . -4.53 -38.52 20.76
O5 NAG VA . -7.20 -36.19 21.69
O6 NAG VA . -3.67 -36.67 22.35
O7 NAG VA . -9.06 -37.97 17.37
C1 NAG WA . -24.87 -28.87 48.77
C2 NAG WA . -26.02 -27.99 49.26
C3 NAG WA . -26.48 -28.46 50.64
C4 NAG WA . -26.83 -29.95 50.61
C5 NAG WA . -25.66 -30.75 50.05
C6 NAG WA . -25.97 -32.21 49.88
C7 NAG WA . -26.15 -25.65 48.50
C8 NAG WA . -25.62 -24.28 48.69
N2 NAG WA . -25.62 -26.59 49.30
O3 NAG WA . -27.62 -27.71 51.04
O4 NAG WA . -27.14 -30.41 51.91
O5 NAG WA . -25.29 -30.25 48.75
O6 NAG WA . -25.22 -33.02 50.76
O7 NAG WA . -27.02 -25.92 47.67
C1 NAG XA . -41.88 1.27 36.90
C2 NAG XA . -43.08 0.46 36.40
C3 NAG XA . -43.77 1.22 35.27
C4 NAG XA . -44.14 2.63 35.72
C5 NAG XA . -42.90 3.34 36.24
C6 NAG XA . -43.19 4.71 36.83
C7 NAG XA . -43.13 -1.99 36.49
C8 NAG XA . -42.60 -3.26 35.88
N2 NAG XA . -42.67 -0.86 35.95
O3 NAG XA . -44.95 0.52 34.89
O4 NAG XA . -44.65 3.37 34.62
O5 NAG XA . -42.31 2.57 37.30
O6 NAG XA . -44.06 4.61 37.96
O7 NAG XA . -43.94 -1.99 37.41
C1 NAG YA . -6.48 1.57 46.42
C2 NAG YA . -5.17 0.79 46.37
C3 NAG YA . -5.42 -0.70 46.61
C4 NAG YA . -6.19 -0.89 47.92
C5 NAG YA . -7.46 -0.05 47.91
C6 NAG YA . -8.22 -0.10 49.21
C7 NAG YA . -3.22 1.37 44.97
C8 NAG YA . -2.70 1.52 43.58
N2 NAG YA . -4.49 0.99 45.09
O3 NAG YA . -4.18 -1.38 46.66
O4 NAG YA . -6.54 -2.27 48.06
O5 NAG YA . -7.12 1.33 47.68
O6 NAG YA . -7.88 1.00 50.05
O7 NAG YA . -2.51 1.60 45.96
C1 NAG ZA . -25.68 -0.23 57.21
C2 NAG ZA . -24.89 0.12 58.47
C3 NAG ZA . -23.74 -0.85 58.65
C4 NAG ZA . -24.23 -2.29 58.61
C5 NAG ZA . -25.06 -2.54 57.35
C6 NAG ZA . -25.70 -3.91 57.32
C7 NAG ZA . -24.98 2.56 59.01
C8 NAG ZA . -26.23 2.31 59.79
N2 NAG ZA . -24.40 1.49 58.42
O3 NAG ZA . -23.07 -0.60 59.88
O4 NAG ZA . -23.14 -3.20 58.64
O5 NAG ZA . -26.12 -1.58 57.28
O6 NAG ZA . -26.76 -4.00 58.26
O7 NAG ZA . -24.48 3.67 58.91
C1 NAG AB . 40.04 16.98 0.84
C2 NAG AB . 40.28 16.09 -0.38
C3 NAG AB . 40.51 16.95 -1.62
C4 NAG AB . 39.36 17.94 -1.80
C5 NAG AB . 39.15 18.73 -0.50
C6 NAG AB . 37.94 19.64 -0.57
C7 NAG AB . 41.48 13.96 -0.67
C8 NAG AB . 42.71 13.18 -0.36
N2 NAG AB . 41.41 15.20 -0.17
O3 NAG AB . 40.61 16.12 -2.77
O4 NAG AB . 39.65 18.84 -2.85
O5 NAG AB . 38.93 17.84 0.60
O6 NAG AB . 37.92 20.40 -1.77
O7 NAG AB . 40.56 13.48 -1.36
C1 NAG BB . 44.82 29.17 31.17
C2 NAG BB . 44.63 28.83 32.64
C3 NAG BB . 45.48 29.75 33.50
C4 NAG BB . 46.93 29.70 33.05
C5 NAG BB . 47.03 30.00 31.56
C6 NAG BB . 48.44 29.84 31.03
C7 NAG BB . 42.49 27.87 33.40
C8 NAG BB . 41.07 28.16 33.75
N2 NAG BB . 43.22 28.92 33.02
O3 NAG BB . 45.38 29.35 34.86
O4 NAG BB . 47.70 30.66 33.78
O5 NAG BB . 46.21 29.08 30.83
O6 NAG BB . 48.53 30.29 29.68
O7 NAG BB . 42.96 26.73 33.47
C1 NAG CB . 23.47 6.38 50.27
C2 NAG CB . 24.62 5.39 50.46
C3 NAG CB . 24.07 3.98 50.67
C4 NAG CB . 23.07 3.96 51.81
C5 NAG CB . 21.98 5.02 51.57
C6 NAG CB . 21.01 5.14 52.72
C7 NAG CB . 26.82 5.74 49.42
C8 NAG CB . 27.60 5.71 48.14
N2 NAG CB . 25.53 5.41 49.33
O3 NAG CB . 25.14 3.09 50.96
O4 NAG CB . 22.46 2.68 51.91
O5 NAG CB . 22.58 6.30 51.39
O6 NAG CB . 21.66 5.64 53.90
O7 NAG CB . 27.34 6.04 50.49
C1 NAG DB . 9.51 34.10 30.72
C2 NAG DB . 9.61 34.89 29.41
C3 NAG DB . 11.08 35.12 29.04
C4 NAG DB . 11.82 35.77 30.21
C5 NAG DB . 11.63 34.94 31.48
C6 NAG DB . 12.24 35.59 32.70
C7 NAG DB . 7.99 34.79 27.57
C8 NAG DB . 7.39 33.93 26.50
N2 NAG DB . 8.93 34.22 28.32
O3 NAG DB . 11.16 35.96 27.90
O4 NAG DB . 13.21 35.86 29.92
O5 NAG DB . 10.23 34.78 31.76
O6 NAG DB . 11.26 36.31 33.44
O7 NAG DB . 7.63 35.95 27.75
C1 NAG EB . 21.26 32.32 49.31
C2 NAG EB . 20.83 33.77 49.59
C3 NAG EB . 21.23 34.68 48.43
C4 NAG EB . 22.72 34.52 48.12
C5 NAG EB . 23.07 33.05 47.90
C6 NAG EB . 24.55 32.82 47.73
C7 NAG EB . 18.81 33.90 51.04
C8 NAG EB . 19.70 33.87 52.25
N2 NAG EB . 19.40 33.86 49.83
O3 NAG EB . 20.94 36.02 48.75
O4 NAG EB . 23.05 35.26 46.95
O5 NAG EB . 22.66 32.28 49.04
O6 NAG EB . 25.23 32.83 48.97
O7 NAG EB . 17.58 33.97 51.15
#